data_7EJ4
#
_entry.id   7EJ4
#
_cell.length_a   1.00
_cell.length_b   1.00
_cell.length_c   1.00
_cell.angle_alpha   90.00
_cell.angle_beta   90.00
_cell.angle_gamma   90.00
#
_symmetry.space_group_name_H-M   'P 1'
#
loop_
_entity.id
_entity.type
_entity.pdbx_description
1 polymer 'Spike glycoprotein'
2 polymer 'RBD-chAb-25, Heavy chain'
3 polymer 'RBD-chAb-25, Light chain'
4 branched 2-acetamido-2-deoxy-beta-D-glucopyranose-(1-4)-2-acetamido-2-deoxy-beta-D-glucopyranose
5 non-polymer 2-acetamido-2-deoxy-beta-D-glucopyranose
#
loop_
_entity_poly.entity_id
_entity_poly.type
_entity_poly.pdbx_seq_one_letter_code
_entity_poly.pdbx_strand_id
1 'polypeptide(L)'
;MFVFLVLLPLVSSQCVNLTTRTQLPPAYTNSFTRGVYYPDKVFRSSVLHSTQDLFLPFFSNVTWFHAIHVSGTNGTKRFD
NPVLPFNDGVYFASTEKSNIIRGWIFGTTLDSKTQSLLIVNNATNVVIKVCEFQFCNDPFLGVYYHKNNKSWMESEFRVY
SSANNCTFEYVSQPFLMDLEGKQGNFKNLREFVFKNIDGYFKIYSKHTPINLVRDLPQGFSALEPLVDLPIGINITRFQT
LLALHRSYLTPGDSSSGWTAGAAAYYVGYLQPRTFLLKYNENGTITDAVDCALDPLSETKCTLKSFTVEKGIYQTSNFRV
QPTESIVRFPNITNLCPFGEVFNATRFASVYAWNRKRISNCVADYSVLYNSASFSTFKCYGVSPTKLNDLCFTNVYADSF
VIRGDEVRQIAPGQTGKIADYNYKLPDDFTGCVIAWNSNNLDSKVGGNYNYLYRLFRKSNLKPFERDISTEIYQAGSTPC
NGVEGFNCYFPLQSYGFQPTNGVGYQPYRVVVLSFELLHAPATVCGPKKSTNLVKNKCVNFNFNGLTGTGVLTESNKKFL
PFQQFGRDIADTTDAVRDPQTLEILDITPCSFGGVSVITPGTNTSNQVAVLYQDVNCTEVPVAIHADQLTPTWRVYSTGS
NVFQTRAGCLIGAEHVNNSYECDIPIGAGICASYQTQTNSPGSASSVASQSIIAYTMSLGAENSVAYSNNSIAIPTNFTI
SVTTEILPVSMTKTSVDCTMYICGDSTECSNLLLQYGSFCTQLNRALTGIAVEQDKNTQEVFAQVKQIYKTPPIKDFGGF
NFSQILPDPSKPSKRSFIEDLLFNKVTLADAGFIKQYGDCLGDIAARDLICAQKFNGLTVLPPLLTDEMIAQYTSALLAG
TITSGWTFGAGAALQIPFAMQMAYRFNGIGVTQNVLYENQKLIANQFNSAIGKIQDSLSSTASALGKLQDVVNQNAQALN
TLVKQLSSNFGAISSVLNDILSRLDPPEAEVQIDRLITGRLQSLQTYVTQQLIRAAEIRASANLAATKMSECVLGQSKRV
DFCGKGYHLMSFPQSAPHGVVFLHVTYVPAQEKNFTTAPAICHDGKAHFPREGVFVSNGTHWFVTQRNFYEPQIITTDNT
FVSGNCDVVIGIVNNTVYDPLQPELDSFKEELDKYFKNHTSPDVDLGDISGINASVVNIQKEIDRLNEVAKNLNESLIDL
QELGKYEQEFGSGGYIPEAPRDGQAYVRKDGEWVLLSTFLKGQDNSADIQHSGRPLESRGPFEQKLISEEDLNMHTGHHH
HHH
;
A,B,C
2 'polypeptide(L)'
;EVQLEESGGGLVKPGGSLKLSCAASGFTFSSYTMSWVRQSPEKRLEWVAEISSGGTYTNYPDTATGRFTISRDNAKNTLY
LEMSSLRSEDTAMYYCANFGNYEEIAYWGQGTLVTVSAASTKGPSVFPLAPSSKSTSGGTAALGCLVKDYFPEPVTVSWN
SGALTSGVHTFPAVLQSSGLYSLSSVVTVPSSSLGTQTYICNVNHKPSNTKVDKKVEPKSCDKTHTCPPCPAPELLGGPS
VFLFPPKPKDTLMISRTPEVTCVVVDVSHEDPEVKFNWYVDGVEVHNAKTKPREEQYNSTYRVVSVLTVLHQDWLNGKEY
KCKVSNKALPAPIEKTISKAKGQPREPQVYTLPPSRDELTKNQVSLTCLVKGFYPSDIAVEWESNGQPENNYKTTPPVLD
SDGSFFLYSKLTVDKSRWQQGNVFSCSVMHEALHNHYTQKSLSLSPG
;
H,I,J
3 'polypeptide(L)'
;QIVLTQSPAIMSVSLGERVTMTCTASSSVSSSYLHWYQQKPGSSPKLWIYSTSNLASGVPARFSGSGSGTSYSLTISSME
AEDAATYYCHQYHRSPYTFGGGTKLEIKRTVAAPSVFIFPPSDEQLKSGTASVVCLLNNFYPREAKVQWKVDNALQSGNS
QESVTEQDSKDSTYSLSSTLTLSKADYEKHKVYACEVTHQGLSSPVTKSFNRGEC
;
L,M,N
#
# COMPACT_ATOMS: atom_id res chain seq x y z
N ALA A 27 45.37 1.61 32.09
CA ALA A 27 44.54 2.43 32.95
C ALA A 27 43.19 2.71 32.30
N TYR A 28 42.18 2.98 33.13
CA TYR A 28 40.84 3.27 32.66
C TYR A 28 40.37 4.58 33.26
N THR A 29 39.70 5.39 32.46
CA THR A 29 39.23 6.71 32.87
C THR A 29 37.76 6.85 32.49
N ASN A 30 37.02 7.59 33.31
CA ASN A 30 35.58 7.74 33.14
C ASN A 30 35.29 8.95 32.26
N SER A 31 34.81 8.70 31.05
CA SER A 31 34.37 9.76 30.16
C SER A 31 32.97 10.19 30.58
N PHE A 32 32.84 11.43 31.04
CA PHE A 32 31.59 11.90 31.61
C PHE A 32 30.62 12.39 30.54
N THR A 33 31.01 13.43 29.80
CA THR A 33 30.11 14.05 28.82
C THR A 33 30.84 14.44 27.54
N ARG A 34 31.87 13.71 27.17
CA ARG A 34 32.60 13.94 25.93
C ARG A 34 32.02 13.13 24.78
N GLY A 35 32.28 13.60 23.58
CA GLY A 35 31.90 12.87 22.38
C GLY A 35 30.64 13.38 21.71
N VAL A 36 30.51 14.70 21.59
CA VAL A 36 29.36 15.32 20.94
C VAL A 36 29.87 16.20 19.80
N TYR A 37 29.26 16.06 18.64
CA TYR A 37 29.65 16.80 17.45
C TYR A 37 28.41 17.22 16.67
N TYR A 38 28.51 18.34 15.97
CA TYR A 38 27.44 18.80 15.09
C TYR A 38 27.17 17.73 14.04
N PRO A 39 26.01 17.06 14.09
CA PRO A 39 25.78 15.94 13.17
C PRO A 39 25.74 16.33 11.71
N ASP A 40 25.46 17.58 11.37
CA ASP A 40 25.38 18.01 9.98
C ASP A 40 25.62 19.51 9.92
N LYS A 41 25.35 20.10 8.75
CA LYS A 41 25.55 21.52 8.52
C LYS A 41 24.25 22.31 8.60
N VAL A 42 23.15 21.67 9.00
CA VAL A 42 21.85 22.32 9.04
C VAL A 42 21.79 23.24 10.25
N PHE A 43 21.55 24.53 10.00
CA PHE A 43 21.43 25.48 11.09
C PHE A 43 20.08 25.35 11.79
N ARG A 44 20.08 25.60 13.09
CA ARG A 44 18.87 25.64 13.89
C ARG A 44 19.05 26.71 14.97
N SER A 45 17.94 27.06 15.62
CA SER A 45 17.97 28.12 16.62
C SER A 45 16.90 27.87 17.67
N SER A 46 17.34 27.63 18.92
CA SER A 46 16.44 27.50 20.07
C SER A 46 15.39 26.41 19.85
N VAL A 47 15.88 25.19 19.71
CA VAL A 47 14.99 24.05 19.48
C VAL A 47 15.66 22.81 20.05
N LEU A 48 14.83 21.89 20.56
CA LEU A 48 15.30 20.61 21.07
C LEU A 48 15.13 19.55 19.99
N HIS A 49 16.21 18.87 19.65
CA HIS A 49 16.20 17.93 18.54
C HIS A 49 16.71 16.58 18.98
N SER A 50 16.01 15.51 18.58
CA SER A 50 16.40 14.15 18.89
C SER A 50 17.02 13.50 17.66
N THR A 51 18.21 12.94 17.83
CA THR A 51 18.95 12.36 16.70
C THR A 51 19.53 11.02 17.09
N GLN A 52 19.46 10.06 16.15
CA GLN A 52 20.07 8.76 16.31
C GLN A 52 21.37 8.74 15.50
N ASP A 53 22.48 8.42 16.16
CA ASP A 53 23.78 8.51 15.53
C ASP A 53 24.79 7.71 16.34
N LEU A 54 25.98 7.54 15.77
CA LEU A 54 27.09 6.90 16.47
C LEU A 54 27.71 7.91 17.42
N PHE A 55 27.45 7.74 18.72
CA PHE A 55 27.91 8.66 19.75
C PHE A 55 28.63 7.89 20.84
N LEU A 56 29.35 8.64 21.67
CA LEU A 56 30.03 8.04 22.81
C LEU A 56 29.10 8.02 24.01
N PRO A 57 28.77 6.86 24.56
CA PRO A 57 27.89 6.81 25.73
C PRO A 57 28.49 7.56 26.91
N PHE A 58 27.62 8.22 27.67
CA PHE A 58 28.09 9.02 28.79
C PHE A 58 28.60 8.12 29.92
N PHE A 59 29.56 8.65 30.67
CA PHE A 59 30.17 7.93 31.79
C PHE A 59 30.73 6.59 31.34
N SER A 60 31.38 6.57 30.18
CA SER A 60 31.95 5.34 29.65
C SER A 60 33.38 5.17 30.16
N ASN A 61 34.02 4.09 29.74
CA ASN A 61 35.39 3.79 30.15
C ASN A 61 36.31 3.89 28.94
N VAL A 62 37.37 4.68 29.06
CA VAL A 62 38.32 4.90 27.98
C VAL A 62 39.73 4.59 28.48
N THR A 63 40.62 4.31 27.55
CA THR A 63 41.99 3.95 27.87
C THR A 63 42.86 5.20 28.03
N TRP A 64 44.05 5.01 28.58
CA TRP A 64 45.00 6.10 28.84
C TRP A 64 46.39 5.53 28.57
N PHE A 65 46.87 5.73 27.35
CA PHE A 65 48.19 5.24 26.99
C PHE A 65 49.27 6.20 27.48
N HIS A 66 50.50 5.71 27.50
CA HIS A 66 51.63 6.42 28.09
C HIS A 66 52.72 6.63 27.05
N ALA A 67 53.20 7.86 26.93
CA ALA A 67 54.35 8.17 26.08
C ALA A 67 55.62 8.24 26.93
N ILE A 68 55.97 7.10 27.54
CA ILE A 68 57.14 6.98 28.40
C ILE A 68 57.80 5.64 28.13
N HIS A 69 58.88 5.37 28.87
CA HIS A 69 59.61 4.11 28.75
C HIS A 69 58.72 2.92 29.09
N ASP A 80 55.18 1.84 23.22
CA ASP A 80 53.82 1.94 23.72
C ASP A 80 52.88 2.46 22.64
N ASN A 81 53.07 1.99 21.41
CA ASN A 81 52.25 2.39 20.26
C ASN A 81 51.71 1.14 19.58
N PRO A 82 50.73 0.49 20.18
CA PRO A 82 50.18 -0.73 19.60
C PRO A 82 49.17 -0.41 18.49
N VAL A 83 48.79 -1.46 17.77
CA VAL A 83 47.83 -1.35 16.69
C VAL A 83 46.44 -1.55 17.25
N LEU A 84 45.53 -0.61 16.97
CA LEU A 84 44.18 -0.67 17.50
C LEU A 84 43.16 -0.82 16.39
N PRO A 85 42.13 -1.64 16.58
CA PRO A 85 41.05 -1.71 15.59
C PRO A 85 40.32 -0.38 15.48
N PHE A 86 39.92 -0.04 14.26
CA PHE A 86 39.17 1.20 14.05
C PHE A 86 37.78 1.11 14.68
N ASN A 87 37.00 0.13 14.25
CA ASN A 87 35.71 -0.20 14.88
C ASN A 87 34.75 0.99 14.85
N ASP A 88 34.36 1.37 13.63
CA ASP A 88 33.29 2.35 13.41
C ASP A 88 33.61 3.70 14.05
N GLY A 89 34.67 4.33 13.57
CA GLY A 89 35.04 5.65 14.02
C GLY A 89 35.82 5.62 15.33
N VAL A 90 36.60 6.67 15.55
CA VAL A 90 37.47 6.74 16.72
C VAL A 90 37.42 8.15 17.32
N TYR A 91 37.33 8.20 18.64
CA TYR A 91 37.51 9.43 19.41
C TYR A 91 38.97 9.54 19.82
N PHE A 92 39.48 10.76 19.85
CA PHE A 92 40.89 11.00 20.13
C PHE A 92 41.03 12.31 20.89
N ALA A 93 41.90 12.31 21.90
CA ALA A 93 42.17 13.54 22.64
C ALA A 93 43.64 13.57 23.02
N SER A 94 44.30 14.71 22.79
CA SER A 94 45.70 14.83 23.16
C SER A 94 45.96 16.19 23.79
N THR A 95 46.76 16.20 24.85
CA THR A 95 47.09 17.41 25.59
C THR A 95 48.58 17.48 25.90
N GLU A 96 49.40 17.10 24.93
CA GLU A 96 50.85 17.15 25.07
C GLU A 96 51.34 18.51 24.59
N LYS A 97 51.91 19.29 25.52
CA LYS A 97 52.37 20.63 25.17
C LYS A 97 53.45 20.58 24.11
N SER A 98 54.40 19.64 24.24
CA SER A 98 55.40 19.46 23.20
C SER A 98 54.76 18.88 21.94
N ASN A 99 55.37 19.16 20.80
CA ASN A 99 54.83 18.72 19.51
C ASN A 99 55.31 17.29 19.20
N ILE A 100 55.09 16.40 20.16
CA ILE A 100 55.46 15.00 19.98
C ILE A 100 54.54 14.33 18.97
N ILE A 101 53.23 14.57 19.09
CA ILE A 101 52.28 14.00 18.15
C ILE A 101 52.38 14.71 16.82
N ARG A 102 52.54 13.93 15.74
CA ARG A 102 52.65 14.50 14.40
C ARG A 102 51.53 14.04 13.48
N GLY A 103 51.29 12.74 13.37
CA GLY A 103 50.29 12.26 12.43
C GLY A 103 49.77 10.90 12.84
N TRP A 104 48.90 10.36 11.99
CA TRP A 104 48.30 9.06 12.21
C TRP A 104 48.32 8.27 10.91
N ILE A 105 48.59 6.97 11.03
CA ILE A 105 48.67 6.07 9.89
C ILE A 105 47.50 5.11 9.97
N PHE A 106 46.87 4.82 8.83
CA PHE A 106 45.67 4.02 8.77
C PHE A 106 45.83 2.93 7.73
N GLY A 107 45.11 1.83 7.92
CA GLY A 107 45.13 0.78 6.93
C GLY A 107 44.58 -0.52 7.49
N THR A 108 44.58 -1.54 6.63
CA THR A 108 44.13 -2.88 7.00
C THR A 108 45.25 -3.91 7.01
N THR A 109 46.31 -3.70 6.23
CA THR A 109 47.45 -4.60 6.22
C THR A 109 48.76 -3.90 6.57
N LEU A 110 48.79 -2.56 6.58
CA LEU A 110 49.99 -1.79 6.92
C LEU A 110 51.17 -2.17 6.02
N ASP A 111 50.89 -2.33 4.72
CA ASP A 111 51.91 -2.70 3.76
C ASP A 111 51.51 -2.18 2.39
N SER A 112 52.47 -2.23 1.45
CA SER A 112 52.20 -1.79 0.08
C SER A 112 51.23 -2.70 -0.66
N LYS A 113 50.90 -3.86 -0.09
CA LYS A 113 49.96 -4.77 -0.75
C LYS A 113 48.58 -4.12 -0.87
N THR A 114 48.13 -3.44 0.18
CA THR A 114 46.82 -2.80 0.19
C THR A 114 46.99 -1.30 0.38
N GLN A 115 46.02 -0.53 -0.12
CA GLN A 115 46.08 0.93 -0.01
C GLN A 115 46.16 1.35 1.44
N SER A 116 47.07 2.28 1.73
CA SER A 116 47.30 2.75 3.08
C SER A 116 47.20 4.27 3.11
N LEU A 117 46.43 4.79 4.05
CA LEU A 117 46.26 6.22 4.21
C LEU A 117 47.41 6.80 5.03
N LEU A 118 47.72 8.08 4.80
CA LEU A 118 48.89 8.70 5.39
C LEU A 118 48.61 10.17 5.67
N ILE A 119 48.86 10.57 6.91
CA ILE A 119 48.77 11.96 7.36
C ILE A 119 50.13 12.36 7.90
N VAL A 120 50.63 13.54 7.53
CA VAL A 120 51.87 14.04 8.07
C VAL A 120 51.73 15.53 8.38
N ASN A 121 52.20 15.94 9.55
CA ASN A 121 52.24 17.34 9.94
C ASN A 121 53.69 17.75 10.14
N ASN A 122 54.14 18.75 9.38
CA ASN A 122 55.49 19.27 9.47
C ASN A 122 55.60 20.48 10.39
N ALA A 123 54.51 20.82 11.08
CA ALA A 123 54.32 22.07 11.82
C ALA A 123 54.29 23.28 10.90
N THR A 124 54.34 23.07 9.57
CA THR A 124 54.21 24.15 8.59
C THR A 124 52.95 23.99 7.75
N ASN A 125 52.75 22.82 7.15
CA ASN A 125 51.57 22.57 6.33
C ASN A 125 51.30 21.07 6.33
N VAL A 126 50.08 20.68 6.68
CA VAL A 126 49.73 19.26 6.74
C VAL A 126 49.64 18.69 5.32
N VAL A 127 50.02 17.43 5.18
CA VAL A 127 49.96 16.72 3.90
C VAL A 127 49.20 15.42 4.10
N ILE A 128 48.30 15.14 3.16
CA ILE A 128 47.42 13.98 3.18
C ILE A 128 47.66 13.19 1.89
N LYS A 129 47.75 11.87 2.01
CA LYS A 129 47.86 11.04 0.82
C LYS A 129 47.31 9.66 1.11
N VAL A 130 47.07 8.90 0.04
CA VAL A 130 46.54 7.55 0.12
C VAL A 130 47.49 6.52 -0.49
N CYS A 131 48.71 6.94 -0.82
CA CYS A 131 49.65 6.08 -1.51
C CYS A 131 50.09 4.92 -0.63
N GLU A 132 50.31 3.77 -1.26
CA GLU A 132 50.75 2.58 -0.53
C GLU A 132 52.15 2.79 0.05
N PHE A 133 52.36 2.27 1.25
CA PHE A 133 53.65 2.32 1.92
C PHE A 133 53.91 0.99 2.61
N GLN A 134 55.14 0.51 2.54
CA GLN A 134 55.48 -0.75 3.17
C GLN A 134 55.56 -0.60 4.69
N PHE A 135 55.56 -1.74 5.37
CA PHE A 135 55.50 -1.75 6.82
C PHE A 135 56.79 -1.23 7.43
N CYS A 136 56.66 -0.52 8.55
CA CYS A 136 57.80 -0.06 9.35
C CYS A 136 57.40 -0.17 10.81
N ASN A 137 58.06 -1.08 11.54
CA ASN A 137 57.65 -1.35 12.92
C ASN A 137 57.89 -0.15 13.82
N ASP A 138 58.95 0.61 13.57
CA ASP A 138 59.21 1.83 14.34
C ASP A 138 59.11 3.05 13.44
N PRO A 139 57.98 3.76 13.43
CA PRO A 139 57.91 5.00 12.66
C PRO A 139 58.93 6.01 13.15
N PHE A 140 59.52 6.75 12.22
CA PHE A 140 60.61 7.66 12.54
C PHE A 140 60.30 9.05 11.99
N LEU A 141 61.05 10.03 12.48
CA LEU A 141 61.03 11.38 11.96
C LEU A 141 62.29 12.10 12.43
N GLY A 142 62.93 12.82 11.52
CA GLY A 142 64.16 13.51 11.84
C GLY A 142 64.43 14.70 10.96
N VAL A 143 64.83 15.81 11.56
CA VAL A 143 65.12 17.03 10.82
C VAL A 143 66.52 17.53 11.13
N VAL A 159 59.33 4.24 7.61
CA VAL A 159 58.17 4.98 7.14
C VAL A 159 58.20 5.05 5.62
N TYR A 160 59.17 5.78 5.08
CA TYR A 160 59.30 5.97 3.64
C TYR A 160 59.89 4.73 2.99
N SER A 161 59.03 3.78 2.61
CA SER A 161 59.48 2.53 2.03
C SER A 161 58.81 2.18 0.70
N SER A 162 57.62 2.71 0.41
CA SER A 162 56.95 2.42 -0.84
C SER A 162 56.19 3.66 -1.29
N ALA A 163 56.15 3.88 -2.61
CA ALA A 163 55.44 5.00 -3.21
C ALA A 163 54.69 4.55 -4.45
N ASN A 164 54.02 3.41 -4.36
CA ASN A 164 53.34 2.80 -5.49
C ASN A 164 51.87 3.23 -5.52
N ASN A 165 51.42 3.69 -6.68
CA ASN A 165 50.02 4.05 -6.91
C ASN A 165 49.55 5.13 -5.94
N CYS A 166 50.18 6.30 -6.05
CA CYS A 166 49.79 7.47 -5.27
C CYS A 166 48.67 8.18 -6.03
N THR A 167 47.43 7.83 -5.72
CA THR A 167 46.27 8.28 -6.48
C THR A 167 45.64 9.54 -5.91
N PHE A 168 46.18 10.11 -4.84
CA PHE A 168 45.61 11.32 -4.27
C PHE A 168 46.68 12.07 -3.49
N GLU A 169 46.52 13.39 -3.44
CA GLU A 169 47.40 14.25 -2.66
C GLU A 169 46.59 15.42 -2.13
N TYR A 170 47.02 15.96 -0.99
CA TYR A 170 46.35 17.11 -0.40
C TYR A 170 47.35 17.87 0.46
N VAL A 171 47.35 19.19 0.32
CA VAL A 171 48.19 20.09 1.12
C VAL A 171 47.27 21.11 1.77
N SER A 172 47.41 21.28 3.09
CA SER A 172 46.59 22.23 3.82
C SER A 172 47.41 22.77 4.99
N GLN A 173 46.73 23.45 5.91
CA GLN A 173 47.40 24.00 7.08
C GLN A 173 47.53 22.95 8.19
N PHE A 186 47.12 26.22 32.35
CA PHE A 186 46.42 25.30 31.48
C PHE A 186 46.97 25.37 30.06
N LYS A 187 46.90 24.25 29.35
CA LYS A 187 47.35 24.12 27.97
C LYS A 187 46.15 23.77 27.10
N ASN A 188 46.41 23.47 25.83
CA ASN A 188 45.35 23.17 24.88
C ASN A 188 45.24 21.66 24.69
N LEU A 189 44.09 21.11 25.05
CA LEU A 189 43.79 19.69 24.83
C LEU A 189 42.99 19.58 23.54
N ARG A 190 43.70 19.33 22.44
CA ARG A 190 43.05 19.15 21.16
C ARG A 190 42.19 17.89 21.19
N GLU A 191 41.00 17.99 20.60
CA GLU A 191 40.08 16.87 20.51
C GLU A 191 39.72 16.61 19.06
N PHE A 192 39.71 15.35 18.66
CA PHE A 192 39.40 14.96 17.30
C PHE A 192 38.48 13.75 17.29
N VAL A 193 37.66 13.67 16.25
CA VAL A 193 36.87 12.49 15.95
C VAL A 193 37.08 12.15 14.49
N PHE A 194 37.51 10.91 14.23
CA PHE A 194 37.73 10.42 12.88
C PHE A 194 36.60 9.44 12.53
N LYS A 195 35.92 9.71 11.42
CA LYS A 195 34.78 8.91 11.02
C LYS A 195 34.93 8.51 9.55
N ASN A 196 34.40 7.34 9.21
CA ASN A 196 34.46 6.83 7.84
C ASN A 196 33.11 6.21 7.52
N ILE A 197 32.34 6.87 6.66
CA ILE A 197 31.01 6.39 6.27
C ILE A 197 30.95 6.33 4.75
N ASP A 198 30.54 5.18 4.23
CA ASP A 198 30.37 4.89 2.79
C ASP A 198 31.39 5.61 1.91
N GLY A 199 32.66 5.35 2.18
CA GLY A 199 33.75 5.82 1.36
C GLY A 199 34.17 7.26 1.59
N TYR A 200 33.64 7.91 2.62
CA TYR A 200 33.94 9.31 2.93
C TYR A 200 34.57 9.39 4.30
N PHE A 201 35.68 10.12 4.39
CA PHE A 201 36.43 10.30 5.62
C PHE A 201 36.18 11.70 6.17
N LYS A 202 35.80 11.78 7.43
CA LYS A 202 35.46 13.03 8.09
C LYS A 202 36.29 13.20 9.36
N ILE A 203 36.75 14.43 9.58
CA ILE A 203 37.55 14.78 10.74
C ILE A 203 36.86 15.94 11.45
N TYR A 204 36.55 15.76 12.72
CA TYR A 204 35.94 16.81 13.53
C TYR A 204 36.94 17.24 14.59
N SER A 205 37.16 18.56 14.71
CA SER A 205 38.22 19.09 15.54
C SER A 205 37.68 20.11 16.52
N LYS A 206 38.31 20.16 17.69
CA LYS A 206 38.05 21.18 18.70
C LYS A 206 39.36 21.52 19.40
N HIS A 207 39.55 22.81 19.68
CA HIS A 207 40.87 23.30 20.10
C HIS A 207 41.03 23.32 21.63
N THR A 208 40.19 24.07 22.31
CA THR A 208 40.35 24.30 23.75
C THR A 208 39.14 23.82 24.53
N PRO A 209 39.24 22.72 25.29
CA PRO A 209 38.11 22.29 26.12
C PRO A 209 38.12 22.91 27.50
N ILE A 210 37.17 22.52 28.35
CA ILE A 210 37.07 23.05 29.70
C ILE A 210 38.02 22.30 30.62
N ASN A 211 38.85 23.05 31.35
CA ASN A 211 39.77 22.47 32.33
C ASN A 211 39.16 22.57 33.73
N LEU A 212 38.15 21.74 33.96
CA LEU A 212 37.53 21.72 35.28
C LEU A 212 38.52 21.25 36.35
N VAL A 213 39.20 20.14 36.09
CA VAL A 213 40.32 19.69 36.92
C VAL A 213 41.44 19.21 36.01
N ARG A 214 42.65 19.19 36.55
CA ARG A 214 43.80 18.74 35.79
C ARG A 214 43.80 17.22 35.66
N ASP A 215 44.38 16.74 34.57
CA ASP A 215 44.55 15.33 34.22
C ASP A 215 43.22 14.64 33.93
N LEU A 216 42.10 15.34 33.95
CA LEU A 216 40.79 14.76 33.67
C LEU A 216 40.00 15.72 32.80
N PRO A 217 39.41 15.25 31.70
CA PRO A 217 38.67 16.12 30.77
C PRO A 217 37.17 16.27 31.03
N GLN A 218 36.83 17.01 32.08
CA GLN A 218 35.43 17.33 32.36
C GLN A 218 35.03 18.59 31.59
N GLY A 219 33.84 19.11 31.87
CA GLY A 219 33.31 20.24 31.16
C GLY A 219 32.54 19.83 29.91
N PHE A 220 31.94 20.82 29.27
CA PHE A 220 31.13 20.60 28.08
C PHE A 220 31.65 21.44 26.92
N SER A 221 31.73 20.83 25.75
CA SER A 221 32.13 21.52 24.53
C SER A 221 31.66 20.70 23.33
N ALA A 222 31.55 21.37 22.19
CA ALA A 222 31.12 20.75 20.96
C ALA A 222 32.30 20.62 20.00
N LEU A 223 32.06 19.89 18.90
CA LEU A 223 33.09 19.61 17.91
C LEU A 223 32.66 20.17 16.56
N GLU A 224 33.56 20.93 15.93
CA GLU A 224 33.33 21.60 14.66
C GLU A 224 33.84 20.75 13.51
N PRO A 225 33.06 20.55 12.46
CA PRO A 225 33.53 19.74 11.33
C PRO A 225 34.61 20.47 10.54
N LEU A 226 35.70 19.75 10.25
CA LEU A 226 36.85 20.37 9.58
C LEU A 226 36.81 20.17 8.07
N VAL A 227 36.88 18.92 7.61
CA VAL A 227 36.98 18.60 6.19
C VAL A 227 36.28 17.27 5.93
N ASP A 228 36.04 16.99 4.65
CA ASP A 228 35.55 15.69 4.19
C ASP A 228 36.35 15.29 2.96
N LEU A 229 36.74 14.01 2.90
CA LEU A 229 37.55 13.51 1.80
C LEU A 229 36.88 12.29 1.18
N PRO A 230 36.76 12.23 -0.15
CA PRO A 230 36.24 11.02 -0.83
C PRO A 230 37.32 10.00 -1.14
N ILE A 231 37.72 9.25 -0.11
CA ILE A 231 38.83 8.32 -0.24
C ILE A 231 38.32 6.95 -0.68
N GLY A 232 37.47 6.34 0.15
CA GLY A 232 36.90 5.05 -0.18
C GLY A 232 37.86 3.88 -0.06
N ILE A 233 38.29 3.59 1.16
CA ILE A 233 39.20 2.47 1.43
C ILE A 233 38.50 1.50 2.37
N ASN A 234 39.21 0.41 2.70
CA ASN A 234 38.65 -0.65 3.53
C ASN A 234 39.36 -0.72 4.87
N ILE A 235 39.56 0.45 5.49
CA ILE A 235 40.25 0.60 6.77
C ILE A 235 39.72 -0.37 7.82
N THR A 236 40.63 -0.96 8.61
CA THR A 236 40.26 -1.70 9.79
C THR A 236 41.12 -1.41 11.01
N ARG A 237 42.29 -0.77 10.86
CA ARG A 237 43.21 -0.55 11.97
C ARG A 237 43.99 0.73 11.71
N PHE A 238 44.63 1.24 12.76
CA PHE A 238 45.42 2.44 12.65
C PHE A 238 46.41 2.52 13.80
N GLN A 239 47.45 3.32 13.60
CA GLN A 239 48.46 3.62 14.61
C GLN A 239 48.72 5.12 14.60
N THR A 240 49.42 5.58 15.63
CA THR A 240 49.76 6.99 15.76
C THR A 240 51.25 7.19 15.46
N LEU A 241 51.70 8.43 15.60
CA LEU A 241 53.08 8.80 15.35
C LEU A 241 53.59 9.66 16.51
N LEU A 242 54.87 9.50 16.82
CA LEU A 242 55.50 10.24 17.91
C LEU A 242 56.81 10.83 17.43
N ALA A 243 57.18 11.98 18.01
CA ALA A 243 58.41 12.68 17.65
C ALA A 243 59.58 12.12 18.45
N LEU A 244 59.92 10.86 18.14
CA LEU A 244 61.03 10.20 18.80
C LEU A 244 62.36 10.76 18.31
N HIS A 245 63.38 10.65 19.15
CA HIS A 245 64.72 11.11 18.80
C HIS A 245 65.71 9.96 18.78
N ALA A 264 50.42 12.51 27.17
CA ALA A 264 49.63 11.30 26.95
C ALA A 264 48.37 11.62 26.13
N TYR A 265 47.80 10.58 25.53
CA TYR A 265 46.61 10.75 24.69
C TYR A 265 45.58 9.69 25.03
N TYR A 266 44.31 10.07 24.90
CA TYR A 266 43.18 9.21 25.21
C TYR A 266 42.47 8.80 23.93
N VAL A 267 42.08 7.53 23.87
CA VAL A 267 41.42 6.95 22.70
C VAL A 267 40.03 6.49 23.12
N GLY A 268 39.03 6.80 22.31
CA GLY A 268 37.66 6.45 22.63
C GLY A 268 36.99 5.57 21.59
N TYR A 269 35.71 5.29 21.78
CA TYR A 269 34.94 4.47 20.86
C TYR A 269 33.54 5.05 20.74
N LEU A 270 32.72 4.42 19.90
CA LEU A 270 31.37 4.91 19.64
C LEU A 270 30.39 3.75 19.57
N GLN A 271 29.13 4.05 19.86
CA GLN A 271 28.04 3.10 19.77
C GLN A 271 26.84 3.79 19.12
N PRO A 272 26.00 3.05 18.41
CA PRO A 272 24.82 3.65 17.74
C PRO A 272 23.68 3.97 18.71
N ARG A 273 23.79 5.14 19.34
CA ARG A 273 22.84 5.55 20.36
C ARG A 273 21.91 6.63 19.82
N THR A 274 21.07 7.16 20.71
CA THR A 274 20.17 8.27 20.40
C THR A 274 20.32 9.34 21.45
N PHE A 275 20.50 10.58 21.02
CA PHE A 275 20.71 11.70 21.92
C PHE A 275 19.66 12.78 21.68
N LEU A 276 19.58 13.71 22.63
CA LEU A 276 18.77 14.92 22.50
C LEU A 276 19.68 16.12 22.68
N LEU A 277 19.52 17.11 21.81
CA LEU A 277 20.40 18.26 21.74
C LEU A 277 19.59 19.54 21.89
N LYS A 278 20.12 20.50 22.64
CA LYS A 278 19.49 21.80 22.82
C LYS A 278 20.35 22.85 22.12
N TYR A 279 19.80 23.48 21.09
CA TYR A 279 20.53 24.49 20.34
C TYR A 279 20.35 25.86 20.97
N ASN A 280 21.45 26.61 21.02
CA ASN A 280 21.41 27.98 21.52
C ASN A 280 20.69 28.89 20.52
N GLU A 281 20.40 30.11 20.96
CA GLU A 281 19.79 31.09 20.07
C GLU A 281 20.70 31.40 18.89
N ASN A 282 22.02 31.44 19.12
CA ASN A 282 22.95 31.71 18.03
C ASN A 282 23.08 30.51 17.10
N GLY A 283 22.95 29.30 17.62
CA GLY A 283 23.02 28.11 16.79
C GLY A 283 23.96 27.04 17.32
N THR A 284 24.64 27.35 18.42
CA THR A 284 25.60 26.42 19.01
C THR A 284 24.92 25.45 19.96
N ILE A 285 25.46 24.24 20.02
CA ILE A 285 24.99 23.24 20.97
C ILE A 285 25.44 23.66 22.37
N THR A 286 24.49 23.75 23.30
CA THR A 286 24.80 24.14 24.66
C THR A 286 24.54 23.04 25.68
N ASP A 287 23.68 22.07 25.37
CA ASP A 287 23.45 20.96 26.28
C ASP A 287 22.98 19.75 25.49
N ALA A 288 23.35 18.57 25.99
CA ALA A 288 22.97 17.31 25.37
C ALA A 288 22.61 16.32 26.46
N VAL A 289 21.71 15.39 26.13
CA VAL A 289 21.30 14.37 27.09
C VAL A 289 21.22 13.03 26.38
N ASP A 290 21.65 11.98 27.09
CA ASP A 290 21.46 10.61 26.65
C ASP A 290 19.97 10.29 26.65
N CYS A 291 19.62 9.11 26.16
CA CYS A 291 18.21 8.75 26.09
C CYS A 291 17.91 7.35 26.62
N ALA A 292 18.93 6.50 26.80
CA ALA A 292 18.74 5.14 27.30
C ALA A 292 19.77 4.82 28.37
N LEU A 293 20.01 5.76 29.28
CA LEU A 293 20.97 5.58 30.36
C LEU A 293 20.29 5.33 31.71
N ASP A 294 19.41 6.23 32.12
CA ASP A 294 18.72 6.16 33.39
C ASP A 294 17.24 6.46 33.18
N PRO A 295 16.38 6.00 34.09
CA PRO A 295 14.93 6.25 33.91
C PRO A 295 14.57 7.70 33.73
N LEU A 296 15.28 8.62 34.41
CA LEU A 296 15.06 10.03 34.18
C LEU A 296 15.35 10.42 32.74
N SER A 297 16.34 9.78 32.11
CA SER A 297 16.65 10.08 30.71
C SER A 297 15.52 9.65 29.79
N GLU A 298 14.96 8.46 30.00
CA GLU A 298 13.81 8.04 29.20
C GLU A 298 12.60 8.94 29.45
N THR A 299 12.42 9.39 30.70
CA THR A 299 11.34 10.33 30.99
C THR A 299 11.52 11.62 30.22
N LYS A 300 12.75 12.14 30.19
CA LYS A 300 13.01 13.37 29.44
C LYS A 300 12.81 13.16 27.94
N CYS A 301 13.18 11.98 27.44
CA CYS A 301 12.95 11.68 26.02
C CYS A 301 11.47 11.66 25.69
N THR A 302 10.68 10.91 26.46
CA THR A 302 9.25 10.84 26.18
C THR A 302 8.55 12.15 26.48
N LEU A 303 9.17 13.04 27.26
CA LEU A 303 8.60 14.36 27.53
C LEU A 303 9.14 15.43 26.60
N LYS A 304 10.27 15.18 25.93
CA LYS A 304 10.87 16.12 24.98
C LYS A 304 11.20 17.46 25.65
N SER A 305 11.72 17.39 26.87
CA SER A 305 12.16 18.60 27.57
C SER A 305 13.21 18.21 28.61
N PHE A 306 14.00 19.20 29.02
CA PHE A 306 14.99 19.02 30.06
C PHE A 306 14.44 19.20 31.46
N THR A 307 13.18 19.63 31.60
CA THR A 307 12.53 19.76 32.89
C THR A 307 11.30 18.87 32.91
N VAL A 308 11.14 18.13 34.02
CA VAL A 308 10.04 17.21 34.20
C VAL A 308 9.25 17.64 35.43
N GLU A 309 7.95 17.87 35.25
CA GLU A 309 7.10 18.26 36.36
C GLU A 309 6.76 17.06 37.23
N LYS A 310 6.51 17.34 38.50
CA LYS A 310 6.26 16.28 39.47
C LYS A 310 5.06 15.42 39.05
N GLY A 311 5.23 14.11 39.11
CA GLY A 311 4.14 13.21 38.83
C GLY A 311 4.67 11.85 38.37
N ILE A 312 3.76 11.11 37.72
CA ILE A 312 4.03 9.77 37.24
C ILE A 312 3.86 9.76 35.72
N TYR A 313 4.84 9.16 35.03
CA TYR A 313 4.83 9.09 33.58
C TYR A 313 5.05 7.66 33.13
N GLN A 314 4.62 7.37 31.90
CA GLN A 314 4.80 6.07 31.28
C GLN A 314 5.75 6.22 30.10
N THR A 315 6.83 5.44 30.10
CA THR A 315 7.89 5.56 29.10
C THR A 315 7.88 4.42 28.09
N SER A 316 7.96 3.18 28.54
CA SER A 316 8.06 2.04 27.63
C SER A 316 7.52 0.80 28.34
N ASN A 317 7.77 -0.37 27.75
CA ASN A 317 7.31 -1.64 28.28
C ASN A 317 8.46 -2.64 28.22
N PHE A 318 8.18 -3.87 28.65
CA PHE A 318 9.19 -4.92 28.64
C PHE A 318 8.49 -6.27 28.57
N ARG A 319 9.26 -7.28 28.16
CA ARG A 319 8.81 -8.65 28.05
C ARG A 319 9.88 -9.58 28.63
N VAL A 320 9.62 -10.88 28.57
CA VAL A 320 10.57 -11.90 28.98
C VAL A 320 10.86 -12.78 27.78
N GLN A 321 12.14 -12.99 27.48
CA GLN A 321 12.50 -13.73 26.28
C GLN A 321 12.51 -15.24 26.56
N PRO A 322 12.21 -16.05 25.55
CA PRO A 322 12.25 -17.51 25.75
C PRO A 322 13.69 -18.00 25.96
N THR A 323 13.79 -19.14 26.64
CA THR A 323 15.09 -19.68 27.02
C THR A 323 15.63 -20.68 25.99
N GLU A 324 14.89 -21.76 25.73
CA GLU A 324 15.32 -22.77 24.77
C GLU A 324 14.09 -23.31 24.04
N SER A 325 14.31 -24.27 23.15
CA SER A 325 13.25 -24.87 22.35
C SER A 325 13.12 -26.35 22.66
N ILE A 326 11.89 -26.86 22.57
CA ILE A 326 11.59 -28.26 22.82
C ILE A 326 10.66 -28.77 21.73
N VAL A 327 10.59 -30.10 21.63
CA VAL A 327 9.71 -30.76 20.67
C VAL A 327 9.51 -32.20 21.13
N ARG A 328 8.27 -32.68 20.99
CA ARG A 328 7.92 -34.03 21.41
C ARG A 328 7.17 -34.73 20.28
N PHE A 329 7.15 -36.06 20.35
CA PHE A 329 6.57 -36.90 19.32
C PHE A 329 6.20 -38.24 19.94
N PRO A 330 5.39 -39.05 19.26
CA PRO A 330 4.89 -40.28 19.89
C PRO A 330 5.99 -41.20 20.38
N ASN A 331 5.68 -41.94 21.45
CA ASN A 331 6.67 -42.75 22.15
C ASN A 331 7.33 -43.76 21.21
N ILE A 332 6.54 -44.69 20.67
CA ILE A 332 7.06 -45.77 19.85
C ILE A 332 6.64 -45.52 18.40
N THR A 333 7.61 -45.55 17.49
CA THR A 333 7.38 -45.34 16.07
C THR A 333 7.43 -46.67 15.35
N ASN A 334 6.44 -46.89 14.48
CA ASN A 334 6.38 -48.12 13.71
C ASN A 334 7.55 -48.22 12.75
N LEU A 335 8.09 -49.43 12.59
CA LEU A 335 9.22 -49.67 11.71
C LEU A 335 8.94 -50.91 10.87
N CYS A 336 9.55 -50.94 9.70
CA CYS A 336 9.42 -52.06 8.77
C CYS A 336 10.78 -52.71 8.51
N PRO A 337 10.81 -54.02 8.26
CA PRO A 337 12.09 -54.76 8.20
C PRO A 337 12.84 -54.65 6.88
N PHE A 338 13.62 -53.56 6.76
CA PHE A 338 14.58 -53.48 5.66
C PHE A 338 15.74 -54.45 5.85
N GLY A 339 15.95 -54.93 7.08
CA GLY A 339 17.06 -55.83 7.33
C GLY A 339 16.92 -57.15 6.59
N GLU A 340 15.71 -57.73 6.61
CA GLU A 340 15.51 -59.01 5.92
C GLU A 340 15.72 -58.86 4.42
N VAL A 341 15.33 -57.73 3.84
CA VAL A 341 15.64 -57.46 2.43
C VAL A 341 17.16 -57.38 2.25
N PHE A 342 17.83 -56.64 3.14
CA PHE A 342 19.28 -56.51 3.03
C PHE A 342 20.04 -57.70 3.61
N ASN A 343 19.38 -58.56 4.38
CA ASN A 343 20.00 -59.78 4.93
C ASN A 343 19.08 -60.94 4.59
N ALA A 344 19.27 -61.52 3.40
CA ALA A 344 18.49 -62.67 2.95
C ALA A 344 19.42 -63.73 2.42
N THR A 345 19.04 -64.99 2.63
CA THR A 345 19.89 -66.11 2.22
C THR A 345 20.04 -66.19 0.71
N ARG A 346 18.95 -66.01 -0.03
CA ARG A 346 18.94 -66.20 -1.47
C ARG A 346 18.32 -64.99 -2.16
N PHE A 347 18.92 -64.61 -3.29
CA PHE A 347 18.39 -63.56 -4.15
C PHE A 347 18.06 -64.13 -5.52
N ALA A 348 17.09 -63.51 -6.18
CA ALA A 348 16.68 -63.94 -7.50
C ALA A 348 17.68 -63.46 -8.56
N SER A 349 17.67 -64.14 -9.70
CA SER A 349 18.54 -63.78 -10.80
C SER A 349 18.08 -62.47 -11.44
N VAL A 350 18.94 -61.91 -12.29
CA VAL A 350 18.66 -60.60 -12.87
C VAL A 350 17.52 -60.67 -13.88
N TYR A 351 17.47 -61.73 -14.69
CA TYR A 351 16.43 -61.81 -15.71
C TYR A 351 15.04 -62.00 -15.10
N ALA A 352 14.97 -62.41 -13.85
CA ALA A 352 13.73 -62.39 -13.07
C ALA A 352 14.05 -61.70 -11.74
N TRP A 353 14.02 -60.37 -11.76
CA TRP A 353 14.43 -59.58 -10.61
C TRP A 353 13.37 -59.61 -9.52
N ASN A 354 13.81 -59.72 -8.27
CA ASN A 354 12.88 -59.79 -7.16
C ASN A 354 12.33 -58.39 -6.86
N ARG A 355 11.00 -58.28 -6.78
CA ARG A 355 10.33 -57.01 -6.55
C ARG A 355 9.51 -57.10 -5.27
N LYS A 356 9.64 -56.09 -4.42
CA LYS A 356 8.90 -56.05 -3.16
C LYS A 356 8.38 -54.64 -2.92
N ARG A 357 7.27 -54.55 -2.20
CA ARG A 357 6.62 -53.29 -1.87
C ARG A 357 6.64 -53.08 -0.37
N ILE A 358 7.04 -51.89 0.07
CA ILE A 358 7.12 -51.54 1.49
C ILE A 358 6.22 -50.34 1.73
N SER A 359 5.34 -50.45 2.72
CA SER A 359 4.39 -49.38 3.01
C SER A 359 4.05 -49.39 4.50
N ASN A 360 3.58 -48.25 4.98
CA ASN A 360 3.11 -48.07 6.35
C ASN A 360 4.19 -48.44 7.36
N CYS A 361 5.31 -47.73 7.29
CA CYS A 361 6.42 -47.95 8.21
C CYS A 361 7.24 -46.68 8.27
N VAL A 362 8.10 -46.61 9.29
CA VAL A 362 9.07 -45.53 9.43
C VAL A 362 10.42 -46.22 9.67
N ALA A 363 11.27 -46.26 8.65
CA ALA A 363 12.56 -46.92 8.72
C ALA A 363 13.66 -45.89 8.47
N ASP A 364 14.61 -45.82 9.39
CA ASP A 364 15.73 -44.91 9.24
C ASP A 364 16.61 -45.31 8.07
N TYR A 365 16.98 -44.32 7.25
CA TYR A 365 17.89 -44.55 6.14
C TYR A 365 19.34 -44.19 6.47
N SER A 366 19.58 -43.56 7.62
CA SER A 366 20.94 -43.20 8.00
C SER A 366 21.79 -44.44 8.21
N VAL A 367 21.24 -45.47 8.84
CA VAL A 367 21.99 -46.68 9.16
C VAL A 367 22.54 -47.36 7.91
N LEU A 368 21.96 -47.08 6.74
CA LEU A 368 22.43 -47.72 5.52
C LEU A 368 23.77 -47.15 5.09
N TYR A 369 23.82 -45.85 4.78
CA TYR A 369 25.06 -45.24 4.33
C TYR A 369 26.06 -45.00 5.45
N ASN A 370 25.65 -45.17 6.70
CA ASN A 370 26.60 -45.11 7.81
C ASN A 370 27.37 -46.41 8.00
N SER A 371 26.94 -47.49 7.35
CA SER A 371 27.64 -48.76 7.42
C SER A 371 28.81 -48.77 6.43
N ALA A 372 29.60 -49.84 6.49
CA ALA A 372 30.77 -49.98 5.62
C ALA A 372 30.67 -51.14 4.64
N SER A 373 29.75 -52.08 4.85
CA SER A 373 29.65 -53.23 3.95
C SER A 373 29.18 -52.81 2.56
N PHE A 374 28.31 -51.81 2.48
CA PHE A 374 27.75 -51.36 1.20
C PHE A 374 28.84 -50.63 0.43
N SER A 375 29.44 -51.33 -0.54
CA SER A 375 30.53 -50.74 -1.32
C SER A 375 30.06 -49.55 -2.12
N THR A 376 28.89 -49.65 -2.76
CA THR A 376 28.38 -48.61 -3.63
C THR A 376 27.02 -48.15 -3.13
N PHE A 377 26.92 -46.84 -2.85
CA PHE A 377 25.68 -46.19 -2.40
C PHE A 377 25.50 -44.97 -3.30
N LYS A 378 24.84 -45.16 -4.44
CA LYS A 378 24.81 -44.16 -5.50
C LYS A 378 23.39 -43.68 -5.74
N CYS A 379 23.20 -42.36 -5.68
CA CYS A 379 21.96 -41.71 -6.12
C CYS A 379 22.10 -40.19 -6.13
N TYR A 380 21.30 -39.53 -6.96
CA TYR A 380 21.40 -38.10 -7.19
C TYR A 380 20.11 -37.38 -6.83
N GLY A 381 18.98 -38.10 -6.91
CA GLY A 381 17.69 -37.50 -6.65
C GLY A 381 17.53 -36.97 -5.25
N VAL A 382 18.25 -37.55 -4.28
CA VAL A 382 18.18 -37.10 -2.90
C VAL A 382 19.50 -37.44 -2.22
N SER A 383 20.02 -36.48 -1.46
CA SER A 383 21.24 -36.71 -0.72
C SER A 383 20.98 -37.65 0.45
N PRO A 384 22.00 -38.38 0.91
CA PRO A 384 21.81 -39.26 2.09
C PRO A 384 21.37 -38.52 3.33
N THR A 385 21.79 -37.25 3.49
CA THR A 385 21.47 -36.51 4.71
C THR A 385 19.96 -36.29 4.86
N LYS A 386 19.28 -35.93 3.78
CA LYS A 386 17.86 -35.62 3.83
C LYS A 386 16.98 -36.80 3.45
N LEU A 387 17.53 -38.02 3.47
CA LEU A 387 16.71 -39.21 3.26
C LEU A 387 15.67 -39.33 4.37
N ASN A 388 16.10 -39.26 5.63
CA ASN A 388 15.18 -39.35 6.75
C ASN A 388 14.38 -38.07 6.94
N ASP A 389 14.86 -36.94 6.43
CA ASP A 389 14.13 -35.69 6.58
C ASP A 389 12.82 -35.70 5.80
N LEU A 390 12.83 -36.25 4.59
CA LEU A 390 11.66 -36.24 3.74
C LEU A 390 10.77 -37.44 4.03
N CYS A 391 9.52 -37.35 3.55
CA CYS A 391 8.57 -38.43 3.62
C CYS A 391 8.17 -38.83 2.21
N PHE A 392 8.00 -40.13 1.98
CA PHE A 392 7.82 -40.70 0.66
C PHE A 392 6.57 -41.59 0.63
N THR A 393 6.27 -42.11 -0.55
CA THR A 393 5.13 -42.99 -0.74
C THR A 393 5.47 -44.03 -1.79
N ASN A 394 4.91 -45.23 -1.64
CA ASN A 394 5.08 -46.32 -2.60
C ASN A 394 6.55 -46.69 -2.77
N VAL A 395 7.14 -47.17 -1.68
CA VAL A 395 8.53 -47.63 -1.71
C VAL A 395 8.58 -49.01 -2.36
N TYR A 396 9.40 -49.14 -3.40
CA TYR A 396 9.59 -50.40 -4.11
C TYR A 396 11.07 -50.77 -4.09
N ALA A 397 11.34 -52.05 -3.83
CA ALA A 397 12.70 -52.57 -3.76
C ALA A 397 12.88 -53.63 -4.83
N ASP A 398 13.95 -53.51 -5.61
CA ASP A 398 14.30 -54.49 -6.63
C ASP A 398 15.65 -55.08 -6.27
N SER A 399 15.72 -56.40 -6.20
CA SER A 399 16.93 -57.09 -5.76
C SER A 399 17.35 -58.13 -6.79
N PHE A 400 18.65 -58.20 -7.05
CA PHE A 400 19.20 -59.27 -7.88
C PHE A 400 20.69 -59.42 -7.61
N VAL A 401 21.28 -60.40 -8.28
CA VAL A 401 22.70 -60.71 -8.18
C VAL A 401 23.28 -60.72 -9.59
N ILE A 402 24.35 -59.95 -9.79
CA ILE A 402 24.95 -59.78 -11.12
C ILE A 402 26.46 -59.97 -11.00
N ARG A 403 27.14 -59.82 -12.13
CA ARG A 403 28.60 -59.84 -12.15
C ARG A 403 29.15 -58.45 -11.83
N GLY A 404 30.32 -58.42 -11.18
CA GLY A 404 30.83 -57.16 -10.67
C GLY A 404 31.14 -56.16 -11.76
N ASP A 405 31.77 -56.62 -12.85
CA ASP A 405 32.33 -55.72 -13.85
C ASP A 405 31.27 -54.85 -14.52
N GLU A 406 30.00 -55.22 -14.39
CA GLU A 406 28.91 -54.49 -15.03
C GLU A 406 28.05 -53.72 -14.03
N VAL A 407 28.54 -53.49 -12.81
CA VAL A 407 27.75 -52.73 -11.84
C VAL A 407 27.49 -51.31 -12.35
N ARG A 408 28.37 -50.80 -13.21
CA ARG A 408 28.15 -49.48 -13.80
C ARG A 408 26.89 -49.45 -14.65
N GLN A 409 26.52 -50.58 -15.25
CA GLN A 409 25.40 -50.61 -16.18
C GLN A 409 24.05 -50.32 -15.52
N ILE A 410 23.97 -50.38 -14.18
CA ILE A 410 22.72 -50.08 -13.47
C ILE A 410 22.76 -48.59 -13.14
N ALA A 411 22.28 -47.78 -14.06
CA ALA A 411 22.23 -46.32 -13.88
C ALA A 411 21.19 -45.76 -14.84
N PRO A 412 20.66 -44.58 -14.57
CA PRO A 412 19.65 -43.99 -15.47
C PRO A 412 20.24 -43.67 -16.84
N GLY A 413 19.70 -44.30 -17.87
CA GLY A 413 20.12 -44.03 -19.23
C GLY A 413 21.43 -44.68 -19.63
N GLN A 414 21.48 -46.02 -19.55
CA GLN A 414 22.66 -46.77 -19.95
C GLN A 414 22.23 -47.97 -20.79
N THR A 415 23.15 -48.43 -21.64
CA THR A 415 22.91 -49.55 -22.52
C THR A 415 23.66 -50.78 -22.00
N GLY A 416 23.62 -51.86 -22.77
CA GLY A 416 24.23 -53.12 -22.40
C GLY A 416 23.21 -54.24 -22.34
N LYS A 417 23.75 -55.46 -22.31
CA LYS A 417 22.90 -56.64 -22.29
C LYS A 417 21.98 -56.65 -21.07
N ILE A 418 22.56 -56.42 -19.90
CA ILE A 418 21.77 -56.38 -18.67
C ILE A 418 20.86 -55.15 -18.65
N ALA A 419 21.30 -54.04 -19.23
CA ALA A 419 20.54 -52.80 -19.21
C ALA A 419 19.48 -52.74 -20.31
N ASP A 420 19.41 -53.73 -21.17
CA ASP A 420 18.42 -53.70 -22.26
C ASP A 420 17.53 -54.93 -22.28
N TYR A 421 18.06 -56.11 -21.97
CA TYR A 421 17.30 -57.35 -22.11
C TYR A 421 16.96 -58.00 -20.77
N ASN A 422 17.54 -57.53 -19.67
CA ASN A 422 17.27 -58.10 -18.36
C ASN A 422 16.66 -57.11 -17.36
N TYR A 423 16.88 -55.81 -17.55
CA TYR A 423 16.38 -54.79 -16.65
C TYR A 423 16.47 -53.44 -17.36
N LYS A 424 15.53 -52.57 -17.06
CA LYS A 424 15.50 -51.24 -17.65
C LYS A 424 15.42 -50.18 -16.55
N LEU A 425 16.19 -49.12 -16.73
CA LEU A 425 16.21 -48.00 -15.78
C LEU A 425 15.87 -46.71 -16.50
N PRO A 426 14.68 -46.14 -16.29
CA PRO A 426 14.37 -44.86 -16.92
C PRO A 426 15.24 -43.74 -16.35
N ASP A 427 15.51 -42.75 -17.22
CA ASP A 427 16.35 -41.63 -16.81
C ASP A 427 15.70 -40.84 -15.69
N ASP A 428 14.39 -40.62 -15.77
CA ASP A 428 13.64 -39.91 -14.73
C ASP A 428 13.40 -40.88 -13.56
N PHE A 429 14.49 -41.19 -12.87
CA PHE A 429 14.48 -42.14 -11.77
C PHE A 429 14.63 -41.41 -10.44
N THR A 430 13.72 -41.70 -9.51
CA THR A 430 13.71 -41.09 -8.19
C THR A 430 13.94 -42.21 -7.17
N GLY A 431 15.21 -42.46 -6.85
CA GLY A 431 15.55 -43.50 -5.89
C GLY A 431 17.02 -43.56 -5.58
N CYS A 432 17.51 -44.76 -5.27
CA CYS A 432 18.91 -44.96 -4.92
C CYS A 432 19.32 -46.38 -5.25
N VAL A 433 20.63 -46.61 -5.31
CA VAL A 433 21.19 -47.91 -5.65
C VAL A 433 22.22 -48.29 -4.58
N ILE A 434 22.11 -49.52 -4.07
CA ILE A 434 23.05 -50.05 -3.09
C ILE A 434 23.57 -51.38 -3.61
N ALA A 435 24.87 -51.46 -3.84
CA ALA A 435 25.48 -52.67 -4.37
C ALA A 435 26.68 -53.04 -3.51
N TRP A 436 26.81 -54.33 -3.20
CA TRP A 436 27.92 -54.77 -2.38
C TRP A 436 28.35 -56.18 -2.76
N ASN A 437 29.59 -56.50 -2.41
CA ASN A 437 30.17 -57.78 -2.77
C ASN A 437 29.55 -58.93 -1.98
N SER A 438 29.40 -60.07 -2.63
CA SER A 438 28.92 -61.30 -2.02
C SER A 438 29.80 -62.47 -2.44
N ASN A 439 31.13 -62.25 -2.42
CA ASN A 439 32.06 -63.27 -2.88
C ASN A 439 31.99 -64.52 -2.02
N ASN A 440 31.92 -64.35 -0.70
CA ASN A 440 31.90 -65.48 0.23
C ASN A 440 30.51 -66.04 0.44
N LEU A 441 29.48 -65.46 -0.18
CA LEU A 441 28.11 -65.94 -0.04
C LEU A 441 27.56 -66.62 -1.28
N ASP A 442 28.20 -66.44 -2.43
CA ASP A 442 27.73 -67.04 -3.68
C ASP A 442 28.79 -67.90 -4.36
N SER A 443 29.88 -68.23 -3.68
CA SER A 443 30.96 -68.99 -4.28
C SER A 443 30.61 -70.47 -4.34
N LYS A 444 31.57 -71.27 -4.79
CA LYS A 444 31.41 -72.72 -4.88
C LYS A 444 31.34 -73.35 -3.50
N GLY A 447 32.80 -74.22 -9.99
CA GLY A 447 32.11 -73.15 -9.28
C GLY A 447 30.60 -73.28 -9.35
N ASN A 448 29.91 -72.28 -8.83
CA ASN A 448 28.45 -72.26 -8.86
C ASN A 448 27.97 -71.79 -10.23
N TYR A 449 26.88 -72.41 -10.72
CA TYR A 449 26.39 -72.10 -12.05
C TYR A 449 24.86 -71.99 -12.10
N ASN A 450 24.19 -71.86 -10.95
CA ASN A 450 22.74 -71.86 -10.89
C ASN A 450 22.12 -70.51 -11.27
N TYR A 451 22.91 -69.58 -11.80
CA TYR A 451 22.41 -68.26 -12.18
C TYR A 451 22.17 -68.21 -13.68
N LEU A 452 21.23 -67.36 -14.09
CA LEU A 452 20.88 -67.21 -15.49
C LEU A 452 20.51 -65.76 -15.76
N TYR A 453 20.60 -65.37 -17.03
CA TYR A 453 20.23 -64.03 -17.43
C TYR A 453 19.78 -64.05 -18.89
N ARG A 454 19.01 -63.04 -19.27
CA ARG A 454 18.53 -62.93 -20.65
C ARG A 454 19.65 -62.42 -21.55
N LEU A 455 19.84 -63.09 -22.67
CA LEU A 455 20.87 -62.72 -23.65
C LEU A 455 20.30 -62.17 -24.94
N PHE A 456 19.26 -62.78 -25.48
CA PHE A 456 18.64 -62.35 -26.73
C PHE A 456 17.19 -61.95 -26.49
N ARG A 457 16.81 -60.80 -27.05
CA ARG A 457 15.47 -60.25 -26.93
C ARG A 457 15.17 -59.45 -28.19
N LYS A 458 13.87 -59.28 -28.47
CA LYS A 458 13.47 -58.58 -29.69
C LYS A 458 13.96 -57.14 -29.69
N SER A 459 13.80 -56.44 -28.58
CA SER A 459 14.20 -55.03 -28.49
C SER A 459 14.36 -54.67 -27.02
N ASN A 460 14.41 -53.37 -26.74
CA ASN A 460 14.53 -52.88 -25.38
C ASN A 460 13.23 -53.15 -24.61
N LEU A 461 13.23 -52.80 -23.34
CA LEU A 461 12.10 -53.04 -22.45
C LEU A 461 11.58 -51.72 -21.91
N LYS A 462 10.30 -51.71 -21.52
CA LYS A 462 9.73 -50.56 -20.86
C LYS A 462 10.27 -50.46 -19.44
N PRO A 463 10.21 -49.28 -18.82
CA PRO A 463 10.79 -49.12 -17.48
C PRO A 463 10.19 -50.08 -16.47
N PHE A 464 11.05 -50.68 -15.66
CA PHE A 464 10.67 -51.62 -14.60
C PHE A 464 9.96 -52.85 -15.15
N GLU A 465 10.25 -53.23 -16.39
CA GLU A 465 9.63 -54.41 -16.96
C GLU A 465 10.29 -55.69 -16.45
N ARG A 466 9.49 -56.73 -16.28
CA ARG A 466 9.98 -58.04 -15.89
C ARG A 466 10.00 -58.93 -17.14
N ASP A 467 11.19 -59.22 -17.65
CA ASP A 467 11.36 -59.96 -18.90
C ASP A 467 11.46 -61.45 -18.56
N ILE A 468 10.34 -62.15 -18.66
CA ILE A 468 10.29 -63.60 -18.47
C ILE A 468 9.71 -64.23 -19.72
N SER A 469 10.42 -65.21 -20.27
CA SER A 469 10.01 -65.94 -21.47
C SER A 469 11.02 -67.06 -21.70
N THR A 470 10.69 -67.92 -22.66
CA THR A 470 11.59 -69.01 -23.06
C THR A 470 11.26 -69.36 -24.50
N GLU A 471 12.08 -68.86 -25.43
CA GLU A 471 11.88 -69.11 -26.85
C GLU A 471 13.23 -69.31 -27.52
N ILE A 472 13.23 -70.06 -28.62
CA ILE A 472 14.43 -70.34 -29.38
C ILE A 472 14.58 -69.22 -30.40
N TYR A 473 15.34 -68.19 -30.04
CA TYR A 473 15.58 -67.08 -30.97
C TYR A 473 16.40 -67.56 -32.16
N GLN A 474 15.98 -67.16 -33.35
CA GLN A 474 16.60 -67.60 -34.59
C GLN A 474 17.35 -66.43 -35.23
N ALA A 475 18.62 -66.67 -35.56
CA ALA A 475 19.46 -65.66 -36.20
C ALA A 475 19.27 -65.61 -37.71
N GLY A 476 18.21 -66.23 -38.22
CA GLY A 476 17.90 -66.22 -39.64
C GLY A 476 16.41 -66.18 -39.84
N SER A 477 15.97 -66.63 -41.02
CA SER A 477 14.55 -66.64 -41.35
C SER A 477 13.92 -68.02 -41.33
N THR A 478 14.72 -69.08 -41.33
CA THR A 478 14.15 -70.42 -41.27
C THR A 478 13.52 -70.68 -39.91
N PRO A 479 12.30 -71.19 -39.85
CA PRO A 479 11.66 -71.42 -38.54
C PRO A 479 12.08 -72.74 -37.91
N CYS A 480 12.76 -72.66 -36.77
CA CYS A 480 13.16 -73.84 -36.02
C CYS A 480 12.44 -73.83 -34.67
N ASN A 481 11.87 -74.98 -34.30
CA ASN A 481 11.14 -75.10 -33.05
C ASN A 481 11.43 -76.46 -32.43
N GLY A 482 11.31 -76.52 -31.10
CA GLY A 482 11.52 -77.76 -30.38
C GLY A 482 12.94 -77.96 -29.90
N VAL A 483 13.91 -77.94 -30.83
CA VAL A 483 15.31 -78.18 -30.51
C VAL A 483 16.16 -77.12 -31.16
N GLU A 484 17.33 -76.87 -30.57
CA GLU A 484 18.27 -75.90 -31.12
C GLU A 484 18.94 -76.47 -32.37
N GLY A 485 19.36 -75.59 -33.25
CA GLY A 485 20.04 -75.98 -34.46
C GLY A 485 20.91 -74.86 -34.99
N PHE A 486 21.17 -74.92 -36.30
CA PHE A 486 21.92 -73.86 -36.95
C PHE A 486 21.14 -72.55 -36.84
N ASN A 487 21.88 -71.48 -36.53
CA ASN A 487 21.41 -70.10 -36.32
C ASN A 487 20.18 -70.04 -35.41
N CYS A 488 20.00 -71.06 -34.57
CA CYS A 488 19.00 -71.07 -33.51
C CYS A 488 19.74 -71.00 -32.19
N TYR A 489 19.39 -70.04 -31.35
CA TYR A 489 20.20 -69.71 -30.17
C TYR A 489 19.36 -69.82 -28.91
N PHE A 490 20.02 -70.20 -27.81
CA PHE A 490 19.36 -70.34 -26.51
C PHE A 490 19.33 -68.99 -25.80
N PRO A 491 18.15 -68.53 -25.36
CA PRO A 491 18.03 -67.14 -24.90
C PRO A 491 18.82 -66.82 -23.64
N LEU A 492 19.17 -67.80 -22.82
CA LEU A 492 19.77 -67.54 -21.53
C LEU A 492 21.25 -67.95 -21.52
N GLN A 493 21.91 -67.63 -20.42
CA GLN A 493 23.32 -67.96 -20.22
C GLN A 493 23.61 -67.93 -18.72
N SER A 494 24.59 -68.72 -18.31
CA SER A 494 24.92 -68.88 -16.90
C SER A 494 26.12 -68.02 -16.52
N TYR A 495 26.50 -68.10 -15.23
CA TYR A 495 27.62 -67.34 -14.69
C TYR A 495 28.58 -68.28 -13.98
N GLY A 496 29.87 -68.16 -14.30
CA GLY A 496 30.89 -68.92 -13.62
C GLY A 496 31.49 -68.21 -12.42
N PHE A 497 30.71 -68.06 -11.36
CA PHE A 497 31.16 -67.34 -10.16
C PHE A 497 32.11 -68.23 -9.35
N GLN A 498 33.32 -68.39 -9.89
CA GLN A 498 34.34 -69.17 -9.22
C GLN A 498 34.82 -68.44 -7.96
N PRO A 499 35.04 -69.16 -6.86
CA PRO A 499 35.50 -68.49 -5.62
C PRO A 499 36.85 -67.82 -5.74
N THR A 500 37.68 -68.20 -6.71
CA THR A 500 39.03 -67.67 -6.86
C THR A 500 39.14 -66.72 -8.04
N ASN A 501 38.09 -65.94 -8.28
CA ASN A 501 38.11 -64.93 -9.33
C ASN A 501 38.63 -63.60 -8.79
N GLY A 502 38.96 -62.70 -9.71
CA GLY A 502 39.42 -61.38 -9.37
C GLY A 502 38.29 -60.36 -9.34
N VAL A 503 38.69 -59.09 -9.35
CA VAL A 503 37.71 -58.00 -9.35
C VAL A 503 36.98 -57.96 -10.68
N GLY A 504 35.67 -57.72 -10.62
CA GLY A 504 34.83 -57.68 -11.80
C GLY A 504 34.18 -59.00 -12.16
N TYR A 505 34.70 -60.11 -11.65
CA TYR A 505 34.10 -61.42 -11.89
C TYR A 505 33.42 -62.00 -10.67
N GLN A 506 33.67 -61.44 -9.48
CA GLN A 506 32.97 -61.90 -8.29
C GLN A 506 31.53 -61.42 -8.32
N PRO A 507 30.57 -62.25 -7.89
CA PRO A 507 29.17 -61.83 -7.90
C PRO A 507 28.91 -60.70 -6.91
N TYR A 508 28.12 -59.73 -7.35
CA TYR A 508 27.73 -58.59 -6.54
C TYR A 508 26.22 -58.56 -6.39
N ARG A 509 25.75 -58.23 -5.20
CA ARG A 509 24.33 -58.14 -4.90
C ARG A 509 23.90 -56.68 -5.01
N VAL A 510 22.82 -56.44 -5.76
CA VAL A 510 22.36 -55.09 -6.10
C VAL A 510 20.92 -54.94 -5.66
N VAL A 511 20.63 -53.85 -4.96
CA VAL A 511 19.28 -53.48 -4.53
C VAL A 511 19.02 -52.05 -4.95
N VAL A 512 17.92 -51.84 -5.68
CA VAL A 512 17.52 -50.53 -6.18
C VAL A 512 16.22 -50.13 -5.49
N LEU A 513 16.19 -48.95 -4.90
CA LEU A 513 15.03 -48.43 -4.20
C LEU A 513 14.40 -47.32 -5.01
N SER A 514 13.08 -47.41 -5.23
CA SER A 514 12.33 -46.40 -5.94
C SER A 514 11.11 -46.00 -5.10
N PHE A 515 10.52 -44.86 -5.44
CA PHE A 515 9.43 -44.30 -4.65
C PHE A 515 8.78 -43.18 -5.44
N GLU A 516 7.71 -42.62 -4.86
CA GLU A 516 7.02 -41.45 -5.38
C GLU A 516 6.98 -40.38 -4.29
N LEU A 517 6.85 -39.12 -4.73
CA LEU A 517 6.94 -37.97 -3.83
C LEU A 517 5.55 -37.63 -3.28
N LEU A 518 5.03 -38.55 -2.45
CA LEU A 518 3.77 -38.35 -1.72
C LEU A 518 2.62 -37.99 -2.67
N HIS A 519 2.53 -38.70 -3.80
CA HIS A 519 1.43 -38.47 -4.72
C HIS A 519 0.10 -38.91 -4.11
N ALA A 520 0.13 -39.70 -3.04
CA ALA A 520 -1.03 -40.14 -2.29
C ALA A 520 -0.87 -39.69 -0.85
N PRO A 521 -1.84 -39.92 0.03
CA PRO A 521 -1.62 -39.64 1.46
C PRO A 521 -0.39 -40.38 1.98
N ALA A 522 0.34 -39.72 2.87
CA ALA A 522 1.64 -40.22 3.31
C ALA A 522 1.53 -41.62 3.90
N THR A 523 2.47 -42.48 3.52
CA THR A 523 2.52 -43.86 3.97
C THR A 523 3.77 -44.16 4.77
N VAL A 524 4.94 -43.79 4.27
CA VAL A 524 6.21 -44.04 4.94
C VAL A 524 6.98 -42.72 5.06
N CYS A 525 7.28 -42.32 6.29
CA CYS A 525 8.02 -41.10 6.58
C CYS A 525 9.34 -41.45 7.25
N GLY A 526 10.12 -40.42 7.55
CA GLY A 526 11.36 -40.59 8.28
C GLY A 526 11.16 -40.49 9.76
N PRO A 527 12.15 -40.91 10.55
CA PRO A 527 12.03 -40.84 12.01
C PRO A 527 12.02 -39.40 12.49
N LYS A 528 11.26 -39.14 13.55
CA LYS A 528 11.14 -37.81 14.12
C LYS A 528 11.91 -37.72 15.43
N LYS A 529 12.71 -36.67 15.55
CA LYS A 529 13.55 -36.49 16.73
C LYS A 529 12.69 -36.06 17.93
N SER A 530 13.20 -36.36 19.12
CA SER A 530 12.55 -36.00 20.37
C SER A 530 13.59 -35.49 21.35
N THR A 531 13.13 -34.69 22.31
CA THR A 531 14.00 -34.14 23.34
C THR A 531 13.28 -34.26 24.69
N ASN A 532 13.90 -33.70 25.73
CA ASN A 532 13.35 -33.77 27.07
C ASN A 532 12.33 -32.66 27.28
N LEU A 533 11.90 -32.47 28.52
CA LEU A 533 10.91 -31.45 28.87
C LEU A 533 11.42 -30.62 30.04
N VAL A 534 10.95 -29.38 30.11
CA VAL A 534 11.28 -28.47 31.20
C VAL A 534 9.99 -27.85 31.71
N LYS A 535 10.05 -27.32 32.93
CA LYS A 535 8.90 -26.76 33.60
C LYS A 535 9.25 -25.39 34.19
N ASN A 536 8.22 -24.54 34.29
CA ASN A 536 8.33 -23.24 34.94
C ASN A 536 9.36 -22.35 34.28
N LYS A 537 9.44 -22.42 32.95
CA LYS A 537 10.36 -21.59 32.17
C LYS A 537 9.64 -21.05 30.95
N CYS A 538 10.09 -19.89 30.48
CA CYS A 538 9.57 -19.29 29.25
C CYS A 538 10.23 -20.03 28.08
N VAL A 539 9.47 -20.91 27.44
CA VAL A 539 9.97 -21.80 26.41
C VAL A 539 9.04 -21.72 25.21
N ASN A 540 9.62 -21.87 24.02
CA ASN A 540 8.85 -22.08 22.80
C ASN A 540 8.85 -23.57 22.45
N PHE A 541 7.69 -24.07 22.06
CA PHE A 541 7.45 -25.50 21.92
C PHE A 541 6.85 -25.80 20.56
N ASN A 542 7.04 -27.04 20.11
CA ASN A 542 6.64 -27.54 18.80
C ASN A 542 5.98 -28.92 18.94
N PHE A 543 5.00 -29.02 19.84
CA PHE A 543 4.42 -30.32 20.17
C PHE A 543 3.68 -30.87 18.97
N ASN A 544 4.31 -31.83 18.29
CA ASN A 544 3.75 -32.56 17.14
C ASN A 544 2.94 -31.64 16.21
N GLY A 545 3.58 -30.56 15.77
CA GLY A 545 2.96 -29.64 14.84
C GLY A 545 2.42 -28.39 15.49
N LEU A 546 1.80 -28.53 16.66
CA LEU A 546 1.28 -27.39 17.40
C LEU A 546 2.44 -26.60 17.98
N THR A 547 2.72 -25.43 17.43
CA THR A 547 3.83 -24.60 17.86
C THR A 547 3.31 -23.39 18.64
N GLY A 548 4.14 -22.91 19.55
CA GLY A 548 3.74 -21.77 20.36
C GLY A 548 4.82 -21.40 21.34
N THR A 549 4.50 -20.43 22.20
CA THR A 549 5.41 -19.96 23.25
C THR A 549 4.64 -19.85 24.56
N GLY A 550 5.35 -19.96 25.66
CA GLY A 550 4.74 -19.78 26.96
C GLY A 550 5.50 -20.55 28.03
N VAL A 551 4.84 -20.73 29.16
CA VAL A 551 5.40 -21.47 30.29
C VAL A 551 4.52 -22.68 30.55
N LEU A 552 5.16 -23.80 30.89
CA LEU A 552 4.51 -25.09 31.03
C LEU A 552 4.31 -25.40 32.51
N THR A 553 3.11 -25.87 32.85
CA THR A 553 2.80 -26.21 34.23
C THR A 553 1.99 -27.51 34.26
N GLU A 554 1.93 -28.12 35.43
CA GLU A 554 1.16 -29.33 35.63
C GLU A 554 -0.31 -28.99 35.83
N SER A 555 -1.19 -29.89 35.40
CA SER A 555 -2.62 -29.61 35.34
C SER A 555 -3.42 -30.71 36.02
N ASN A 556 -4.61 -30.35 36.48
CA ASN A 556 -5.54 -31.29 37.09
C ASN A 556 -6.80 -31.50 36.24
N LYS A 557 -6.87 -30.88 35.07
CA LYS A 557 -8.00 -31.08 34.18
C LYS A 557 -7.99 -32.49 33.61
N LYS A 558 -9.17 -32.99 33.28
CA LYS A 558 -9.35 -34.35 32.79
C LYS A 558 -9.80 -34.32 31.34
N PHE A 559 -9.07 -34.99 30.47
CA PHE A 559 -9.41 -35.14 29.07
C PHE A 559 -10.14 -36.46 28.85
N LEU A 560 -10.92 -36.53 27.78
CA LEU A 560 -11.42 -37.81 27.32
C LEU A 560 -10.28 -38.57 26.64
N PRO A 561 -10.38 -39.90 26.56
CA PRO A 561 -9.25 -40.69 26.05
C PRO A 561 -8.92 -40.46 24.58
N PHE A 562 -9.57 -39.54 23.89
CA PHE A 562 -9.30 -39.36 22.46
C PHE A 562 -8.98 -37.94 22.02
N GLN A 563 -9.14 -36.93 22.87
CA GLN A 563 -8.69 -35.60 22.45
C GLN A 563 -7.18 -35.49 22.61
N GLN A 564 -6.62 -34.43 22.02
CA GLN A 564 -5.19 -34.18 22.08
C GLN A 564 -4.85 -32.87 22.78
N PHE A 565 -5.60 -31.80 22.50
CA PHE A 565 -5.36 -30.53 23.16
C PHE A 565 -6.66 -29.76 23.26
N GLY A 566 -6.86 -29.10 24.40
CA GLY A 566 -8.04 -28.31 24.63
C GLY A 566 -7.76 -26.80 24.52
N ARG A 567 -8.83 -26.04 24.72
CA ARG A 567 -8.75 -24.58 24.70
C ARG A 567 -9.97 -24.04 25.43
N ASP A 568 -10.04 -22.71 25.54
CA ASP A 568 -11.15 -22.05 26.23
C ASP A 568 -12.00 -21.20 25.30
N ILE A 569 -11.40 -20.24 24.59
CA ILE A 569 -12.16 -19.34 23.73
C ILE A 569 -11.18 -18.63 22.80
N ALA A 570 -11.69 -18.17 21.66
CA ALA A 570 -10.94 -17.32 20.73
C ALA A 570 -9.64 -17.97 20.26
N ASP A 571 -9.70 -19.27 20.00
CA ASP A 571 -8.58 -20.02 19.43
C ASP A 571 -7.32 -19.86 20.30
N THR A 572 -7.49 -19.97 21.60
CA THR A 572 -6.40 -19.83 22.56
C THR A 572 -6.14 -21.20 23.19
N THR A 573 -5.24 -21.97 22.60
CA THR A 573 -4.88 -23.27 23.14
C THR A 573 -4.28 -23.09 24.54
N ASP A 574 -4.75 -23.90 25.48
CA ASP A 574 -4.37 -23.72 26.88
C ASP A 574 -3.79 -24.98 27.49
N ALA A 575 -4.33 -26.15 27.11
CA ALA A 575 -3.94 -27.42 27.72
C ALA A 575 -3.55 -28.40 26.63
N VAL A 576 -2.39 -29.01 26.78
CA VAL A 576 -1.86 -30.00 25.83
C VAL A 576 -1.32 -31.18 26.61
N ARG A 577 -1.55 -32.39 26.10
CA ARG A 577 -1.01 -33.60 26.70
C ARG A 577 0.19 -34.08 25.91
N ASP A 578 1.24 -34.50 26.62
CA ASP A 578 2.44 -34.96 25.94
C ASP A 578 2.22 -36.37 25.39
N PRO A 579 2.50 -36.61 24.11
CA PRO A 579 2.25 -37.95 23.55
C PRO A 579 3.02 -39.06 24.23
N GLN A 580 4.24 -38.78 24.71
CA GLN A 580 5.05 -39.83 25.32
C GLN A 580 4.42 -40.34 26.61
N THR A 581 3.94 -39.45 27.46
CA THR A 581 3.44 -39.81 28.78
C THR A 581 1.92 -39.87 28.87
N LEU A 582 1.22 -39.22 27.93
CA LEU A 582 -0.23 -39.06 28.00
C LEU A 582 -0.64 -38.32 29.27
N GLU A 583 0.13 -37.30 29.63
CA GLU A 583 -0.11 -36.49 30.81
C GLU A 583 -0.49 -35.08 30.37
N ILE A 584 -1.61 -34.58 30.88
CA ILE A 584 -2.13 -33.28 30.48
C ILE A 584 -1.35 -32.18 31.16
N LEU A 585 -1.03 -31.12 30.42
CA LEU A 585 -0.24 -29.99 30.91
C LEU A 585 -1.03 -28.70 30.73
N ASP A 586 -0.39 -27.57 31.08
CA ASP A 586 -0.99 -26.25 30.98
C ASP A 586 0.00 -25.27 30.35
N ILE A 587 -0.53 -24.43 29.46
CA ILE A 587 0.22 -23.35 28.82
C ILE A 587 -0.20 -22.05 29.47
N THR A 588 0.76 -21.20 29.80
CA THR A 588 0.46 -19.87 30.30
C THR A 588 1.34 -18.85 29.59
N PRO A 589 0.77 -17.77 29.05
CA PRO A 589 1.59 -16.79 28.33
C PRO A 589 2.65 -16.17 29.23
N CYS A 590 3.83 -15.93 28.66
CA CYS A 590 4.93 -15.37 29.42
C CYS A 590 4.63 -13.92 29.80
N SER A 591 5.13 -13.51 30.96
CA SER A 591 4.80 -12.21 31.53
C SER A 591 5.36 -11.08 30.70
N PHE A 592 4.62 -9.97 30.66
CA PHE A 592 5.03 -8.76 29.99
C PHE A 592 4.26 -7.60 30.60
N GLY A 593 4.77 -6.39 30.40
CA GLY A 593 4.06 -5.22 30.90
C GLY A 593 4.79 -3.91 30.77
N GLY A 594 4.06 -2.81 30.94
CA GLY A 594 4.66 -1.50 30.86
C GLY A 594 5.36 -1.09 32.14
N VAL A 595 6.17 -0.04 32.04
CA VAL A 595 6.89 0.51 33.18
C VAL A 595 6.43 1.96 33.37
N SER A 596 6.63 2.45 34.59
CA SER A 596 6.27 3.82 34.92
C SER A 596 7.32 4.41 35.83
N VAL A 597 7.51 5.73 35.73
CA VAL A 597 8.49 6.47 36.52
C VAL A 597 7.75 7.50 37.36
N ILE A 598 8.00 7.49 38.66
CA ILE A 598 7.42 8.45 39.60
C ILE A 598 8.54 9.37 40.04
N THR A 599 8.34 10.68 39.86
CA THR A 599 9.33 11.67 40.22
C THR A 599 8.68 12.84 40.92
N PRO A 600 9.37 13.46 41.88
CA PRO A 600 8.84 14.66 42.55
C PRO A 600 9.11 15.98 41.82
N GLY A 601 9.50 15.94 40.55
CA GLY A 601 9.80 17.15 39.82
C GLY A 601 11.29 17.42 39.73
N THR A 602 11.75 17.82 38.54
CA THR A 602 13.18 18.04 38.33
C THR A 602 13.69 19.19 39.17
N ASN A 603 12.91 20.27 39.30
CA ASN A 603 13.38 21.44 40.02
C ASN A 603 13.63 21.15 41.49
N THR A 604 12.72 20.40 42.13
CA THR A 604 12.88 20.12 43.55
C THR A 604 14.05 19.19 43.82
N SER A 605 14.13 18.08 43.08
CA SER A 605 15.19 17.11 43.29
C SER A 605 15.36 16.31 42.00
N ASN A 606 16.25 15.31 42.05
CA ASN A 606 16.55 14.48 40.89
C ASN A 606 16.65 13.01 41.29
N GLN A 607 15.72 12.55 42.12
CA GLN A 607 15.64 11.16 42.51
C GLN A 607 14.27 10.61 42.12
N VAL A 608 14.26 9.40 41.56
CA VAL A 608 13.05 8.83 40.98
C VAL A 608 12.84 7.42 41.50
N ALA A 609 11.62 6.92 41.32
CA ALA A 609 11.30 5.53 41.58
C ALA A 609 10.64 4.94 40.34
N VAL A 610 10.73 3.62 40.20
CA VAL A 610 10.22 2.97 38.99
C VAL A 610 9.30 1.81 39.38
N LEU A 611 8.16 1.73 38.72
CA LEU A 611 7.13 0.75 39.01
C LEU A 611 6.88 -0.11 37.78
N TYR A 612 6.91 -1.42 37.96
CA TYR A 612 6.52 -2.38 36.93
C TYR A 612 5.08 -2.79 37.18
N GLN A 613 4.27 -2.74 36.12
CA GLN A 613 2.84 -3.00 36.24
C GLN A 613 2.54 -4.50 36.15
N ASP A 614 1.56 -4.92 36.95
CA ASP A 614 0.97 -6.28 36.91
C ASP A 614 2.01 -7.37 36.64
N VAL A 615 3.11 -7.31 37.39
CA VAL A 615 4.17 -8.29 37.30
C VAL A 615 4.48 -8.78 38.71
N ASN A 616 4.33 -10.08 38.94
CA ASN A 616 4.73 -10.66 40.21
C ASN A 616 6.25 -10.76 40.22
N CYS A 617 6.91 -9.67 40.63
CA CYS A 617 8.34 -9.50 40.39
C CYS A 617 9.19 -10.35 41.33
N THR A 618 8.98 -11.67 41.24
CA THR A 618 9.94 -12.59 41.82
C THR A 618 11.25 -12.58 41.04
N GLU A 619 11.17 -12.42 39.72
CA GLU A 619 12.32 -12.26 38.84
C GLU A 619 12.21 -10.89 38.18
N VAL A 620 12.74 -9.87 38.85
CA VAL A 620 12.69 -8.51 38.30
C VAL A 620 13.44 -8.40 36.98
N PRO A 621 14.70 -8.86 36.86
CA PRO A 621 15.34 -8.71 35.55
C PRO A 621 14.99 -9.84 34.59
N VAL A 635 22.54 -1.22 39.24
CA VAL A 635 21.99 -0.17 40.09
C VAL A 635 20.50 -0.36 40.25
N TYR A 636 19.76 -0.29 39.14
CA TYR A 636 18.32 -0.42 39.15
C TYR A 636 17.84 -1.83 38.85
N SER A 637 18.76 -2.79 38.73
CA SER A 637 18.35 -4.18 38.57
C SER A 637 17.60 -4.68 39.80
N THR A 638 18.11 -4.37 40.99
CA THR A 638 17.44 -4.65 42.25
C THR A 638 17.17 -3.39 43.06
N GLY A 639 18.15 -2.49 43.14
CA GLY A 639 17.93 -1.20 43.78
C GLY A 639 17.60 -1.33 45.25
N SER A 640 16.72 -0.43 45.71
CA SER A 640 16.30 -0.40 47.11
C SER A 640 15.23 -1.47 47.35
N ASN A 641 14.54 -1.37 48.49
CA ASN A 641 13.53 -2.35 48.84
C ASN A 641 12.42 -2.40 47.81
N VAL A 642 12.06 -3.61 47.40
CA VAL A 642 10.98 -3.82 46.44
C VAL A 642 9.66 -3.92 47.19
N PHE A 643 8.67 -3.15 46.77
CA PHE A 643 7.35 -3.16 47.39
C PHE A 643 6.34 -3.70 46.39
N GLN A 644 5.67 -4.78 46.76
CA GLN A 644 4.67 -5.42 45.90
C GLN A 644 3.28 -4.92 46.29
N THR A 645 2.52 -4.45 45.30
CA THR A 645 1.20 -3.88 45.51
C THR A 645 0.18 -4.70 44.73
N ARG A 646 -1.06 -4.22 44.72
CA ARG A 646 -2.11 -4.86 43.93
C ARG A 646 -1.94 -4.60 42.44
N ALA A 647 -1.15 -3.60 42.06
CA ALA A 647 -0.98 -3.25 40.66
C ALA A 647 0.47 -3.38 40.23
N GLY A 648 1.12 -4.48 40.59
CA GLY A 648 2.49 -4.71 40.23
C GLY A 648 3.45 -4.55 41.39
N CYS A 649 4.61 -3.95 41.13
CA CYS A 649 5.54 -3.69 42.22
C CYS A 649 6.47 -2.55 41.84
N LEU A 650 6.86 -1.76 42.84
CA LEU A 650 7.70 -0.60 42.63
C LEU A 650 8.98 -0.71 43.43
N ILE A 651 10.05 -0.13 42.89
CA ILE A 651 11.34 -0.06 43.56
C ILE A 651 11.82 1.37 43.54
N GLY A 652 12.71 1.68 44.49
CA GLY A 652 13.20 3.03 44.69
C GLY A 652 12.55 3.77 45.83
N ALA A 653 11.48 3.23 46.41
CA ALA A 653 10.74 3.89 47.49
C ALA A 653 10.46 2.91 48.61
N GLU A 654 10.66 3.37 49.84
CA GLU A 654 10.38 2.57 51.02
C GLU A 654 8.90 2.65 51.38
N HIS A 655 8.50 1.82 52.34
CA HIS A 655 7.11 1.75 52.79
C HIS A 655 7.00 2.22 54.22
N VAL A 656 6.05 3.13 54.46
CA VAL A 656 5.76 3.66 55.80
C VAL A 656 4.34 3.25 56.16
N ASN A 657 4.12 2.97 57.45
CA ASN A 657 2.83 2.46 57.92
C ASN A 657 1.95 3.58 58.47
N ASN A 658 2.20 4.82 58.08
CA ASN A 658 1.37 5.95 58.46
C ASN A 658 0.28 6.16 57.42
N SER A 659 -0.42 7.29 57.50
CA SER A 659 -1.43 7.63 56.52
C SER A 659 -1.45 9.14 56.33
N TYR A 660 -1.63 9.58 55.08
CA TYR A 660 -1.60 10.99 54.73
C TYR A 660 -2.56 11.22 53.57
N GLU A 661 -2.70 12.49 53.19
CA GLU A 661 -3.37 12.83 51.95
C GLU A 661 -2.50 12.45 50.76
N CYS A 662 -3.10 12.45 49.58
CA CYS A 662 -2.43 11.98 48.36
C CYS A 662 -2.21 13.14 47.40
N ASP A 663 -1.06 13.12 46.74
CA ASP A 663 -0.72 14.10 45.71
C ASP A 663 -0.31 13.46 44.39
N ILE A 664 0.39 12.33 44.44
CA ILE A 664 0.81 11.60 43.25
C ILE A 664 0.18 10.21 43.30
N PRO A 665 -0.97 10.02 42.65
CA PRO A 665 -1.66 8.73 42.74
C PRO A 665 -0.86 7.60 42.11
N ILE A 666 -1.00 6.41 42.68
CA ILE A 666 -0.33 5.23 42.16
C ILE A 666 -1.38 4.21 41.74
N GLY A 667 -2.21 3.77 42.68
CA GLY A 667 -3.27 2.85 42.35
C GLY A 667 -3.63 1.98 43.53
N ALA A 668 -4.75 1.27 43.39
CA ALA A 668 -5.25 0.34 44.40
C ALA A 668 -5.41 1.02 45.76
N GLY A 669 -5.70 2.32 45.76
CA GLY A 669 -5.88 3.05 46.99
C GLY A 669 -4.61 3.48 47.67
N ILE A 670 -3.44 3.26 47.08
CA ILE A 670 -2.18 3.67 47.67
C ILE A 670 -1.46 4.58 46.69
N CYS A 671 -0.58 5.42 47.24
CA CYS A 671 0.15 6.38 46.43
C CYS A 671 1.37 6.86 47.19
N ALA A 672 2.26 7.54 46.47
CA ALA A 672 3.57 7.91 46.98
C ALA A 672 3.79 9.41 46.86
N SER A 673 4.79 9.89 47.61
CA SER A 673 5.15 11.30 47.62
C SER A 673 6.53 11.44 48.25
N TYR A 674 7.07 12.65 48.16
CA TYR A 674 8.36 12.97 48.75
C TYR A 674 8.17 13.45 50.18
N GLN A 675 8.99 12.93 51.10
CA GLN A 675 8.90 13.31 52.50
C GLN A 675 9.26 14.78 52.69
N SER A 691 13.93 11.62 50.45
CA SER A 691 13.48 10.26 50.19
C SER A 691 12.07 10.25 49.61
N ILE A 692 11.70 9.14 48.98
CA ILE A 692 10.38 8.96 48.40
C ILE A 692 9.69 7.82 49.14
N ILE A 693 8.48 8.09 49.62
CA ILE A 693 7.75 7.15 50.47
C ILE A 693 6.38 6.89 49.86
N ALA A 694 5.96 5.62 49.87
CA ALA A 694 4.66 5.20 49.38
C ALA A 694 3.82 4.69 50.54
N TYR A 695 2.59 5.18 50.65
CA TYR A 695 1.72 4.85 51.76
C TYR A 695 0.30 4.62 51.24
N THR A 696 -0.62 4.40 52.16
CA THR A 696 -2.03 4.19 51.88
C THR A 696 -2.78 5.51 52.05
N MET A 697 -3.71 5.77 51.14
CA MET A 697 -4.43 7.04 51.15
C MET A 697 -5.24 7.20 52.43
N SER A 698 -5.17 8.39 53.02
CA SER A 698 -5.99 8.77 54.15
C SER A 698 -7.05 9.75 53.67
N LEU A 699 -8.32 9.46 53.97
CA LEU A 699 -9.42 10.25 53.42
C LEU A 699 -9.50 11.64 54.03
N GLY A 700 -8.91 11.86 55.19
CA GLY A 700 -8.89 13.18 55.80
C GLY A 700 -9.11 13.09 57.29
N ALA A 701 -9.42 14.23 57.89
CA ALA A 701 -9.61 14.31 59.33
C ALA A 701 -10.86 13.54 59.75
N GLU A 702 -10.82 13.02 60.98
CA GLU A 702 -11.91 12.27 61.57
C GLU A 702 -12.46 13.02 62.76
N ASN A 703 -13.78 13.21 62.79
CA ASN A 703 -14.42 13.88 63.91
C ASN A 703 -15.84 13.37 64.06
N SER A 704 -16.34 13.41 65.28
CA SER A 704 -17.71 13.01 65.59
C SER A 704 -18.40 14.16 66.32
N VAL A 705 -19.60 14.49 65.87
CA VAL A 705 -20.37 15.59 66.44
C VAL A 705 -21.23 15.07 67.58
N ALA A 706 -21.23 15.80 68.70
CA ALA A 706 -21.95 15.39 69.91
C ALA A 706 -23.45 15.61 69.71
N TYR A 707 -24.06 14.67 68.99
CA TYR A 707 -25.48 14.75 68.72
C TYR A 707 -26.30 14.38 69.95
N SER A 708 -27.35 15.14 70.21
CA SER A 708 -28.27 14.87 71.29
C SER A 708 -29.68 15.09 70.77
N ASN A 709 -30.66 15.08 71.67
CA ASN A 709 -32.06 15.22 71.26
C ASN A 709 -32.71 16.49 71.80
N ASN A 710 -32.00 17.30 72.57
CA ASN A 710 -32.54 18.58 73.03
C ASN A 710 -31.47 19.66 73.02
N SER A 711 -30.52 19.55 72.08
CA SER A 711 -29.43 20.51 72.00
C SER A 711 -29.18 20.89 70.56
N ILE A 712 -28.97 22.19 70.31
CA ILE A 712 -28.73 22.71 68.97
C ILE A 712 -27.54 23.67 69.02
N ALA A 713 -27.08 24.05 67.83
CA ALA A 713 -26.00 25.00 67.67
C ALA A 713 -26.45 26.11 66.72
N ILE A 714 -26.08 27.34 67.04
CA ILE A 714 -26.49 28.49 66.24
C ILE A 714 -25.28 29.38 65.99
N PRO A 715 -24.98 29.74 64.75
CA PRO A 715 -23.85 30.63 64.49
C PRO A 715 -24.09 32.03 65.04
N THR A 716 -23.01 32.69 65.43
CA THR A 716 -23.08 34.03 65.96
C THR A 716 -22.28 35.05 65.18
N ASN A 717 -21.44 34.62 64.23
CA ASN A 717 -20.68 35.54 63.41
C ASN A 717 -20.66 35.04 61.98
N PHE A 718 -20.16 35.86 61.07
CA PHE A 718 -20.20 35.51 59.66
C PHE A 718 -18.98 36.06 58.95
N THR A 719 -18.68 35.46 57.80
CA THR A 719 -17.58 35.88 56.95
C THR A 719 -18.05 35.90 55.50
N ILE A 720 -17.37 36.72 54.70
CA ILE A 720 -17.64 36.86 53.28
C ILE A 720 -16.40 36.42 52.52
N SER A 721 -16.57 35.51 51.57
CA SER A 721 -15.45 34.96 50.82
C SER A 721 -15.69 35.16 49.33
N VAL A 722 -14.60 35.09 48.56
CA VAL A 722 -14.65 35.22 47.11
C VAL A 722 -13.96 34.00 46.49
N THR A 723 -14.61 33.40 45.50
CA THR A 723 -14.10 32.23 44.82
C THR A 723 -13.99 32.50 43.32
N THR A 724 -13.07 31.80 42.67
CA THR A 724 -12.78 32.01 41.25
C THR A 724 -13.03 30.71 40.49
N GLU A 725 -13.73 30.83 39.36
CA GLU A 725 -13.95 29.70 38.46
C GLU A 725 -13.52 30.09 37.05
N ILE A 726 -13.01 29.12 36.31
CA ILE A 726 -12.55 29.33 34.94
C ILE A 726 -13.24 28.32 34.04
N LEU A 727 -13.81 28.79 32.93
CA LEU A 727 -14.53 27.93 32.00
C LEU A 727 -14.10 28.23 30.57
N PRO A 728 -13.62 27.25 29.82
CA PRO A 728 -13.31 27.49 28.41
C PRO A 728 -14.58 27.63 27.59
N VAL A 729 -14.50 28.46 26.55
CA VAL A 729 -15.68 28.75 25.74
C VAL A 729 -15.46 28.56 24.25
N SER A 730 -14.23 28.61 23.73
CA SER A 730 -14.03 28.51 22.29
C SER A 730 -12.59 28.10 22.02
N MET A 731 -12.38 27.60 20.79
CA MET A 731 -11.06 27.25 20.31
C MET A 731 -10.83 27.90 18.95
N THR A 732 -9.60 27.79 18.46
CA THR A 732 -9.22 28.45 17.21
C THR A 732 -9.97 27.87 16.02
N LYS A 733 -10.43 28.74 15.14
CA LYS A 733 -11.07 28.32 13.89
C LYS A 733 -9.98 28.08 12.85
N THR A 734 -9.91 26.85 12.34
CA THR A 734 -8.89 26.48 11.37
C THR A 734 -9.54 25.75 10.20
N SER A 735 -8.87 25.82 9.05
CA SER A 735 -9.29 25.12 7.85
C SER A 735 -8.08 24.48 7.20
N VAL A 736 -8.31 23.41 6.46
CA VAL A 736 -7.26 22.66 5.79
C VAL A 736 -7.58 22.59 4.31
N ASP A 737 -6.59 22.91 3.47
CA ASP A 737 -6.76 22.76 2.04
C ASP A 737 -6.81 21.29 1.68
N CYS A 738 -7.81 20.92 0.86
CA CYS A 738 -8.08 19.52 0.59
C CYS A 738 -7.09 18.95 -0.42
N THR A 739 -7.10 19.46 -1.65
CA THR A 739 -6.22 18.91 -2.68
C THR A 739 -4.78 19.36 -2.52
N MET A 740 -4.55 20.55 -1.95
CA MET A 740 -3.19 21.06 -1.84
C MET A 740 -2.33 20.18 -0.93
N TYR A 741 -2.92 19.70 0.17
CA TYR A 741 -2.13 18.95 1.14
C TYR A 741 -1.57 17.67 0.54
N ILE A 742 -2.39 16.92 -0.20
CA ILE A 742 -1.99 15.62 -0.72
C ILE A 742 -1.60 15.65 -2.18
N CYS A 743 -1.59 16.82 -2.82
CA CYS A 743 -1.21 16.94 -4.21
C CYS A 743 0.12 17.64 -4.42
N GLY A 744 0.40 18.70 -3.67
CA GLY A 744 1.63 19.44 -3.87
C GLY A 744 1.75 20.10 -5.22
N ASP A 745 0.63 20.56 -5.77
CA ASP A 745 0.58 21.26 -7.06
C ASP A 745 1.15 20.39 -8.18
N SER A 746 0.52 19.23 -8.37
CA SER A 746 0.84 18.32 -9.45
C SER A 746 -0.45 17.79 -10.04
N THR A 747 -0.64 17.99 -11.35
CA THR A 747 -1.89 17.55 -11.98
C THR A 747 -2.03 16.04 -12.00
N GLU A 748 -0.93 15.29 -11.84
CA GLU A 748 -1.03 13.84 -11.74
C GLU A 748 -1.83 13.44 -10.50
N CYS A 749 -1.58 14.13 -9.37
CA CYS A 749 -2.33 13.84 -8.16
C CYS A 749 -3.82 14.11 -8.36
N SER A 750 -4.16 15.22 -9.01
CA SER A 750 -5.56 15.51 -9.28
C SER A 750 -6.18 14.45 -10.19
N ASN A 751 -5.44 14.04 -11.22
CA ASN A 751 -5.96 13.02 -12.13
C ASN A 751 -6.24 11.71 -11.40
N LEU A 752 -5.33 11.30 -10.51
CA LEU A 752 -5.54 10.06 -9.76
C LEU A 752 -6.65 10.21 -8.73
N LEU A 753 -6.77 11.40 -8.13
CA LEU A 753 -7.84 11.62 -7.16
C LEU A 753 -9.21 11.67 -7.80
N LEU A 754 -9.27 12.02 -9.09
CA LEU A 754 -10.54 12.12 -9.78
C LEU A 754 -11.34 10.82 -9.70
N GLN A 755 -10.66 9.67 -9.68
CA GLN A 755 -11.35 8.39 -9.60
C GLN A 755 -11.76 8.01 -8.19
N TYR A 756 -11.29 8.73 -7.17
CA TYR A 756 -11.55 8.36 -5.79
C TYR A 756 -12.88 8.87 -5.26
N GLY A 757 -13.66 9.59 -6.06
CA GLY A 757 -14.92 10.12 -5.60
C GLY A 757 -14.78 11.46 -4.90
N SER A 758 -15.90 11.91 -4.35
CA SER A 758 -15.98 13.25 -3.74
C SER A 758 -15.69 13.22 -2.25
N PHE A 759 -14.52 12.69 -1.87
CA PHE A 759 -14.08 12.80 -0.48
C PHE A 759 -13.70 14.23 -0.15
N CYS A 760 -13.31 15.00 -1.16
CA CYS A 760 -12.78 16.35 -0.94
C CYS A 760 -13.82 17.26 -0.30
N THR A 761 -15.01 17.33 -0.89
CA THR A 761 -16.07 18.19 -0.34
C THR A 761 -16.53 17.68 1.02
N GLN A 762 -16.56 16.36 1.19
CA GLN A 762 -16.97 15.78 2.46
C GLN A 762 -16.04 16.22 3.58
N LEU A 763 -14.73 16.22 3.33
CA LEU A 763 -13.79 16.69 4.32
C LEU A 763 -13.74 18.21 4.42
N ASN A 764 -14.20 18.92 3.37
CA ASN A 764 -14.20 20.38 3.42
C ASN A 764 -15.34 20.92 4.28
N ARG A 765 -16.52 20.30 4.20
CA ARG A 765 -17.71 20.91 4.80
C ARG A 765 -17.68 20.87 6.33
N ALA A 766 -17.08 19.83 6.92
CA ALA A 766 -17.12 19.67 8.37
C ALA A 766 -16.42 20.81 9.08
N LEU A 767 -15.27 21.24 8.55
CA LEU A 767 -14.52 22.32 9.19
C LEU A 767 -15.31 23.63 9.15
N THR A 768 -15.99 23.90 8.04
CA THR A 768 -16.84 25.08 7.97
C THR A 768 -17.95 25.02 9.00
N GLY A 769 -18.59 23.85 9.13
CA GLY A 769 -19.61 23.70 10.17
C GLY A 769 -19.05 23.95 11.56
N ILE A 770 -17.85 23.44 11.82
CA ILE A 770 -17.23 23.62 13.13
C ILE A 770 -16.99 25.10 13.41
N ALA A 771 -16.43 25.81 12.43
CA ALA A 771 -16.17 27.24 12.61
C ALA A 771 -17.47 28.00 12.85
N VAL A 772 -18.52 27.67 12.10
CA VAL A 772 -19.80 28.35 12.26
C VAL A 772 -20.33 28.14 13.68
N GLU A 773 -20.27 26.90 14.18
CA GLU A 773 -20.83 26.66 15.51
C GLU A 773 -19.98 27.34 16.58
N GLN A 774 -18.66 27.42 16.39
CA GLN A 774 -17.83 28.17 17.35
C GLN A 774 -18.24 29.64 17.40
N ASP A 775 -18.42 30.25 16.22
CA ASP A 775 -18.84 31.65 16.18
C ASP A 775 -20.17 31.85 16.88
N LYS A 776 -21.16 31.02 16.53
CA LYS A 776 -22.48 31.11 17.16
C LYS A 776 -22.37 30.88 18.66
N ASN A 777 -21.46 30.00 19.08
CA ASN A 777 -21.32 29.67 20.49
C ASN A 777 -20.83 30.86 21.29
N THR A 778 -19.78 31.52 20.83
CA THR A 778 -19.29 32.69 21.56
C THR A 778 -20.30 33.83 21.52
N GLN A 779 -20.96 34.03 20.36
CA GLN A 779 -21.97 35.07 20.28
C GLN A 779 -23.11 34.81 21.25
N GLU A 780 -23.53 33.56 21.39
CA GLU A 780 -24.60 33.22 22.31
C GLU A 780 -24.16 33.41 23.76
N VAL A 781 -22.95 33.00 24.10
CA VAL A 781 -22.55 33.05 25.51
C VAL A 781 -22.40 34.49 25.98
N PHE A 782 -21.95 35.40 25.11
CA PHE A 782 -21.77 36.77 25.59
C PHE A 782 -22.87 37.74 25.23
N ALA A 783 -23.51 37.62 24.07
CA ALA A 783 -24.54 38.59 23.71
C ALA A 783 -25.84 38.35 24.47
N GLN A 784 -25.95 38.94 25.66
CA GLN A 784 -27.13 38.77 26.50
C GLN A 784 -27.80 40.08 26.91
N VAL A 785 -27.32 41.23 26.43
CA VAL A 785 -27.90 42.51 26.77
C VAL A 785 -28.23 43.27 25.49
N LYS A 786 -29.16 44.21 25.61
CA LYS A 786 -29.65 44.97 24.47
C LYS A 786 -29.12 46.41 24.43
N GLN A 787 -28.42 46.86 25.47
CA GLN A 787 -27.86 48.21 25.49
C GLN A 787 -26.48 48.16 26.12
N ILE A 788 -25.87 49.33 26.27
CA ILE A 788 -24.57 49.49 26.91
C ILE A 788 -24.72 50.51 28.02
N TYR A 789 -24.49 50.08 29.27
CA TYR A 789 -24.63 50.95 30.43
C TYR A 789 -23.26 51.48 30.85
N LYS A 790 -23.27 52.70 31.37
CA LYS A 790 -22.05 53.36 31.81
C LYS A 790 -22.21 53.83 33.25
N THR A 791 -21.16 53.64 34.04
CA THR A 791 -21.18 54.05 35.44
C THR A 791 -21.06 55.57 35.56
N PRO A 792 -21.67 56.16 36.58
CA PRO A 792 -21.48 57.59 36.82
C PRO A 792 -20.03 57.89 37.19
N PRO A 793 -19.54 59.08 36.89
CA PRO A 793 -18.12 59.39 37.16
C PRO A 793 -17.75 59.30 38.64
N ILE A 794 -18.64 59.69 39.54
CA ILE A 794 -18.37 59.68 40.97
C ILE A 794 -18.94 58.38 41.54
N LYS A 795 -18.09 57.60 42.20
CA LYS A 795 -18.42 56.26 42.65
C LYS A 795 -18.25 56.18 44.16
N ASP A 796 -19.37 56.23 44.89
CA ASP A 796 -19.40 56.06 46.34
C ASP A 796 -20.47 55.01 46.65
N PHE A 797 -20.08 53.74 46.60
CA PHE A 797 -21.02 52.64 46.76
C PHE A 797 -21.11 52.18 48.20
N GLY A 798 -21.37 53.11 49.12
CA GLY A 798 -21.55 52.75 50.51
C GLY A 798 -20.33 52.20 51.21
N GLY A 799 -19.14 52.33 50.62
CA GLY A 799 -17.93 51.85 51.26
C GLY A 799 -17.16 50.84 50.43
N PHE A 800 -17.87 50.05 49.63
CA PHE A 800 -17.20 49.06 48.80
C PHE A 800 -16.36 49.73 47.73
N ASN A 801 -15.19 49.17 47.48
CA ASN A 801 -14.19 49.75 46.58
C ASN A 801 -14.06 48.86 45.35
N PHE A 802 -14.54 49.34 44.20
CA PHE A 802 -14.58 48.57 42.97
C PHE A 802 -13.53 49.01 41.96
N SER A 803 -12.52 49.75 42.40
CA SER A 803 -11.54 50.31 41.46
C SER A 803 -10.72 49.24 40.76
N GLN A 804 -10.67 48.02 41.30
CA GLN A 804 -9.83 46.98 40.74
C GLN A 804 -10.51 46.15 39.66
N ILE A 805 -11.81 46.36 39.43
CA ILE A 805 -12.57 45.61 38.44
C ILE A 805 -13.10 46.50 37.34
N LEU A 806 -13.51 47.72 37.67
CA LEU A 806 -14.06 48.62 36.67
C LEU A 806 -12.99 48.98 35.64
N PRO A 807 -13.38 49.15 34.37
CA PRO A 807 -12.38 49.44 33.34
C PRO A 807 -11.71 50.79 33.54
N ASP A 808 -10.46 50.87 33.11
CA ASP A 808 -9.68 52.11 33.19
C ASP A 808 -9.56 52.73 31.81
N PRO A 809 -10.12 53.91 31.57
CA PRO A 809 -9.98 54.54 30.25
C PRO A 809 -8.54 54.89 29.89
N SER A 810 -7.65 55.00 30.88
CA SER A 810 -6.25 55.32 30.59
C SER A 810 -5.59 54.23 29.77
N LYS A 811 -5.88 52.97 30.08
CA LYS A 811 -5.29 51.87 29.35
C LYS A 811 -5.84 51.84 27.92
N PRO A 812 -4.99 51.68 26.90
CA PRO A 812 -5.50 51.70 25.52
C PRO A 812 -6.50 50.60 25.22
N SER A 813 -6.35 49.42 25.82
CA SER A 813 -7.26 48.31 25.56
C SER A 813 -8.54 48.40 26.36
N LYS A 814 -8.66 49.37 27.27
CA LYS A 814 -9.84 49.53 28.12
C LYS A 814 -10.12 48.25 28.91
N ARG A 815 -9.06 47.69 29.50
CA ARG A 815 -9.15 46.46 30.27
C ARG A 815 -8.78 46.74 31.73
N SER A 816 -9.36 45.95 32.62
CA SER A 816 -9.15 46.12 34.04
C SER A 816 -7.87 45.44 34.50
N PHE A 817 -7.66 45.44 35.82
CA PHE A 817 -6.45 44.84 36.39
C PHE A 817 -6.47 43.33 36.24
N ILE A 818 -7.59 42.70 36.59
CA ILE A 818 -7.67 41.24 36.57
C ILE A 818 -7.53 40.72 35.14
N GLU A 819 -8.17 41.38 34.18
CA GLU A 819 -8.07 40.94 32.79
C GLU A 819 -6.64 41.03 32.30
N ASP A 820 -5.93 42.11 32.65
CA ASP A 820 -4.54 42.24 32.23
C ASP A 820 -3.67 41.17 32.85
N LEU A 821 -3.86 40.88 34.15
CA LEU A 821 -3.09 39.81 34.77
C LEU A 821 -3.38 38.46 34.13
N LEU A 822 -4.65 38.19 33.83
CA LEU A 822 -4.99 36.93 33.18
C LEU A 822 -4.35 36.82 31.80
N PHE A 823 -4.37 37.90 31.03
CA PHE A 823 -3.76 37.89 29.71
C PHE A 823 -2.25 37.66 29.81
N ASN A 824 -1.60 38.33 30.76
CA ASN A 824 -0.14 38.24 30.85
C ASN A 824 0.31 36.90 31.43
N LYS A 825 -0.50 36.28 32.29
CA LYS A 825 -0.09 35.01 32.89
C LYS A 825 0.04 33.91 31.85
N VAL A 826 -0.90 33.82 30.93
CA VAL A 826 -0.86 32.80 29.89
C VAL A 826 -0.08 33.31 28.70
N THR A 827 0.42 32.38 27.90
CA THR A 827 1.21 32.72 26.71
C THR A 827 0.96 31.73 25.58
N PHE A 855 3.39 26.97 6.40
CA PHE A 855 2.05 26.87 5.84
C PHE A 855 2.08 26.17 4.49
N ASN A 856 1.44 24.99 4.42
CA ASN A 856 1.46 24.19 3.20
C ASN A 856 0.09 23.61 2.90
N GLY A 857 -0.98 24.31 3.30
CA GLY A 857 -2.32 23.82 3.06
C GLY A 857 -3.24 24.01 4.24
N LEU A 858 -2.74 24.64 5.30
CA LEU A 858 -3.51 24.93 6.50
C LEU A 858 -3.63 26.43 6.67
N THR A 859 -4.79 26.87 7.13
CA THR A 859 -5.04 28.29 7.36
C THR A 859 -5.82 28.44 8.66
N VAL A 860 -5.68 29.62 9.28
CA VAL A 860 -6.34 29.93 10.53
C VAL A 860 -7.19 31.17 10.31
N LEU A 861 -8.50 31.01 10.39
CA LEU A 861 -9.39 32.14 10.24
C LEU A 861 -9.41 32.99 11.51
N PRO A 862 -9.61 34.30 11.38
CA PRO A 862 -9.68 35.16 12.57
C PRO A 862 -11.06 35.08 13.21
N PRO A 863 -11.14 35.24 14.53
CA PRO A 863 -12.45 35.24 15.18
C PRO A 863 -13.27 36.46 14.77
N LEU A 864 -14.58 36.26 14.76
CA LEU A 864 -15.48 37.35 14.35
C LEU A 864 -15.48 38.48 15.37
N LEU A 865 -15.46 38.14 16.66
CA LEU A 865 -15.55 39.12 17.74
C LEU A 865 -14.16 39.40 18.28
N THR A 866 -13.71 40.65 18.13
CA THR A 866 -12.42 41.04 18.68
C THR A 866 -12.50 41.11 20.21
N ASP A 867 -11.32 41.15 20.83
CA ASP A 867 -11.25 41.15 22.29
C ASP A 867 -11.84 42.42 22.89
N GLU A 868 -11.71 43.55 22.19
CA GLU A 868 -12.23 44.81 22.72
C GLU A 868 -13.75 44.75 22.88
N MET A 869 -14.44 44.13 21.93
CA MET A 869 -15.88 43.97 22.04
C MET A 869 -16.24 43.10 23.24
N ILE A 870 -15.44 42.05 23.49
CA ILE A 870 -15.67 41.20 24.65
C ILE A 870 -15.52 42.01 25.93
N ALA A 871 -14.48 42.84 26.00
CA ALA A 871 -14.29 43.69 27.16
C ALA A 871 -15.46 44.65 27.35
N GLN A 872 -15.98 45.19 26.25
CA GLN A 872 -17.12 46.10 26.35
C GLN A 872 -18.35 45.39 26.88
N TYR A 873 -18.63 44.18 26.39
CA TYR A 873 -19.75 43.42 26.92
C TYR A 873 -19.59 43.12 28.40
N THR A 874 -18.40 42.69 28.82
CA THR A 874 -18.19 42.39 30.23
C THR A 874 -18.37 43.63 31.10
N SER A 875 -17.83 44.77 30.65
CA SER A 875 -17.97 46.00 31.42
C SER A 875 -19.43 46.44 31.49
N ALA A 876 -20.17 46.31 30.38
CA ALA A 876 -21.58 46.68 30.39
C ALA A 876 -22.37 45.80 31.36
N LEU A 877 -22.13 44.49 31.33
CA LEU A 877 -22.82 43.59 32.24
C LEU A 877 -22.51 43.93 33.69
N LEU A 878 -21.24 44.18 33.99
CA LEU A 878 -20.85 44.44 35.37
C LEU A 878 -21.40 45.76 35.88
N ALA A 879 -21.36 46.82 35.04
CA ALA A 879 -21.95 48.09 35.44
C ALA A 879 -23.45 47.95 35.63
N GLY A 880 -24.13 47.21 34.75
CA GLY A 880 -25.55 47.01 34.90
C GLY A 880 -25.91 46.27 36.18
N THR A 881 -25.12 45.25 36.53
CA THR A 881 -25.45 44.49 37.73
C THR A 881 -25.12 45.26 39.01
N ILE A 882 -24.11 46.14 38.98
CA ILE A 882 -23.88 46.99 40.14
C ILE A 882 -24.98 48.03 40.30
N THR A 883 -25.35 48.70 39.21
CA THR A 883 -26.23 49.86 39.33
C THR A 883 -27.68 49.45 39.53
N SER A 884 -28.23 48.66 38.61
CA SER A 884 -29.66 48.40 38.57
C SER A 884 -30.05 47.11 39.27
N GLY A 885 -29.13 46.47 39.98
CA GLY A 885 -29.45 45.23 40.67
C GLY A 885 -29.65 44.07 39.71
N TRP A 886 -30.89 43.61 39.56
CA TRP A 886 -31.18 42.55 38.60
C TRP A 886 -32.45 42.82 37.81
N THR A 887 -33.10 43.97 37.99
CA THR A 887 -34.30 44.27 37.23
C THR A 887 -34.01 44.42 35.74
N PHE A 888 -32.79 44.82 35.39
CA PHE A 888 -32.43 44.99 33.99
C PHE A 888 -32.39 43.66 33.23
N GLY A 889 -32.39 42.53 33.92
CA GLY A 889 -32.43 41.25 33.26
C GLY A 889 -33.78 40.85 32.69
N ALA A 890 -34.84 41.59 33.06
CA ALA A 890 -36.19 41.32 32.57
C ALA A 890 -36.71 42.43 31.66
N GLY A 891 -36.70 43.68 32.15
CA GLY A 891 -37.15 44.79 31.34
C GLY A 891 -36.10 45.88 31.24
N ALA A 892 -36.48 47.12 31.54
CA ALA A 892 -35.55 48.23 31.54
C ALA A 892 -34.82 48.31 32.87
N ALA A 893 -33.67 48.98 32.85
CA ALA A 893 -32.88 49.15 34.06
C ALA A 893 -33.51 50.18 34.98
N LEU A 894 -33.59 49.84 36.27
CA LEU A 894 -34.14 50.70 37.29
C LEU A 894 -33.07 50.95 38.35
N GLN A 895 -32.71 52.22 38.55
CA GLN A 895 -31.65 52.54 39.47
C GLN A 895 -32.04 52.15 40.89
N ILE A 896 -31.04 51.76 41.68
CA ILE A 896 -31.24 51.34 43.06
C ILE A 896 -29.93 51.51 43.81
N PRO A 897 -29.92 52.23 44.93
CA PRO A 897 -28.70 52.36 45.71
C PRO A 897 -28.23 51.02 46.25
N PHE A 898 -26.92 50.90 46.44
CA PHE A 898 -26.30 49.60 46.67
C PHE A 898 -26.72 49.00 48.00
N ALA A 899 -26.92 49.81 49.04
CA ALA A 899 -27.24 49.28 50.36
C ALA A 899 -28.54 48.47 50.33
N MET A 900 -29.61 49.05 49.79
CA MET A 900 -30.89 48.35 49.70
C MET A 900 -30.93 47.31 48.59
N GLN A 901 -29.79 46.99 47.99
CA GLN A 901 -29.65 45.79 47.17
C GLN A 901 -29.04 44.63 47.95
N MET A 902 -27.97 44.91 48.69
CA MET A 902 -27.44 43.91 49.61
C MET A 902 -28.46 43.54 50.68
N ALA A 903 -29.31 44.49 51.07
CA ALA A 903 -30.38 44.18 52.02
C ALA A 903 -31.33 43.13 51.44
N TYR A 904 -31.76 43.32 50.19
CA TYR A 904 -32.62 42.34 49.55
C TYR A 904 -31.91 41.00 49.40
N ARG A 905 -30.61 41.04 49.09
CA ARG A 905 -29.89 39.79 48.89
C ARG A 905 -29.76 39.00 50.19
N PHE A 906 -29.51 39.68 51.31
CA PHE A 906 -29.54 39.00 52.61
C PHE A 906 -30.95 38.50 52.92
N ASN A 907 -31.97 39.31 52.66
CA ASN A 907 -33.34 38.89 52.92
C ASN A 907 -33.68 37.62 52.13
N GLY A 908 -33.07 37.45 50.97
CA GLY A 908 -33.34 36.27 50.16
C GLY A 908 -32.89 34.98 50.81
N ILE A 909 -31.76 35.02 51.52
CA ILE A 909 -31.14 33.79 52.02
C ILE A 909 -31.57 33.49 53.45
N GLY A 910 -32.52 34.28 53.97
CA GLY A 910 -33.07 33.98 55.28
C GLY A 910 -32.75 34.97 56.36
N VAL A 911 -31.50 35.46 56.38
CA VAL A 911 -31.09 36.42 57.39
C VAL A 911 -31.84 37.74 57.16
N THR A 912 -32.38 38.30 58.24
CA THR A 912 -33.15 39.52 58.13
C THR A 912 -32.24 40.71 57.80
N GLN A 913 -32.87 41.78 57.31
CA GLN A 913 -32.14 42.94 56.80
C GLN A 913 -31.50 43.79 57.90
N ASN A 914 -31.80 43.52 59.17
CA ASN A 914 -31.19 44.28 60.25
C ASN A 914 -29.68 44.11 60.29
N VAL A 915 -29.21 42.89 60.03
CA VAL A 915 -27.80 42.56 60.25
C VAL A 915 -26.91 43.42 59.35
N LEU A 916 -27.27 43.58 58.09
CA LEU A 916 -26.47 44.40 57.19
C LEU A 916 -26.45 45.86 57.64
N TYR A 917 -27.61 46.39 58.02
CA TYR A 917 -27.65 47.79 58.43
C TYR A 917 -26.93 48.01 59.76
N GLU A 918 -26.66 46.94 60.51
CA GLU A 918 -25.87 47.07 61.72
C GLU A 918 -24.39 46.83 61.51
N ASN A 919 -24.00 46.05 60.48
CA ASN A 919 -22.61 45.68 60.29
C ASN A 919 -22.11 46.06 58.89
N GLN A 920 -22.65 47.15 58.33
CA GLN A 920 -22.19 47.65 57.04
C GLN A 920 -20.68 47.85 57.00
N LYS A 921 -20.11 48.48 58.03
CA LYS A 921 -18.69 48.79 58.02
C LYS A 921 -17.85 47.52 58.00
N LEU A 922 -18.19 46.55 58.84
CA LEU A 922 -17.46 45.29 58.88
C LEU A 922 -17.59 44.55 57.56
N ILE A 923 -18.78 44.55 56.96
CA ILE A 923 -18.98 43.87 55.68
C ILE A 923 -18.12 44.51 54.60
N ALA A 924 -18.11 45.84 54.54
CA ALA A 924 -17.30 46.54 53.54
C ALA A 924 -15.82 46.24 53.74
N ASN A 925 -15.35 46.25 54.99
CA ASN A 925 -13.94 45.96 55.24
C ASN A 925 -13.59 44.54 54.80
N GLN A 926 -14.45 43.57 55.12
CA GLN A 926 -14.17 42.19 54.73
C GLN A 926 -14.14 42.04 53.22
N PHE A 927 -15.10 42.68 52.53
CA PHE A 927 -15.13 42.61 51.07
C PHE A 927 -13.87 43.22 50.46
N ASN A 928 -13.46 44.38 50.97
CA ASN A 928 -12.25 45.02 50.46
C ASN A 928 -11.02 44.14 50.68
N SER A 929 -10.91 43.55 51.87
CA SER A 929 -9.76 42.69 52.16
C SER A 929 -9.73 41.49 51.24
N ALA A 930 -10.88 40.85 51.02
CA ALA A 930 -10.92 39.67 50.16
C ALA A 930 -10.56 40.03 48.71
N ILE A 931 -11.13 41.13 48.20
CA ILE A 931 -10.87 41.49 46.81
C ILE A 931 -9.43 41.95 46.64
N GLY A 932 -8.83 42.52 47.67
CA GLY A 932 -7.40 42.80 47.61
C GLY A 932 -6.56 41.54 47.61
N LYS A 933 -6.93 40.56 48.43
CA LYS A 933 -6.14 39.34 48.53
C LYS A 933 -6.18 38.54 47.22
N ILE A 934 -7.34 38.50 46.57
CA ILE A 934 -7.51 37.59 45.42
C ILE A 934 -6.54 37.94 44.30
N GLN A 935 -6.17 39.21 44.15
CA GLN A 935 -5.24 39.59 43.09
C GLN A 935 -3.90 38.90 43.26
N ASP A 936 -3.31 39.01 44.45
CA ASP A 936 -2.02 38.37 44.70
C ASP A 936 -2.16 36.86 44.72
N SER A 937 -3.29 36.35 45.19
CA SER A 937 -3.50 34.91 45.20
C SER A 937 -3.47 34.36 43.78
N LEU A 938 -4.09 35.06 42.84
CA LEU A 938 -4.09 34.63 41.45
C LEU A 938 -2.72 34.83 40.82
N SER A 939 -2.09 35.98 41.05
CA SER A 939 -0.86 36.32 40.36
C SER A 939 0.30 35.43 40.79
N SER A 940 0.49 35.28 42.11
CA SER A 940 1.62 34.51 42.60
C SER A 940 1.50 33.03 42.25
N THR A 941 0.30 32.46 42.40
CA THR A 941 0.09 31.05 42.16
C THR A 941 -0.24 30.83 40.68
N ALA A 942 0.73 30.29 39.94
CA ALA A 942 0.53 29.97 38.53
C ALA A 942 -0.08 28.57 38.42
N SER A 943 -0.18 28.06 37.19
CA SER A 943 -0.73 26.73 36.90
C SER A 943 -2.16 26.56 37.40
N ALA A 944 -2.86 27.66 37.65
CA ALA A 944 -4.26 27.62 38.05
C ALA A 944 -5.22 27.74 36.87
N LEU A 945 -4.69 27.81 35.65
CA LEU A 945 -5.51 27.92 34.45
C LEU A 945 -5.27 26.74 33.54
N GLY A 946 -5.29 25.54 34.12
CA GLY A 946 -4.90 24.35 33.37
C GLY A 946 -5.80 24.02 32.21
N LYS A 947 -7.07 24.41 32.28
CA LYS A 947 -8.03 24.00 31.25
C LYS A 947 -7.73 24.63 29.90
N LEU A 948 -7.55 25.95 29.87
CA LEU A 948 -7.27 26.64 28.61
C LEU A 948 -5.94 26.19 28.01
N GLN A 949 -4.92 26.07 28.86
CA GLN A 949 -3.63 25.59 28.39
C GLN A 949 -3.74 24.17 27.84
N ASP A 950 -4.51 23.32 28.50
CA ASP A 950 -4.71 21.95 28.02
C ASP A 950 -5.36 21.95 26.64
N VAL A 951 -6.41 22.76 26.45
CA VAL A 951 -7.09 22.79 25.16
C VAL A 951 -6.13 23.27 24.07
N VAL A 952 -5.41 24.37 24.34
CA VAL A 952 -4.51 24.92 23.34
C VAL A 952 -3.41 23.92 23.00
N ASN A 953 -2.83 23.29 24.02
CA ASN A 953 -1.76 22.33 23.79
C ASN A 953 -2.25 21.12 23.02
N GLN A 954 -3.46 20.62 23.33
CA GLN A 954 -3.99 19.48 22.59
C GLN A 954 -4.18 19.82 21.12
N ASN A 955 -4.77 20.99 20.85
CA ASN A 955 -4.98 21.38 19.45
C ASN A 955 -3.65 21.53 18.72
N ALA A 956 -2.68 22.20 19.35
CA ALA A 956 -1.39 22.40 18.71
C ALA A 956 -0.68 21.08 18.46
N GLN A 957 -0.75 20.15 19.42
CA GLN A 957 -0.10 18.85 19.25
C GLN A 957 -0.75 18.06 18.13
N ALA A 958 -2.08 18.09 18.03
CA ALA A 958 -2.75 17.40 16.94
C ALA A 958 -2.33 17.98 15.59
N LEU A 959 -2.29 19.31 15.49
CA LEU A 959 -1.87 19.93 14.23
C LEU A 959 -0.42 19.60 13.89
N ASN A 960 0.45 19.58 14.90
CA ASN A 960 1.86 19.26 14.67
C ASN A 960 2.02 17.82 14.20
N THR A 961 1.28 16.89 14.81
CA THR A 961 1.34 15.51 14.35
C THR A 961 0.86 15.39 12.91
N LEU A 962 -0.23 16.09 12.57
CA LEU A 962 -0.74 16.03 11.21
C LEU A 962 0.29 16.57 10.21
N VAL A 963 0.92 17.69 10.53
CA VAL A 963 1.87 18.27 9.59
C VAL A 963 3.14 17.43 9.51
N LYS A 964 3.53 16.76 10.61
CA LYS A 964 4.72 15.93 10.57
C LYS A 964 4.48 14.63 9.83
N GLN A 965 3.22 14.16 9.79
CA GLN A 965 2.92 12.93 9.06
C GLN A 965 3.20 13.04 7.57
N LEU A 966 3.36 14.26 7.06
CA LEU A 966 3.58 14.47 5.63
C LEU A 966 4.86 13.81 5.13
N SER A 967 5.82 13.56 6.01
CA SER A 967 7.13 13.06 5.62
C SER A 967 7.21 11.53 5.61
N SER A 968 6.10 10.83 5.83
CA SER A 968 6.14 9.38 5.91
C SER A 968 6.37 8.77 4.52
N ASN A 969 7.18 7.71 4.49
CA ASN A 969 7.42 7.00 3.23
C ASN A 969 6.19 6.21 2.80
N PHE A 970 5.42 5.69 3.75
CA PHE A 970 4.18 4.97 3.48
C PHE A 970 4.40 3.71 2.65
N GLY A 971 5.60 3.13 2.75
CA GLY A 971 5.90 1.89 2.07
C GLY A 971 6.33 2.01 0.62
N ALA A 972 6.32 3.22 0.06
CA ALA A 972 6.76 3.41 -1.31
C ALA A 972 8.29 3.49 -1.35
N ILE A 973 8.84 3.84 -2.51
CA ILE A 973 10.29 3.93 -2.64
C ILE A 973 10.83 5.29 -2.22
N SER A 974 9.98 6.32 -2.14
CA SER A 974 10.41 7.63 -1.69
C SER A 974 9.23 8.35 -1.06
N SER A 975 9.54 9.34 -0.23
CA SER A 975 8.53 10.09 0.50
C SER A 975 8.15 11.41 -0.18
N VAL A 976 8.69 11.69 -1.36
CA VAL A 976 8.42 12.92 -2.10
C VAL A 976 7.89 12.57 -3.48
N LEU A 977 6.80 13.22 -3.87
CA LEU A 977 6.17 12.93 -5.15
C LEU A 977 6.98 13.46 -6.32
N ASN A 978 7.73 14.56 -6.12
CA ASN A 978 8.49 15.15 -7.21
C ASN A 978 9.55 14.18 -7.72
N ASP A 979 10.27 13.52 -6.82
CA ASP A 979 11.29 12.55 -7.24
C ASP A 979 10.66 11.36 -7.94
N ILE A 980 9.49 10.92 -7.48
CA ILE A 980 8.79 9.82 -8.13
C ILE A 980 8.43 10.21 -9.56
N LEU A 981 7.92 11.43 -9.75
CA LEU A 981 7.57 11.88 -11.10
C LEU A 981 8.81 12.02 -11.98
N SER A 982 9.90 12.54 -11.43
CA SER A 982 11.06 12.91 -12.23
C SER A 982 12.13 11.81 -12.31
N ARG A 983 11.90 10.65 -11.70
CA ARG A 983 12.92 9.61 -11.73
C ARG A 983 12.44 8.29 -12.31
N LEU A 984 11.20 7.88 -12.05
CA LEU A 984 10.71 6.57 -12.44
C LEU A 984 9.75 6.69 -13.62
N ASP A 985 9.20 5.55 -14.00
CA ASP A 985 8.36 5.37 -15.17
C ASP A 985 6.90 5.21 -14.75
N PRO A 986 5.95 5.71 -15.54
CA PRO A 986 4.56 5.87 -15.05
C PRO A 986 3.94 4.59 -14.50
N PRO A 987 4.13 3.41 -15.14
CA PRO A 987 3.44 2.22 -14.63
C PRO A 987 3.69 1.89 -13.17
N GLU A 988 4.90 2.13 -12.65
CA GLU A 988 5.14 2.01 -11.23
C GLU A 988 4.77 3.28 -10.47
N ALA A 989 4.79 4.41 -11.16
CA ALA A 989 4.45 5.69 -10.53
C ALA A 989 3.02 5.68 -10.03
N GLU A 990 2.10 5.09 -10.80
CA GLU A 990 0.71 5.03 -10.34
C GLU A 990 0.60 4.27 -9.03
N VAL A 991 1.31 3.15 -8.90
CA VAL A 991 1.25 2.37 -7.66
C VAL A 991 1.80 3.17 -6.49
N GLN A 992 2.96 3.80 -6.70
CA GLN A 992 3.57 4.57 -5.62
C GLN A 992 2.66 5.70 -5.16
N ILE A 993 2.11 6.47 -6.12
CA ILE A 993 1.27 7.59 -5.75
C ILE A 993 -0.05 7.12 -5.16
N ASP A 994 -0.54 5.94 -5.57
CA ASP A 994 -1.75 5.41 -4.95
C ASP A 994 -1.52 5.10 -3.48
N ARG A 995 -0.37 4.49 -3.16
CA ARG A 995 -0.05 4.24 -1.76
C ARG A 995 0.04 5.55 -0.99
N LEU A 996 0.72 6.54 -1.56
CA LEU A 996 0.84 7.84 -0.91
C LEU A 996 -0.54 8.45 -0.63
N ILE A 997 -1.42 8.43 -1.64
CA ILE A 997 -2.72 9.05 -1.51
C ILE A 997 -3.55 8.36 -0.44
N THR A 998 -3.55 7.02 -0.43
CA THR A 998 -4.38 6.34 0.56
C THR A 998 -3.87 6.60 1.98
N GLY A 999 -2.55 6.60 2.17
CA GLY A 999 -2.03 6.90 3.50
C GLY A 999 -2.40 8.31 3.97
N ARG A 1000 -2.23 9.29 3.08
CA ARG A 1000 -2.52 10.67 3.46
C ARG A 1000 -4.02 10.85 3.73
N LEU A 1001 -4.87 10.18 2.95
CA LEU A 1001 -6.31 10.27 3.18
C LEU A 1001 -6.67 9.68 4.55
N GLN A 1002 -6.04 8.56 4.92
CA GLN A 1002 -6.32 7.99 6.24
C GLN A 1002 -5.93 8.97 7.35
N SER A 1003 -4.76 9.61 7.21
CA SER A 1003 -4.34 10.58 8.22
C SER A 1003 -5.33 11.73 8.32
N LEU A 1004 -5.80 12.23 7.17
CA LEU A 1004 -6.76 13.33 7.19
C LEU A 1004 -8.06 12.92 7.86
N GLN A 1005 -8.52 11.69 7.58
CA GLN A 1005 -9.74 11.19 8.22
C GLN A 1005 -9.59 11.19 9.74
N THR A 1006 -8.46 10.68 10.22
CA THR A 1006 -8.23 10.63 11.66
C THR A 1006 -8.27 12.04 12.27
N TYR A 1007 -7.59 12.99 11.63
CA TYR A 1007 -7.57 14.35 12.16
C TYR A 1007 -8.97 14.95 12.21
N VAL A 1008 -9.76 14.74 11.16
CA VAL A 1008 -11.10 15.30 11.12
C VAL A 1008 -11.96 14.72 12.23
N THR A 1009 -11.88 13.41 12.44
CA THR A 1009 -12.68 12.80 13.50
C THR A 1009 -12.31 13.34 14.88
N GLN A 1010 -11.00 13.47 15.15
CA GLN A 1010 -10.58 14.02 16.43
C GLN A 1010 -11.10 15.44 16.63
N GLN A 1011 -11.03 16.25 15.56
CA GLN A 1011 -11.52 17.62 15.66
C GLN A 1011 -13.02 17.65 15.96
N LEU A 1012 -13.79 16.77 15.32
CA LEU A 1012 -15.22 16.72 15.59
C LEU A 1012 -15.51 16.40 17.05
N ILE A 1013 -14.80 15.40 17.60
CA ILE A 1013 -15.03 15.03 19.00
C ILE A 1013 -14.73 16.20 19.92
N ARG A 1014 -13.58 16.85 19.72
CA ARG A 1014 -13.21 17.95 20.59
C ARG A 1014 -14.20 19.11 20.47
N ALA A 1015 -14.68 19.37 19.25
CA ALA A 1015 -15.66 20.45 19.07
C ALA A 1015 -16.95 20.15 19.83
N ALA A 1016 -17.42 18.90 19.78
CA ALA A 1016 -18.63 18.56 20.52
C ALA A 1016 -18.44 18.77 22.01
N GLU A 1017 -17.31 18.32 22.56
CA GLU A 1017 -17.09 18.49 24.00
C GLU A 1017 -17.03 19.96 24.38
N ILE A 1018 -16.33 20.77 23.58
CA ILE A 1018 -16.23 22.20 23.87
C ILE A 1018 -17.61 22.85 23.81
N ARG A 1019 -18.45 22.42 22.86
CA ARG A 1019 -19.79 22.97 22.77
C ARG A 1019 -20.59 22.68 24.03
N ALA A 1020 -20.48 21.45 24.54
CA ALA A 1020 -21.18 21.12 25.79
C ALA A 1020 -20.70 21.99 26.94
N SER A 1021 -19.38 22.16 27.05
CA SER A 1021 -18.83 22.98 28.13
C SER A 1021 -19.31 24.43 28.02
N ALA A 1022 -19.34 24.97 26.81
CA ALA A 1022 -19.77 26.35 26.63
C ALA A 1022 -21.26 26.52 26.89
N ASN A 1023 -22.07 25.51 26.58
CA ASN A 1023 -23.48 25.58 26.97
C ASN A 1023 -23.62 25.65 28.49
N LEU A 1024 -22.85 24.83 29.20
CA LEU A 1024 -22.85 24.92 30.67
C LEU A 1024 -22.46 26.32 31.13
N ALA A 1025 -21.40 26.88 30.53
CA ALA A 1025 -20.95 28.21 30.94
C ALA A 1025 -22.01 29.26 30.66
N ALA A 1026 -22.72 29.15 29.53
CA ALA A 1026 -23.76 30.11 29.20
C ALA A 1026 -24.89 30.05 30.23
N THR A 1027 -25.33 28.84 30.57
CA THR A 1027 -26.40 28.72 31.58
C THR A 1027 -25.93 29.30 32.92
N LYS A 1028 -24.71 28.98 33.32
CA LYS A 1028 -24.19 29.49 34.60
C LYS A 1028 -24.13 31.01 34.60
N MET A 1029 -23.67 31.61 33.52
CA MET A 1029 -23.59 33.07 33.46
C MET A 1029 -24.98 33.67 33.49
N SER A 1030 -25.92 33.09 32.74
CA SER A 1030 -27.25 33.68 32.66
C SER A 1030 -27.99 33.60 34.00
N GLU A 1031 -27.78 32.54 34.77
CA GLU A 1031 -28.57 32.37 35.98
C GLU A 1031 -27.88 32.86 37.25
N CYS A 1032 -26.55 32.77 37.33
CA CYS A 1032 -25.83 33.16 38.54
C CYS A 1032 -25.37 34.60 38.54
N VAL A 1033 -25.75 35.40 37.55
CA VAL A 1033 -25.33 36.80 37.48
C VAL A 1033 -26.55 37.70 37.53
N LEU A 1034 -27.47 37.51 36.58
CA LEU A 1034 -28.66 38.35 36.46
C LEU A 1034 -29.70 38.07 37.51
N GLY A 1035 -29.40 37.25 38.51
CA GLY A 1035 -30.34 36.98 39.58
C GLY A 1035 -29.68 36.42 40.81
N GLN A 1036 -30.34 35.48 41.48
CA GLN A 1036 -29.75 34.80 42.63
C GLN A 1036 -30.08 33.32 42.53
N SER A 1037 -29.17 32.50 43.02
CA SER A 1037 -29.29 31.05 42.92
C SER A 1037 -29.76 30.47 44.24
N LYS A 1038 -30.86 29.72 44.20
CA LYS A 1038 -31.33 29.00 45.36
C LYS A 1038 -30.81 27.57 45.42
N ARG A 1039 -30.47 26.99 44.27
CA ARG A 1039 -29.88 25.66 44.23
C ARG A 1039 -28.52 25.68 44.90
N VAL A 1040 -28.25 24.68 45.72
CA VAL A 1040 -27.06 24.66 46.55
C VAL A 1040 -25.85 24.32 45.68
N ASP A 1041 -24.79 25.12 45.83
CA ASP A 1041 -23.46 24.83 45.27
C ASP A 1041 -23.44 24.82 43.75
N PHE A 1042 -24.47 25.38 43.10
CA PHE A 1042 -24.41 25.51 41.64
C PHE A 1042 -23.29 26.46 41.23
N CYS A 1043 -23.15 27.57 41.91
CA CYS A 1043 -22.05 28.51 41.68
C CYS A 1043 -21.58 29.04 43.03
N GLY A 1044 -20.42 28.56 43.46
CA GLY A 1044 -19.88 28.94 44.75
C GLY A 1044 -20.19 27.91 45.82
N LYS A 1045 -19.35 27.88 46.85
CA LYS A 1045 -19.51 26.96 47.98
C LYS A 1045 -20.06 27.75 49.16
N GLY A 1046 -21.31 27.49 49.50
CA GLY A 1046 -22.02 28.22 50.54
C GLY A 1046 -23.16 29.02 49.96
N TYR A 1047 -23.74 29.87 50.79
CA TYR A 1047 -24.80 30.75 50.34
C TYR A 1047 -24.25 31.78 49.37
N HIS A 1048 -24.98 32.01 48.29
CA HIS A 1048 -24.51 32.84 47.19
C HIS A 1048 -25.16 34.22 47.24
N LEU A 1049 -24.35 35.25 47.01
CA LEU A 1049 -24.80 36.64 47.04
C LEU A 1049 -24.71 37.30 45.67
N MET A 1050 -23.53 37.34 45.08
CA MET A 1050 -23.30 38.04 43.82
C MET A 1050 -22.23 37.34 43.03
N SER A 1051 -22.11 37.70 41.75
CA SER A 1051 -21.07 37.18 40.90
C SER A 1051 -20.63 38.26 39.91
N PHE A 1052 -19.37 38.20 39.52
CA PHE A 1052 -18.79 39.15 38.57
C PHE A 1052 -18.10 38.39 37.45
N PRO A 1053 -18.39 38.70 36.19
CA PRO A 1053 -17.72 38.03 35.08
C PRO A 1053 -16.48 38.78 34.61
N GLN A 1054 -15.56 38.01 34.04
CA GLN A 1054 -14.32 38.54 33.49
C GLN A 1054 -13.93 37.72 32.27
N SER A 1055 -13.21 38.35 31.35
CA SER A 1055 -12.83 37.70 30.10
C SER A 1055 -11.50 36.98 30.24
N ALA A 1056 -11.22 36.11 29.26
CA ALA A 1056 -9.95 35.41 29.18
C ALA A 1056 -9.59 35.27 27.71
N PRO A 1057 -8.37 34.84 27.37
CA PRO A 1057 -8.05 34.65 25.93
C PRO A 1057 -9.04 33.76 25.19
N HIS A 1058 -9.48 32.66 25.80
CA HIS A 1058 -10.46 31.78 25.18
C HIS A 1058 -11.41 31.22 26.22
N GLY A 1059 -11.86 32.06 27.15
CA GLY A 1059 -12.75 31.57 28.18
C GLY A 1059 -13.27 32.69 29.05
N VAL A 1060 -14.00 32.29 30.10
CA VAL A 1060 -14.61 33.22 31.02
C VAL A 1060 -14.17 32.87 32.44
N VAL A 1061 -14.14 33.89 33.29
CA VAL A 1061 -13.73 33.75 34.68
C VAL A 1061 -14.83 34.35 35.55
N PHE A 1062 -15.27 33.60 36.56
CA PHE A 1062 -16.35 34.02 37.43
C PHE A 1062 -15.79 34.27 38.83
N LEU A 1063 -16.18 35.39 39.42
CA LEU A 1063 -15.86 35.72 40.81
C LEU A 1063 -17.16 35.65 41.59
N HIS A 1064 -17.29 34.62 42.42
CA HIS A 1064 -18.48 34.42 43.25
C HIS A 1064 -18.23 34.97 44.64
N VAL A 1065 -19.25 35.63 45.20
CA VAL A 1065 -19.20 36.16 46.55
C VAL A 1065 -20.13 35.32 47.41
N THR A 1066 -19.60 34.75 48.49
CA THR A 1066 -20.30 33.77 49.30
C THR A 1066 -20.33 34.18 50.76
N TYR A 1067 -21.39 33.76 51.44
CA TYR A 1067 -21.65 34.04 52.84
C TYR A 1067 -21.48 32.77 53.64
N VAL A 1068 -20.64 32.80 54.67
CA VAL A 1068 -20.32 31.63 55.47
C VAL A 1068 -20.47 31.95 56.95
N PRO A 1069 -21.35 31.28 57.69
CA PRO A 1069 -21.45 31.51 59.12
C PRO A 1069 -20.33 30.80 59.88
N ALA A 1070 -20.07 31.28 61.09
CA ALA A 1070 -18.98 30.78 61.92
C ALA A 1070 -19.19 31.26 63.35
N GLN A 1071 -18.34 30.76 64.25
CA GLN A 1071 -18.36 31.10 65.67
C GLN A 1071 -19.72 30.75 66.30
N GLU A 1072 -19.99 29.45 66.32
CA GLU A 1072 -21.25 28.93 66.81
C GLU A 1072 -21.23 28.77 68.33
N LYS A 1073 -22.29 28.18 68.88
CA LYS A 1073 -22.46 28.03 70.31
C LYS A 1073 -23.37 26.85 70.58
N ASN A 1074 -23.52 26.50 71.86
CA ASN A 1074 -24.46 25.48 72.30
C ASN A 1074 -25.73 26.15 72.84
N PHE A 1075 -26.87 25.49 72.63
CA PHE A 1075 -28.11 25.96 73.22
C PHE A 1075 -29.05 24.77 73.42
N THR A 1076 -29.99 24.94 74.33
CA THR A 1076 -31.00 23.93 74.63
C THR A 1076 -32.34 24.36 74.03
N THR A 1077 -32.93 23.49 73.23
CA THR A 1077 -34.12 23.83 72.45
C THR A 1077 -35.36 23.19 73.06
N ALA A 1078 -36.48 23.38 72.35
CA ALA A 1078 -37.77 22.79 72.69
C ALA A 1078 -38.72 22.95 71.52
N PRO A 1079 -39.55 21.95 71.21
CA PRO A 1079 -40.42 22.08 70.04
C PRO A 1079 -41.50 23.12 70.19
N ALA A 1080 -42.20 23.16 71.32
CA ALA A 1080 -43.34 24.07 71.49
C ALA A 1080 -43.48 24.42 72.96
N ILE A 1081 -44.26 25.46 73.24
CA ILE A 1081 -44.43 25.97 74.59
C ILE A 1081 -45.86 25.75 75.05
N CYS A 1082 -46.02 25.15 76.22
CA CYS A 1082 -47.33 25.00 76.84
C CYS A 1082 -47.61 26.19 77.74
N HIS A 1083 -48.84 26.70 77.65
CA HIS A 1083 -49.24 27.83 78.49
C HIS A 1083 -50.75 27.85 78.60
N ASP A 1084 -51.25 27.72 79.83
CA ASP A 1084 -52.68 27.80 80.12
C ASP A 1084 -53.47 26.77 79.30
N GLY A 1085 -52.88 25.60 79.11
CA GLY A 1085 -53.50 24.53 78.36
C GLY A 1085 -53.44 24.67 76.85
N LYS A 1086 -52.73 25.66 76.33
CA LYS A 1086 -52.61 25.87 74.90
C LYS A 1086 -51.17 25.68 74.46
N ALA A 1087 -50.98 25.22 73.22
CA ALA A 1087 -49.67 24.96 72.65
C ALA A 1087 -49.32 26.06 71.67
N HIS A 1088 -48.13 26.65 71.86
CA HIS A 1088 -47.64 27.73 71.01
C HIS A 1088 -46.42 27.24 70.24
N PHE A 1089 -46.42 27.51 68.93
CA PHE A 1089 -45.35 27.23 67.99
C PHE A 1089 -44.79 28.54 67.45
N PRO A 1090 -43.52 28.57 67.05
CA PRO A 1090 -42.96 29.81 66.49
C PRO A 1090 -43.44 30.02 65.06
N ARG A 1091 -43.46 31.29 64.65
CA ARG A 1091 -43.88 31.62 63.29
C ARG A 1091 -42.76 31.34 62.29
N GLU A 1092 -41.64 32.05 62.43
CA GLU A 1092 -40.43 31.78 61.66
C GLU A 1092 -39.25 31.94 62.61
N GLY A 1093 -38.74 30.83 63.11
CA GLY A 1093 -37.64 30.88 64.05
C GLY A 1093 -37.51 29.56 64.81
N VAL A 1094 -37.01 29.67 66.04
CA VAL A 1094 -36.77 28.50 66.87
C VAL A 1094 -36.64 28.98 68.31
N PHE A 1095 -37.17 28.17 69.23
CA PHE A 1095 -37.04 28.45 70.66
C PHE A 1095 -35.69 27.96 71.17
N VAL A 1096 -35.00 28.82 71.89
CA VAL A 1096 -33.74 28.49 72.54
C VAL A 1096 -33.82 28.92 73.99
N SER A 1097 -32.87 28.44 74.78
CA SER A 1097 -32.83 28.76 76.20
C SER A 1097 -31.39 28.71 76.68
N ASN A 1098 -30.87 29.86 77.13
CA ASN A 1098 -29.50 29.90 77.61
C ASN A 1098 -29.32 29.19 78.95
N GLY A 1099 -30.42 28.75 79.57
CA GLY A 1099 -30.32 28.01 80.82
C GLY A 1099 -31.42 28.34 81.81
N THR A 1100 -31.92 29.58 81.79
CA THR A 1100 -32.93 29.99 82.74
C THR A 1100 -34.16 30.57 82.05
N HIS A 1101 -33.95 31.29 80.95
CA HIS A 1101 -35.03 31.95 80.24
C HIS A 1101 -35.05 31.45 78.79
N TRP A 1102 -36.18 31.67 78.12
CA TRP A 1102 -36.40 31.17 76.77
C TRP A 1102 -36.60 32.34 75.82
N PHE A 1103 -36.22 32.13 74.57
CA PHE A 1103 -36.26 33.17 73.55
C PHE A 1103 -36.56 32.53 72.21
N VAL A 1104 -36.94 33.36 71.24
CA VAL A 1104 -37.15 32.92 69.86
C VAL A 1104 -36.14 33.65 68.98
N THR A 1105 -35.39 32.88 68.20
CA THR A 1105 -34.36 33.44 67.33
C THR A 1105 -34.47 32.84 65.94
N GLN A 1106 -33.94 33.55 64.95
CA GLN A 1106 -33.88 33.01 63.61
C GLN A 1106 -32.80 31.94 63.52
N ARG A 1107 -32.89 31.11 62.47
CA ARG A 1107 -32.05 29.92 62.40
C ARG A 1107 -30.59 30.28 62.16
N ASN A 1108 -30.32 31.20 61.24
CA ASN A 1108 -28.97 31.44 60.77
C ASN A 1108 -28.23 32.55 61.53
N PHE A 1109 -28.87 33.16 62.52
CA PHE A 1109 -28.21 34.21 63.30
C PHE A 1109 -28.79 34.22 64.70
N TYR A 1110 -28.06 34.81 65.62
CA TYR A 1110 -28.41 34.78 67.05
C TYR A 1110 -28.67 36.20 67.55
N GLU A 1111 -29.95 36.54 67.66
CA GLU A 1111 -30.38 37.74 68.39
C GLU A 1111 -31.63 37.38 69.19
N PRO A 1112 -31.49 37.14 70.49
CA PRO A 1112 -32.65 36.72 71.29
C PRO A 1112 -33.70 37.83 71.36
N GLN A 1113 -34.96 37.40 71.35
CA GLN A 1113 -36.10 38.30 71.50
C GLN A 1113 -37.05 37.74 72.54
N ILE A 1114 -37.73 38.64 73.25
CA ILE A 1114 -38.69 38.23 74.26
C ILE A 1114 -39.88 37.56 73.60
N ILE A 1115 -40.29 36.41 74.13
CA ILE A 1115 -41.42 35.68 73.55
C ILE A 1115 -42.70 36.49 73.76
N THR A 1116 -43.46 36.66 72.68
CA THR A 1116 -44.74 37.36 72.76
C THR A 1116 -45.85 36.50 72.18
N THR A 1117 -47.04 37.06 72.04
CA THR A 1117 -48.16 36.37 71.44
C THR A 1117 -48.40 36.81 70.00
N ASP A 1118 -47.51 37.62 69.44
CA ASP A 1118 -47.63 38.06 68.06
C ASP A 1118 -46.62 37.43 67.12
N ASN A 1119 -45.50 36.92 67.64
CA ASN A 1119 -44.52 36.19 66.84
C ASN A 1119 -44.66 34.69 66.99
N THR A 1120 -45.72 34.21 67.63
CA THR A 1120 -46.01 32.80 67.76
C THR A 1120 -47.48 32.57 67.43
N PHE A 1121 -47.84 31.31 67.19
CA PHE A 1121 -49.22 30.96 66.89
C PHE A 1121 -49.61 29.69 67.63
N VAL A 1122 -50.90 29.60 67.95
CA VAL A 1122 -51.44 28.53 68.78
C VAL A 1122 -52.28 27.60 67.92
N SER A 1123 -52.20 26.30 68.22
CA SER A 1123 -52.99 25.31 67.50
C SER A 1123 -53.27 24.14 68.45
N GLY A 1124 -54.46 24.14 69.04
CA GLY A 1124 -54.89 23.03 69.88
C GLY A 1124 -54.20 23.02 71.24
N ASN A 1125 -54.62 22.07 72.07
CA ASN A 1125 -54.05 21.88 73.38
C ASN A 1125 -52.84 20.95 73.29
N CYS A 1126 -51.92 21.11 74.23
CA CYS A 1126 -50.67 20.34 74.23
C CYS A 1126 -50.82 19.17 75.19
N ASP A 1127 -51.22 18.02 74.63
CA ASP A 1127 -51.25 16.76 75.36
C ASP A 1127 -50.67 15.61 74.56
N VAL A 1128 -50.47 15.77 73.25
CA VAL A 1128 -49.88 14.72 72.43
C VAL A 1128 -48.49 15.10 71.92
N VAL A 1129 -48.17 16.39 71.83
CA VAL A 1129 -46.84 16.81 71.39
C VAL A 1129 -45.80 16.30 72.37
N ILE A 1130 -44.64 15.91 71.83
CA ILE A 1130 -43.54 15.35 72.62
C ILE A 1130 -42.44 16.39 72.71
N GLY A 1131 -41.94 16.62 73.93
CA GLY A 1131 -40.94 17.62 74.17
C GLY A 1131 -41.46 18.93 74.73
N ILE A 1132 -42.74 19.00 75.10
CA ILE A 1132 -43.32 20.23 75.61
C ILE A 1132 -42.66 20.63 76.92
N VAL A 1133 -42.64 21.94 77.19
CA VAL A 1133 -42.11 22.50 78.42
C VAL A 1133 -43.03 23.62 78.89
N ASN A 1134 -43.27 23.67 80.20
CA ASN A 1134 -44.12 24.71 80.78
C ASN A 1134 -43.38 26.03 80.85
N ASN A 1135 -44.09 27.12 80.55
CA ASN A 1135 -43.56 28.48 80.69
C ASN A 1135 -44.72 29.45 80.49
N THR A 1136 -44.40 30.73 80.59
CA THR A 1136 -45.37 31.81 80.42
C THR A 1136 -45.10 32.56 79.12
N VAL A 1137 -46.15 33.16 78.58
CA VAL A 1137 -46.08 33.90 77.32
C VAL A 1137 -46.56 35.32 77.59
N TYR A 1138 -45.68 36.30 77.33
CA TYR A 1138 -46.02 37.69 77.50
C TYR A 1138 -46.89 38.20 76.36
N ASP A 1139 -47.73 39.18 76.66
CA ASP A 1139 -48.55 39.86 75.67
C ASP A 1139 -48.55 41.35 75.98
N PRO A 1140 -48.71 42.21 74.97
CA PRO A 1140 -48.71 43.66 75.24
C PRO A 1140 -50.07 44.23 75.60
N LEU A 1141 -51.15 43.59 75.12
CA LEU A 1141 -52.48 44.18 75.26
C LEU A 1141 -52.92 44.26 76.71
N GLN A 1142 -52.72 43.18 77.47
CA GLN A 1142 -53.15 43.17 78.86
C GLN A 1142 -52.45 44.24 79.71
N PRO A 1143 -51.11 44.36 79.70
CA PRO A 1143 -50.51 45.50 80.41
C PRO A 1143 -50.88 46.84 79.81
N GLU A 1144 -51.14 46.90 78.50
CA GLU A 1144 -51.50 48.17 77.87
C GLU A 1144 -52.84 48.70 78.38
N LEU A 1145 -53.82 47.81 78.55
CA LEU A 1145 -55.16 48.25 78.91
C LEU A 1145 -55.22 48.88 80.30
N ASP A 1146 -54.24 48.63 81.15
CA ASP A 1146 -54.23 49.21 82.49
C ASP A 1146 -54.02 50.71 82.44
N ALA B 27 -40.29 -49.31 5.79
CA ALA B 27 -40.89 -48.04 5.38
C ALA B 27 -40.00 -46.88 5.74
N TYR B 28 -40.61 -45.73 6.05
CA TYR B 28 -39.90 -44.53 6.40
C TYR B 28 -40.08 -44.25 7.89
N THR B 29 -38.97 -43.96 8.58
CA THR B 29 -38.99 -43.71 10.01
C THR B 29 -38.51 -42.29 10.29
N ASN B 30 -39.00 -41.71 11.38
CA ASN B 30 -38.67 -40.34 11.73
C ASN B 30 -37.40 -40.33 12.59
N SER B 31 -36.33 -39.76 12.03
CA SER B 31 -35.11 -39.49 12.79
C SER B 31 -35.32 -38.17 13.53
N PHE B 32 -35.42 -38.24 14.85
CA PHE B 32 -35.78 -37.06 15.64
C PHE B 32 -34.57 -36.18 15.92
N THR B 33 -33.60 -36.70 16.69
CA THR B 33 -32.43 -35.90 17.01
C THR B 33 -31.15 -36.73 17.05
N ARG B 34 -31.13 -37.90 16.39
CA ARG B 34 -29.94 -38.74 16.39
C ARG B 34 -28.93 -38.25 15.35
N GLY B 35 -27.70 -38.70 15.50
CA GLY B 35 -26.69 -38.47 14.48
C GLY B 35 -25.84 -37.23 14.67
N VAL B 36 -25.22 -37.08 15.84
CA VAL B 36 -24.32 -35.98 16.12
C VAL B 36 -23.01 -36.54 16.65
N TYR B 37 -21.89 -36.02 16.15
CA TYR B 37 -20.57 -36.53 16.47
C TYR B 37 -19.64 -35.36 16.75
N TYR B 38 -18.55 -35.65 17.45
CA TYR B 38 -17.53 -34.63 17.68
C TYR B 38 -16.84 -34.32 16.36
N PRO B 39 -16.90 -33.08 15.87
CA PRO B 39 -16.30 -32.77 14.55
C PRO B 39 -14.80 -32.58 14.60
N ASP B 40 -14.16 -32.67 15.76
CA ASP B 40 -12.74 -32.45 15.87
C ASP B 40 -12.21 -33.18 17.10
N LYS B 41 -10.98 -32.87 17.49
CA LYS B 41 -10.33 -33.49 18.64
C LYS B 41 -9.91 -32.43 19.65
N VAL B 42 -10.70 -31.38 19.80
CA VAL B 42 -10.40 -30.27 20.69
C VAL B 42 -11.35 -30.34 21.88
N PHE B 43 -10.78 -30.21 23.08
CA PHE B 43 -11.55 -30.31 24.31
C PHE B 43 -12.04 -28.94 24.75
N ARG B 44 -13.31 -28.89 25.20
CA ARG B 44 -13.91 -27.68 25.71
C ARG B 44 -14.78 -28.02 26.90
N SER B 45 -15.04 -27.01 27.75
CA SER B 45 -15.77 -27.24 28.99
C SER B 45 -16.74 -26.09 29.22
N SER B 46 -18.03 -26.41 29.28
CA SER B 46 -19.09 -25.47 29.68
C SER B 46 -19.10 -24.22 28.80
N VAL B 47 -19.39 -24.43 27.52
CA VAL B 47 -19.42 -23.32 26.57
C VAL B 47 -20.29 -23.73 25.39
N LEU B 48 -20.88 -22.74 24.74
CA LEU B 48 -21.58 -22.94 23.48
C LEU B 48 -20.59 -22.82 22.33
N HIS B 49 -20.91 -23.49 21.22
CA HIS B 49 -20.04 -23.42 20.05
C HIS B 49 -20.86 -23.65 18.79
N SER B 50 -20.67 -22.78 17.80
CA SER B 50 -21.34 -22.90 16.51
C SER B 50 -20.39 -23.54 15.51
N THR B 51 -20.89 -24.51 14.77
CA THR B 51 -20.05 -25.24 13.82
C THR B 51 -20.85 -25.53 12.55
N GLN B 52 -20.24 -25.24 11.41
CA GLN B 52 -20.84 -25.54 10.11
C GLN B 52 -20.13 -26.75 9.51
N ASP B 53 -20.88 -27.83 9.29
CA ASP B 53 -20.27 -29.09 8.85
C ASP B 53 -21.39 -30.02 8.39
N LEU B 54 -21.00 -31.23 8.01
CA LEU B 54 -21.96 -32.22 7.55
C LEU B 54 -22.66 -32.87 8.74
N PHE B 55 -23.99 -32.89 8.68
CA PHE B 55 -24.80 -33.48 9.74
C PHE B 55 -26.09 -34.02 9.13
N LEU B 56 -26.78 -34.85 9.90
CA LEU B 56 -28.09 -35.36 9.51
C LEU B 56 -29.16 -34.42 10.02
N PRO B 57 -29.99 -33.83 9.15
CA PRO B 57 -31.02 -32.90 9.63
C PRO B 57 -31.99 -33.58 10.59
N PHE B 58 -32.40 -32.85 11.61
CA PHE B 58 -33.31 -33.38 12.61
C PHE B 58 -34.71 -33.57 12.05
N PHE B 59 -35.43 -34.54 12.60
CA PHE B 59 -36.81 -34.84 12.20
C PHE B 59 -36.90 -35.12 10.71
N SER B 60 -36.08 -36.05 10.24
CA SER B 60 -36.02 -36.38 8.82
C SER B 60 -36.56 -37.79 8.59
N ASN B 61 -36.63 -38.18 7.32
CA ASN B 61 -36.95 -39.55 6.95
C ASN B 61 -35.69 -40.39 6.86
N VAL B 62 -35.74 -41.59 7.43
CA VAL B 62 -34.69 -42.59 7.29
C VAL B 62 -35.33 -43.86 6.75
N THR B 63 -34.67 -44.50 5.79
CA THR B 63 -35.19 -45.72 5.20
C THR B 63 -34.99 -46.88 6.16
N TRP B 64 -36.01 -47.74 6.24
CA TRP B 64 -36.02 -48.88 7.15
C TRP B 64 -36.09 -50.16 6.32
N PHE B 65 -35.20 -51.10 6.62
CA PHE B 65 -35.11 -52.36 5.91
C PHE B 65 -35.45 -53.52 6.83
N HIS B 66 -36.06 -54.56 6.27
CA HIS B 66 -36.49 -55.73 7.01
C HIS B 66 -35.55 -56.89 6.76
N ALA B 67 -35.24 -57.63 7.81
CA ALA B 67 -34.41 -58.83 7.70
C ALA B 67 -35.29 -60.08 7.57
N ILE B 68 -36.15 -60.06 6.56
CA ILE B 68 -37.05 -61.16 6.24
C ILE B 68 -37.03 -61.37 4.73
N HIS B 69 -37.84 -62.33 4.27
CA HIS B 69 -37.97 -62.62 2.85
C HIS B 69 -38.93 -61.63 2.20
N ASP B 80 -33.17 -58.76 0.46
CA ASP B 80 -33.39 -57.58 1.29
C ASP B 80 -32.08 -56.87 1.60
N ASN B 81 -31.08 -57.07 0.74
CA ASN B 81 -29.77 -56.43 0.86
C ASN B 81 -29.39 -55.81 -0.48
N PRO B 82 -30.01 -54.69 -0.83
CA PRO B 82 -29.72 -54.06 -2.13
C PRO B 82 -28.54 -53.12 -2.06
N VAL B 83 -28.24 -52.45 -3.18
CA VAL B 83 -27.11 -51.54 -3.26
C VAL B 83 -27.61 -50.13 -2.93
N LEU B 84 -27.02 -49.52 -1.91
CA LEU B 84 -27.40 -48.19 -1.46
C LEU B 84 -26.32 -47.19 -1.84
N PRO B 85 -26.65 -46.13 -2.58
CA PRO B 85 -25.62 -45.15 -2.94
C PRO B 85 -25.01 -44.49 -1.71
N PHE B 86 -23.72 -44.20 -1.80
CA PHE B 86 -23.01 -43.59 -0.67
C PHE B 86 -23.39 -42.12 -0.54
N ASN B 87 -23.08 -41.32 -1.56
CA ASN B 87 -23.47 -39.91 -1.63
C ASN B 87 -22.94 -39.10 -0.43
N ASP B 88 -21.61 -39.11 -0.29
CA ASP B 88 -20.89 -38.21 0.60
C ASP B 88 -21.33 -38.38 2.06
N GLY B 89 -21.05 -39.57 2.59
CA GLY B 89 -21.28 -39.84 3.99
C GLY B 89 -22.55 -40.61 4.26
N VAL B 90 -22.52 -41.54 5.21
CA VAL B 90 -23.66 -42.41 5.48
C VAL B 90 -23.83 -42.59 6.98
N TYR B 91 -25.06 -42.43 7.46
CA TYR B 91 -25.44 -42.83 8.80
C TYR B 91 -25.99 -44.25 8.75
N PHE B 92 -25.64 -45.06 9.74
CA PHE B 92 -26.04 -46.47 9.78
C PHE B 92 -26.36 -46.83 11.22
N ALA B 93 -27.43 -47.61 11.41
CA ALA B 93 -27.81 -48.04 12.74
C ALA B 93 -28.29 -49.47 12.69
N SER B 94 -27.70 -50.34 13.52
CA SER B 94 -28.06 -51.74 13.58
C SER B 94 -28.71 -52.03 14.93
N THR B 95 -29.81 -52.78 14.90
CA THR B 95 -30.64 -53.02 16.08
C THR B 95 -30.94 -54.50 16.26
N GLU B 96 -29.93 -55.34 16.10
CA GLU B 96 -30.07 -56.79 16.27
C GLU B 96 -29.30 -57.24 17.50
N LYS B 97 -29.99 -57.93 18.41
CA LYS B 97 -29.34 -58.41 19.63
C LYS B 97 -28.29 -59.47 19.31
N SER B 98 -28.68 -60.48 18.54
CA SER B 98 -27.73 -61.51 18.13
C SER B 98 -26.80 -60.94 17.06
N ASN B 99 -25.50 -61.14 17.23
CA ASN B 99 -24.51 -60.56 16.33
C ASN B 99 -24.54 -61.33 15.01
N ILE B 100 -25.49 -60.95 14.18
CA ILE B 100 -25.64 -61.53 12.85
C ILE B 100 -25.09 -60.60 11.77
N ILE B 101 -25.29 -59.29 11.92
CA ILE B 101 -24.65 -58.33 11.03
C ILE B 101 -23.15 -58.48 11.14
N ARG B 102 -22.47 -58.54 9.99
CA ARG B 102 -21.05 -58.87 9.95
C ARG B 102 -20.20 -57.72 9.45
N GLY B 103 -20.47 -57.20 8.26
CA GLY B 103 -19.61 -56.19 7.69
C GLY B 103 -20.25 -55.54 6.49
N TRP B 104 -19.46 -54.71 5.82
CA TRP B 104 -19.93 -53.93 4.69
C TRP B 104 -18.87 -53.91 3.60
N ILE B 105 -19.30 -54.08 2.35
CA ILE B 105 -18.41 -54.10 1.20
C ILE B 105 -18.69 -52.84 0.39
N PHE B 106 -17.64 -52.06 0.14
CA PHE B 106 -17.76 -50.78 -0.53
C PHE B 106 -17.16 -50.87 -1.93
N GLY B 107 -17.23 -49.75 -2.64
CA GLY B 107 -16.58 -49.66 -3.93
C GLY B 107 -17.22 -48.59 -4.78
N THR B 108 -16.85 -48.59 -6.06
CA THR B 108 -17.45 -47.70 -7.04
C THR B 108 -17.92 -48.41 -8.30
N THR B 109 -17.47 -49.65 -8.55
CA THR B 109 -17.95 -50.43 -9.68
C THR B 109 -18.36 -51.84 -9.30
N LEU B 110 -18.15 -52.25 -8.04
CA LEU B 110 -18.49 -53.61 -7.57
C LEU B 110 -17.83 -54.68 -8.42
N ASP B 111 -16.55 -54.46 -8.76
CA ASP B 111 -15.79 -55.40 -9.57
C ASP B 111 -14.33 -55.32 -9.17
N SER B 112 -13.59 -56.40 -9.45
CA SER B 112 -12.16 -56.44 -9.16
C SER B 112 -11.36 -55.49 -10.04
N LYS B 113 -11.96 -54.92 -11.08
CA LYS B 113 -11.25 -53.99 -11.95
C LYS B 113 -10.79 -52.76 -11.18
N THR B 114 -11.63 -52.24 -10.29
CA THR B 114 -11.34 -51.03 -9.53
C THR B 114 -11.25 -51.39 -8.05
N GLN B 115 -10.56 -50.54 -7.29
CA GLN B 115 -10.33 -50.78 -5.87
C GLN B 115 -11.65 -50.94 -5.13
N SER B 116 -11.68 -51.93 -4.22
CA SER B 116 -12.88 -52.24 -3.45
C SER B 116 -12.46 -52.52 -2.01
N LEU B 117 -12.86 -51.64 -1.10
CA LEU B 117 -12.54 -51.81 0.32
C LEU B 117 -13.48 -52.83 0.94
N LEU B 118 -12.99 -53.52 1.96
CA LEU B 118 -13.72 -54.61 2.57
C LEU B 118 -13.41 -54.68 4.06
N ILE B 119 -14.48 -54.73 4.86
CA ILE B 119 -14.39 -54.84 6.32
C ILE B 119 -15.21 -56.04 6.74
N VAL B 120 -14.62 -56.92 7.55
CA VAL B 120 -15.29 -58.13 8.00
C VAL B 120 -15.03 -58.35 9.48
N ASN B 121 -16.09 -58.68 10.21
CA ASN B 121 -15.96 -59.11 11.59
C ASN B 121 -15.78 -60.62 11.64
N ASN B 122 -14.82 -61.06 12.46
CA ASN B 122 -14.48 -62.46 12.60
C ASN B 122 -14.93 -63.04 13.94
N ALA B 123 -15.66 -62.26 14.74
CA ALA B 123 -16.07 -62.56 16.10
C ALA B 123 -14.88 -62.60 17.07
N THR B 124 -13.65 -62.49 16.57
CA THR B 124 -12.47 -62.39 17.42
C THR B 124 -11.49 -61.30 16.98
N ASN B 125 -11.50 -60.90 15.70
CA ASN B 125 -10.59 -59.87 15.23
C ASN B 125 -11.12 -59.30 13.92
N VAL B 126 -11.45 -58.01 13.92
CA VAL B 126 -11.94 -57.34 12.71
C VAL B 126 -10.80 -57.23 11.71
N VAL B 127 -11.12 -57.47 10.43
CA VAL B 127 -10.15 -57.44 9.36
C VAL B 127 -10.59 -56.42 8.32
N ILE B 128 -9.65 -55.61 7.87
CA ILE B 128 -9.90 -54.58 6.86
C ILE B 128 -8.85 -54.73 5.77
N LYS B 129 -9.30 -54.73 4.51
CA LYS B 129 -8.35 -54.79 3.41
C LYS B 129 -8.92 -54.05 2.21
N VAL B 130 -8.02 -53.63 1.33
CA VAL B 130 -8.38 -52.88 0.14
C VAL B 130 -8.19 -53.69 -1.14
N CYS B 131 -7.80 -54.96 -1.02
CA CYS B 131 -7.52 -55.76 -2.21
C CYS B 131 -8.79 -55.98 -3.01
N GLU B 132 -8.65 -55.90 -4.33
CA GLU B 132 -9.80 -55.98 -5.23
C GLU B 132 -10.40 -57.38 -5.21
N PHE B 133 -11.73 -57.44 -5.26
CA PHE B 133 -12.46 -58.68 -5.31
C PHE B 133 -13.49 -58.60 -6.43
N GLN B 134 -13.73 -59.74 -7.08
CA GLN B 134 -14.73 -59.77 -8.14
C GLN B 134 -16.14 -59.65 -7.55
N PHE B 135 -17.09 -59.36 -8.42
CA PHE B 135 -18.47 -59.18 -8.00
C PHE B 135 -19.01 -60.44 -7.32
N CYS B 136 -19.74 -60.25 -6.23
CA CYS B 136 -20.32 -61.36 -5.47
C CYS B 136 -21.71 -60.92 -5.01
N ASN B 137 -22.73 -61.36 -5.77
CA ASN B 137 -24.09 -60.92 -5.49
C ASN B 137 -24.58 -61.40 -4.13
N ASP B 138 -24.27 -62.65 -3.77
CA ASP B 138 -24.79 -63.29 -2.56
C ASP B 138 -23.65 -63.68 -1.65
N PRO B 139 -23.22 -62.80 -0.75
CA PRO B 139 -22.16 -63.16 0.19
C PRO B 139 -22.60 -64.29 1.12
N PHE B 140 -21.65 -65.16 1.45
CA PHE B 140 -21.87 -66.28 2.35
C PHE B 140 -20.89 -66.20 3.52
N LEU B 141 -21.09 -67.07 4.50
CA LEU B 141 -20.20 -67.18 5.65
C LEU B 141 -20.57 -68.43 6.43
N GLY B 142 -19.54 -69.09 6.98
CA GLY B 142 -19.74 -70.25 7.81
C GLY B 142 -18.44 -70.79 8.37
N VAL B 143 -18.43 -71.08 9.67
CA VAL B 143 -17.24 -71.62 10.33
C VAL B 143 -17.64 -72.78 11.24
N VAL B 159 -17.90 -65.02 -1.76
CA VAL B 159 -17.31 -63.83 -1.18
C VAL B 159 -15.93 -63.57 -1.76
N TYR B 160 -15.00 -64.50 -1.52
CA TYR B 160 -13.63 -64.36 -2.01
C TYR B 160 -13.55 -64.97 -3.40
N SER B 161 -13.20 -64.14 -4.39
CA SER B 161 -13.06 -64.60 -5.77
C SER B 161 -11.85 -64.04 -6.50
N SER B 162 -11.19 -63.01 -5.99
CA SER B 162 -10.01 -62.45 -6.62
C SER B 162 -9.18 -61.72 -5.58
N ALA B 163 -7.86 -61.76 -5.76
CA ALA B 163 -6.93 -61.15 -4.81
C ALA B 163 -5.84 -60.37 -5.52
N ASN B 164 -6.21 -59.60 -6.54
CA ASN B 164 -5.25 -58.84 -7.32
C ASN B 164 -4.96 -57.49 -6.66
N ASN B 165 -3.69 -57.12 -6.62
CA ASN B 165 -3.23 -55.82 -6.13
C ASN B 165 -3.66 -55.57 -4.68
N CYS B 166 -3.19 -56.45 -3.79
CA CYS B 166 -3.41 -56.28 -2.35
C CYS B 166 -2.39 -55.27 -1.84
N THR B 167 -2.82 -54.03 -1.62
CA THR B 167 -1.93 -52.95 -1.25
C THR B 167 -2.06 -52.49 0.19
N PHE B 168 -2.93 -53.12 0.98
CA PHE B 168 -3.07 -52.74 2.38
C PHE B 168 -3.73 -53.87 3.15
N GLU B 169 -3.52 -53.88 4.46
CA GLU B 169 -4.17 -54.81 5.36
C GLU B 169 -4.21 -54.20 6.75
N TYR B 170 -5.16 -54.62 7.55
CA TYR B 170 -5.26 -54.16 8.93
C TYR B 170 -6.08 -55.16 9.73
N VAL B 171 -5.65 -55.41 10.97
CA VAL B 171 -6.30 -56.36 11.86
C VAL B 171 -6.44 -55.71 13.24
N SER B 172 -7.61 -55.83 13.83
CA SER B 172 -7.86 -55.27 15.16
C SER B 172 -8.87 -56.16 15.87
N GLN B 173 -9.45 -55.65 16.95
CA GLN B 173 -10.47 -56.37 17.71
C GLN B 173 -11.67 -56.76 16.84
N PHE B 186 -34.43 -54.58 26.47
CA PHE B 186 -33.77 -53.79 25.45
C PHE B 186 -32.53 -54.49 24.92
N LYS B 187 -32.38 -54.51 23.60
CA LYS B 187 -31.25 -55.11 22.92
C LYS B 187 -30.22 -54.04 22.57
N ASN B 188 -29.23 -54.43 21.78
CA ASN B 188 -28.15 -53.51 21.42
C ASN B 188 -28.45 -52.81 20.11
N LEU B 189 -28.18 -51.51 20.07
CA LEU B 189 -28.38 -50.67 18.89
C LEU B 189 -27.07 -49.92 18.65
N ARG B 190 -26.24 -50.43 17.74
CA ARG B 190 -24.95 -49.85 17.45
C ARG B 190 -25.07 -48.86 16.29
N GLU B 191 -24.48 -47.68 16.44
CA GLU B 191 -24.55 -46.64 15.44
C GLU B 191 -23.17 -46.40 14.83
N PHE B 192 -23.14 -46.23 13.51
CA PHE B 192 -21.93 -45.91 12.77
C PHE B 192 -22.19 -44.75 11.85
N VAL B 193 -21.14 -43.96 11.60
CA VAL B 193 -21.16 -42.89 10.62
C VAL B 193 -19.89 -43.03 9.78
N PHE B 194 -20.05 -43.17 8.47
CA PHE B 194 -18.94 -43.31 7.54
C PHE B 194 -18.78 -42.01 6.78
N LYS B 195 -17.55 -41.47 6.79
CA LYS B 195 -17.28 -40.20 6.13
C LYS B 195 -15.98 -40.32 5.35
N ASN B 196 -15.89 -39.59 4.25
CA ASN B 196 -14.74 -39.67 3.35
C ASN B 196 -14.37 -38.28 2.88
N ILE B 197 -13.16 -37.83 3.21
CA ILE B 197 -12.68 -36.51 2.81
C ILE B 197 -11.27 -36.65 2.24
N ASP B 198 -11.11 -36.25 0.98
CA ASP B 198 -9.82 -36.27 0.26
C ASP B 198 -9.00 -37.53 0.56
N GLY B 199 -9.64 -38.68 0.36
CA GLY B 199 -8.96 -39.95 0.51
C GLY B 199 -8.82 -40.47 1.93
N TYR B 200 -9.29 -39.71 2.92
CA TYR B 200 -9.29 -40.14 4.30
C TYR B 200 -10.66 -40.72 4.65
N PHE B 201 -10.66 -41.91 5.25
CA PHE B 201 -11.87 -42.62 5.63
C PHE B 201 -11.99 -42.57 7.14
N LYS B 202 -13.08 -41.99 7.64
CA LYS B 202 -13.35 -41.91 9.06
C LYS B 202 -14.62 -42.69 9.41
N ILE B 203 -14.54 -43.46 10.49
CA ILE B 203 -15.67 -44.24 10.99
C ILE B 203 -15.91 -43.81 12.43
N TYR B 204 -17.08 -43.23 12.69
CA TYR B 204 -17.49 -42.86 14.04
C TYR B 204 -18.45 -43.93 14.55
N SER B 205 -18.23 -44.40 15.77
CA SER B 205 -18.99 -45.53 16.29
C SER B 205 -19.53 -45.23 17.68
N LYS B 206 -20.67 -45.85 17.99
CA LYS B 206 -21.23 -45.82 19.33
C LYS B 206 -21.98 -47.11 19.57
N HIS B 207 -21.91 -47.62 20.80
CA HIS B 207 -22.37 -48.98 21.10
C HIS B 207 -23.69 -49.00 21.87
N THR B 208 -23.78 -48.33 23.01
CA THR B 208 -24.94 -48.47 23.87
C THR B 208 -25.77 -47.20 23.89
N PRO B 209 -26.91 -47.15 23.21
CA PRO B 209 -27.76 -45.95 23.23
C PRO B 209 -28.81 -45.99 24.34
N ILE B 210 -29.66 -44.96 24.39
CA ILE B 210 -30.78 -44.89 25.31
C ILE B 210 -32.04 -45.31 24.57
N ASN B 211 -32.82 -46.22 25.17
CA ASN B 211 -34.02 -46.79 24.56
C ASN B 211 -35.24 -46.20 25.25
N LEU B 212 -35.75 -45.09 24.71
CA LEU B 212 -37.00 -44.54 25.23
C LEU B 212 -38.18 -45.46 24.90
N VAL B 213 -38.31 -45.85 23.63
CA VAL B 213 -39.36 -46.77 23.18
C VAL B 213 -38.77 -47.72 22.16
N ARG B 214 -39.39 -48.90 22.05
CA ARG B 214 -38.96 -49.89 21.07
C ARG B 214 -39.45 -49.51 19.68
N ASP B 215 -38.68 -49.92 18.67
CA ASP B 215 -38.91 -49.66 17.25
C ASP B 215 -38.75 -48.20 16.87
N LEU B 216 -38.48 -47.32 17.83
CA LEU B 216 -38.26 -45.90 17.56
C LEU B 216 -37.11 -45.39 18.42
N PRO B 217 -35.96 -45.07 17.82
CA PRO B 217 -34.80 -44.63 18.61
C PRO B 217 -34.85 -43.16 19.01
N GLN B 218 -35.62 -42.88 20.05
CA GLN B 218 -35.72 -41.53 20.60
C GLN B 218 -34.56 -41.31 21.57
N GLY B 219 -34.31 -40.05 21.92
CA GLY B 219 -33.23 -39.73 22.83
C GLY B 219 -32.02 -39.13 22.14
N PHE B 220 -31.02 -38.83 22.95
CA PHE B 220 -29.82 -38.14 22.50
C PHE B 220 -28.59 -39.00 22.73
N SER B 221 -27.64 -38.94 21.80
CA SER B 221 -26.41 -39.72 21.90
C SER B 221 -25.29 -38.97 21.21
N ALA B 222 -24.05 -39.29 21.61
CA ALA B 222 -22.85 -38.71 21.03
C ALA B 222 -21.97 -39.80 20.45
N LEU B 223 -21.39 -39.53 19.29
CA LEU B 223 -20.58 -40.50 18.56
C LEU B 223 -19.12 -40.09 18.63
N GLU B 224 -18.24 -41.04 18.95
CA GLU B 224 -16.81 -40.83 19.09
C GLU B 224 -16.05 -41.38 17.88
N PRO B 225 -14.90 -40.79 17.53
CA PRO B 225 -14.14 -41.26 16.37
C PRO B 225 -13.37 -42.53 16.70
N LEU B 226 -13.47 -43.52 15.80
CA LEU B 226 -12.83 -44.81 16.04
C LEU B 226 -11.46 -44.92 15.41
N VAL B 227 -11.38 -44.84 14.08
CA VAL B 227 -10.14 -45.05 13.34
C VAL B 227 -10.10 -44.10 12.16
N ASP B 228 -8.89 -43.73 11.75
CA ASP B 228 -8.67 -43.01 10.50
C ASP B 228 -7.93 -43.92 9.52
N LEU B 229 -8.36 -43.91 8.27
CA LEU B 229 -7.76 -44.75 7.23
C LEU B 229 -7.24 -43.86 6.10
N PRO B 230 -5.95 -43.85 5.84
CA PRO B 230 -5.41 -43.12 4.66
C PRO B 230 -5.36 -44.03 3.43
N ILE B 231 -6.54 -44.44 2.97
CA ILE B 231 -6.64 -45.40 1.87
C ILE B 231 -6.64 -44.70 0.53
N GLY B 232 -7.46 -43.66 0.38
CA GLY B 232 -7.58 -43.01 -0.91
C GLY B 232 -8.52 -43.69 -1.88
N ILE B 233 -9.23 -44.72 -1.43
CA ILE B 233 -10.23 -45.37 -2.27
C ILE B 233 -11.37 -44.39 -2.52
N ASN B 234 -12.07 -44.57 -3.62
CA ASN B 234 -12.80 -43.43 -4.18
C ASN B 234 -14.27 -43.45 -3.75
N ILE B 235 -14.87 -44.63 -3.68
CA ILE B 235 -16.13 -44.89 -2.99
C ILE B 235 -17.32 -44.21 -3.66
N THR B 236 -18.26 -45.00 -4.18
CA THR B 236 -19.49 -44.47 -4.74
C THR B 236 -20.70 -45.20 -4.17
N ARG B 237 -20.54 -46.49 -3.88
CA ARG B 237 -21.64 -47.34 -3.44
C ARG B 237 -21.11 -48.39 -2.47
N PHE B 238 -22.02 -49.08 -1.81
CA PHE B 238 -21.68 -50.13 -0.87
C PHE B 238 -22.87 -51.06 -0.69
N GLN B 239 -22.68 -52.07 0.16
CA GLN B 239 -23.72 -53.06 0.42
C GLN B 239 -23.32 -53.85 1.65
N THR B 240 -24.30 -54.19 2.49
CA THR B 240 -24.01 -54.81 3.77
C THR B 240 -24.03 -56.33 3.66
N LEU B 241 -23.58 -56.99 4.73
CA LEU B 241 -23.43 -58.44 4.78
C LEU B 241 -24.22 -59.00 5.95
N LEU B 242 -24.88 -60.14 5.71
CA LEU B 242 -25.65 -60.82 6.74
C LEU B 242 -25.23 -62.28 6.82
N ALA B 243 -25.60 -62.92 7.92
CA ALA B 243 -25.24 -64.32 8.19
C ALA B 243 -26.42 -65.19 7.80
N LEU B 244 -26.50 -65.55 6.52
CA LEU B 244 -27.56 -66.43 6.04
C LEU B 244 -27.30 -67.86 6.49
N HIS B 245 -28.38 -68.59 6.69
CA HIS B 245 -28.31 -70.00 7.08
C HIS B 245 -29.48 -70.80 6.51
N ALA B 264 -32.66 -55.99 10.45
CA ALA B 264 -33.27 -54.71 10.77
C ALA B 264 -32.21 -53.65 11.01
N TYR B 265 -32.10 -52.70 10.08
CA TYR B 265 -31.11 -51.63 10.21
C TYR B 265 -31.59 -50.40 9.44
N TYR B 266 -31.25 -49.23 9.97
CA TYR B 266 -31.68 -47.95 9.41
C TYR B 266 -30.51 -47.26 8.74
N VAL B 267 -30.78 -46.62 7.61
CA VAL B 267 -29.76 -45.95 6.80
C VAL B 267 -30.14 -44.48 6.66
N GLY B 268 -29.19 -43.60 6.91
CA GLY B 268 -29.43 -42.17 6.79
C GLY B 268 -28.51 -41.48 5.81
N TYR B 269 -28.55 -40.15 5.77
CA TYR B 269 -27.70 -39.37 4.87
C TYR B 269 -27.30 -38.09 5.59
N LEU B 270 -26.46 -37.28 4.92
CA LEU B 270 -25.91 -36.09 5.52
C LEU B 270 -26.00 -34.91 4.56
N GLN B 271 -26.03 -33.71 5.12
CA GLN B 271 -26.03 -32.47 4.37
C GLN B 271 -25.15 -31.46 5.08
N PRO B 272 -24.58 -30.50 4.35
CA PRO B 272 -23.73 -29.48 4.98
C PRO B 272 -24.53 -28.42 5.71
N ARG B 273 -24.89 -28.69 6.97
CA ARG B 273 -25.73 -27.79 7.74
C ARG B 273 -24.89 -27.02 8.75
N THR B 274 -25.56 -26.25 9.60
CA THR B 274 -24.93 -25.49 10.67
C THR B 274 -25.62 -25.83 11.98
N PHE B 275 -24.82 -26.11 13.01
CA PHE B 275 -25.32 -26.59 14.29
C PHE B 275 -24.75 -25.74 15.42
N LEU B 276 -25.44 -25.76 16.55
CA LEU B 276 -24.94 -25.17 17.79
C LEU B 276 -24.90 -26.26 18.84
N LEU B 277 -23.77 -26.37 19.54
CA LEU B 277 -23.53 -27.42 20.50
C LEU B 277 -23.21 -26.82 21.86
N LYS B 278 -23.76 -27.41 22.92
CA LYS B 278 -23.49 -26.98 24.29
C LYS B 278 -22.61 -28.02 24.95
N TYR B 279 -21.35 -27.68 25.18
CA TYR B 279 -20.41 -28.63 25.78
C TYR B 279 -20.61 -28.71 27.28
N ASN B 280 -20.50 -29.93 27.81
CA ASN B 280 -20.62 -30.13 29.24
C ASN B 280 -19.38 -29.56 29.96
N GLU B 281 -19.38 -29.67 31.28
CA GLU B 281 -18.23 -29.23 32.05
C GLU B 281 -17.06 -30.20 31.93
N ASN B 282 -17.34 -31.47 31.61
CA ASN B 282 -16.29 -32.46 31.49
C ASN B 282 -15.76 -32.61 30.07
N GLY B 283 -16.51 -32.20 29.06
CA GLY B 283 -16.02 -32.23 27.70
C GLY B 283 -16.92 -32.95 26.72
N THR B 284 -18.06 -33.45 27.20
CA THR B 284 -18.98 -34.20 26.37
C THR B 284 -20.10 -33.30 25.86
N ILE B 285 -20.71 -33.71 24.75
CA ILE B 285 -21.81 -32.98 24.14
C ILE B 285 -23.10 -33.43 24.84
N THR B 286 -23.83 -32.47 25.41
CA THR B 286 -25.08 -32.77 26.08
C THR B 286 -26.32 -32.29 25.34
N ASP B 287 -26.19 -31.27 24.49
CA ASP B 287 -27.34 -30.78 23.74
C ASP B 287 -26.86 -30.08 22.47
N ALA B 288 -27.69 -30.17 21.44
CA ALA B 288 -27.43 -29.54 20.15
C ALA B 288 -28.72 -28.97 19.59
N VAL B 289 -28.59 -27.95 18.75
CA VAL B 289 -29.74 -27.30 18.15
C VAL B 289 -29.39 -26.92 16.72
N ASP B 290 -30.39 -26.99 15.85
CA ASP B 290 -30.22 -26.64 14.44
C ASP B 290 -30.13 -25.13 14.29
N CYS B 291 -29.90 -24.69 13.05
CA CYS B 291 -29.88 -23.28 12.72
C CYS B 291 -30.66 -22.94 11.47
N ALA B 292 -31.27 -23.94 10.81
CA ALA B 292 -32.06 -23.70 9.62
C ALA B 292 -33.33 -24.56 9.62
N LEU B 293 -33.94 -24.69 10.79
CA LEU B 293 -35.13 -25.53 10.92
C LEU B 293 -36.37 -24.73 11.31
N ASP B 294 -36.31 -23.96 12.38
CA ASP B 294 -37.46 -23.23 12.91
C ASP B 294 -37.07 -21.79 13.19
N PRO B 295 -38.00 -20.85 13.10
CA PRO B 295 -37.67 -19.46 13.47
C PRO B 295 -37.12 -19.33 14.87
N LEU B 296 -37.67 -20.09 15.82
CA LEU B 296 -37.09 -20.09 17.17
C LEU B 296 -35.67 -20.62 17.14
N SER B 297 -35.41 -21.66 16.33
CA SER B 297 -34.06 -22.18 16.20
C SER B 297 -33.13 -21.14 15.58
N GLU B 298 -33.62 -20.41 14.58
CA GLU B 298 -32.82 -19.33 14.00
C GLU B 298 -32.49 -18.27 15.03
N THR B 299 -33.47 -17.91 15.86
CA THR B 299 -33.23 -16.91 16.91
C THR B 299 -32.20 -17.41 17.91
N LYS B 300 -32.30 -18.67 18.30
CA LYS B 300 -31.33 -19.25 19.23
C LYS B 300 -29.93 -19.23 18.62
N CYS B 301 -29.83 -19.59 17.34
CA CYS B 301 -28.54 -19.61 16.65
C CYS B 301 -27.94 -18.21 16.57
N THR B 302 -28.76 -17.21 16.26
CA THR B 302 -28.26 -15.85 16.17
C THR B 302 -27.83 -15.30 17.52
N LEU B 303 -28.61 -15.58 18.56
CA LEU B 303 -28.31 -15.07 19.89
C LEU B 303 -27.27 -15.90 20.63
N LYS B 304 -26.98 -17.11 20.15
CA LYS B 304 -25.99 -18.00 20.76
C LYS B 304 -26.33 -18.28 22.23
N SER B 305 -27.56 -18.75 22.45
CA SER B 305 -27.98 -19.13 23.79
C SER B 305 -29.12 -20.12 23.67
N PHE B 306 -29.29 -20.92 24.71
CA PHE B 306 -30.36 -21.91 24.77
C PHE B 306 -31.64 -21.37 25.40
N THR B 307 -31.61 -20.14 25.89
CA THR B 307 -32.80 -19.50 26.45
C THR B 307 -32.94 -18.10 25.87
N VAL B 308 -34.19 -17.72 25.59
CA VAL B 308 -34.50 -16.40 25.07
C VAL B 308 -35.67 -15.83 25.86
N GLU B 309 -35.59 -14.54 26.18
CA GLU B 309 -36.64 -13.85 26.90
C GLU B 309 -37.56 -13.13 25.93
N LYS B 310 -38.66 -12.61 26.46
CA LYS B 310 -39.66 -11.94 25.63
C LYS B 310 -39.06 -10.70 24.97
N GLY B 311 -39.32 -10.55 23.68
CA GLY B 311 -38.81 -9.44 22.93
C GLY B 311 -38.93 -9.70 21.44
N ILE B 312 -38.38 -8.76 20.66
CA ILE B 312 -38.38 -8.84 19.22
C ILE B 312 -36.92 -8.79 18.75
N TYR B 313 -36.56 -9.73 17.88
CA TYR B 313 -35.18 -9.84 17.39
C TYR B 313 -35.20 -9.86 15.87
N GLN B 314 -34.11 -9.36 15.28
CA GLN B 314 -33.93 -9.35 13.84
C GLN B 314 -32.91 -10.42 13.47
N THR B 315 -33.31 -11.34 12.59
CA THR B 315 -32.48 -12.48 12.24
C THR B 315 -31.76 -12.30 10.90
N SER B 316 -32.51 -12.09 9.83
CA SER B 316 -31.90 -12.07 8.49
C SER B 316 -32.81 -11.30 7.54
N ASN B 317 -32.56 -11.45 6.25
CA ASN B 317 -33.34 -10.78 5.22
C ASN B 317 -33.68 -11.78 4.12
N PHE B 318 -34.67 -11.43 3.31
CA PHE B 318 -35.11 -12.24 2.19
C PHE B 318 -35.18 -11.36 0.95
N ARG B 319 -34.96 -12.00 -0.20
CA ARG B 319 -35.01 -11.33 -1.49
C ARG B 319 -35.60 -12.29 -2.52
N VAL B 320 -36.55 -11.81 -3.31
CA VAL B 320 -37.18 -12.64 -4.32
C VAL B 320 -36.16 -12.94 -5.42
N GLN B 321 -36.09 -14.21 -5.84
CA GLN B 321 -35.13 -14.60 -6.86
C GLN B 321 -35.69 -14.39 -8.26
N PRO B 322 -34.83 -14.07 -9.23
CA PRO B 322 -35.33 -13.90 -10.61
C PRO B 322 -35.77 -15.21 -11.22
N THR B 323 -36.66 -15.11 -12.22
CA THR B 323 -37.27 -16.28 -12.82
C THR B 323 -36.51 -16.76 -14.06
N GLU B 324 -36.39 -15.90 -15.08
CA GLU B 324 -35.72 -16.25 -16.32
C GLU B 324 -34.95 -15.05 -16.83
N SER B 325 -34.35 -15.20 -18.01
CA SER B 325 -33.55 -14.15 -18.64
C SER B 325 -34.11 -13.81 -20.02
N ILE B 326 -33.98 -12.55 -20.40
CA ILE B 326 -34.38 -12.07 -21.71
C ILE B 326 -33.29 -11.17 -22.27
N VAL B 327 -33.28 -11.04 -23.60
CA VAL B 327 -32.31 -10.22 -24.30
C VAL B 327 -32.90 -9.82 -25.65
N ARG B 328 -32.71 -8.56 -26.03
CA ARG B 328 -33.25 -8.02 -27.26
C ARG B 328 -32.15 -7.33 -28.06
N PHE B 329 -32.29 -7.36 -29.38
CA PHE B 329 -31.42 -6.67 -30.31
C PHE B 329 -32.28 -6.06 -31.41
N PRO B 330 -31.85 -4.92 -31.99
CA PRO B 330 -32.83 -3.96 -32.54
C PRO B 330 -33.88 -4.53 -33.48
N ASN B 331 -33.49 -4.99 -34.68
CA ASN B 331 -34.46 -5.71 -35.48
C ASN B 331 -33.87 -6.92 -36.21
N ILE B 332 -32.68 -6.75 -36.76
CA ILE B 332 -32.15 -7.68 -37.75
C ILE B 332 -30.63 -7.81 -37.64
N THR B 333 -30.05 -8.65 -38.49
CA THR B 333 -28.61 -8.82 -38.58
C THR B 333 -28.16 -8.58 -40.02
N ASN B 334 -26.93 -8.09 -40.16
CA ASN B 334 -26.37 -7.83 -41.49
C ASN B 334 -24.90 -8.21 -41.48
N LEU B 335 -24.46 -8.87 -42.54
CA LEU B 335 -23.09 -9.35 -42.66
C LEU B 335 -22.27 -8.40 -43.52
N CYS B 336 -21.19 -7.90 -42.97
CA CYS B 336 -20.22 -7.05 -43.62
C CYS B 336 -19.14 -7.89 -44.32
N PRO B 337 -18.56 -7.38 -45.42
CA PRO B 337 -17.75 -8.23 -46.29
C PRO B 337 -16.31 -8.42 -45.84
N PHE B 338 -16.06 -9.43 -45.00
CA PHE B 338 -14.70 -9.88 -44.79
C PHE B 338 -14.13 -10.57 -46.01
N GLY B 339 -14.98 -10.97 -46.97
CA GLY B 339 -14.50 -11.69 -48.13
C GLY B 339 -13.57 -10.86 -48.99
N GLU B 340 -13.93 -9.61 -49.26
CA GLU B 340 -13.08 -8.75 -50.07
C GLU B 340 -11.74 -8.48 -49.39
N VAL B 341 -11.73 -8.38 -48.06
CA VAL B 341 -10.47 -8.22 -47.34
C VAL B 341 -9.62 -9.48 -47.47
N PHE B 342 -10.24 -10.65 -47.28
CA PHE B 342 -9.51 -11.91 -47.33
C PHE B 342 -9.35 -12.47 -48.74
N ASN B 343 -10.08 -11.93 -49.72
CA ASN B 343 -9.98 -12.38 -51.11
C ASN B 343 -9.95 -11.14 -52.00
N ALA B 344 -8.75 -10.67 -52.31
CA ALA B 344 -8.55 -9.53 -53.18
C ALA B 344 -7.45 -9.84 -54.18
N THR B 345 -7.50 -9.16 -55.33
CA THR B 345 -6.50 -9.39 -56.37
C THR B 345 -5.09 -9.03 -55.89
N ARG B 346 -4.97 -7.90 -55.18
CA ARG B 346 -3.68 -7.44 -54.69
C ARG B 346 -3.78 -7.07 -53.22
N PHE B 347 -2.70 -7.30 -52.48
CA PHE B 347 -2.57 -6.87 -51.10
C PHE B 347 -1.46 -5.83 -50.99
N ALA B 348 -1.34 -5.25 -49.80
CA ALA B 348 -0.36 -4.20 -49.55
C ALA B 348 0.95 -4.78 -49.04
N SER B 349 2.00 -3.96 -49.12
CA SER B 349 3.30 -4.35 -48.59
C SER B 349 3.27 -4.31 -47.06
N VAL B 350 4.29 -4.89 -46.44
CA VAL B 350 4.31 -5.00 -44.99
C VAL B 350 4.52 -3.64 -44.34
N TYR B 351 5.44 -2.82 -44.88
CA TYR B 351 5.67 -1.51 -44.30
C TYR B 351 4.48 -0.58 -44.57
N ALA B 352 3.89 -0.67 -45.76
CA ALA B 352 2.65 0.03 -46.07
C ALA B 352 1.46 -0.91 -45.85
N TRP B 353 1.40 -1.47 -44.65
CA TRP B 353 0.37 -2.44 -44.30
C TRP B 353 -1.01 -1.81 -44.43
N ASN B 354 -1.96 -2.55 -45.03
CA ASN B 354 -3.28 -2.01 -45.28
C ASN B 354 -4.13 -2.13 -44.02
N ARG B 355 -4.65 -1.00 -43.54
CA ARG B 355 -5.47 -0.97 -42.34
C ARG B 355 -6.89 -0.59 -42.71
N LYS B 356 -7.85 -1.37 -42.23
CA LYS B 356 -9.26 -1.17 -42.52
C LYS B 356 -10.06 -1.23 -41.23
N ARG B 357 -11.13 -0.44 -41.17
CA ARG B 357 -12.02 -0.38 -40.01
C ARG B 357 -13.34 -1.03 -40.38
N ILE B 358 -13.82 -1.93 -39.52
CA ILE B 358 -15.06 -2.67 -39.75
C ILE B 358 -15.99 -2.40 -38.58
N SER B 359 -17.23 -2.02 -38.88
CA SER B 359 -18.22 -1.72 -37.86
C SER B 359 -19.61 -1.84 -38.45
N ASN B 360 -20.61 -1.83 -37.56
CA ASN B 360 -22.02 -1.85 -37.94
C ASN B 360 -22.34 -3.05 -38.83
N CYS B 361 -21.93 -4.22 -38.37
CA CYS B 361 -22.17 -5.46 -39.09
C CYS B 361 -22.15 -6.62 -38.11
N VAL B 362 -22.65 -7.76 -38.58
CA VAL B 362 -22.55 -9.00 -37.81
C VAL B 362 -22.05 -10.08 -38.76
N ALA B 363 -20.77 -10.41 -38.65
CA ALA B 363 -20.12 -11.37 -39.55
C ALA B 363 -19.81 -12.64 -38.78
N ASP B 364 -20.19 -13.78 -39.35
CA ASP B 364 -19.89 -15.06 -38.72
C ASP B 364 -18.40 -15.35 -38.82
N TYR B 365 -17.80 -15.73 -37.69
CA TYR B 365 -16.40 -16.10 -37.65
C TYR B 365 -16.17 -17.60 -37.80
N SER B 366 -17.23 -18.40 -37.66
CA SER B 366 -17.08 -19.85 -37.75
C SER B 366 -16.63 -20.28 -39.14
N VAL B 367 -17.13 -19.62 -40.18
CA VAL B 367 -16.82 -20.00 -41.56
C VAL B 367 -15.34 -19.80 -41.88
N LEU B 368 -14.61 -19.08 -41.04
CA LEU B 368 -13.20 -18.82 -41.32
C LEU B 368 -12.33 -20.01 -40.95
N TYR B 369 -12.31 -20.38 -39.67
CA TYR B 369 -11.45 -21.47 -39.23
C TYR B 369 -11.99 -22.84 -39.61
N ASN B 370 -13.27 -22.93 -39.98
CA ASN B 370 -13.83 -24.18 -40.48
C ASN B 370 -13.38 -24.49 -41.90
N SER B 371 -12.88 -23.51 -42.64
CA SER B 371 -12.40 -23.73 -43.99
C SER B 371 -10.98 -24.31 -43.96
N ALA B 372 -10.49 -24.71 -45.14
CA ALA B 372 -9.16 -25.27 -45.27
C ALA B 372 -8.17 -24.32 -45.93
N SER B 373 -8.63 -23.22 -46.51
CA SER B 373 -7.73 -22.29 -47.17
C SER B 373 -6.77 -21.65 -46.18
N PHE B 374 -7.26 -21.28 -45.00
CA PHE B 374 -6.44 -20.61 -43.99
C PHE B 374 -5.55 -21.64 -43.32
N SER B 375 -4.33 -21.81 -43.85
CA SER B 375 -3.40 -22.77 -43.29
C SER B 375 -2.98 -22.40 -41.87
N THR B 376 -2.72 -21.12 -41.63
CA THR B 376 -2.26 -20.64 -40.33
C THR B 376 -3.38 -19.85 -39.67
N PHE B 377 -3.85 -20.32 -38.52
CA PHE B 377 -4.87 -19.66 -37.71
C PHE B 377 -4.31 -19.58 -36.30
N LYS B 378 -3.53 -18.52 -36.03
CA LYS B 378 -2.76 -18.42 -34.80
C LYS B 378 -3.31 -17.27 -33.96
N CYS B 379 -3.72 -17.59 -32.74
CA CYS B 379 -4.22 -16.62 -31.76
C CYS B 379 -4.63 -17.32 -30.48
N TYR B 380 -4.67 -16.54 -29.39
CA TYR B 380 -4.80 -17.06 -28.05
C TYR B 380 -5.87 -16.32 -27.27
N GLY B 381 -6.10 -15.05 -27.62
CA GLY B 381 -6.98 -14.19 -26.84
C GLY B 381 -8.40 -14.69 -26.75
N VAL B 382 -8.87 -15.44 -27.76
CA VAL B 382 -10.20 -16.01 -27.74
C VAL B 382 -10.17 -17.29 -28.57
N SER B 383 -10.83 -18.32 -28.08
CA SER B 383 -10.93 -19.55 -28.85
C SER B 383 -11.82 -19.31 -30.07
N PRO B 384 -11.56 -19.99 -31.18
CA PRO B 384 -12.37 -19.77 -32.39
C PRO B 384 -13.84 -20.06 -32.18
N THR B 385 -14.18 -21.01 -31.30
CA THR B 385 -15.56 -21.46 -31.17
C THR B 385 -16.48 -20.34 -30.67
N LYS B 386 -16.05 -19.63 -29.62
CA LYS B 386 -16.88 -18.60 -29.02
C LYS B 386 -16.66 -17.22 -29.63
N LEU B 387 -16.03 -17.15 -30.80
CA LEU B 387 -15.87 -15.87 -31.47
C LEU B 387 -17.21 -15.25 -31.85
N ASN B 388 -18.12 -16.06 -32.38
CA ASN B 388 -19.45 -15.56 -32.71
C ASN B 388 -20.31 -15.33 -31.49
N ASP B 389 -20.02 -16.00 -30.37
CA ASP B 389 -20.80 -15.80 -29.16
C ASP B 389 -20.65 -14.40 -28.61
N LEU B 390 -19.44 -13.86 -28.65
CA LEU B 390 -19.15 -12.55 -28.07
C LEU B 390 -19.44 -11.43 -29.06
N CYS B 391 -19.46 -10.21 -28.54
CA CYS B 391 -19.69 -9.01 -29.33
C CYS B 391 -18.47 -8.10 -29.20
N PHE B 392 -18.06 -7.49 -30.32
CA PHE B 392 -16.84 -6.71 -30.40
C PHE B 392 -17.17 -5.23 -30.63
N THR B 393 -16.10 -4.42 -30.67
CA THR B 393 -16.20 -3.00 -30.96
C THR B 393 -14.85 -2.54 -31.48
N ASN B 394 -14.88 -1.65 -32.48
CA ASN B 394 -13.67 -1.08 -33.09
C ASN B 394 -12.79 -2.19 -33.67
N VAL B 395 -13.33 -2.88 -34.66
CA VAL B 395 -12.61 -3.96 -35.34
C VAL B 395 -11.70 -3.35 -36.40
N TYR B 396 -10.42 -3.71 -36.34
CA TYR B 396 -9.41 -3.25 -37.29
C TYR B 396 -8.73 -4.46 -37.91
N ALA B 397 -8.53 -4.39 -39.23
CA ALA B 397 -7.89 -5.46 -39.98
C ALA B 397 -6.64 -4.92 -40.67
N ASP B 398 -5.52 -5.60 -40.46
CA ASP B 398 -4.25 -5.25 -41.09
C ASP B 398 -3.89 -6.37 -42.06
N SER B 399 -3.91 -6.06 -43.35
CA SER B 399 -3.65 -7.03 -44.40
C SER B 399 -2.34 -6.69 -45.10
N PHE B 400 -1.56 -7.72 -45.41
CA PHE B 400 -0.31 -7.55 -46.12
C PHE B 400 0.14 -8.91 -46.66
N VAL B 401 1.24 -8.89 -47.41
CA VAL B 401 1.87 -10.10 -47.92
C VAL B 401 3.33 -10.08 -47.52
N ILE B 402 3.79 -11.17 -46.89
CA ILE B 402 5.15 -11.25 -46.37
C ILE B 402 5.77 -12.58 -46.76
N ARG B 403 7.09 -12.65 -46.63
CA ARG B 403 7.81 -13.89 -46.88
C ARG B 403 7.43 -14.93 -45.84
N GLY B 404 7.51 -16.21 -46.23
CA GLY B 404 7.11 -17.28 -45.33
C GLY B 404 7.99 -17.37 -44.09
N ASP B 405 9.28 -17.15 -44.25
CA ASP B 405 10.24 -17.35 -43.17
C ASP B 405 10.05 -16.40 -42.01
N GLU B 406 9.01 -15.55 -42.01
CA GLU B 406 8.73 -14.67 -40.88
C GLU B 406 7.27 -14.77 -40.43
N VAL B 407 6.57 -15.86 -40.78
CA VAL B 407 5.18 -16.00 -40.38
C VAL B 407 5.05 -16.00 -38.86
N ARG B 408 5.96 -16.68 -38.16
CA ARG B 408 5.91 -16.67 -36.70
C ARG B 408 6.34 -15.33 -36.12
N GLN B 409 6.99 -14.47 -36.91
CA GLN B 409 7.43 -13.17 -36.42
C GLN B 409 6.27 -12.19 -36.26
N ILE B 410 5.11 -12.47 -36.86
CA ILE B 410 3.91 -11.62 -36.68
C ILE B 410 3.19 -12.16 -35.45
N ALA B 411 3.65 -11.73 -34.28
CA ALA B 411 3.14 -12.19 -33.01
C ALA B 411 3.53 -11.17 -31.95
N PRO B 412 2.87 -11.17 -30.80
CA PRO B 412 3.22 -10.20 -29.74
C PRO B 412 4.59 -10.53 -29.13
N GLY B 413 5.51 -9.58 -29.23
CA GLY B 413 6.77 -9.67 -28.50
C GLY B 413 7.82 -10.60 -29.07
N GLN B 414 8.25 -10.35 -30.31
CA GLN B 414 9.38 -11.05 -30.89
C GLN B 414 10.22 -10.06 -31.67
N THR B 415 11.44 -10.49 -32.00
CA THR B 415 12.41 -9.68 -32.71
C THR B 415 12.28 -9.86 -34.22
N GLY B 416 13.24 -9.30 -34.96
CA GLY B 416 13.24 -9.39 -36.40
C GLY B 416 13.14 -8.03 -37.06
N LYS B 417 13.59 -7.95 -38.33
CA LYS B 417 13.47 -6.70 -39.07
C LYS B 417 12.01 -6.29 -39.25
N ILE B 418 11.15 -7.26 -39.58
CA ILE B 418 9.74 -6.99 -39.76
C ILE B 418 9.09 -6.56 -38.45
N ALA B 419 9.55 -7.11 -37.32
CA ALA B 419 8.95 -6.83 -36.03
C ALA B 419 9.45 -5.55 -35.38
N ASP B 420 10.45 -4.89 -35.97
CA ASP B 420 11.00 -3.67 -35.38
C ASP B 420 10.98 -2.48 -36.32
N TYR B 421 11.25 -2.67 -37.61
CA TYR B 421 11.35 -1.57 -38.55
C TYR B 421 10.20 -1.51 -39.55
N ASN B 422 9.38 -2.55 -39.64
CA ASN B 422 8.26 -2.59 -40.56
C ASN B 422 6.91 -2.64 -39.87
N TYR B 423 6.81 -3.35 -38.75
CA TYR B 423 5.55 -3.48 -38.03
C TYR B 423 5.85 -3.74 -36.56
N LYS B 424 4.86 -3.47 -35.72
CA LYS B 424 4.97 -3.68 -34.28
C LYS B 424 3.65 -4.22 -33.77
N LEU B 425 3.74 -5.24 -32.90
CA LEU B 425 2.56 -5.84 -32.28
C LEU B 425 2.69 -5.75 -30.77
N PRO B 426 1.73 -5.14 -30.07
CA PRO B 426 1.84 -5.04 -28.61
C PRO B 426 1.68 -6.39 -27.94
N ASP B 427 2.27 -6.51 -26.75
CA ASP B 427 2.19 -7.77 -26.01
C ASP B 427 0.75 -8.11 -25.65
N ASP B 428 -0.02 -7.12 -25.21
CA ASP B 428 -1.44 -7.32 -24.89
C ASP B 428 -2.24 -7.18 -26.19
N PHE B 429 -2.27 -8.28 -26.96
CA PHE B 429 -2.93 -8.32 -28.24
C PHE B 429 -4.26 -9.05 -28.10
N THR B 430 -5.34 -8.39 -28.50
CA THR B 430 -6.69 -8.94 -28.44
C THR B 430 -7.21 -9.03 -29.87
N GLY B 431 -6.92 -10.15 -30.52
CA GLY B 431 -7.34 -10.37 -31.89
C GLY B 431 -6.92 -11.74 -32.36
N CYS B 432 -6.65 -11.90 -33.66
CA CYS B 432 -6.26 -13.21 -34.16
C CYS B 432 -5.56 -13.02 -35.50
N VAL B 433 -4.82 -14.05 -35.93
CA VAL B 433 -3.97 -13.93 -37.11
C VAL B 433 -4.31 -15.07 -38.07
N ILE B 434 -4.53 -14.74 -39.35
CA ILE B 434 -4.86 -15.69 -40.38
C ILE B 434 -3.88 -15.51 -41.53
N ALA B 435 -3.12 -16.55 -41.84
CA ALA B 435 -2.13 -16.51 -42.91
C ALA B 435 -2.32 -17.71 -43.83
N TRP B 436 -2.10 -17.49 -45.13
CA TRP B 436 -2.24 -18.57 -46.09
C TRP B 436 -1.29 -18.37 -47.26
N ASN B 437 -1.01 -19.46 -47.96
CA ASN B 437 -0.08 -19.42 -49.09
C ASN B 437 -0.67 -18.66 -50.26
N SER B 438 0.19 -17.91 -50.95
CA SER B 438 -0.18 -17.16 -52.15
C SER B 438 0.88 -17.32 -53.22
N ASN B 439 1.44 -18.53 -53.34
CA ASN B 439 2.48 -18.77 -54.33
C ASN B 439 1.95 -18.63 -55.75
N ASN B 440 0.77 -19.18 -56.02
CA ASN B 440 0.19 -19.12 -57.36
C ASN B 440 -0.37 -17.76 -57.72
N LEU B 441 -0.56 -16.86 -56.74
CA LEU B 441 -1.15 -15.56 -56.99
C LEU B 441 -0.17 -14.41 -56.96
N ASP B 442 0.96 -14.54 -56.27
CA ASP B 442 1.91 -13.45 -56.11
C ASP B 442 3.26 -13.71 -56.79
N SER B 443 3.44 -14.85 -57.44
CA SER B 443 4.67 -15.13 -58.16
C SER B 443 4.52 -14.73 -59.62
N LYS B 444 5.48 -15.12 -60.45
CA LYS B 444 5.43 -14.81 -61.87
C LYS B 444 4.35 -15.62 -62.58
N GLY B 447 11.26 -13.64 -61.39
CA GLY B 447 10.32 -13.60 -60.29
C GLY B 447 9.77 -12.22 -60.02
N ASN B 448 8.71 -12.15 -59.22
CA ASN B 448 8.10 -10.87 -58.90
C ASN B 448 9.03 -10.05 -58.01
N TYR B 449 9.17 -8.76 -58.34
CA TYR B 449 10.11 -7.89 -57.66
C TYR B 449 9.49 -6.57 -57.20
N ASN B 450 8.18 -6.39 -57.39
CA ASN B 450 7.52 -5.13 -57.10
C ASN B 450 7.10 -5.00 -55.64
N TYR B 451 7.65 -5.83 -54.76
CA TYR B 451 7.33 -5.78 -53.33
C TYR B 451 8.53 -5.24 -52.57
N LEU B 452 8.27 -4.38 -51.59
CA LEU B 452 9.32 -3.71 -50.84
C LEU B 452 9.00 -3.78 -49.36
N TYR B 453 10.05 -3.66 -48.55
CA TYR B 453 9.90 -3.65 -47.10
C TYR B 453 11.01 -2.82 -46.48
N ARG B 454 10.71 -2.22 -45.33
CA ARG B 454 11.65 -1.33 -44.67
C ARG B 454 12.87 -2.09 -44.18
N LEU B 455 14.05 -1.51 -44.42
CA LEU B 455 15.32 -2.13 -44.04
C LEU B 455 15.89 -1.56 -42.75
N PHE B 456 15.96 -0.24 -42.63
CA PHE B 456 16.59 0.39 -41.48
C PHE B 456 15.71 1.51 -40.94
N ARG B 457 15.82 1.72 -39.63
CA ARG B 457 15.08 2.75 -38.92
C ARG B 457 15.89 3.15 -37.69
N LYS B 458 15.61 4.35 -37.17
CA LYS B 458 16.37 4.86 -36.03
C LYS B 458 16.22 3.96 -34.81
N SER B 459 15.00 3.50 -34.54
CA SER B 459 14.74 2.64 -33.38
C SER B 459 13.49 1.82 -33.67
N ASN B 460 12.94 1.21 -32.63
CA ASN B 460 11.72 0.43 -32.77
C ASN B 460 10.52 1.35 -32.99
N LEU B 461 9.35 0.75 -33.08
CA LEU B 461 8.12 1.48 -33.35
C LEU B 461 7.08 1.16 -32.29
N LYS B 462 6.19 2.12 -32.04
CA LYS B 462 5.10 1.92 -31.12
C LYS B 462 4.06 0.98 -31.75
N PRO B 463 3.22 0.35 -30.93
CA PRO B 463 2.24 -0.61 -31.47
C PRO B 463 1.32 0.03 -32.51
N PHE B 464 1.10 -0.72 -33.60
CA PHE B 464 0.24 -0.29 -34.70
C PHE B 464 0.72 1.01 -35.34
N GLU B 465 2.02 1.22 -35.37
CA GLU B 465 2.58 2.43 -35.99
C GLU B 465 2.74 2.23 -37.49
N ARG B 466 2.38 3.25 -38.25
CA ARG B 466 2.55 3.27 -39.70
C ARG B 466 3.76 4.16 -40.01
N ASP B 467 4.82 3.56 -40.53
CA ASP B 467 6.07 4.26 -40.83
C ASP B 467 6.26 4.30 -42.34
N ILE B 468 6.02 5.47 -42.93
CA ILE B 468 6.29 5.70 -44.34
C ILE B 468 7.33 6.83 -44.43
N SER B 469 8.46 6.53 -45.08
CA SER B 469 9.53 7.50 -45.20
C SER B 469 10.49 7.03 -46.29
N THR B 470 11.32 7.97 -46.75
CA THR B 470 12.35 7.66 -47.75
C THR B 470 13.53 8.59 -47.47
N GLU B 471 14.50 8.10 -46.70
CA GLU B 471 15.69 8.87 -46.35
C GLU B 471 16.93 8.00 -46.52
N ILE B 472 18.04 8.64 -46.88
CA ILE B 472 19.31 7.95 -47.04
C ILE B 472 19.89 7.75 -45.65
N TYR B 473 19.70 6.55 -45.09
CA TYR B 473 20.23 6.26 -43.77
C TYR B 473 21.75 6.20 -43.81
N GLN B 474 22.38 6.76 -42.79
CA GLN B 474 23.83 6.82 -42.68
C GLN B 474 24.30 5.87 -41.59
N ALA B 475 25.30 5.04 -41.93
CA ALA B 475 25.87 4.08 -40.98
C ALA B 475 27.04 4.66 -40.21
N GLY B 476 27.18 5.99 -40.18
CA GLY B 476 28.27 6.63 -39.47
C GLY B 476 27.93 8.03 -39.03
N SER B 477 28.92 8.92 -39.05
CA SER B 477 28.72 10.31 -38.63
C SER B 477 28.80 11.30 -39.77
N THR B 478 29.41 10.95 -40.90
CA THR B 478 29.51 11.87 -42.02
C THR B 478 28.14 12.05 -42.66
N PRO B 479 27.76 13.29 -43.02
CA PRO B 479 26.43 13.51 -43.61
C PRO B 479 26.41 13.33 -45.12
N CYS B 480 25.52 12.47 -45.61
CA CYS B 480 25.29 12.31 -47.04
C CYS B 480 23.82 12.57 -47.34
N ASN B 481 23.56 13.35 -48.39
CA ASN B 481 22.20 13.65 -48.79
C ASN B 481 22.11 13.57 -50.31
N GLY B 482 20.90 13.26 -50.79
CA GLY B 482 20.65 13.18 -52.22
C GLY B 482 20.82 11.79 -52.80
N VAL B 483 22.02 11.23 -52.72
CA VAL B 483 22.33 9.95 -53.35
C VAL B 483 23.06 9.06 -52.35
N GLU B 484 22.87 7.75 -52.51
CA GLU B 484 23.55 6.78 -51.67
C GLU B 484 25.05 6.77 -51.96
N GLY B 485 25.84 6.51 -50.93
CA GLY B 485 27.29 6.45 -51.07
C GLY B 485 27.93 5.53 -50.07
N PHE B 486 29.21 5.77 -49.75
CA PHE B 486 29.87 4.99 -48.72
C PHE B 486 29.15 5.18 -47.40
N ASN B 487 29.00 4.08 -46.65
CA ASN B 487 28.31 3.94 -45.36
C ASN B 487 26.98 4.68 -45.33
N CYS B 488 26.33 4.86 -46.48
CA CYS B 488 25.00 5.43 -46.57
C CYS B 488 24.07 4.33 -47.09
N TYR B 489 22.98 4.08 -46.36
CA TYR B 489 22.22 2.86 -46.53
C TYR B 489 20.78 3.18 -46.92
N PHE B 490 20.27 2.44 -47.92
CA PHE B 490 18.92 2.67 -48.41
C PHE B 490 17.91 2.01 -47.47
N PRO B 491 16.77 2.66 -47.19
CA PRO B 491 15.87 2.16 -46.14
C PRO B 491 14.93 1.05 -46.58
N LEU B 492 14.84 0.77 -47.88
CA LEU B 492 13.91 -0.22 -48.38
C LEU B 492 14.66 -1.34 -49.09
N GLN B 493 13.99 -2.48 -49.24
CA GLN B 493 14.58 -3.62 -49.94
C GLN B 493 13.46 -4.43 -50.58
N SER B 494 13.79 -5.05 -51.71
CA SER B 494 12.81 -5.80 -52.50
C SER B 494 12.78 -7.27 -52.09
N TYR B 495 11.97 -8.05 -52.80
CA TYR B 495 11.79 -9.47 -52.53
C TYR B 495 11.92 -10.25 -53.83
N GLY B 496 12.68 -11.34 -53.79
CA GLY B 496 12.84 -12.22 -54.93
C GLY B 496 11.85 -13.36 -54.97
N PHE B 497 10.58 -13.05 -55.23
CA PHE B 497 9.50 -14.04 -55.19
C PHE B 497 9.43 -14.76 -56.54
N GLN B 498 10.41 -15.63 -56.78
CA GLN B 498 10.44 -16.45 -57.98
C GLN B 498 9.44 -17.60 -57.86
N PRO B 499 8.71 -17.93 -58.93
CA PRO B 499 7.70 -18.99 -58.85
C PRO B 499 8.27 -20.38 -58.63
N THR B 500 9.58 -20.54 -58.45
CA THR B 500 10.19 -21.84 -58.20
C THR B 500 10.87 -21.86 -56.84
N ASN B 501 10.16 -21.36 -55.82
CA ASN B 501 10.67 -21.28 -54.46
C ASN B 501 9.89 -22.21 -53.54
N GLY B 502 10.57 -22.69 -52.51
CA GLY B 502 9.97 -23.58 -51.52
C GLY B 502 9.48 -22.85 -50.29
N VAL B 503 9.50 -23.57 -49.16
CA VAL B 503 9.03 -23.01 -47.90
C VAL B 503 9.99 -21.93 -47.42
N GLY B 504 9.45 -20.89 -46.80
CA GLY B 504 10.24 -19.76 -46.34
C GLY B 504 10.48 -18.70 -47.39
N TYR B 505 10.20 -19.00 -48.66
CA TYR B 505 10.40 -18.05 -49.75
C TYR B 505 9.12 -17.71 -50.50
N GLN B 506 8.11 -18.57 -50.46
CA GLN B 506 6.85 -18.27 -51.13
C GLN B 506 6.10 -17.18 -50.37
N PRO B 507 5.65 -16.14 -51.07
CA PRO B 507 4.90 -15.07 -50.40
C PRO B 507 3.58 -15.59 -49.83
N TYR B 508 3.26 -15.14 -48.62
CA TYR B 508 2.07 -15.55 -47.90
C TYR B 508 1.23 -14.32 -47.57
N ARG B 509 -0.09 -14.47 -47.71
CA ARG B 509 -1.03 -13.40 -47.37
C ARG B 509 -1.38 -13.52 -45.89
N VAL B 510 -1.19 -12.43 -45.15
CA VAL B 510 -1.39 -12.40 -43.70
C VAL B 510 -2.36 -11.28 -43.37
N VAL B 511 -3.41 -11.62 -42.63
CA VAL B 511 -4.39 -10.66 -42.12
C VAL B 511 -4.45 -10.80 -40.60
N VAL B 512 -4.28 -9.68 -39.90
CA VAL B 512 -4.34 -9.65 -38.44
C VAL B 512 -5.54 -8.82 -38.04
N LEU B 513 -6.43 -9.42 -37.25
CA LEU B 513 -7.62 -8.74 -36.76
C LEU B 513 -7.39 -8.34 -35.30
N SER B 514 -7.76 -7.11 -34.95
CA SER B 514 -7.69 -6.62 -33.59
C SER B 514 -8.99 -5.89 -33.27
N PHE B 515 -9.29 -5.77 -31.98
CA PHE B 515 -10.55 -5.18 -31.56
C PHE B 515 -10.47 -4.85 -30.07
N GLU B 516 -11.53 -4.24 -29.56
CA GLU B 516 -11.71 -3.99 -28.14
C GLU B 516 -13.07 -4.53 -27.72
N LEU B 517 -13.16 -4.95 -26.45
CA LEU B 517 -14.34 -5.68 -25.98
C LEU B 517 -15.38 -4.69 -25.44
N LEU B 518 -16.12 -4.11 -26.39
CA LEU B 518 -17.33 -3.33 -26.10
C LEU B 518 -17.05 -2.19 -25.10
N HIS B 519 -16.13 -1.32 -25.49
CA HIS B 519 -15.93 -0.08 -24.74
C HIS B 519 -16.93 1.00 -25.13
N ALA B 520 -17.67 0.79 -26.22
CA ALA B 520 -18.67 1.72 -26.72
C ALA B 520 -19.99 0.97 -26.89
N PRO B 521 -21.09 1.62 -27.28
CA PRO B 521 -22.30 0.88 -27.61
C PRO B 521 -22.02 -0.15 -28.71
N ALA B 522 -22.66 -1.31 -28.58
CA ALA B 522 -22.34 -2.45 -29.42
C ALA B 522 -22.58 -2.13 -30.90
N THR B 523 -21.59 -2.47 -31.72
CA THR B 523 -21.66 -2.29 -33.17
C THR B 523 -21.55 -3.60 -33.94
N VAL B 524 -20.57 -4.44 -33.60
CA VAL B 524 -20.35 -5.71 -34.28
C VAL B 524 -20.56 -6.82 -33.25
N CYS B 525 -21.75 -7.40 -33.26
CA CYS B 525 -22.13 -8.48 -32.37
C CYS B 525 -22.18 -9.80 -33.14
N GLY B 526 -22.59 -10.86 -32.45
CA GLY B 526 -22.82 -12.13 -33.07
C GLY B 526 -24.26 -12.26 -33.55
N PRO B 527 -24.54 -13.27 -34.36
CA PRO B 527 -25.92 -13.48 -34.83
C PRO B 527 -26.83 -13.96 -33.72
N LYS B 528 -27.13 -13.07 -32.78
CA LYS B 528 -27.95 -13.43 -31.62
C LYS B 528 -29.40 -13.62 -32.03
N LYS B 529 -30.07 -14.56 -31.36
CA LYS B 529 -31.44 -14.92 -31.69
C LYS B 529 -32.47 -14.16 -30.88
N SER B 530 -32.07 -13.48 -29.80
CA SER B 530 -32.97 -12.72 -28.95
C SER B 530 -34.09 -13.59 -28.39
N THR B 531 -35.17 -12.97 -27.94
CA THR B 531 -36.31 -13.68 -27.37
C THR B 531 -37.50 -12.73 -27.33
N ASN B 532 -38.59 -13.17 -26.72
CA ASN B 532 -39.77 -12.34 -26.53
C ASN B 532 -39.64 -11.58 -25.20
N LEU B 533 -40.72 -10.94 -24.77
CA LEU B 533 -40.71 -10.12 -23.57
C LEU B 533 -41.77 -10.58 -22.59
N VAL B 534 -41.52 -10.31 -21.31
CA VAL B 534 -42.45 -10.63 -20.23
C VAL B 534 -42.62 -9.39 -19.36
N LYS B 535 -43.71 -9.39 -18.58
CA LYS B 535 -44.05 -8.25 -17.75
C LYS B 535 -44.40 -8.72 -16.34
N ASN B 536 -44.18 -7.82 -15.38
CA ASN B 536 -44.58 -8.03 -13.98
C ASN B 536 -43.92 -9.27 -13.38
N LYS B 537 -42.65 -9.49 -13.71
CA LYS B 537 -41.91 -10.63 -13.21
C LYS B 537 -40.50 -10.19 -12.80
N CYS B 538 -39.99 -10.82 -11.75
CA CYS B 538 -38.60 -10.62 -11.34
C CYS B 538 -37.71 -11.32 -12.37
N VAL B 539 -37.12 -10.54 -13.27
CA VAL B 539 -36.36 -11.04 -14.41
C VAL B 539 -35.07 -10.25 -14.52
N ASN B 540 -34.02 -10.89 -15.01
CA ASN B 540 -32.80 -10.21 -15.42
C ASN B 540 -32.78 -10.07 -16.94
N PHE B 541 -32.31 -8.93 -17.41
CA PHE B 541 -32.41 -8.51 -18.79
C PHE B 541 -31.06 -8.05 -19.31
N ASN B 542 -30.90 -8.13 -20.63
CA ASN B 542 -29.67 -7.82 -21.35
C ASN B 542 -29.96 -6.96 -22.57
N PHE B 543 -30.70 -5.87 -22.36
CA PHE B 543 -31.14 -5.03 -23.48
C PHE B 543 -29.94 -4.40 -24.16
N ASN B 544 -29.59 -4.90 -25.34
CA ASN B 544 -28.51 -4.44 -26.21
C ASN B 544 -27.28 -3.94 -25.45
N GLY B 545 -26.79 -4.75 -24.51
CA GLY B 545 -25.58 -4.42 -23.78
C GLY B 545 -25.85 -4.00 -22.35
N LEU B 546 -26.87 -3.19 -22.14
CA LEU B 546 -27.30 -2.78 -20.80
C LEU B 546 -27.95 -3.97 -20.11
N THR B 547 -27.28 -4.50 -19.08
CA THR B 547 -27.78 -5.64 -18.33
C THR B 547 -28.21 -5.19 -16.94
N GLY B 548 -29.17 -5.91 -16.39
CA GLY B 548 -29.69 -5.57 -15.07
C GLY B 548 -30.69 -6.59 -14.59
N THR B 549 -31.22 -6.34 -13.39
CA THR B 549 -32.22 -7.19 -12.77
C THR B 549 -33.35 -6.33 -12.23
N GLY B 550 -34.56 -6.86 -12.25
CA GLY B 550 -35.69 -6.13 -11.69
C GLY B 550 -36.99 -6.63 -12.30
N VAL B 551 -38.01 -5.80 -12.17
CA VAL B 551 -39.33 -6.09 -12.73
C VAL B 551 -39.66 -5.03 -13.76
N LEU B 552 -40.22 -5.47 -14.90
CA LEU B 552 -40.56 -4.62 -16.02
C LEU B 552 -42.02 -4.20 -15.91
N THR B 553 -42.28 -2.91 -16.08
CA THR B 553 -43.64 -2.39 -16.03
C THR B 553 -43.87 -1.43 -17.20
N GLU B 554 -45.13 -1.25 -17.56
CA GLU B 554 -45.48 -0.23 -18.53
C GLU B 554 -45.24 1.16 -17.94
N SER B 555 -44.80 2.09 -18.80
CA SER B 555 -44.48 3.44 -18.38
C SER B 555 -45.22 4.44 -19.25
N ASN B 556 -45.50 5.61 -18.68
CA ASN B 556 -46.23 6.67 -19.36
C ASN B 556 -45.35 7.87 -19.68
N LYS B 557 -44.05 7.79 -19.42
CA LYS B 557 -43.16 8.90 -19.69
C LYS B 557 -42.96 9.07 -21.19
N LYS B 558 -42.55 10.28 -21.58
CA LYS B 558 -42.34 10.63 -22.97
C LYS B 558 -40.86 10.93 -23.20
N PHE B 559 -40.33 10.43 -24.31
CA PHE B 559 -38.92 10.59 -24.65
C PHE B 559 -38.80 11.38 -25.95
N LEU B 560 -37.71 12.16 -26.04
CA LEU B 560 -37.35 12.73 -27.32
C LEU B 560 -36.92 11.63 -28.27
N PRO B 561 -37.06 11.84 -29.58
CA PRO B 561 -36.85 10.74 -30.53
C PRO B 561 -35.42 10.20 -30.61
N PHE B 562 -34.49 10.66 -29.75
CA PHE B 562 -33.12 10.21 -29.86
C PHE B 562 -32.52 9.63 -28.57
N GLN B 563 -33.23 9.66 -27.44
CA GLN B 563 -32.69 8.99 -26.28
C GLN B 563 -32.82 7.48 -26.42
N GLN B 564 -32.12 6.76 -25.54
CA GLN B 564 -32.16 5.31 -25.52
C GLN B 564 -32.53 4.74 -24.16
N PHE B 565 -32.07 5.37 -23.07
CA PHE B 565 -32.43 4.93 -21.73
C PHE B 565 -32.31 6.11 -20.78
N GLY B 566 -33.20 6.17 -19.80
CA GLY B 566 -33.25 7.25 -18.85
C GLY B 566 -32.86 6.82 -17.45
N ARG B 567 -32.53 7.82 -16.63
CA ARG B 567 -32.16 7.59 -15.23
C ARG B 567 -32.65 8.77 -14.42
N ASP B 568 -32.72 8.58 -13.10
CA ASP B 568 -33.13 9.62 -12.18
C ASP B 568 -31.94 10.24 -11.45
N ILE B 569 -31.08 9.43 -10.83
CA ILE B 569 -29.92 9.94 -10.11
C ILE B 569 -28.96 8.79 -9.87
N ALA B 570 -27.68 9.12 -9.73
CA ALA B 570 -26.65 8.16 -9.31
C ALA B 570 -26.57 6.94 -10.23
N ASP B 571 -26.69 7.18 -11.54
CA ASP B 571 -26.54 6.13 -12.55
C ASP B 571 -27.49 4.97 -12.30
N THR B 572 -28.72 5.28 -11.88
CA THR B 572 -29.74 4.27 -11.63
C THR B 572 -30.70 4.27 -12.82
N THR B 573 -30.37 3.47 -13.82
CA THR B 573 -31.21 3.39 -15.01
C THR B 573 -32.61 2.93 -14.64
N ASP B 574 -33.61 3.69 -15.07
CA ASP B 574 -34.99 3.44 -14.66
C ASP B 574 -35.96 3.31 -15.82
N ALA B 575 -35.68 3.89 -16.98
CA ALA B 575 -36.57 3.79 -18.14
C ALA B 575 -35.75 3.31 -19.34
N VAL B 576 -36.23 2.25 -19.98
CA VAL B 576 -35.56 1.68 -21.15
C VAL B 576 -36.61 1.43 -22.22
N ARG B 577 -36.27 1.76 -23.47
CA ARG B 577 -37.18 1.57 -24.59
C ARG B 577 -36.74 0.36 -25.40
N ASP B 578 -37.70 -0.50 -25.74
CA ASP B 578 -37.35 -1.73 -26.47
C ASP B 578 -37.07 -1.40 -27.92
N PRO B 579 -35.92 -1.80 -28.46
CA PRO B 579 -35.59 -1.42 -29.85
C PRO B 579 -36.55 -2.00 -30.88
N GLN B 580 -37.10 -3.19 -30.64
CA GLN B 580 -37.97 -3.83 -31.64
C GLN B 580 -39.26 -3.03 -31.85
N THR B 581 -39.88 -2.57 -30.77
CA THR B 581 -41.18 -1.93 -30.84
C THR B 581 -41.13 -0.44 -30.57
N LEU B 582 -40.03 0.08 -30.03
CA LEU B 582 -39.90 1.48 -29.66
C LEU B 582 -40.94 1.88 -28.62
N GLU B 583 -41.14 1.01 -27.64
CA GLU B 583 -42.04 1.26 -26.52
C GLU B 583 -41.22 1.40 -25.24
N ILE B 584 -41.59 2.37 -24.42
CA ILE B 584 -40.85 2.68 -23.20
C ILE B 584 -41.36 1.81 -22.07
N LEU B 585 -40.44 1.34 -21.23
CA LEU B 585 -40.75 0.48 -20.09
C LEU B 585 -39.96 0.97 -18.88
N ASP B 586 -40.50 0.66 -17.70
CA ASP B 586 -39.92 1.10 -16.44
C ASP B 586 -39.37 -0.09 -15.68
N ILE B 587 -38.23 0.14 -15.01
CA ILE B 587 -37.54 -0.87 -14.22
C ILE B 587 -37.81 -0.59 -12.75
N THR B 588 -38.18 -1.62 -12.00
CA THR B 588 -38.35 -1.45 -10.56
C THR B 588 -37.55 -2.54 -9.85
N PRO B 589 -36.76 -2.21 -8.83
CA PRO B 589 -35.96 -3.24 -8.15
C PRO B 589 -36.84 -4.33 -7.56
N CYS B 590 -36.35 -5.56 -7.63
CA CYS B 590 -37.11 -6.70 -7.15
C CYS B 590 -37.23 -6.65 -5.64
N SER B 591 -38.43 -6.97 -5.14
CA SER B 591 -38.75 -6.72 -3.75
C SER B 591 -37.87 -7.55 -2.81
N PHE B 592 -37.48 -6.94 -1.70
CA PHE B 592 -36.69 -7.60 -0.67
C PHE B 592 -36.87 -6.85 0.63
N GLY B 593 -36.56 -7.52 1.74
CA GLY B 593 -36.69 -6.87 3.04
C GLY B 593 -36.26 -7.79 4.16
N GLY B 594 -36.21 -7.21 5.36
CA GLY B 594 -35.80 -7.96 6.52
C GLY B 594 -36.91 -8.79 7.13
N VAL B 595 -36.51 -9.72 8.00
CA VAL B 595 -37.44 -10.59 8.70
C VAL B 595 -37.11 -10.55 10.19
N SER B 596 -38.15 -10.59 11.02
CA SER B 596 -37.98 -10.55 12.46
C SER B 596 -38.96 -11.52 13.11
N VAL B 597 -38.68 -11.86 14.36
CA VAL B 597 -39.46 -12.84 15.11
C VAL B 597 -39.95 -12.21 16.40
N ILE B 598 -41.23 -12.43 16.71
CA ILE B 598 -41.83 -11.98 17.96
C ILE B 598 -42.13 -13.21 18.79
N THR B 599 -41.57 -13.25 20.00
CA THR B 599 -41.73 -14.37 20.91
C THR B 599 -42.02 -13.87 22.31
N PRO B 600 -42.81 -14.60 23.08
CA PRO B 600 -43.02 -14.26 24.49
C PRO B 600 -41.96 -14.78 25.44
N GLY B 601 -40.82 -15.23 24.92
CA GLY B 601 -39.82 -15.86 25.76
C GLY B 601 -39.99 -17.36 25.79
N THR B 602 -38.89 -18.10 25.66
CA THR B 602 -38.97 -19.55 25.61
C THR B 602 -39.46 -20.16 26.91
N ASN B 603 -39.38 -19.41 28.02
CA ASN B 603 -39.83 -19.94 29.31
C ASN B 603 -41.33 -20.20 29.29
N THR B 604 -42.11 -19.21 28.86
CA THR B 604 -43.57 -19.36 28.88
C THR B 604 -44.03 -20.41 27.87
N SER B 605 -43.55 -20.32 26.64
CA SER B 605 -43.94 -21.25 25.59
C SER B 605 -42.90 -21.17 24.48
N ASN B 606 -43.19 -21.81 23.35
CA ASN B 606 -42.29 -21.83 22.21
C ASN B 606 -43.06 -21.58 20.92
N GLN B 607 -44.03 -20.67 20.98
CA GLN B 607 -44.80 -20.26 19.80
C GLN B 607 -44.36 -18.85 19.42
N VAL B 608 -44.00 -18.67 18.15
CA VAL B 608 -43.38 -17.44 17.68
C VAL B 608 -44.10 -16.96 16.43
N ALA B 609 -44.32 -15.66 16.33
CA ALA B 609 -44.86 -15.04 15.13
C ALA B 609 -43.72 -14.42 14.32
N VAL B 610 -43.96 -14.26 13.01
CA VAL B 610 -42.94 -13.79 12.09
C VAL B 610 -43.42 -12.53 11.40
N LEU B 611 -42.51 -11.57 11.23
CA LEU B 611 -42.81 -10.27 10.64
C LEU B 611 -41.86 -10.01 9.49
N TYR B 612 -42.41 -9.81 8.30
CA TYR B 612 -41.63 -9.42 7.13
C TYR B 612 -41.79 -7.92 6.93
N GLN B 613 -40.67 -7.20 6.90
CA GLN B 613 -40.70 -5.74 6.85
C GLN B 613 -40.83 -5.25 5.41
N ASP B 614 -41.82 -4.39 5.18
CA ASP B 614 -41.97 -3.67 3.91
C ASP B 614 -42.11 -4.62 2.73
N VAL B 615 -43.20 -5.39 2.74
CA VAL B 615 -43.51 -6.30 1.65
C VAL B 615 -45.02 -6.49 1.59
N ASN B 616 -45.55 -6.61 0.38
CA ASN B 616 -46.97 -6.81 0.18
C ASN B 616 -47.35 -8.27 0.44
N CYS B 617 -48.65 -8.50 0.61
CA CYS B 617 -49.13 -9.86 0.86
C CYS B 617 -48.88 -10.77 -0.34
N THR B 618 -49.07 -10.24 -1.55
CA THR B 618 -48.93 -11.07 -2.74
C THR B 618 -47.53 -11.64 -2.89
N GLU B 619 -46.51 -10.92 -2.42
CA GLU B 619 -45.14 -11.41 -2.48
C GLU B 619 -44.80 -12.38 -1.36
N VAL B 620 -45.70 -12.58 -0.40
CA VAL B 620 -45.43 -13.47 0.73
C VAL B 620 -45.36 -14.93 0.26
N PRO B 621 -46.39 -15.48 -0.41
CA PRO B 621 -46.29 -16.91 -0.77
C PRO B 621 -45.17 -17.22 -1.73
N VAL B 622 -44.84 -16.32 -2.65
CA VAL B 622 -43.80 -16.58 -3.64
C VAL B 622 -42.40 -16.42 -3.08
N ALA B 623 -42.26 -15.89 -1.87
CA ALA B 623 -40.95 -15.70 -1.25
C ALA B 623 -40.63 -16.74 -0.19
N ILE B 624 -41.60 -17.58 0.18
CA ILE B 624 -41.37 -18.60 1.20
C ILE B 624 -41.53 -19.96 0.52
N HIS B 625 -41.14 -20.03 -0.75
CA HIS B 625 -41.27 -21.25 -1.52
C HIS B 625 -40.32 -22.33 -1.00
N ALA B 626 -40.39 -23.50 -1.62
CA ALA B 626 -39.61 -24.67 -1.19
C ALA B 626 -38.16 -24.62 -1.64
N ASP B 627 -37.66 -23.48 -2.10
CA ASP B 627 -36.28 -23.35 -2.54
C ASP B 627 -35.50 -22.25 -1.84
N GLN B 628 -36.18 -21.34 -1.12
CA GLN B 628 -35.50 -20.23 -0.46
C GLN B 628 -36.10 -20.02 0.92
N LEU B 629 -35.26 -19.55 1.83
CA LEU B 629 -35.66 -19.16 3.19
C LEU B 629 -36.32 -20.34 3.93
N THR B 630 -35.52 -21.39 4.14
CA THR B 630 -35.92 -22.55 4.95
C THR B 630 -37.20 -23.17 4.39
N PRO B 631 -37.10 -23.92 3.27
CA PRO B 631 -38.30 -24.49 2.63
C PRO B 631 -39.36 -25.04 3.58
N THR B 632 -38.94 -25.57 4.72
CA THR B 632 -39.89 -26.06 5.72
C THR B 632 -40.73 -24.93 6.30
N TRP B 633 -40.37 -23.67 6.09
CA TRP B 633 -41.20 -22.54 6.49
C TRP B 633 -42.33 -22.28 5.52
N ARG B 634 -42.44 -23.06 4.44
CA ARG B 634 -43.53 -22.88 3.49
C ARG B 634 -44.89 -23.07 4.16
N VAL B 635 -44.95 -23.92 5.18
CA VAL B 635 -46.20 -24.09 5.93
C VAL B 635 -46.59 -22.79 6.64
N TYR B 636 -45.60 -22.02 7.10
CA TYR B 636 -45.90 -20.71 7.66
C TYR B 636 -46.32 -19.70 6.60
N SER B 637 -46.06 -19.98 5.33
CA SER B 637 -46.47 -19.10 4.26
C SER B 637 -47.98 -19.06 4.07
N THR B 638 -48.71 -20.00 4.65
CA THR B 638 -50.16 -20.05 4.51
C THR B 638 -50.74 -20.60 5.81
N GLY B 639 -52.07 -20.80 5.80
CA GLY B 639 -52.75 -21.33 6.96
C GLY B 639 -52.96 -20.30 8.05
N SER B 640 -51.86 -19.79 8.60
CA SER B 640 -51.94 -18.76 9.62
C SER B 640 -52.55 -17.49 9.04
N ASN B 641 -53.36 -16.81 9.85
CA ASN B 641 -54.05 -15.60 9.39
C ASN B 641 -53.04 -14.49 9.12
N VAL B 642 -52.82 -14.20 7.85
CA VAL B 642 -51.90 -13.15 7.45
C VAL B 642 -52.51 -11.80 7.79
N PHE B 643 -51.69 -10.92 8.36
CA PHE B 643 -52.13 -9.59 8.76
C PHE B 643 -51.29 -8.54 8.05
N GLN B 644 -51.94 -7.48 7.57
CA GLN B 644 -51.27 -6.41 6.85
C GLN B 644 -51.25 -5.15 7.72
N THR B 645 -50.06 -4.66 8.02
CA THR B 645 -49.86 -3.45 8.80
C THR B 645 -49.11 -2.43 7.96
N ARG B 646 -48.74 -1.31 8.58
CA ARG B 646 -47.92 -0.32 7.91
C ARG B 646 -46.43 -0.61 8.03
N ALA B 647 -46.05 -1.57 8.86
CA ALA B 647 -44.65 -1.97 9.02
C ALA B 647 -44.33 -3.25 8.28
N GLY B 648 -45.23 -3.74 7.44
CA GLY B 648 -45.00 -4.97 6.71
C GLY B 648 -46.15 -5.95 6.84
N CYS B 649 -45.82 -7.24 6.88
CA CYS B 649 -46.82 -8.30 7.02
C CYS B 649 -46.48 -9.17 8.22
N LEU B 650 -47.52 -9.65 8.90
CA LEU B 650 -47.38 -10.44 10.11
C LEU B 650 -48.04 -11.80 9.89
N ILE B 651 -47.38 -12.86 10.37
CA ILE B 651 -47.88 -14.22 10.22
C ILE B 651 -47.77 -14.91 11.58
N GLY B 652 -48.85 -15.58 11.98
CA GLY B 652 -48.87 -16.32 13.22
C GLY B 652 -49.56 -15.63 14.38
N ALA B 653 -50.14 -14.46 14.17
CA ALA B 653 -50.77 -13.70 15.24
C ALA B 653 -52.18 -13.31 14.85
N GLU B 654 -53.10 -13.41 15.81
CA GLU B 654 -54.48 -13.03 15.61
C GLU B 654 -54.63 -11.51 15.67
N HIS B 655 -55.80 -11.04 15.24
CA HIS B 655 -56.14 -9.63 15.28
C HIS B 655 -57.37 -9.44 16.14
N VAL B 656 -57.33 -8.45 17.03
CA VAL B 656 -58.42 -8.19 17.97
C VAL B 656 -58.78 -6.71 17.89
N ASN B 657 -60.04 -6.41 18.21
CA ASN B 657 -60.55 -5.04 18.16
C ASN B 657 -60.32 -4.27 19.45
N ASN B 658 -59.85 -4.92 20.51
CA ASN B 658 -59.68 -4.27 21.79
C ASN B 658 -58.38 -3.46 21.79
N SER B 659 -57.99 -2.96 22.96
CA SER B 659 -56.76 -2.19 23.09
C SER B 659 -56.33 -2.21 24.55
N TYR B 660 -55.02 -2.38 24.77
CA TYR B 660 -54.48 -2.44 26.12
C TYR B 660 -53.13 -1.73 26.12
N GLU B 661 -52.42 -1.84 27.24
CA GLU B 661 -51.05 -1.35 27.36
C GLU B 661 -50.13 -2.54 27.15
N CYS B 662 -49.56 -2.64 25.96
CA CYS B 662 -48.78 -3.82 25.58
C CYS B 662 -47.35 -3.71 26.11
N ASP B 663 -46.53 -4.69 25.74
CA ASP B 663 -45.14 -4.73 26.18
C ASP B 663 -44.15 -5.04 25.08
N ILE B 664 -44.58 -5.52 23.91
CA ILE B 664 -43.70 -5.85 22.81
C ILE B 664 -44.04 -4.92 21.65
N PRO B 665 -43.28 -3.85 21.46
CA PRO B 665 -43.57 -2.92 20.36
C PRO B 665 -43.34 -3.56 19.01
N ILE B 666 -44.14 -3.13 18.03
CA ILE B 666 -43.99 -3.57 16.65
C ILE B 666 -43.73 -2.35 15.78
N GLY B 667 -44.67 -1.42 15.78
CA GLY B 667 -44.46 -0.18 15.06
C GLY B 667 -45.77 0.39 14.56
N ALA B 668 -45.74 1.70 14.24
CA ALA B 668 -46.88 2.42 13.72
C ALA B 668 -48.10 2.30 14.63
N GLY B 669 -47.87 2.30 15.94
CA GLY B 669 -48.96 2.18 16.89
C GLY B 669 -49.49 0.78 17.08
N ILE B 670 -48.91 -0.21 16.43
CA ILE B 670 -49.35 -1.60 16.52
C ILE B 670 -48.35 -2.37 17.36
N CYS B 671 -48.85 -3.22 18.25
CA CYS B 671 -47.99 -4.04 19.08
C CYS B 671 -48.75 -5.29 19.49
N ALA B 672 -47.99 -6.32 19.91
CA ALA B 672 -48.55 -7.63 20.16
C ALA B 672 -48.11 -8.15 21.52
N SER B 673 -48.85 -9.14 22.00
CA SER B 673 -48.57 -9.78 23.29
C SER B 673 -49.16 -11.18 23.29
N TYR B 674 -48.72 -11.99 24.26
CA TYR B 674 -49.09 -13.39 24.31
C TYR B 674 -50.46 -13.64 24.94
N GLN B 675 -51.02 -12.64 25.63
CA GLN B 675 -52.29 -12.80 26.34
C GLN B 675 -52.20 -13.87 27.42
N SER B 691 -51.95 -17.53 23.13
CA SER B 691 -51.74 -17.27 21.71
C SER B 691 -51.33 -15.82 21.48
N ILE B 692 -50.41 -15.61 20.54
CA ILE B 692 -49.93 -14.27 20.26
C ILE B 692 -51.00 -13.48 19.51
N ILE B 693 -51.34 -12.31 20.02
CA ILE B 693 -52.35 -11.45 19.42
C ILE B 693 -51.79 -10.04 19.30
N ALA B 694 -52.10 -9.37 18.19
CA ALA B 694 -51.61 -8.04 17.90
C ALA B 694 -52.78 -7.06 17.81
N TYR B 695 -52.60 -5.88 18.40
CA TYR B 695 -53.64 -4.88 18.46
C TYR B 695 -53.00 -3.49 18.35
N THR B 696 -53.81 -2.47 18.61
CA THR B 696 -53.39 -1.07 18.52
C THR B 696 -53.10 -0.53 19.92
N MET B 697 -52.10 0.35 19.98
CA MET B 697 -51.71 0.95 21.26
C MET B 697 -52.89 1.65 21.92
N SER B 698 -53.05 1.41 23.21
CA SER B 698 -54.00 2.13 24.05
C SER B 698 -53.20 2.98 25.02
N LEU B 699 -53.43 4.30 24.99
CA LEU B 699 -52.54 5.22 25.69
C LEU B 699 -52.73 5.14 27.20
N GLY B 700 -53.97 5.01 27.66
CA GLY B 700 -54.24 4.88 29.07
C GLY B 700 -55.69 5.12 29.37
N ALA B 701 -56.03 4.93 30.64
CA ALA B 701 -57.39 5.16 31.10
C ALA B 701 -57.72 6.65 31.05
N GLU B 702 -58.94 6.97 30.62
CA GLU B 702 -59.38 8.34 30.48
C GLU B 702 -60.35 8.69 31.59
N ASN B 703 -60.10 9.80 32.27
CA ASN B 703 -60.99 10.32 33.30
C ASN B 703 -61.19 11.81 33.06
N SER B 704 -62.42 12.27 33.27
CA SER B 704 -62.78 13.67 33.09
C SER B 704 -62.92 14.34 34.46
N VAL B 705 -62.21 15.44 34.64
CA VAL B 705 -62.26 16.20 35.88
C VAL B 705 -63.38 17.23 35.78
N ALA B 706 -64.23 17.28 36.79
CA ALA B 706 -65.44 18.11 36.77
C ALA B 706 -65.05 19.55 37.10
N TYR B 707 -64.78 20.34 36.06
CA TYR B 707 -64.41 21.72 36.25
C TYR B 707 -65.64 22.58 36.54
N SER B 708 -65.48 23.52 37.47
CA SER B 708 -66.55 24.43 37.85
C SER B 708 -65.91 25.62 38.53
N ASN B 709 -66.46 26.81 38.27
CA ASN B 709 -65.79 28.05 38.63
C ASN B 709 -66.13 28.53 40.04
N ASN B 710 -66.59 27.63 40.92
CA ASN B 710 -66.71 27.99 42.33
C ASN B 710 -66.36 26.81 43.24
N SER B 711 -65.50 25.90 42.79
CA SER B 711 -65.19 24.70 43.56
C SER B 711 -63.70 24.41 43.53
N ILE B 712 -63.22 23.77 44.60
CA ILE B 712 -61.84 23.34 44.74
C ILE B 712 -61.84 21.86 45.12
N ALA B 713 -60.66 21.34 45.42
CA ALA B 713 -60.51 20.00 45.98
C ALA B 713 -59.24 20.00 46.83
N ILE B 714 -59.40 19.78 48.13
CA ILE B 714 -58.31 19.91 49.10
C ILE B 714 -58.06 18.54 49.70
N PRO B 715 -56.81 18.06 49.72
CA PRO B 715 -56.54 16.75 50.31
C PRO B 715 -56.66 16.80 51.83
N THR B 716 -56.80 15.61 52.42
CA THR B 716 -56.91 15.48 53.87
C THR B 716 -55.94 14.50 54.49
N ASN B 717 -55.32 13.61 53.73
CA ASN B 717 -54.41 12.63 54.32
C ASN B 717 -53.20 12.44 53.42
N PHE B 718 -52.01 12.41 54.03
CA PHE B 718 -50.77 12.36 53.30
C PHE B 718 -50.05 11.04 53.54
N THR B 719 -49.48 10.48 52.48
CA THR B 719 -48.68 9.27 52.55
C THR B 719 -47.32 9.55 51.92
N ILE B 720 -46.27 9.00 52.52
CA ILE B 720 -44.91 9.19 52.01
C ILE B 720 -44.45 7.88 51.40
N SER B 721 -43.56 7.99 50.42
CA SER B 721 -43.07 6.84 49.68
C SER B 721 -41.58 7.01 49.41
N VAL B 722 -40.93 5.91 49.05
CA VAL B 722 -39.50 5.88 48.77
C VAL B 722 -39.31 5.32 47.36
N THR B 723 -38.47 5.99 46.58
CA THR B 723 -38.18 5.60 45.21
C THR B 723 -36.68 5.38 45.04
N THR B 724 -36.31 4.58 44.05
CA THR B 724 -34.92 4.24 43.79
C THR B 724 -34.52 4.67 42.39
N GLU B 725 -33.27 5.13 42.25
CA GLU B 725 -32.74 5.54 40.96
C GLU B 725 -31.29 5.07 40.86
N ILE B 726 -30.88 4.66 39.66
CA ILE B 726 -29.56 4.09 39.43
C ILE B 726 -28.85 4.92 38.38
N LEU B 727 -27.59 5.28 38.66
CA LEU B 727 -26.80 6.06 37.70
C LEU B 727 -25.39 5.51 37.57
N PRO B 728 -24.93 5.18 36.37
CA PRO B 728 -23.54 4.76 36.20
C PRO B 728 -22.60 5.94 36.16
N VAL B 729 -21.37 5.71 36.62
CA VAL B 729 -20.38 6.78 36.70
C VAL B 729 -19.07 6.45 36.02
N SER B 730 -18.71 5.18 35.81
CA SER B 730 -17.41 4.87 35.24
C SER B 730 -17.47 3.50 34.59
N MET B 731 -16.49 3.24 33.71
CA MET B 731 -16.34 1.97 33.02
C MET B 731 -14.95 1.41 33.30
N THR B 732 -14.64 0.30 32.65
CA THR B 732 -13.35 -0.35 32.87
C THR B 732 -12.22 0.44 32.21
N LYS B 733 -11.09 0.52 32.91
CA LYS B 733 -9.90 1.17 32.40
C LYS B 733 -9.03 0.14 31.69
N THR B 734 -8.80 0.34 30.40
CA THR B 734 -8.07 -0.62 29.59
C THR B 734 -7.05 0.09 28.71
N SER B 735 -6.02 -0.65 28.34
CA SER B 735 -4.98 -0.16 27.44
C SER B 735 -4.56 -1.28 26.50
N VAL B 736 -4.01 -0.90 25.35
CA VAL B 736 -3.59 -1.87 24.34
C VAL B 736 -2.22 -1.46 23.82
N ASP B 737 -1.37 -2.46 23.54
CA ASP B 737 -0.05 -2.22 22.99
C ASP B 737 -0.14 -2.17 21.46
N CYS B 738 1.03 -2.02 20.82
CA CYS B 738 1.11 -1.99 19.36
C CYS B 738 1.90 -3.17 18.81
N THR B 739 3.15 -3.35 19.26
CA THR B 739 3.99 -4.40 18.71
C THR B 739 3.44 -5.79 19.05
N MET B 740 2.94 -5.96 20.28
CA MET B 740 2.37 -7.24 20.68
C MET B 740 1.13 -7.60 19.87
N TYR B 741 0.48 -6.61 19.25
CA TYR B 741 -0.76 -6.87 18.54
C TYR B 741 -0.52 -7.19 17.06
N ILE B 742 0.10 -6.27 16.32
CA ILE B 742 0.23 -6.43 14.88
C ILE B 742 1.44 -7.23 14.46
N CYS B 743 2.46 -7.35 15.30
CA CYS B 743 3.65 -8.13 14.97
C CYS B 743 3.77 -9.43 15.76
N GLY B 744 3.42 -9.42 17.05
CA GLY B 744 3.55 -10.63 17.85
C GLY B 744 4.99 -11.07 18.03
N ASP B 745 5.85 -10.13 18.44
CA ASP B 745 7.28 -10.38 18.64
C ASP B 745 7.94 -10.85 17.35
N SER B 746 7.93 -9.97 16.36
CA SER B 746 8.59 -10.21 15.07
C SER B 746 9.45 -9.01 14.72
N THR B 747 10.55 -9.28 14.00
CA THR B 747 11.51 -8.25 13.67
C THR B 747 11.16 -7.54 12.36
N GLU B 748 11.06 -8.31 11.27
CA GLU B 748 10.77 -7.71 9.97
C GLU B 748 9.40 -7.04 9.96
N CYS B 749 8.46 -7.53 10.77
CA CYS B 749 7.18 -6.86 10.88
C CYS B 749 7.35 -5.44 11.40
N SER B 750 8.13 -5.28 12.47
CA SER B 750 8.40 -3.94 12.98
C SER B 750 9.20 -3.10 11.99
N ASN B 751 10.13 -3.73 11.28
CA ASN B 751 10.94 -2.99 10.30
C ASN B 751 10.06 -2.42 9.19
N LEU B 752 9.12 -3.22 8.68
CA LEU B 752 8.19 -2.73 7.68
C LEU B 752 7.13 -1.80 8.25
N LEU B 753 6.83 -1.93 9.54
CA LEU B 753 5.83 -1.08 10.17
C LEU B 753 6.34 0.34 10.41
N LEU B 754 7.58 0.48 10.85
CA LEU B 754 8.09 1.78 11.27
C LEU B 754 8.16 2.80 10.13
N GLN B 755 7.80 2.43 8.90
CA GLN B 755 7.76 3.36 7.78
C GLN B 755 6.40 4.01 7.61
N TYR B 756 5.43 3.70 8.47
CA TYR B 756 4.10 4.26 8.40
C TYR B 756 3.95 5.53 9.23
N GLY B 757 5.03 6.00 9.86
CA GLY B 757 4.98 7.18 10.69
C GLY B 757 4.59 6.89 12.12
N SER B 758 4.67 7.93 12.94
CA SER B 758 4.37 7.82 14.38
C SER B 758 2.87 7.96 14.57
N PHE B 759 2.19 6.82 14.65
CA PHE B 759 0.76 6.78 14.91
C PHE B 759 0.39 6.12 16.23
N CYS B 760 1.22 5.19 16.72
CA CYS B 760 0.92 4.53 17.99
C CYS B 760 0.95 5.50 19.17
N THR B 761 1.69 6.61 19.04
CA THR B 761 1.76 7.58 20.13
C THR B 761 0.37 8.10 20.49
N GLN B 762 -0.38 8.56 19.49
CA GLN B 762 -1.74 9.01 19.77
C GLN B 762 -2.67 7.84 20.10
N LEU B 763 -2.44 6.68 19.47
CA LEU B 763 -3.25 5.50 19.74
C LEU B 763 -3.10 4.99 21.16
N ASN B 764 -2.08 5.43 21.88
CA ASN B 764 -1.98 5.16 23.31
C ASN B 764 -2.32 6.38 24.17
N ARG B 765 -2.03 7.58 23.68
CA ARG B 765 -2.34 8.78 24.46
C ARG B 765 -3.83 8.99 24.60
N ALA B 766 -4.61 8.58 23.60
CA ALA B 766 -6.07 8.67 23.72
C ALA B 766 -6.58 7.80 24.87
N LEU B 767 -6.06 6.58 24.97
CA LEU B 767 -6.47 5.70 26.06
C LEU B 767 -6.01 6.23 27.41
N THR B 768 -4.79 6.76 27.48
CA THR B 768 -4.34 7.36 28.73
C THR B 768 -5.25 8.53 29.12
N GLY B 769 -5.61 9.36 28.15
CA GLY B 769 -6.50 10.47 28.44
C GLY B 769 -7.86 10.02 28.96
N ILE B 770 -8.45 9.01 28.32
CA ILE B 770 -9.77 8.57 28.78
C ILE B 770 -9.68 7.92 30.15
N ALA B 771 -8.59 7.19 30.44
CA ALA B 771 -8.42 6.63 31.77
C ALA B 771 -8.35 7.72 32.84
N VAL B 772 -7.53 8.75 32.58
CA VAL B 772 -7.44 9.88 33.49
C VAL B 772 -8.80 10.53 33.65
N GLU B 773 -9.55 10.63 32.55
CA GLU B 773 -10.87 11.24 32.60
C GLU B 773 -11.81 10.47 33.53
N GLN B 774 -11.81 9.13 33.42
CA GLN B 774 -12.68 8.34 34.29
C GLN B 774 -12.28 8.48 35.75
N ASP B 775 -10.97 8.46 36.03
CA ASP B 775 -10.53 8.62 37.41
C ASP B 775 -10.98 9.97 37.97
N LYS B 776 -10.77 11.04 37.19
CA LYS B 776 -11.21 12.36 37.63
C LYS B 776 -12.72 12.41 37.81
N ASN B 777 -13.46 11.73 36.95
CA ASN B 777 -14.92 11.72 37.04
C ASN B 777 -15.38 11.14 38.37
N THR B 778 -14.90 9.94 38.70
CA THR B 778 -15.34 9.32 39.96
C THR B 778 -14.86 10.13 41.16
N GLN B 779 -13.63 10.66 41.10
CA GLN B 779 -13.12 11.46 42.21
C GLN B 779 -13.99 12.70 42.43
N GLU B 780 -14.40 13.35 41.33
CA GLU B 780 -15.24 14.54 41.47
C GLU B 780 -16.64 14.18 41.96
N VAL B 781 -17.19 13.05 41.52
CA VAL B 781 -18.53 12.69 41.92
C VAL B 781 -18.60 12.41 43.42
N PHE B 782 -17.66 11.63 43.95
CA PHE B 782 -17.81 11.26 45.35
C PHE B 782 -17.13 12.19 46.35
N ALA B 783 -15.97 12.76 46.00
CA ALA B 783 -15.27 13.63 46.95
C ALA B 783 -16.01 14.95 47.07
N GLN B 784 -16.89 15.05 48.05
CA GLN B 784 -17.63 16.27 48.31
C GLN B 784 -17.67 16.68 49.77
N VAL B 785 -16.96 15.96 50.65
CA VAL B 785 -16.91 16.29 52.08
C VAL B 785 -15.45 16.45 52.48
N LYS B 786 -15.17 17.50 53.26
CA LYS B 786 -13.82 17.79 53.69
C LYS B 786 -13.39 17.01 54.92
N GLN B 787 -14.32 16.32 55.59
CA GLN B 787 -14.01 15.55 56.78
C GLN B 787 -14.83 14.28 56.77
N ILE B 788 -14.68 13.47 57.81
CA ILE B 788 -15.40 12.22 57.98
C ILE B 788 -16.13 12.25 59.31
N TYR B 789 -17.44 12.00 59.29
CA TYR B 789 -18.26 11.99 60.49
C TYR B 789 -18.62 10.57 60.88
N LYS B 790 -18.96 10.39 62.16
CA LYS B 790 -19.30 9.09 62.69
C LYS B 790 -20.62 9.17 63.45
N THR B 791 -21.42 8.11 63.35
CA THR B 791 -22.69 8.06 64.04
C THR B 791 -22.48 7.91 65.54
N PRO B 792 -23.38 8.47 66.36
CA PRO B 792 -23.27 8.26 67.80
C PRO B 792 -23.53 6.81 68.16
N PRO B 793 -22.90 6.30 69.23
CA PRO B 793 -23.12 4.90 69.61
C PRO B 793 -24.56 4.58 69.95
N ILE B 794 -25.31 5.51 70.55
CA ILE B 794 -26.71 5.31 70.89
C ILE B 794 -27.55 6.09 69.90
N LYS B 795 -28.55 5.41 69.31
CA LYS B 795 -29.33 5.96 68.22
C LYS B 795 -30.80 5.99 68.61
N ASP B 796 -31.35 7.20 68.77
CA ASP B 796 -32.78 7.40 69.01
C ASP B 796 -33.23 8.58 68.16
N PHE B 797 -33.63 8.30 66.93
CA PHE B 797 -34.04 9.33 65.98
C PHE B 797 -35.56 9.46 65.95
N GLY B 798 -36.13 9.73 67.13
CA GLY B 798 -37.56 9.97 67.22
C GLY B 798 -38.43 8.81 66.81
N GLY B 799 -37.89 7.59 66.82
CA GLY B 799 -38.63 6.41 66.45
C GLY B 799 -38.34 5.88 65.06
N PHE B 800 -37.70 6.66 64.21
CA PHE B 800 -37.32 6.18 62.89
C PHE B 800 -36.23 5.12 63.00
N ASN B 801 -36.30 4.12 62.13
CA ASN B 801 -35.42 2.96 62.19
C ASN B 801 -34.50 3.00 60.96
N PHE B 802 -33.20 3.13 61.20
CA PHE B 802 -32.21 3.28 60.14
C PHE B 802 -31.22 2.11 60.11
N SER B 803 -31.60 0.95 60.65
CA SER B 803 -30.67 -0.18 60.69
C SER B 803 -30.34 -0.68 59.29
N GLN B 804 -31.33 -0.76 58.40
CA GLN B 804 -31.11 -1.33 57.08
C GLN B 804 -30.26 -0.45 56.18
N ILE B 805 -30.00 0.80 56.56
CA ILE B 805 -29.23 1.70 55.71
C ILE B 805 -27.91 2.13 56.36
N LEU B 806 -27.74 2.00 57.66
CA LEU B 806 -26.51 2.38 58.31
C LEU B 806 -25.47 1.26 58.21
N PRO B 807 -24.19 1.60 58.27
CA PRO B 807 -23.16 0.56 58.24
C PRO B 807 -23.24 -0.36 59.45
N ASP B 808 -22.88 -1.62 59.23
CA ASP B 808 -22.89 -2.63 60.28
C ASP B 808 -21.47 -2.96 60.69
N PRO B 809 -21.11 -2.83 61.96
CA PRO B 809 -19.73 -3.10 62.36
C PRO B 809 -19.45 -4.57 62.60
N SER B 810 -19.88 -5.42 61.68
CA SER B 810 -19.53 -6.84 61.71
C SER B 810 -19.31 -7.44 60.33
N LYS B 811 -19.43 -6.65 59.27
CA LYS B 811 -19.22 -7.09 57.90
C LYS B 811 -17.74 -7.05 57.55
N PRO B 812 -17.29 -7.94 56.65
CA PRO B 812 -15.87 -7.90 56.25
C PRO B 812 -15.46 -6.60 55.59
N SER B 813 -16.35 -5.96 54.84
CA SER B 813 -16.04 -4.75 54.10
C SER B 813 -16.72 -3.51 54.67
N LYS B 814 -17.36 -3.62 55.82
CA LYS B 814 -18.05 -2.50 56.47
C LYS B 814 -19.08 -1.87 55.53
N ARG B 815 -20.06 -2.68 55.14
CA ARG B 815 -21.09 -2.28 54.20
C ARG B 815 -22.45 -2.53 54.81
N SER B 816 -23.44 -1.78 54.33
CA SER B 816 -24.80 -1.92 54.82
C SER B 816 -25.51 -3.06 54.09
N PHE B 817 -26.77 -3.28 54.47
CA PHE B 817 -27.56 -4.37 53.90
C PHE B 817 -27.80 -4.16 52.40
N ILE B 818 -28.29 -2.98 52.03
CA ILE B 818 -28.71 -2.74 50.65
C ILE B 818 -27.52 -2.83 49.71
N GLU B 819 -26.35 -2.32 50.11
CA GLU B 819 -25.17 -2.44 49.28
C GLU B 819 -24.81 -3.90 49.02
N ASP B 820 -24.95 -4.74 50.05
CA ASP B 820 -24.67 -6.16 49.87
C ASP B 820 -25.65 -6.80 48.89
N LEU B 821 -26.94 -6.45 48.98
CA LEU B 821 -27.90 -6.98 48.01
C LEU B 821 -27.57 -6.52 46.59
N LEU B 822 -27.20 -5.25 46.42
CA LEU B 822 -26.82 -4.78 45.08
C LEU B 822 -25.59 -5.51 44.55
N PHE B 823 -24.58 -5.71 45.39
CA PHE B 823 -23.39 -6.42 44.93
C PHE B 823 -23.70 -7.87 44.57
N ASN B 824 -24.53 -8.53 45.37
CA ASN B 824 -24.90 -9.91 45.08
C ASN B 824 -25.89 -10.03 43.93
N LYS B 825 -26.54 -8.94 43.53
CA LYS B 825 -27.52 -9.00 42.45
C LYS B 825 -26.84 -9.21 41.10
N VAL B 826 -25.97 -8.29 40.72
CA VAL B 826 -25.32 -8.33 39.41
C VAL B 826 -24.01 -9.09 39.52
N THR B 827 -23.68 -9.83 38.45
CA THR B 827 -22.44 -10.59 38.39
C THR B 827 -22.10 -10.82 36.93
N LEU B 828 -20.88 -10.49 36.53
CA LEU B 828 -20.45 -10.62 35.14
C LEU B 828 -20.44 -12.09 34.70
N PHE B 855 -5.86 -11.91 26.45
CA PHE B 855 -4.57 -11.58 27.03
C PHE B 855 -3.46 -11.70 25.99
N ASN B 856 -3.56 -10.87 24.95
CA ASN B 856 -2.64 -10.89 23.82
C ASN B 856 -2.15 -9.49 23.51
N GLY B 857 -1.69 -8.78 24.53
CA GLY B 857 -1.26 -7.41 24.40
C GLY B 857 -2.22 -6.37 24.94
N LEU B 858 -3.29 -6.79 25.61
CA LEU B 858 -4.25 -5.90 26.22
C LEU B 858 -4.14 -5.98 27.72
N THR B 859 -4.28 -4.84 28.40
CA THR B 859 -4.12 -4.76 29.83
C THR B 859 -5.31 -4.04 30.45
N VAL B 860 -5.67 -4.45 31.66
CA VAL B 860 -6.74 -3.83 32.42
C VAL B 860 -6.12 -3.21 33.66
N LEU B 861 -6.35 -1.91 33.85
CA LEU B 861 -5.73 -1.31 35.02
C LEU B 861 -6.72 -1.18 36.16
N PRO B 862 -6.27 -1.38 37.40
CA PRO B 862 -7.18 -1.28 38.53
C PRO B 862 -7.59 0.17 38.77
N PRO B 863 -8.78 0.40 39.31
CA PRO B 863 -9.19 1.77 39.62
C PRO B 863 -8.41 2.31 40.82
N LEU B 864 -8.33 3.64 40.88
CA LEU B 864 -7.61 4.28 41.97
C LEU B 864 -8.33 4.09 43.30
N LEU B 865 -9.66 4.21 43.31
CA LEU B 865 -10.46 4.10 44.52
C LEU B 865 -11.15 2.75 44.55
N THR B 866 -10.81 1.93 45.53
CA THR B 866 -11.43 0.62 45.67
C THR B 866 -12.76 0.77 46.40
N ASP B 867 -13.35 -0.36 46.79
CA ASP B 867 -14.68 -0.34 47.41
C ASP B 867 -14.67 0.34 48.78
N GLU B 868 -13.56 0.22 49.51
CA GLU B 868 -13.54 0.68 50.90
C GLU B 868 -13.71 2.20 50.99
N MET B 869 -12.99 2.95 50.15
CA MET B 869 -13.14 4.40 50.18
C MET B 869 -14.54 4.82 49.76
N ILE B 870 -15.13 4.10 48.79
CA ILE B 870 -16.49 4.42 48.37
C ILE B 870 -17.46 4.22 49.53
N ALA B 871 -17.33 3.10 50.24
CA ALA B 871 -18.19 2.84 51.37
C ALA B 871 -18.01 3.88 52.46
N GLN B 872 -16.77 4.27 52.73
CA GLN B 872 -16.51 5.28 53.74
C GLN B 872 -17.15 6.62 53.37
N TYR B 873 -17.02 7.02 52.10
CA TYR B 873 -17.61 8.28 51.66
C TYR B 873 -19.13 8.24 51.76
N THR B 874 -19.74 7.13 51.34
CA THR B 874 -21.19 7.02 51.44
C THR B 874 -21.66 7.07 52.88
N SER B 875 -20.94 6.38 53.78
CA SER B 875 -21.31 6.39 55.19
C SER B 875 -21.17 7.79 55.79
N ALA B 876 -20.09 8.50 55.43
CA ALA B 876 -19.92 9.85 55.93
C ALA B 876 -21.02 10.77 55.44
N LEU B 877 -21.39 10.67 54.16
CA LEU B 877 -22.48 11.48 53.65
C LEU B 877 -23.80 11.17 54.36
N LEU B 878 -24.07 9.88 54.58
CA LEU B 878 -25.30 9.49 55.26
C LEU B 878 -25.34 10.03 56.69
N ALA B 879 -24.24 9.89 57.43
CA ALA B 879 -24.20 10.40 58.79
C ALA B 879 -24.36 11.91 58.82
N GLY B 880 -23.70 12.61 57.91
CA GLY B 880 -23.83 14.06 57.86
C GLY B 880 -25.25 14.51 57.57
N THR B 881 -25.90 13.89 56.58
CA THR B 881 -27.25 14.30 56.24
C THR B 881 -28.29 13.80 57.24
N ILE B 882 -27.95 12.83 58.08
CA ILE B 882 -28.89 12.37 59.09
C ILE B 882 -28.69 13.09 60.43
N THR B 883 -27.55 13.73 60.65
CA THR B 883 -27.30 14.43 61.91
C THR B 883 -27.50 15.94 61.78
N SER B 884 -26.79 16.58 60.86
CA SER B 884 -26.72 18.04 60.81
C SER B 884 -27.57 18.65 59.71
N GLY B 885 -28.52 17.90 59.15
CA GLY B 885 -29.34 18.45 58.09
C GLY B 885 -28.50 18.83 56.88
N TRP B 886 -28.69 20.04 56.39
CA TRP B 886 -27.93 20.56 55.26
C TRP B 886 -26.89 21.59 55.66
N THR B 887 -26.68 21.80 56.95
CA THR B 887 -25.77 22.85 57.40
C THR B 887 -24.31 22.53 57.12
N PHE B 888 -23.95 21.26 56.97
CA PHE B 888 -22.56 20.89 56.76
C PHE B 888 -22.11 21.11 55.33
N GLY B 889 -23.03 21.28 54.39
CA GLY B 889 -22.68 21.54 53.01
C GLY B 889 -22.19 22.94 52.72
N ALA B 890 -22.27 23.84 53.70
CA ALA B 890 -21.80 25.21 53.51
C ALA B 890 -20.90 25.67 54.67
N GLY B 891 -20.45 24.73 55.51
CA GLY B 891 -19.63 25.10 56.65
C GLY B 891 -19.48 23.92 57.58
N ALA B 892 -19.09 24.22 58.82
CA ALA B 892 -18.97 23.19 59.83
C ALA B 892 -20.33 22.63 60.21
N ALA B 893 -20.37 21.33 60.48
CA ALA B 893 -21.62 20.67 60.83
C ALA B 893 -22.15 21.18 62.16
N LEU B 894 -23.46 21.37 62.23
CA LEU B 894 -24.13 21.85 63.44
C LEU B 894 -25.22 20.86 63.83
N GLN B 895 -25.18 20.40 65.07
CA GLN B 895 -26.13 19.39 65.52
C GLN B 895 -27.54 19.97 65.57
N ILE B 896 -28.52 19.08 65.42
CA ILE B 896 -29.93 19.44 65.43
C ILE B 896 -30.75 18.17 65.65
N PRO B 897 -31.73 18.18 66.56
CA PRO B 897 -32.59 17.00 66.71
C PRO B 897 -33.34 16.72 65.42
N PHE B 898 -33.56 15.43 65.15
CA PHE B 898 -34.11 15.01 63.87
C PHE B 898 -35.52 15.57 63.65
N ALA B 899 -36.30 15.65 64.72
CA ALA B 899 -37.68 16.12 64.60
C ALA B 899 -37.73 17.56 64.09
N MET B 900 -36.86 18.42 64.60
CA MET B 900 -36.88 19.82 64.16
C MET B 900 -36.43 19.96 62.71
N GLN B 901 -35.46 19.14 62.29
CA GLN B 901 -35.07 19.12 60.88
C GLN B 901 -36.22 18.67 60.00
N MET B 902 -36.95 17.64 60.42
CA MET B 902 -38.12 17.20 59.66
C MET B 902 -39.18 18.30 59.60
N ALA B 903 -39.37 19.02 60.71
CA ALA B 903 -40.31 20.14 60.72
C ALA B 903 -39.90 21.22 59.74
N TYR B 904 -38.61 21.53 59.68
CA TYR B 904 -38.12 22.49 58.69
C TYR B 904 -38.38 21.99 57.28
N ARG B 905 -38.20 20.69 57.05
CA ARG B 905 -38.40 20.15 55.71
C ARG B 905 -39.87 20.23 55.29
N PHE B 906 -40.80 19.94 56.20
CA PHE B 906 -42.20 20.19 55.87
C PHE B 906 -42.49 21.67 55.67
N ASN B 907 -41.92 22.53 56.51
CA ASN B 907 -42.17 23.96 56.36
C ASN B 907 -41.68 24.47 55.02
N GLY B 908 -40.63 23.85 54.46
CA GLY B 908 -40.14 24.27 53.17
C GLY B 908 -41.14 24.09 52.05
N ILE B 909 -41.87 22.97 52.05
CA ILE B 909 -42.74 22.64 50.92
C ILE B 909 -44.10 23.30 51.00
N GLY B 910 -44.38 24.07 52.06
CA GLY B 910 -45.62 24.80 52.18
C GLY B 910 -46.55 24.32 53.27
N VAL B 911 -46.36 23.10 53.77
CA VAL B 911 -47.17 22.59 54.87
C VAL B 911 -46.55 23.08 56.18
N THR B 912 -47.38 23.67 57.03
CA THR B 912 -46.90 24.23 58.28
C THR B 912 -46.42 23.14 59.22
N GLN B 913 -45.49 23.50 60.11
CA GLN B 913 -44.89 22.55 61.05
C GLN B 913 -45.88 22.03 62.08
N ASN B 914 -47.05 22.66 62.20
CA ASN B 914 -48.05 22.16 63.13
C ASN B 914 -48.51 20.75 62.77
N VAL B 915 -48.52 20.42 61.48
CA VAL B 915 -49.04 19.13 61.04
C VAL B 915 -48.14 17.98 61.51
N LEU B 916 -46.82 18.14 61.36
CA LEU B 916 -45.92 17.03 61.63
C LEU B 916 -45.93 16.63 63.10
N TYR B 917 -45.89 17.61 64.00
CA TYR B 917 -45.68 17.31 65.41
C TYR B 917 -46.83 16.51 66.01
N GLU B 918 -48.00 16.50 65.38
CA GLU B 918 -49.14 15.76 65.88
C GLU B 918 -49.33 14.41 65.20
N ASN B 919 -48.44 14.03 64.27
CA ASN B 919 -48.56 12.78 63.55
C ASN B 919 -47.21 12.10 63.41
N GLN B 920 -46.40 12.14 64.47
CA GLN B 920 -45.07 11.54 64.41
C GLN B 920 -45.13 10.03 64.23
N LYS B 921 -46.00 9.36 64.97
CA LYS B 921 -46.04 7.90 64.94
C LYS B 921 -46.46 7.37 63.57
N LEU B 922 -47.47 8.00 62.96
CA LEU B 922 -47.91 7.58 61.64
C LEU B 922 -46.79 7.72 60.61
N ILE B 923 -46.07 8.85 60.64
CA ILE B 923 -44.99 9.07 59.70
C ILE B 923 -43.88 8.04 59.91
N ALA B 924 -43.53 7.77 61.17
CA ALA B 924 -42.48 6.80 61.43
C ALA B 924 -42.88 5.41 60.93
N ASN B 925 -44.12 5.00 61.19
CA ASN B 925 -44.57 3.68 60.74
C ASN B 925 -44.59 3.59 59.23
N GLN B 926 -45.08 4.64 58.55
CA GLN B 926 -45.10 4.64 57.09
C GLN B 926 -43.69 4.56 56.52
N PHE B 927 -42.76 5.34 57.09
CA PHE B 927 -41.39 5.33 56.61
C PHE B 927 -40.76 3.95 56.76
N ASN B 928 -40.93 3.33 57.93
CA ASN B 928 -40.36 2.01 58.16
C ASN B 928 -40.96 0.97 57.22
N SER B 929 -42.28 1.00 57.05
CA SER B 929 -42.92 0.05 56.14
C SER B 929 -42.44 0.25 54.71
N ALA B 930 -42.30 1.50 54.29
CA ALA B 930 -41.85 1.77 52.92
C ALA B 930 -40.42 1.28 52.70
N ILE B 931 -39.53 1.52 53.67
CA ILE B 931 -38.15 1.09 53.47
C ILE B 931 -38.04 -0.43 53.49
N GLY B 932 -38.82 -1.09 54.35
CA GLY B 932 -38.85 -2.55 54.31
C GLY B 932 -39.38 -3.08 53.00
N LYS B 933 -40.43 -2.45 52.47
CA LYS B 933 -41.00 -2.88 51.20
C LYS B 933 -40.00 -2.71 50.06
N ILE B 934 -39.27 -1.60 50.05
CA ILE B 934 -38.32 -1.38 48.96
C ILE B 934 -37.14 -2.35 49.08
N GLN B 935 -36.72 -2.67 50.31
CA GLN B 935 -35.68 -3.67 50.48
C GLN B 935 -36.14 -5.03 49.94
N ASP B 936 -37.38 -5.42 50.27
CA ASP B 936 -37.91 -6.69 49.76
C ASP B 936 -38.03 -6.67 48.24
N SER B 937 -38.46 -5.54 47.67
CA SER B 937 -38.61 -5.44 46.23
C SER B 937 -37.26 -5.59 45.53
N LEU B 938 -36.22 -4.95 46.06
CA LEU B 938 -34.89 -5.13 45.48
C LEU B 938 -34.40 -6.55 45.65
N SER B 939 -34.69 -7.17 46.80
CA SER B 939 -34.23 -8.54 47.03
C SER B 939 -34.89 -9.51 46.08
N SER B 940 -36.18 -9.34 45.80
CA SER B 940 -36.94 -10.31 45.02
C SER B 940 -36.93 -9.98 43.53
N THR B 941 -37.40 -8.80 43.17
CA THR B 941 -37.55 -8.44 41.77
C THR B 941 -36.19 -8.15 41.14
N ALA B 942 -35.93 -8.79 40.01
CA ALA B 942 -34.69 -8.62 39.26
C ALA B 942 -34.95 -7.71 38.06
N SER B 943 -33.94 -7.59 37.18
CA SER B 943 -34.03 -6.81 35.95
C SER B 943 -34.30 -5.34 36.21
N ALA B 944 -33.85 -4.84 37.37
CA ALA B 944 -33.96 -3.43 37.71
C ALA B 944 -32.63 -2.69 37.53
N LEU B 945 -31.58 -3.38 37.07
CA LEU B 945 -30.27 -2.77 36.94
C LEU B 945 -29.79 -2.85 35.50
N GLY B 946 -30.64 -2.45 34.55
CA GLY B 946 -30.31 -2.61 33.15
C GLY B 946 -29.11 -1.81 32.69
N LYS B 947 -28.91 -0.62 33.26
CA LYS B 947 -27.87 0.28 32.75
C LYS B 947 -26.47 -0.29 32.97
N LEU B 948 -26.17 -0.71 34.20
CA LEU B 948 -24.84 -1.23 34.50
C LEU B 948 -24.56 -2.50 33.71
N GLN B 949 -25.55 -3.39 33.62
CA GLN B 949 -25.39 -4.61 32.83
C GLN B 949 -25.14 -4.28 31.36
N ASP B 950 -25.86 -3.30 30.83
CA ASP B 950 -25.66 -2.90 29.44
C ASP B 950 -24.24 -2.39 29.22
N VAL B 951 -23.75 -1.55 30.13
CA VAL B 951 -22.40 -1.01 29.99
C VAL B 951 -21.37 -2.13 30.00
N VAL B 952 -21.47 -3.03 30.99
CA VAL B 952 -20.51 -4.11 31.11
C VAL B 952 -20.55 -5.01 29.87
N ASN B 953 -21.77 -5.35 29.42
CA ASN B 953 -21.91 -6.22 28.26
C ASN B 953 -21.33 -5.58 27.00
N GLN B 954 -21.58 -4.28 26.81
CA GLN B 954 -21.04 -3.61 25.63
C GLN B 954 -19.52 -3.58 25.65
N ASN B 955 -18.93 -3.28 26.81
CA ASN B 955 -17.47 -3.26 26.90
C ASN B 955 -16.88 -4.64 26.62
N ALA B 956 -17.46 -5.68 27.25
CA ALA B 956 -16.96 -7.03 27.05
C ALA B 956 -17.10 -7.46 25.60
N GLN B 957 -18.22 -7.14 24.96
CA GLN B 957 -18.43 -7.53 23.57
C GLN B 957 -17.46 -6.83 22.65
N ALA B 958 -17.19 -5.53 22.89
CA ALA B 958 -16.23 -4.82 22.06
C ALA B 958 -14.83 -5.44 22.19
N LEU B 959 -14.41 -5.73 23.42
CA LEU B 959 -13.10 -6.36 23.60
C LEU B 959 -13.07 -7.73 22.94
N ASN B 960 -14.15 -8.49 23.08
CA ASN B 960 -14.19 -9.83 22.49
C ASN B 960 -14.09 -9.79 20.97
N THR B 961 -14.81 -8.87 20.33
CA THR B 961 -14.71 -8.80 18.87
C THR B 961 -13.36 -8.28 18.42
N LEU B 962 -12.74 -7.37 19.19
CA LEU B 962 -11.40 -6.95 18.85
C LEU B 962 -10.42 -8.12 18.91
N VAL B 963 -10.56 -8.97 19.93
CA VAL B 963 -9.72 -10.17 20.00
C VAL B 963 -10.01 -11.11 18.85
N LYS B 964 -11.30 -11.32 18.54
CA LYS B 964 -11.70 -12.26 17.50
C LYS B 964 -11.22 -11.82 16.12
N GLN B 965 -11.01 -10.53 15.89
CA GLN B 965 -10.61 -10.06 14.57
C GLN B 965 -9.25 -10.62 14.13
N LEU B 966 -8.47 -11.18 15.05
CA LEU B 966 -7.15 -11.70 14.69
C LEU B 966 -7.26 -12.87 13.70
N SER B 967 -8.22 -13.77 13.93
CA SER B 967 -8.29 -15.00 13.16
C SER B 967 -8.61 -14.79 11.68
N SER B 968 -9.05 -13.60 11.29
CA SER B 968 -9.37 -13.34 9.89
C SER B 968 -8.10 -13.36 9.04
N ASN B 969 -8.21 -14.01 7.88
CA ASN B 969 -7.07 -14.12 6.97
C ASN B 969 -6.79 -12.84 6.20
N PHE B 970 -7.80 -11.98 6.01
CA PHE B 970 -7.67 -10.76 5.24
C PHE B 970 -7.23 -11.04 3.80
N GLY B 971 -7.59 -12.21 3.29
CA GLY B 971 -7.21 -12.58 1.94
C GLY B 971 -5.75 -12.94 1.77
N ALA B 972 -5.01 -13.14 2.86
CA ALA B 972 -3.60 -13.46 2.77
C ALA B 972 -3.42 -14.97 2.64
N ILE B 973 -2.16 -15.39 2.57
CA ILE B 973 -1.84 -16.81 2.42
C ILE B 973 -2.25 -17.58 3.67
N SER B 974 -1.93 -17.05 4.84
CA SER B 974 -2.28 -17.69 6.10
C SER B 974 -2.51 -16.62 7.16
N SER B 975 -3.25 -17.01 8.20
CA SER B 975 -3.60 -16.06 9.26
C SER B 975 -2.41 -15.76 10.17
N VAL B 976 -1.43 -16.64 10.25
CA VAL B 976 -0.30 -16.49 11.16
C VAL B 976 0.89 -15.92 10.39
N LEU B 977 1.70 -15.12 11.08
CA LEU B 977 2.84 -14.47 10.43
C LEU B 977 3.99 -15.44 10.20
N ASN B 978 4.25 -16.33 11.16
CA ASN B 978 5.43 -17.18 11.09
C ASN B 978 5.37 -18.12 9.89
N ASP B 979 4.20 -18.69 9.61
CA ASP B 979 4.08 -19.65 8.52
C ASP B 979 4.39 -18.99 7.18
N ILE B 980 3.76 -17.86 6.88
CA ILE B 980 4.00 -17.19 5.61
C ILE B 980 5.42 -16.64 5.55
N LEU B 981 5.98 -16.22 6.70
CA LEU B 981 7.33 -15.71 6.72
C LEU B 981 8.35 -16.80 6.39
N SER B 982 8.16 -18.00 6.96
CA SER B 982 9.14 -19.07 6.83
C SER B 982 8.92 -19.95 5.61
N ARG B 983 7.81 -19.80 4.89
CA ARG B 983 7.52 -20.63 3.73
C ARG B 983 7.68 -19.87 2.42
N LEU B 984 8.10 -18.61 2.45
CA LEU B 984 8.20 -17.82 1.24
C LEU B 984 9.34 -16.81 1.39
N ASP B 985 9.72 -16.23 0.26
CA ASP B 985 10.78 -15.23 0.18
C ASP B 985 10.22 -13.83 0.33
N PRO B 986 11.07 -12.85 0.61
CA PRO B 986 10.59 -11.47 0.89
C PRO B 986 9.74 -10.86 -0.22
N PRO B 987 10.02 -11.11 -1.52
CA PRO B 987 9.30 -10.34 -2.56
C PRO B 987 7.78 -10.32 -2.44
N GLU B 988 7.14 -11.41 -2.04
CA GLU B 988 5.70 -11.38 -1.79
C GLU B 988 5.36 -11.45 -0.31
N ALA B 989 6.30 -11.85 0.54
CA ALA B 989 6.10 -11.77 1.98
C ALA B 989 5.85 -10.33 2.40
N GLU B 990 6.50 -9.38 1.73
CA GLU B 990 6.25 -7.97 2.01
C GLU B 990 4.81 -7.59 1.72
N VAL B 991 4.26 -8.06 0.61
CA VAL B 991 2.87 -7.77 0.26
C VAL B 991 1.92 -8.39 1.29
N GLN B 992 2.20 -9.63 1.68
CA GLN B 992 1.36 -10.28 2.69
C GLN B 992 1.39 -9.50 4.01
N ILE B 993 2.57 -9.05 4.42
CA ILE B 993 2.71 -8.28 5.64
C ILE B 993 1.93 -6.98 5.54
N ASP B 994 2.01 -6.31 4.39
CA ASP B 994 1.30 -5.05 4.20
C ASP B 994 -0.21 -5.26 4.33
N ARG B 995 -0.73 -6.32 3.70
CA ARG B 995 -2.17 -6.60 3.81
C ARG B 995 -2.57 -6.85 5.26
N LEU B 996 -1.80 -7.68 5.96
CA LEU B 996 -2.14 -8.00 7.35
C LEU B 996 -2.13 -6.75 8.22
N ILE B 997 -1.10 -5.92 8.07
CA ILE B 997 -0.99 -4.75 8.96
C ILE B 997 -2.07 -3.74 8.64
N THR B 998 -2.41 -3.55 7.35
CA THR B 998 -3.47 -2.59 7.06
C THR B 998 -4.80 -3.06 7.64
N GLY B 999 -5.09 -4.37 7.57
CA GLY B 999 -6.31 -4.87 8.18
C GLY B 999 -6.33 -4.65 9.69
N ARG B 1000 -5.23 -4.96 10.35
CA ARG B 1000 -5.19 -4.84 11.80
C ARG B 1000 -5.32 -3.38 12.25
N LEU B 1001 -4.66 -2.46 11.51
CA LEU B 1001 -4.81 -1.04 11.83
C LEU B 1001 -6.23 -0.56 11.61
N GLN B 1002 -6.91 -1.05 10.57
CA GLN B 1002 -8.31 -0.67 10.40
C GLN B 1002 -9.14 -1.09 11.60
N SER B 1003 -8.96 -2.34 12.05
CA SER B 1003 -9.71 -2.82 13.22
C SER B 1003 -9.40 -1.98 14.46
N LEU B 1004 -8.11 -1.67 14.68
CA LEU B 1004 -7.73 -0.89 15.85
C LEU B 1004 -8.35 0.51 15.82
N GLN B 1005 -8.36 1.14 14.65
CA GLN B 1005 -8.96 2.46 14.53
C GLN B 1005 -10.45 2.42 14.87
N THR B 1006 -11.16 1.41 14.35
CA THR B 1006 -12.58 1.30 14.67
C THR B 1006 -12.80 1.14 16.17
N TYR B 1007 -12.00 0.29 16.81
CA TYR B 1007 -12.16 0.08 18.25
C TYR B 1007 -11.91 1.36 19.02
N VAL B 1008 -10.87 2.11 18.66
CA VAL B 1008 -10.56 3.34 19.38
C VAL B 1008 -11.69 4.35 19.24
N THR B 1009 -12.25 4.48 18.03
CA THR B 1009 -13.36 5.42 17.84
C THR B 1009 -14.56 5.03 18.71
N GLN B 1010 -14.90 3.74 18.74
CA GLN B 1010 -16.02 3.31 19.58
C GLN B 1010 -15.76 3.63 21.05
N GLN B 1011 -14.54 3.38 21.52
CA GLN B 1011 -14.21 3.66 22.91
C GLN B 1011 -14.33 5.13 23.22
N LEU B 1012 -13.88 6.00 22.32
CA LEU B 1012 -13.99 7.44 22.55
C LEU B 1012 -15.45 7.87 22.68
N ILE B 1013 -16.31 7.37 21.78
CA ILE B 1013 -17.71 7.77 21.83
C ILE B 1013 -18.35 7.33 23.15
N ARG B 1014 -18.12 6.06 23.54
CA ARG B 1014 -18.73 5.57 24.76
C ARG B 1014 -18.21 6.32 25.98
N ALA B 1015 -16.91 6.65 26.00
CA ALA B 1015 -16.35 7.40 27.11
C ALA B 1015 -16.98 8.78 27.23
N ALA B 1016 -17.20 9.46 26.09
CA ALA B 1016 -17.84 10.76 26.14
C ALA B 1016 -19.26 10.67 26.72
N GLU B 1017 -20.02 9.68 26.27
CA GLU B 1017 -21.39 9.54 26.79
C GLU B 1017 -21.38 9.27 28.30
N ILE B 1018 -20.47 8.39 28.75
CA ILE B 1018 -20.38 8.09 30.17
C ILE B 1018 -19.99 9.32 30.95
N ARG B 1019 -19.11 10.15 30.39
CA ARG B 1019 -18.73 11.39 31.06
C ARG B 1019 -19.93 12.31 31.25
N ALA B 1020 -20.76 12.45 30.22
CA ALA B 1020 -21.95 13.28 30.35
C ALA B 1020 -22.87 12.74 31.45
N SER B 1021 -23.09 11.43 31.46
CA SER B 1021 -23.95 10.84 32.49
C SER B 1021 -23.39 11.06 33.89
N ALA B 1022 -22.07 10.91 34.05
CA ALA B 1022 -21.46 11.11 35.36
C ALA B 1022 -21.58 12.55 35.80
N ASN B 1023 -21.44 13.50 34.88
CA ASN B 1023 -21.63 14.90 35.24
C ASN B 1023 -23.05 15.16 35.74
N LEU B 1024 -24.05 14.60 35.05
CA LEU B 1024 -25.42 14.76 35.50
C LEU B 1024 -25.62 14.16 36.89
N ALA B 1025 -25.07 12.97 37.12
CA ALA B 1025 -25.21 12.33 38.42
C ALA B 1025 -24.56 13.15 39.52
N ALA B 1026 -23.37 13.72 39.25
CA ALA B 1026 -22.71 14.54 40.24
C ALA B 1026 -23.54 15.78 40.57
N THR B 1027 -24.11 16.42 39.55
CA THR B 1027 -24.96 17.58 39.80
C THR B 1027 -26.14 17.21 40.67
N LYS B 1028 -26.82 16.11 40.34
CA LYS B 1028 -27.98 15.70 41.13
C LYS B 1028 -27.61 15.38 42.56
N MET B 1029 -26.50 14.67 42.76
CA MET B 1029 -26.09 14.32 44.12
C MET B 1029 -25.75 15.57 44.92
N SER B 1030 -25.02 16.51 44.31
CA SER B 1030 -24.66 17.72 45.04
C SER B 1030 -25.86 18.59 45.35
N GLU B 1031 -26.91 18.52 44.52
CA GLU B 1031 -28.05 19.40 44.75
C GLU B 1031 -29.06 18.79 45.72
N CYS B 1032 -29.55 17.58 45.45
CA CYS B 1032 -30.63 17.03 46.25
C CYS B 1032 -30.18 16.63 47.64
N VAL B 1033 -29.04 15.94 47.75
CA VAL B 1033 -28.64 15.35 49.03
C VAL B 1033 -28.27 16.43 50.04
N LEU B 1034 -27.47 17.40 49.62
CA LEU B 1034 -26.95 18.41 50.53
C LEU B 1034 -27.90 19.59 50.71
N GLY B 1035 -29.14 19.49 50.22
CA GLY B 1035 -30.10 20.55 50.39
C GLY B 1035 -31.52 20.10 50.16
N GLN B 1036 -32.32 20.94 49.51
CA GLN B 1036 -33.69 20.59 49.16
C GLN B 1036 -33.99 21.12 47.77
N SER B 1037 -34.91 20.45 47.08
CA SER B 1037 -35.21 20.74 45.68
C SER B 1037 -36.50 21.53 45.59
N LYS B 1038 -36.42 22.75 45.09
CA LYS B 1038 -37.61 23.52 44.73
C LYS B 1038 -38.05 23.26 43.30
N ARG B 1039 -37.14 22.85 42.43
CA ARG B 1039 -37.50 22.45 41.09
C ARG B 1039 -38.29 21.15 41.13
N VAL B 1040 -39.36 21.09 40.34
CA VAL B 1040 -40.32 20.00 40.42
C VAL B 1040 -39.83 18.81 39.62
N ASP B 1041 -40.10 17.60 40.13
CA ASP B 1041 -39.84 16.35 39.42
C ASP B 1041 -38.37 16.21 39.02
N PHE B 1042 -37.47 16.61 39.91
CA PHE B 1042 -36.05 16.38 39.71
C PHE B 1042 -35.57 15.16 40.47
N CYS B 1043 -35.86 15.08 41.76
CA CYS B 1043 -35.55 13.91 42.59
C CYS B 1043 -36.86 13.30 43.07
N GLY B 1044 -37.19 12.12 42.53
CA GLY B 1044 -38.40 11.43 42.93
C GLY B 1044 -39.64 11.96 42.25
N LYS B 1045 -40.77 11.39 42.64
CA LYS B 1045 -42.07 11.77 42.11
C LYS B 1045 -42.88 12.47 43.19
N GLY B 1046 -43.39 13.64 42.87
CA GLY B 1046 -44.08 14.45 43.85
C GLY B 1046 -43.14 15.40 44.57
N TYR B 1047 -43.64 15.96 45.67
CA TYR B 1047 -42.82 16.86 46.47
C TYR B 1047 -41.67 16.09 47.11
N HIS B 1048 -40.50 16.73 47.17
CA HIS B 1048 -39.29 16.09 47.63
C HIS B 1048 -38.98 16.51 49.07
N LEU B 1049 -38.50 15.55 49.86
CA LEU B 1049 -38.12 15.79 51.24
C LEU B 1049 -36.63 15.62 51.45
N MET B 1050 -36.07 14.48 51.09
CA MET B 1050 -34.66 14.16 51.34
C MET B 1050 -34.30 12.90 50.57
N SER B 1051 -33.02 12.55 50.61
CA SER B 1051 -32.54 11.42 49.83
C SER B 1051 -31.34 10.79 50.53
N PHE B 1052 -31.05 9.55 50.14
CA PHE B 1052 -29.93 8.78 50.66
C PHE B 1052 -29.11 8.21 49.52
N PRO B 1053 -27.79 8.28 49.60
CA PRO B 1053 -26.94 7.64 48.59
C PRO B 1053 -26.48 6.25 48.99
N GLN B 1054 -26.20 5.44 47.96
CA GLN B 1054 -25.70 4.09 48.14
C GLN B 1054 -24.75 3.77 46.99
N SER B 1055 -23.77 2.92 47.26
CA SER B 1055 -22.78 2.55 46.26
C SER B 1055 -23.33 1.45 45.34
N ALA B 1056 -22.59 1.21 44.26
CA ALA B 1056 -22.91 0.13 43.33
C ALA B 1056 -21.60 -0.38 42.76
N PRO B 1057 -21.62 -1.53 42.07
CA PRO B 1057 -20.38 -2.01 41.44
C PRO B 1057 -19.73 -1.00 40.52
N HIS B 1058 -20.51 -0.28 39.72
CA HIS B 1058 -19.98 0.74 38.83
C HIS B 1058 -20.91 1.94 38.76
N GLY B 1059 -21.42 2.38 39.90
CA GLY B 1059 -22.34 3.51 39.89
C GLY B 1059 -22.87 3.82 41.26
N VAL B 1060 -23.90 4.65 41.28
CA VAL B 1060 -24.51 5.13 42.51
C VAL B 1060 -26.02 4.87 42.44
N VAL B 1061 -26.64 4.74 43.61
CA VAL B 1061 -28.08 4.51 43.72
C VAL B 1061 -28.65 5.48 44.73
N PHE B 1062 -29.69 6.20 44.35
CA PHE B 1062 -30.33 7.18 45.20
C PHE B 1062 -31.68 6.66 45.68
N LEU B 1063 -31.95 6.85 46.97
CA LEU B 1063 -33.25 6.58 47.56
C LEU B 1063 -33.89 7.92 47.89
N HIS B 1064 -34.90 8.30 47.12
CA HIS B 1064 -35.64 9.53 47.35
C HIS B 1064 -36.81 9.26 48.27
N VAL B 1065 -37.07 10.20 49.18
CA VAL B 1065 -38.23 10.15 50.07
C VAL B 1065 -39.12 11.32 49.71
N THR B 1066 -40.37 11.04 49.37
CA THR B 1066 -41.27 12.04 48.81
C THR B 1066 -42.49 12.22 49.71
N TYR B 1067 -43.44 13.03 49.24
CA TYR B 1067 -44.65 13.37 49.99
C TYR B 1067 -45.80 13.42 49.00
N VAL B 1068 -46.85 12.63 49.25
CA VAL B 1068 -47.96 12.49 48.33
C VAL B 1068 -49.28 12.67 49.07
N PRO B 1069 -50.08 13.69 48.75
CA PRO B 1069 -51.38 13.85 49.37
C PRO B 1069 -52.46 13.02 48.68
N ALA B 1070 -53.57 12.83 49.39
CA ALA B 1070 -54.68 12.03 48.91
C ALA B 1070 -55.86 12.21 49.87
N GLN B 1071 -56.97 11.54 49.56
CA GLN B 1071 -58.20 11.58 50.34
C GLN B 1071 -58.75 13.00 50.41
N GLU B 1072 -59.14 13.50 49.24
CA GLU B 1072 -59.56 14.88 49.08
C GLU B 1072 -61.05 15.05 49.36
N LYS B 1073 -61.54 16.28 49.18
CA LYS B 1073 -62.94 16.62 49.37
C LYS B 1073 -63.35 17.58 48.26
N ASN B 1074 -64.54 18.17 48.38
CA ASN B 1074 -65.09 19.02 47.33
C ASN B 1074 -65.19 20.49 47.75
N PHE B 1075 -65.92 20.79 48.82
CA PHE B 1075 -66.05 22.15 49.33
C PHE B 1075 -66.55 23.15 48.28
N THR B 1076 -66.42 24.44 48.58
CA THR B 1076 -66.86 25.52 47.73
C THR B 1076 -66.17 26.80 48.19
N THR B 1077 -65.73 27.61 47.24
CA THR B 1077 -64.83 28.72 47.52
C THR B 1077 -65.46 30.06 47.14
N ALA B 1078 -64.65 31.11 47.28
CA ALA B 1078 -64.96 32.49 46.94
C ALA B 1078 -63.68 33.32 46.97
N PRO B 1079 -63.55 34.33 46.11
CA PRO B 1079 -62.25 35.05 46.03
C PRO B 1079 -61.99 35.97 47.21
N ALA B 1080 -62.99 36.69 47.70
CA ALA B 1080 -62.79 37.68 48.75
C ALA B 1080 -64.09 37.85 49.51
N ILE B 1081 -64.01 38.50 50.67
CA ILE B 1081 -65.17 38.71 51.53
C ILE B 1081 -65.38 40.19 51.75
N CYS B 1082 -66.61 40.67 51.52
CA CYS B 1082 -66.94 42.05 51.77
C CYS B 1082 -67.49 42.23 53.17
N HIS B 1083 -67.17 43.38 53.77
CA HIS B 1083 -67.63 43.70 55.11
C HIS B 1083 -67.54 45.20 55.30
N ASP B 1084 -68.68 45.83 55.62
CA ASP B 1084 -68.75 47.29 55.81
C ASP B 1084 -68.23 48.03 54.58
N GLY B 1085 -68.43 47.47 53.40
CA GLY B 1085 -67.99 48.07 52.17
C GLY B 1085 -66.53 47.87 51.82
N LYS B 1086 -65.77 47.16 52.65
CA LYS B 1086 -64.37 46.91 52.41
C LYS B 1086 -64.13 45.45 52.04
N ALA B 1087 -63.10 45.21 51.25
CA ALA B 1087 -62.78 43.88 50.76
C ALA B 1087 -61.67 43.26 51.60
N HIS B 1088 -61.83 41.99 51.94
CA HIS B 1088 -60.86 41.24 52.73
C HIS B 1088 -60.38 40.05 51.92
N PHE B 1089 -59.05 39.94 51.79
CA PHE B 1089 -58.35 38.85 51.15
C PHE B 1089 -57.54 38.08 52.18
N PRO B 1090 -57.22 36.81 51.93
CA PRO B 1090 -56.42 36.05 52.90
C PRO B 1090 -54.95 36.36 52.75
N ARG B 1091 -54.26 36.43 53.90
CA ARG B 1091 -52.82 36.66 53.88
C ARG B 1091 -52.10 35.51 53.18
N GLU B 1092 -52.47 34.28 53.51
CA GLU B 1092 -52.00 33.10 52.82
C GLU B 1092 -52.99 31.97 53.09
N GLY B 1093 -53.31 31.21 52.05
CA GLY B 1093 -54.34 30.21 52.17
C GLY B 1093 -55.50 30.49 51.24
N VAL B 1094 -56.70 30.01 51.58
CA VAL B 1094 -57.85 30.13 50.70
C VAL B 1094 -59.10 29.98 51.54
N PHE B 1095 -60.15 30.72 51.15
CA PHE B 1095 -61.47 30.60 51.77
C PHE B 1095 -62.16 29.34 51.29
N VAL B 1096 -62.77 28.62 52.24
CA VAL B 1096 -63.58 27.45 51.94
C VAL B 1096 -64.88 27.57 52.72
N SER B 1097 -65.89 26.84 52.25
CA SER B 1097 -67.21 26.85 52.88
C SER B 1097 -67.82 25.47 52.74
N ASN B 1098 -67.96 24.76 53.86
CA ASN B 1098 -68.53 23.42 53.81
C ASN B 1098 -70.02 23.42 53.51
N GLY B 1099 -70.67 24.58 53.53
CA GLY B 1099 -72.08 24.67 53.20
C GLY B 1099 -72.85 25.63 54.07
N THR B 1100 -72.38 25.88 55.29
CA THR B 1100 -73.07 26.79 56.20
C THR B 1100 -72.17 27.78 56.91
N HIS B 1101 -70.84 27.63 56.85
CA HIS B 1101 -69.92 28.57 57.45
C HIS B 1101 -68.79 28.83 56.48
N TRP B 1102 -67.76 29.54 56.95
CA TRP B 1102 -66.60 29.84 56.14
C TRP B 1102 -65.34 29.68 56.98
N PHE B 1103 -64.24 29.33 56.32
CA PHE B 1103 -62.97 29.09 57.00
C PHE B 1103 -61.84 29.46 56.05
N VAL B 1104 -60.63 29.56 56.60
CA VAL B 1104 -59.42 29.78 55.83
C VAL B 1104 -58.49 28.60 56.06
N THR B 1105 -58.00 28.01 54.97
CA THR B 1105 -57.11 26.86 55.07
C THR B 1105 -55.96 27.01 54.10
N GLN B 1106 -54.80 26.47 54.48
CA GLN B 1106 -53.67 26.47 53.57
C GLN B 1106 -53.92 25.48 52.43
N ARG B 1107 -53.17 25.68 51.34
CA ARG B 1107 -53.50 25.01 50.08
C ARG B 1107 -53.36 23.50 50.18
N ASN B 1108 -52.31 23.02 50.85
CA ASN B 1108 -51.92 21.61 50.78
C ASN B 1108 -52.46 20.76 51.91
N PHE B 1109 -53.29 21.31 52.80
CA PHE B 1109 -53.83 20.51 53.89
C PHE B 1109 -55.14 21.14 54.36
N TYR B 1110 -55.89 20.37 55.13
CA TYR B 1110 -57.19 20.79 55.65
C TYR B 1110 -57.10 20.94 57.16
N GLU B 1111 -57.25 22.17 57.64
CA GLU B 1111 -57.37 22.46 59.06
C GLU B 1111 -58.09 23.79 59.23
N PRO B 1112 -59.42 23.78 59.27
CA PRO B 1112 -60.18 25.03 59.24
C PRO B 1112 -59.89 25.91 60.45
N GLN B 1113 -59.86 27.22 60.20
CA GLN B 1113 -59.77 28.22 61.24
C GLN B 1113 -60.79 29.31 60.96
N ILE B 1114 -61.34 29.89 62.04
CA ILE B 1114 -62.35 30.92 61.87
C ILE B 1114 -61.72 32.19 61.31
N ILE B 1115 -62.52 32.99 60.63
CA ILE B 1115 -62.02 34.18 59.95
C ILE B 1115 -61.88 35.31 60.95
N THR B 1116 -60.68 35.83 61.10
CA THR B 1116 -60.39 36.95 61.99
C THR B 1116 -59.85 38.12 61.15
N THR B 1117 -59.41 39.16 61.85
CA THR B 1117 -58.86 40.34 61.19
C THR B 1117 -57.34 40.38 61.25
N ASP B 1118 -56.68 39.32 61.72
CA ASP B 1118 -55.24 39.26 61.75
C ASP B 1118 -54.65 38.37 60.65
N ASN B 1119 -55.37 37.34 60.24
CA ASN B 1119 -54.94 36.46 59.16
C ASN B 1119 -55.43 36.92 57.79
N THR B 1120 -56.12 38.05 57.72
CA THR B 1120 -56.59 38.61 56.45
C THR B 1120 -56.14 40.05 56.35
N PHE B 1121 -56.19 40.58 55.14
CA PHE B 1121 -55.81 41.98 54.91
C PHE B 1121 -56.84 42.64 54.01
N VAL B 1122 -56.94 43.96 54.15
CA VAL B 1122 -57.95 44.77 53.47
C VAL B 1122 -57.25 45.64 52.44
N SER B 1123 -57.92 45.86 51.31
CA SER B 1123 -57.38 46.71 50.25
C SER B 1123 -58.55 47.24 49.42
N GLY B 1124 -58.81 48.54 49.54
CA GLY B 1124 -59.85 49.16 48.73
C GLY B 1124 -61.25 48.73 49.12
N ASN B 1125 -62.19 49.04 48.23
CA ASN B 1125 -63.58 48.67 48.39
C ASN B 1125 -63.98 47.70 47.29
N CYS B 1126 -64.86 46.76 47.63
CA CYS B 1126 -65.24 45.69 46.71
C CYS B 1126 -66.41 46.16 45.86
N ASP B 1127 -66.10 46.81 44.74
CA ASP B 1127 -67.07 47.17 43.73
C ASP B 1127 -66.73 46.62 42.36
N VAL B 1128 -65.52 46.11 42.16
CA VAL B 1128 -65.09 45.58 40.87
C VAL B 1128 -64.71 44.10 40.95
N VAL B 1129 -64.48 43.56 42.14
CA VAL B 1129 -64.12 42.15 42.27
C VAL B 1129 -65.33 41.29 41.97
N ILE B 1130 -65.14 40.25 41.17
CA ILE B 1130 -66.22 39.37 40.73
C ILE B 1130 -66.26 38.14 41.63
N GLY B 1131 -67.46 37.69 41.96
CA GLY B 1131 -67.64 36.51 42.78
C GLY B 1131 -67.60 36.75 44.27
N ILE B 1132 -67.58 38.01 44.71
CA ILE B 1132 -67.52 38.30 46.14
C ILE B 1132 -68.77 37.78 46.84
N VAL B 1133 -68.57 37.19 48.02
CA VAL B 1133 -69.65 36.72 48.87
C VAL B 1133 -69.66 37.58 50.13
N ASN B 1134 -70.86 37.96 50.57
CA ASN B 1134 -71.01 38.92 51.65
C ASN B 1134 -71.30 38.21 52.96
N ASN B 1135 -70.46 38.47 53.96
CA ASN B 1135 -70.54 37.80 55.25
C ASN B 1135 -69.88 38.70 56.29
N THR B 1136 -69.57 38.15 57.46
CA THR B 1136 -69.04 38.91 58.58
C THR B 1136 -67.66 38.38 58.98
N VAL B 1137 -66.84 39.27 59.53
CA VAL B 1137 -65.51 38.95 60.02
C VAL B 1137 -65.44 39.30 61.49
N TYR B 1138 -64.95 38.38 62.30
CA TYR B 1138 -64.90 38.54 63.75
C TYR B 1138 -63.51 39.01 64.17
N ASP B 1139 -63.43 40.25 64.66
CA ASP B 1139 -62.18 40.76 65.21
C ASP B 1139 -62.06 40.36 66.68
N PRO B 1140 -60.84 40.23 67.19
CA PRO B 1140 -60.67 39.80 68.59
C PRO B 1140 -60.63 40.95 69.57
N LEU B 1141 -60.41 42.17 69.08
CA LEU B 1141 -60.25 43.31 69.97
C LEU B 1141 -61.56 43.68 70.65
N GLN B 1142 -62.66 43.72 69.88
CA GLN B 1142 -63.93 44.16 70.44
C GLN B 1142 -64.44 43.30 71.58
N PRO B 1143 -64.49 41.96 71.47
CA PRO B 1143 -64.99 41.18 72.62
C PRO B 1143 -64.15 41.33 73.87
N GLU B 1144 -62.84 41.47 73.72
CA GLU B 1144 -61.98 41.68 74.89
C GLU B 1144 -62.07 43.11 75.41
N LEU B 1145 -62.53 44.05 74.59
CA LEU B 1145 -62.70 45.43 75.06
C LEU B 1145 -63.73 45.51 76.18
N ASP B 1146 -64.83 44.78 76.06
CA ASP B 1146 -65.89 44.82 77.06
C ASP B 1146 -65.47 44.04 78.32
N ALA C 27 -16.06 42.00 -39.00
CA ALA C 27 -17.31 42.31 -38.31
C ALA C 27 -17.48 41.43 -37.09
N TYR C 28 -17.61 42.07 -35.92
CA TYR C 28 -17.73 41.38 -34.65
C TYR C 28 -19.14 41.51 -34.12
N THR C 29 -19.58 40.50 -33.37
CA THR C 29 -20.91 40.54 -32.76
C THR C 29 -20.84 39.82 -31.41
N ASN C 30 -21.79 40.16 -30.53
CA ASN C 30 -21.84 39.62 -29.18
C ASN C 30 -22.83 38.45 -29.15
N SER C 31 -22.31 37.24 -29.03
CA SER C 31 -23.12 36.04 -28.85
C SER C 31 -23.52 35.96 -27.38
N PHE C 32 -24.79 36.22 -27.10
CA PHE C 32 -25.30 36.29 -25.74
C PHE C 32 -25.24 34.96 -25.01
N THR C 33 -26.05 33.99 -25.44
CA THR C 33 -26.15 32.73 -24.71
C THR C 33 -26.31 31.50 -25.60
N ARG C 34 -26.06 31.62 -26.91
CA ARG C 34 -26.28 30.48 -27.79
C ARG C 34 -25.14 29.47 -27.67
N GLY C 35 -25.39 28.27 -28.20
CA GLY C 35 -24.35 27.25 -28.28
C GLY C 35 -24.40 26.21 -27.20
N VAL C 36 -25.57 25.65 -26.92
CA VAL C 36 -25.74 24.58 -25.96
C VAL C 36 -26.41 23.40 -26.65
N TYR C 37 -25.83 22.21 -26.48
CA TYR C 37 -26.32 20.99 -27.11
C TYR C 37 -26.42 19.90 -26.06
N TYR C 38 -27.34 18.96 -26.28
CA TYR C 38 -27.49 17.82 -25.39
C TYR C 38 -26.19 17.02 -25.37
N PRO C 39 -25.45 17.05 -24.27
CA PRO C 39 -24.12 16.41 -24.26
C PRO C 39 -24.18 14.90 -24.45
N ASP C 40 -25.30 14.26 -24.16
CA ASP C 40 -25.40 12.82 -24.21
C ASP C 40 -26.81 12.45 -24.67
N LYS C 41 -27.05 11.15 -24.80
CA LYS C 41 -28.33 10.61 -25.25
C LYS C 41 -29.08 9.94 -24.10
N VAL C 42 -28.98 10.52 -22.91
CA VAL C 42 -29.57 9.97 -21.69
C VAL C 42 -30.72 10.86 -21.26
N PHE C 43 -31.86 10.25 -20.97
CA PHE C 43 -33.04 10.99 -20.54
C PHE C 43 -32.94 11.38 -19.08
N ARG C 44 -33.47 12.55 -18.75
CA ARG C 44 -33.56 13.01 -17.37
C ARG C 44 -34.84 13.83 -17.22
N SER C 45 -35.12 14.26 -16.00
CA SER C 45 -36.33 15.03 -15.74
C SER C 45 -36.18 15.81 -14.45
N SER C 46 -36.27 17.13 -14.53
CA SER C 46 -36.31 18.02 -13.37
C SER C 46 -35.15 17.75 -12.41
N VAL C 47 -33.94 18.00 -12.91
CA VAL C 47 -32.74 17.80 -12.10
C VAL C 47 -31.62 18.63 -12.70
N LEU C 48 -30.81 19.23 -11.82
CA LEU C 48 -29.65 20.00 -12.23
C LEU C 48 -28.48 19.05 -12.49
N HIS C 49 -27.82 19.22 -13.63
CA HIS C 49 -26.70 18.37 -14.00
C HIS C 49 -25.50 19.22 -14.38
N SER C 50 -24.34 18.92 -13.79
CA SER C 50 -23.11 19.63 -14.09
C SER C 50 -22.30 18.83 -15.10
N THR C 51 -21.82 19.50 -16.14
CA THR C 51 -21.10 18.82 -17.22
C THR C 51 -19.91 19.66 -17.67
N GLN C 52 -18.76 19.01 -17.77
CA GLN C 52 -17.55 19.63 -18.32
C GLN C 52 -17.32 19.06 -19.71
N ASP C 53 -17.37 19.93 -20.72
CA ASP C 53 -17.30 19.50 -22.11
C ASP C 53 -16.98 20.70 -22.99
N LEU C 54 -16.92 20.45 -24.29
CA LEU C 54 -16.67 21.50 -25.26
C LEU C 54 -17.94 22.33 -25.46
N PHE C 55 -17.82 23.64 -25.25
CA PHE C 55 -18.96 24.54 -25.37
C PHE C 55 -18.48 25.89 -25.87
N LEU C 56 -19.43 26.67 -26.36
CA LEU C 56 -19.16 28.04 -26.80
C LEU C 56 -19.33 28.98 -25.61
N PRO C 57 -18.29 29.72 -25.21
CA PRO C 57 -18.43 30.61 -24.06
C PRO C 57 -19.50 31.66 -24.29
N PHE C 58 -20.22 32.00 -23.22
CA PHE C 58 -21.30 32.96 -23.32
C PHE C 58 -20.76 34.38 -23.49
N PHE C 59 -21.60 35.24 -24.06
CA PHE C 59 -21.26 36.65 -24.29
C PHE C 59 -19.93 36.76 -25.05
N SER C 60 -19.79 35.95 -26.07
CA SER C 60 -18.53 35.84 -26.79
C SER C 60 -18.51 36.76 -28.01
N ASN C 61 -17.34 36.86 -28.64
CA ASN C 61 -17.19 37.58 -29.89
C ASN C 61 -17.25 36.61 -31.06
N VAL C 62 -18.25 36.78 -31.91
CA VAL C 62 -18.44 35.94 -33.10
C VAL C 62 -18.14 36.79 -34.32
N THR C 63 -17.43 36.21 -35.28
CA THR C 63 -17.10 36.92 -36.50
C THR C 63 -18.26 36.84 -37.48
N TRP C 64 -18.50 37.94 -38.19
CA TRP C 64 -19.65 38.07 -39.07
C TRP C 64 -19.15 38.31 -40.49
N PHE C 65 -19.64 37.53 -41.43
CA PHE C 65 -19.17 37.59 -42.81
C PHE C 65 -20.32 37.88 -43.76
N HIS C 66 -20.01 38.61 -44.83
CA HIS C 66 -20.97 39.02 -45.85
C HIS C 66 -20.72 38.24 -47.13
N ALA C 67 -21.80 37.83 -47.78
CA ALA C 67 -21.71 37.15 -49.08
C ALA C 67 -22.00 38.15 -50.20
N ILE C 68 -21.02 39.03 -50.43
CA ILE C 68 -21.08 40.03 -51.50
C ILE C 68 -19.67 40.16 -52.09
N HIS C 69 -19.55 41.05 -53.07
CA HIS C 69 -18.27 41.31 -53.72
C HIS C 69 -17.32 42.02 -52.77
N ASP C 80 -17.36 37.23 -48.60
CA ASP C 80 -16.57 36.30 -49.41
C ASP C 80 -16.50 34.93 -48.74
N ASN C 81 -15.63 34.06 -49.26
CA ASN C 81 -15.49 32.69 -48.77
C ASN C 81 -14.02 32.42 -48.49
N PRO C 82 -13.50 32.88 -47.37
CA PRO C 82 -12.10 32.62 -47.01
C PRO C 82 -11.95 31.36 -46.18
N VAL C 83 -10.83 30.68 -46.40
CA VAL C 83 -10.51 29.49 -45.62
C VAL C 83 -10.28 29.88 -44.17
N LEU C 84 -10.80 29.09 -43.24
CA LEU C 84 -10.75 29.40 -41.83
C LEU C 84 -10.24 28.21 -41.05
N PRO C 85 -9.50 28.45 -39.96
CA PRO C 85 -9.03 27.34 -39.13
C PRO C 85 -10.18 26.62 -38.44
N PHE C 86 -10.00 25.32 -38.22
CA PHE C 86 -11.00 24.52 -37.52
C PHE C 86 -10.87 24.66 -36.01
N ASN C 87 -9.73 24.24 -35.47
CA ASN C 87 -9.38 24.43 -34.05
C ASN C 87 -10.44 23.84 -33.12
N ASP C 88 -10.57 22.51 -33.17
CA ASP C 88 -11.36 21.74 -32.21
C ASP C 88 -12.82 22.17 -32.21
N GLY C 89 -13.48 21.92 -33.34
CA GLY C 89 -14.89 22.18 -33.49
C GLY C 89 -15.17 23.61 -33.90
N VAL C 90 -16.42 23.84 -34.31
CA VAL C 90 -16.82 25.15 -34.81
C VAL C 90 -18.33 25.30 -34.70
N TYR C 91 -18.76 26.54 -34.51
CA TYR C 91 -20.17 26.93 -34.51
C TYR C 91 -20.48 27.59 -35.85
N PHE C 92 -21.75 27.59 -36.23
CA PHE C 92 -22.14 28.17 -37.52
C PHE C 92 -23.58 28.63 -37.43
N ALA C 93 -23.82 29.92 -37.65
CA ALA C 93 -25.17 30.48 -37.62
C ALA C 93 -25.48 31.08 -38.98
N SER C 94 -26.52 30.56 -39.64
CA SER C 94 -26.93 31.03 -40.95
C SER C 94 -28.38 31.50 -40.88
N THR C 95 -28.65 32.69 -41.42
CA THR C 95 -29.97 33.29 -41.40
C THR C 95 -30.37 33.76 -42.78
N GLU C 96 -30.03 32.97 -43.80
CA GLU C 96 -30.29 33.34 -45.18
C GLU C 96 -31.68 32.85 -45.59
N LYS C 97 -32.54 33.77 -46.02
CA LYS C 97 -33.88 33.39 -46.43
C LYS C 97 -33.87 32.64 -47.75
N SER C 98 -33.10 33.12 -48.73
CA SER C 98 -33.05 32.48 -50.03
C SER C 98 -32.24 31.20 -49.96
N ASN C 99 -32.64 30.20 -50.75
CA ASN C 99 -31.96 28.91 -50.80
C ASN C 99 -30.66 29.06 -51.61
N ILE C 100 -29.68 29.68 -50.96
CA ILE C 100 -28.38 29.95 -51.58
C ILE C 100 -27.28 29.11 -50.96
N ILE C 101 -27.19 29.10 -49.62
CA ILE C 101 -26.19 28.29 -48.95
C ILE C 101 -26.46 26.82 -49.21
N ARG C 102 -25.42 26.09 -49.62
CA ARG C 102 -25.58 24.71 -50.07
C ARG C 102 -24.81 23.72 -49.21
N GLY C 103 -23.51 23.93 -49.00
CA GLY C 103 -22.75 22.92 -48.30
C GLY C 103 -21.39 23.43 -47.85
N TRP C 104 -20.60 22.51 -47.32
CA TRP C 104 -19.29 22.80 -46.76
C TRP C 104 -18.23 21.98 -47.50
N ILE C 105 -16.97 22.34 -47.26
CA ILE C 105 -15.83 21.59 -47.75
C ILE C 105 -14.76 21.62 -46.69
N PHE C 106 -14.33 20.45 -46.23
CA PHE C 106 -13.36 20.32 -45.15
C PHE C 106 -12.05 19.78 -45.69
N GLY C 107 -11.01 19.89 -44.88
CA GLY C 107 -9.75 19.24 -45.22
C GLY C 107 -8.59 19.89 -44.51
N THR C 108 -7.41 19.29 -44.72
CA THR C 108 -6.17 19.81 -44.17
C THR C 108 -5.25 20.45 -45.21
N THR C 109 -5.29 19.96 -46.45
CA THR C 109 -4.57 20.57 -47.56
C THR C 109 -5.47 20.99 -48.70
N LEU C 110 -6.75 20.62 -48.67
CA LEU C 110 -7.73 20.99 -49.70
C LEU C 110 -7.34 20.46 -51.06
N ASP C 111 -6.54 19.39 -51.09
CA ASP C 111 -6.06 18.81 -52.34
C ASP C 111 -6.23 17.30 -52.26
N SER C 112 -6.26 16.66 -53.44
CA SER C 112 -6.38 15.21 -53.52
C SER C 112 -5.19 14.48 -52.91
N LYS C 113 -4.19 15.20 -52.41
CA LYS C 113 -3.08 14.56 -51.70
C LYS C 113 -3.56 13.84 -50.46
N THR C 114 -4.50 14.45 -49.73
CA THR C 114 -5.07 13.86 -48.52
C THR C 114 -6.59 13.90 -48.61
N GLN C 115 -7.22 12.91 -47.97
CA GLN C 115 -8.67 12.81 -48.01
C GLN C 115 -9.32 14.03 -47.38
N SER C 116 -10.38 14.53 -48.02
CA SER C 116 -11.07 15.74 -47.59
C SER C 116 -12.57 15.49 -47.58
N LEU C 117 -13.21 15.83 -46.46
CA LEU C 117 -14.65 15.60 -46.33
C LEU C 117 -15.43 16.62 -47.16
N LEU C 118 -16.57 16.18 -47.67
CA LEU C 118 -17.39 17.00 -48.55
C LEU C 118 -18.85 16.69 -48.33
N ILE C 119 -19.66 17.73 -48.18
CA ILE C 119 -21.10 17.63 -47.93
C ILE C 119 -21.81 18.52 -48.94
N VAL C 120 -22.81 17.94 -49.64
CA VAL C 120 -23.57 18.69 -50.62
C VAL C 120 -25.04 18.30 -50.47
N ASN C 121 -25.94 19.20 -50.87
CA ASN C 121 -27.37 18.95 -50.85
C ASN C 121 -27.95 19.10 -52.25
N ASN C 122 -28.73 18.11 -52.68
CA ASN C 122 -29.55 18.24 -53.88
C ASN C 122 -30.83 19.03 -53.64
N ALA C 123 -31.01 19.59 -52.45
CA ALA C 123 -32.26 20.20 -51.97
C ALA C 123 -33.38 19.17 -51.82
N THR C 124 -33.10 17.89 -52.01
CA THR C 124 -34.05 16.82 -51.78
C THR C 124 -33.42 15.74 -50.91
N ASN C 125 -32.10 15.64 -50.98
CA ASN C 125 -31.34 14.70 -50.16
C ASN C 125 -29.91 15.20 -50.07
N VAL C 126 -29.20 14.75 -49.04
CA VAL C 126 -27.84 15.18 -48.76
C VAL C 126 -26.88 14.04 -49.08
N VAL C 127 -25.77 14.37 -49.73
CA VAL C 127 -24.73 13.43 -50.10
C VAL C 127 -23.43 13.84 -49.40
N ILE C 128 -22.76 12.88 -48.79
CA ILE C 128 -21.54 13.11 -48.03
C ILE C 128 -20.49 12.11 -48.52
N LYS C 129 -19.29 12.60 -48.77
CA LYS C 129 -18.22 11.71 -49.20
C LYS C 129 -16.89 12.21 -48.63
N VAL C 130 -15.93 11.29 -48.51
CA VAL C 130 -14.62 11.60 -47.98
C VAL C 130 -13.53 11.44 -49.04
N CYS C 131 -13.93 11.29 -50.31
CA CYS C 131 -12.98 11.03 -51.38
C CYS C 131 -12.07 12.24 -51.61
N GLU C 132 -10.82 11.95 -51.98
CA GLU C 132 -9.87 13.01 -52.32
C GLU C 132 -10.32 13.79 -53.54
N PHE C 133 -10.05 15.09 -53.52
CA PHE C 133 -10.39 15.99 -54.62
C PHE C 133 -9.27 16.99 -54.80
N GLN C 134 -8.85 17.22 -56.05
CA GLN C 134 -7.80 18.17 -56.31
C GLN C 134 -8.30 19.60 -56.06
N PHE C 135 -7.36 20.48 -55.70
CA PHE C 135 -7.71 21.82 -55.25
C PHE C 135 -8.22 22.68 -56.41
N CYS C 136 -9.16 23.56 -56.08
CA CYS C 136 -9.63 24.60 -56.98
C CYS C 136 -9.69 25.91 -56.21
N ASN C 137 -9.43 27.02 -56.90
CA ASN C 137 -9.30 28.30 -56.22
C ASN C 137 -10.62 28.76 -55.59
N ASP C 138 -11.75 28.52 -56.26
CA ASP C 138 -13.03 28.85 -55.67
C ASP C 138 -14.04 27.76 -55.96
N PRO C 139 -15.03 27.57 -55.08
CA PRO C 139 -16.07 26.57 -55.36
C PRO C 139 -17.04 27.04 -56.43
N PHE C 140 -17.75 26.06 -56.99
CA PHE C 140 -18.70 26.31 -58.08
C PHE C 140 -19.94 25.47 -57.87
N LEU C 141 -20.95 25.70 -58.71
CA LEU C 141 -22.12 24.85 -58.76
C LEU C 141 -22.74 24.98 -60.15
N GLY C 142 -23.36 23.90 -60.61
CA GLY C 142 -23.98 23.90 -61.92
C GLY C 142 -25.38 23.32 -61.92
N VAL C 143 -26.36 24.12 -62.33
CA VAL C 143 -27.74 23.67 -62.37
C VAL C 143 -28.35 23.97 -63.74
N VAL C 159 -14.45 22.27 -59.07
CA VAL C 159 -14.19 21.48 -57.87
C VAL C 159 -14.11 20.00 -58.25
N TYR C 160 -14.94 19.58 -59.18
CA TYR C 160 -14.95 18.19 -59.61
C TYR C 160 -13.69 17.90 -60.42
N SER C 161 -12.69 17.30 -59.77
CA SER C 161 -11.40 17.08 -60.42
C SER C 161 -10.82 15.69 -60.19
N SER C 162 -11.27 14.94 -59.19
CA SER C 162 -10.70 13.62 -58.93
C SER C 162 -11.69 12.78 -58.14
N ALA C 163 -11.63 11.47 -58.34
CA ALA C 163 -12.46 10.51 -57.63
C ALA C 163 -11.63 9.32 -57.18
N ASN C 164 -10.41 9.57 -56.71
CA ASN C 164 -9.48 8.52 -56.33
C ASN C 164 -9.60 8.23 -54.85
N ASN C 165 -9.67 6.94 -54.50
CA ASN C 165 -9.72 6.48 -53.11
C ASN C 165 -10.94 7.06 -52.38
N CYS C 166 -12.11 6.72 -52.88
CA CYS C 166 -13.37 7.09 -52.23
C CYS C 166 -13.70 6.01 -51.20
N THR C 167 -13.26 6.22 -49.97
CA THR C 167 -13.36 5.22 -48.92
C THR C 167 -14.67 5.27 -48.14
N PHE C 168 -15.58 6.18 -48.50
CA PHE C 168 -16.87 6.23 -47.82
C PHE C 168 -17.87 6.96 -48.70
N GLU C 169 -19.15 6.72 -48.41
CA GLU C 169 -20.24 7.42 -49.07
C GLU C 169 -21.44 7.40 -48.14
N TYR C 170 -22.27 8.44 -48.24
CA TYR C 170 -23.44 8.54 -47.37
C TYR C 170 -24.52 9.33 -48.08
N VAL C 171 -25.74 8.83 -48.02
CA VAL C 171 -26.92 9.52 -48.56
C VAL C 171 -27.97 9.59 -47.47
N SER C 172 -28.51 10.78 -47.25
CA SER C 172 -29.50 10.98 -46.20
C SER C 172 -30.46 12.08 -46.65
N GLN C 173 -31.26 12.60 -45.72
CA GLN C 173 -32.21 13.65 -46.02
C GLN C 173 -31.72 15.00 -45.50
N PHE C 186 -40.44 36.59 -39.83
CA PHE C 186 -39.26 35.90 -39.33
C PHE C 186 -38.93 34.71 -40.23
N LYS C 187 -37.64 34.45 -40.41
CA LYS C 187 -37.15 33.40 -41.28
C LYS C 187 -36.56 32.28 -40.44
N ASN C 188 -36.25 31.16 -41.09
CA ASN C 188 -35.72 29.98 -40.43
C ASN C 188 -34.22 30.18 -40.21
N LEU C 189 -33.86 30.55 -38.98
CA LEU C 189 -32.46 30.78 -38.62
C LEU C 189 -31.82 29.44 -38.29
N ARG C 190 -31.10 28.87 -39.24
CA ARG C 190 -30.46 27.58 -39.04
C ARG C 190 -29.19 27.73 -38.22
N GLU C 191 -28.95 26.77 -37.34
CA GLU C 191 -27.75 26.73 -36.51
C GLU C 191 -27.13 25.34 -36.60
N PHE C 192 -25.81 25.29 -36.68
CA PHE C 192 -25.09 24.04 -36.77
C PHE C 192 -23.85 24.09 -35.90
N VAL C 193 -23.46 22.92 -35.39
CA VAL C 193 -22.24 22.74 -34.63
C VAL C 193 -21.50 21.53 -35.18
N PHE C 194 -20.24 21.73 -35.53
CA PHE C 194 -19.41 20.68 -36.12
C PHE C 194 -18.32 20.31 -35.14
N LYS C 195 -18.26 19.03 -34.76
CA LYS C 195 -17.23 18.55 -33.84
C LYS C 195 -16.58 17.30 -34.42
N ASN C 196 -15.32 17.07 -34.06
CA ASN C 196 -14.59 15.89 -34.52
C ASN C 196 -13.60 15.50 -33.44
N ILE C 197 -13.92 14.45 -32.68
CA ILE C 197 -13.11 14.00 -31.56
C ILE C 197 -12.91 12.49 -31.66
N ASP C 198 -11.68 12.04 -31.44
CA ASP C 198 -11.29 10.62 -31.43
C ASP C 198 -11.87 9.85 -32.61
N GLY C 199 -11.70 10.42 -33.80
CA GLY C 199 -12.13 9.74 -35.01
C GLY C 199 -13.63 9.70 -35.22
N TYR C 200 -14.40 10.43 -34.42
CA TYR C 200 -15.85 10.50 -34.55
C TYR C 200 -16.25 11.92 -34.91
N PHE C 201 -17.07 12.06 -35.93
CA PHE C 201 -17.46 13.34 -36.49
C PHE C 201 -18.94 13.54 -36.21
N LYS C 202 -19.26 14.60 -35.47
CA LYS C 202 -20.60 14.84 -34.95
C LYS C 202 -21.15 16.15 -35.49
N ILE C 203 -22.42 16.12 -35.88
CA ILE C 203 -23.13 17.29 -36.40
C ILE C 203 -24.33 17.52 -35.51
N TYR C 204 -24.47 18.74 -35.01
CA TYR C 204 -25.65 19.14 -34.25
C TYR C 204 -26.38 20.23 -35.02
N SER C 205 -27.72 20.13 -35.07
CA SER C 205 -28.52 20.98 -35.92
C SER C 205 -29.66 21.62 -35.15
N LYS C 206 -30.13 22.75 -35.68
CA LYS C 206 -31.32 23.41 -35.16
C LYS C 206 -31.96 24.24 -36.26
N HIS C 207 -33.27 24.12 -36.40
CA HIS C 207 -34.01 24.72 -37.51
C HIS C 207 -34.31 26.20 -37.28
N THR C 208 -35.06 26.52 -36.23
CA THR C 208 -35.57 27.87 -36.04
C THR C 208 -35.67 28.23 -34.56
N PRO C 209 -34.78 29.08 -34.05
CA PRO C 209 -34.86 29.46 -32.63
C PRO C 209 -35.76 30.66 -32.39
N ILE C 210 -35.79 31.13 -31.14
CA ILE C 210 -36.65 32.25 -30.77
C ILE C 210 -36.16 33.52 -31.46
N ASN C 211 -37.09 34.28 -32.03
CA ASN C 211 -36.78 35.56 -32.66
C ASN C 211 -37.06 36.70 -31.67
N LEU C 212 -36.11 36.87 -30.73
CA LEU C 212 -36.24 37.94 -29.76
C LEU C 212 -36.20 39.31 -30.44
N VAL C 213 -35.16 39.55 -31.26
CA VAL C 213 -35.12 40.70 -32.15
C VAL C 213 -34.54 40.24 -33.47
N ARG C 214 -34.65 41.09 -34.48
CA ARG C 214 -34.22 40.75 -35.82
C ARG C 214 -32.77 41.16 -36.06
N ASP C 215 -32.13 40.45 -36.99
CA ASP C 215 -30.73 40.62 -37.41
C ASP C 215 -29.73 40.19 -36.35
N LEU C 216 -30.18 39.77 -35.16
CA LEU C 216 -29.29 39.30 -34.11
C LEU C 216 -29.88 38.06 -33.45
N PRO C 217 -29.05 37.09 -33.10
CA PRO C 217 -29.53 35.82 -32.50
C PRO C 217 -29.60 35.79 -30.97
N GLN C 218 -30.58 36.47 -30.41
CA GLN C 218 -30.82 36.41 -28.97
C GLN C 218 -31.69 35.19 -28.65
N GLY C 219 -32.10 35.06 -27.39
CA GLY C 219 -32.93 33.96 -26.96
C GLY C 219 -32.13 32.74 -26.56
N PHE C 220 -32.86 31.73 -26.07
CA PHE C 220 -32.27 30.49 -25.60
C PHE C 220 -32.91 29.31 -26.32
N SER C 221 -32.08 28.37 -26.74
CA SER C 221 -32.55 27.18 -27.44
C SER C 221 -31.53 26.06 -27.27
N ALA C 222 -31.99 24.84 -27.47
CA ALA C 222 -31.16 23.65 -27.30
C ALA C 222 -30.84 23.03 -28.65
N LEU C 223 -29.76 22.24 -28.67
CA LEU C 223 -29.29 21.58 -29.88
C LEU C 223 -29.22 20.08 -29.63
N GLU C 224 -29.55 19.31 -30.67
CA GLU C 224 -29.63 17.86 -30.55
C GLU C 224 -28.75 17.18 -31.60
N PRO C 225 -28.17 16.02 -31.26
CA PRO C 225 -27.24 15.37 -32.19
C PRO C 225 -27.96 14.72 -33.36
N LEU C 226 -27.42 14.91 -34.56
CA LEU C 226 -28.06 14.42 -35.77
C LEU C 226 -27.53 13.04 -36.17
N VAL C 227 -26.22 12.96 -36.49
CA VAL C 227 -25.59 11.73 -36.94
C VAL C 227 -24.17 11.67 -36.40
N ASP C 228 -23.58 10.48 -36.46
CA ASP C 228 -22.19 10.27 -36.13
C ASP C 228 -21.49 9.63 -37.31
N LEU C 229 -20.27 10.06 -37.58
CA LEU C 229 -19.47 9.54 -38.70
C LEU C 229 -18.18 8.94 -38.18
N PRO C 230 -17.92 7.66 -38.42
CA PRO C 230 -16.61 7.05 -38.08
C PRO C 230 -15.60 7.20 -39.22
N ILE C 231 -15.03 8.39 -39.33
CA ILE C 231 -14.14 8.73 -40.44
C ILE C 231 -12.68 8.74 -40.01
N GLY C 232 -12.37 9.41 -38.91
CA GLY C 232 -10.99 9.55 -38.48
C GLY C 232 -10.15 10.40 -39.40
N ILE C 233 -10.71 11.49 -39.93
CA ILE C 233 -9.98 12.41 -40.80
C ILE C 233 -9.09 13.29 -39.94
N ASN C 234 -8.14 13.99 -40.56
CA ASN C 234 -7.22 14.85 -39.82
C ASN C 234 -7.84 16.21 -39.53
N ILE C 235 -8.41 16.84 -40.56
CA ILE C 235 -9.16 18.10 -40.55
C ILE C 235 -8.47 19.24 -39.79
N THR C 236 -8.13 20.30 -40.50
CA THR C 236 -7.63 21.53 -39.89
C THR C 236 -8.25 22.80 -40.47
N ARG C 237 -8.88 22.75 -41.64
CA ARG C 237 -9.45 23.94 -42.26
C ARG C 237 -10.72 23.56 -42.99
N PHE C 238 -11.55 24.57 -43.26
CA PHE C 238 -12.81 24.33 -43.96
C PHE C 238 -13.23 25.60 -44.68
N GLN C 239 -14.29 25.48 -45.46
CA GLN C 239 -14.80 26.57 -46.27
C GLN C 239 -16.26 26.28 -46.58
N THR C 240 -17.02 27.34 -46.85
CA THR C 240 -18.42 27.21 -47.21
C THR C 240 -18.59 27.37 -48.71
N LEU C 241 -19.73 26.91 -49.22
CA LEU C 241 -20.03 26.94 -50.65
C LEU C 241 -21.30 27.77 -50.88
N LEU C 242 -21.17 28.81 -51.70
CA LEU C 242 -22.28 29.68 -52.02
C LEU C 242 -22.74 29.45 -53.45
N ALA C 243 -23.88 30.04 -53.79
CA ALA C 243 -24.50 29.87 -55.10
C ALA C 243 -24.18 31.08 -55.97
N LEU C 244 -23.23 30.92 -56.87
CA LEU C 244 -22.88 31.94 -57.84
C LEU C 244 -23.40 31.56 -59.22
N HIS C 245 -23.82 32.57 -59.98
CA HIS C 245 -24.36 32.36 -61.32
C HIS C 245 -23.53 33.09 -62.37
N ALA C 264 -23.67 36.18 -45.73
CA ALA C 264 -24.01 36.71 -44.41
C ALA C 264 -24.22 35.59 -43.41
N TYR C 265 -23.24 35.36 -42.55
CA TYR C 265 -23.34 34.31 -41.55
C TYR C 265 -22.39 34.64 -40.40
N TYR C 266 -22.55 33.90 -39.30
CA TYR C 266 -21.77 34.10 -38.10
C TYR C 266 -21.00 32.85 -37.75
N VAL C 267 -19.75 33.03 -37.33
CA VAL C 267 -18.86 31.94 -36.99
C VAL C 267 -18.27 32.19 -35.61
N GLY C 268 -18.32 31.17 -34.75
CA GLY C 268 -17.71 31.24 -33.45
C GLY C 268 -16.69 30.14 -33.23
N TYR C 269 -16.31 29.88 -31.98
CA TYR C 269 -15.34 28.83 -31.69
C TYR C 269 -15.66 28.24 -30.34
N LEU C 270 -15.21 27.00 -30.13
CA LEU C 270 -15.52 26.23 -28.93
C LEU C 270 -14.29 26.16 -28.02
N GLN C 271 -14.55 25.94 -26.74
CA GLN C 271 -13.51 25.79 -25.73
C GLN C 271 -13.96 24.75 -24.71
N PRO C 272 -13.02 24.08 -24.04
CA PRO C 272 -13.40 23.07 -23.05
C PRO C 272 -13.86 23.69 -21.73
N ARG C 273 -15.14 24.06 -21.64
CA ARG C 273 -15.66 24.75 -20.48
C ARG C 273 -16.47 23.78 -19.62
N THR C 274 -17.13 24.32 -18.58
CA THR C 274 -18.00 23.57 -17.70
C THR C 274 -19.27 24.36 -17.47
N PHE C 275 -20.43 23.72 -17.67
CA PHE C 275 -21.71 24.35 -17.46
C PHE C 275 -22.55 23.53 -16.47
N LEU C 276 -23.64 24.15 -16.03
CA LEU C 276 -24.68 23.49 -15.26
C LEU C 276 -26.00 23.68 -15.98
N LEU C 277 -26.69 22.57 -16.24
CA LEU C 277 -27.90 22.57 -17.04
C LEU C 277 -29.09 22.21 -16.16
N LYS C 278 -30.23 22.85 -16.41
CA LYS C 278 -31.45 22.62 -15.67
C LYS C 278 -32.42 21.89 -16.59
N TYR C 279 -32.49 20.57 -16.44
CA TYR C 279 -33.42 19.79 -17.24
C TYR C 279 -34.85 20.06 -16.81
N ASN C 280 -35.74 20.16 -17.78
CA ASN C 280 -37.15 20.35 -17.50
C ASN C 280 -37.78 19.01 -17.10
N GLU C 281 -39.04 19.07 -16.67
CA GLU C 281 -39.75 17.84 -16.32
C GLU C 281 -39.98 16.97 -17.55
N ASN C 282 -40.21 17.59 -18.71
CA ASN C 282 -40.47 16.82 -19.92
C ASN C 282 -39.19 16.19 -20.47
N GLY C 283 -38.03 16.79 -20.20
CA GLY C 283 -36.78 16.24 -20.67
C GLY C 283 -35.97 17.18 -21.53
N THR C 284 -36.50 18.38 -21.76
CA THR C 284 -35.83 19.39 -22.57
C THR C 284 -35.00 20.31 -21.67
N ILE C 285 -34.01 20.95 -22.29
CA ILE C 285 -33.16 21.92 -21.60
C ILE C 285 -33.79 23.29 -21.73
N THR C 286 -33.97 23.97 -20.59
CA THR C 286 -34.56 25.29 -20.57
C THR C 286 -33.71 26.34 -19.88
N ASP C 287 -32.61 25.95 -19.24
CA ASP C 287 -31.77 26.91 -18.53
C ASP C 287 -30.35 26.35 -18.42
N ALA C 288 -29.37 27.22 -18.63
CA ALA C 288 -27.97 26.86 -18.54
C ALA C 288 -27.20 27.99 -17.88
N VAL C 289 -26.25 27.62 -17.02
CA VAL C 289 -25.43 28.61 -16.32
C VAL C 289 -23.97 28.23 -16.45
N ASP C 290 -23.14 29.21 -16.78
CA ASP C 290 -21.70 29.01 -16.84
C ASP C 290 -21.14 28.78 -15.45
N CYS C 291 -19.99 28.12 -15.39
CA CYS C 291 -19.34 27.84 -14.13
C CYS C 291 -18.16 28.76 -13.83
N ALA C 292 -17.42 29.20 -14.86
CA ALA C 292 -16.30 30.13 -14.66
C ALA C 292 -16.47 31.30 -15.63
N LEU C 293 -17.29 32.27 -15.24
CA LEU C 293 -17.38 33.54 -15.94
C LEU C 293 -17.46 34.75 -15.02
N ASP C 294 -17.91 34.59 -13.78
CA ASP C 294 -18.13 35.69 -12.85
C ASP C 294 -18.25 35.10 -11.46
N PRO C 295 -17.85 35.83 -10.42
CA PRO C 295 -17.97 35.26 -9.05
C PRO C 295 -19.37 34.81 -8.70
N LEU C 296 -20.40 35.54 -9.11
CA LEU C 296 -21.77 35.09 -8.88
C LEU C 296 -22.04 33.77 -9.59
N SER C 297 -21.59 33.66 -10.85
CA SER C 297 -21.75 32.42 -11.58
C SER C 297 -20.97 31.28 -10.92
N GLU C 298 -19.77 31.58 -10.43
CA GLU C 298 -18.98 30.57 -9.72
C GLU C 298 -19.71 30.09 -8.47
N THR C 299 -20.30 31.01 -7.72
CA THR C 299 -21.06 30.62 -6.52
C THR C 299 -22.25 29.76 -6.88
N LYS C 300 -22.97 30.14 -7.95
CA LYS C 300 -24.11 29.34 -8.40
C LYS C 300 -23.65 27.93 -8.79
N CYS C 301 -22.53 27.82 -9.49
CA CYS C 301 -22.02 26.53 -9.90
C CYS C 301 -21.62 25.68 -8.69
N THR C 302 -20.97 26.29 -7.69
CA THR C 302 -20.55 25.54 -6.52
C THR C 302 -21.75 25.07 -5.69
N LEU C 303 -22.73 25.94 -5.49
CA LEU C 303 -23.89 25.58 -4.67
C LEU C 303 -24.84 24.63 -5.37
N LYS C 304 -24.65 24.38 -6.66
CA LYS C 304 -25.51 23.47 -7.43
C LYS C 304 -26.98 23.91 -7.35
N SER C 305 -27.20 25.21 -7.53
CA SER C 305 -28.55 25.76 -7.53
C SER C 305 -28.55 27.06 -8.31
N PHE C 306 -29.74 27.46 -8.75
CA PHE C 306 -29.92 28.72 -9.45
C PHE C 306 -30.31 29.87 -8.53
N THR C 307 -30.72 29.58 -7.30
CA THR C 307 -31.06 30.58 -6.32
C THR C 307 -30.06 30.48 -5.17
N VAL C 308 -29.41 31.60 -4.86
CA VAL C 308 -28.41 31.66 -3.79
C VAL C 308 -28.92 32.62 -2.72
N GLU C 309 -28.82 32.19 -1.47
CA GLU C 309 -29.32 32.98 -0.34
C GLU C 309 -28.24 33.95 0.14
N LYS C 310 -28.71 35.05 0.74
CA LYS C 310 -27.80 36.06 1.25
C LYS C 310 -26.86 35.49 2.30
N GLY C 311 -25.58 35.80 2.17
CA GLY C 311 -24.59 35.28 3.09
C GLY C 311 -23.20 35.35 2.47
N ILE C 312 -22.30 34.55 3.03
CA ILE C 312 -20.92 34.46 2.56
C ILE C 312 -20.60 33.01 2.26
N TYR C 313 -20.03 32.76 1.09
CA TYR C 313 -19.71 31.41 0.65
C TYR C 313 -18.25 31.34 0.20
N GLN C 314 -17.66 30.17 0.34
CA GLN C 314 -16.29 29.92 -0.07
C GLN C 314 -16.31 29.14 -1.38
N THR C 315 -15.72 29.71 -2.43
CA THR C 315 -15.74 29.08 -3.75
C THR C 315 -14.48 28.27 -4.01
N SER C 316 -13.32 28.92 -3.98
CA SER C 316 -12.06 28.26 -4.30
C SER C 316 -10.91 29.05 -3.70
N ASN C 317 -9.70 28.76 -4.15
CA ASN C 317 -8.49 29.44 -3.72
C ASN C 317 -7.65 29.81 -4.92
N PHE C 318 -6.75 30.78 -4.72
CA PHE C 318 -5.83 31.22 -5.75
C PHE C 318 -4.41 31.18 -5.21
N ARG C 319 -3.46 31.20 -6.13
CA ARG C 319 -2.04 31.12 -5.81
C ARG C 319 -1.25 31.82 -6.88
N VAL C 320 -0.29 32.64 -6.46
CA VAL C 320 0.55 33.38 -7.41
C VAL C 320 1.56 32.42 -8.02
N GLN C 321 1.55 32.31 -9.34
CA GLN C 321 2.43 31.38 -10.02
C GLN C 321 3.86 31.92 -10.07
N PRO C 322 4.85 31.04 -10.05
CA PRO C 322 6.24 31.50 -10.20
C PRO C 322 6.48 32.05 -11.60
N THR C 323 7.44 32.97 -11.69
CA THR C 323 7.74 33.66 -12.94
C THR C 323 9.04 33.20 -13.58
N GLU C 324 10.14 33.18 -12.82
CA GLU C 324 11.42 32.80 -13.38
C GLU C 324 12.12 31.83 -12.42
N SER C 325 13.32 31.41 -12.80
CA SER C 325 14.11 30.44 -12.06
C SER C 325 15.51 30.99 -11.83
N ILE C 326 16.09 30.62 -10.68
CA ILE C 326 17.44 31.01 -10.30
C ILE C 326 18.18 29.79 -9.81
N VAL C 327 19.39 29.57 -10.34
CA VAL C 327 20.24 28.47 -9.91
C VAL C 327 21.64 29.03 -9.66
N ARG C 328 22.25 28.63 -8.54
CA ARG C 328 23.56 29.12 -8.13
C ARG C 328 24.46 27.96 -7.76
N PHE C 329 25.68 27.96 -8.30
CA PHE C 329 26.70 26.99 -7.98
C PHE C 329 27.90 27.72 -7.38
N PRO C 330 28.93 27.02 -6.89
CA PRO C 330 30.08 27.72 -6.30
C PRO C 330 30.67 28.75 -7.25
N ASN C 331 31.00 29.91 -6.67
CA ASN C 331 31.50 31.04 -7.46
C ASN C 331 32.81 30.71 -8.15
N ILE C 332 33.86 30.49 -7.36
CA ILE C 332 35.20 30.28 -7.89
C ILE C 332 35.38 28.81 -8.21
N THR C 333 35.81 28.52 -9.45
CA THR C 333 36.07 27.16 -9.89
C THR C 333 37.56 27.02 -10.15
N ASN C 334 38.18 26.03 -9.51
CA ASN C 334 39.60 25.79 -9.71
C ASN C 334 39.88 25.32 -11.13
N LEU C 335 40.97 25.82 -11.70
CA LEU C 335 41.35 25.52 -13.07
C LEU C 335 42.63 24.71 -13.08
N CYS C 336 42.59 23.54 -13.73
CA CYS C 336 43.86 22.83 -13.88
C CYS C 336 44.57 23.28 -15.15
N PRO C 337 45.90 23.31 -15.13
CA PRO C 337 46.65 23.87 -16.27
C PRO C 337 46.79 22.93 -17.48
N PHE C 338 45.75 22.91 -18.32
CA PHE C 338 45.87 22.28 -19.62
C PHE C 338 46.73 23.11 -20.58
N GLY C 339 46.99 24.37 -20.23
CA GLY C 339 47.79 25.20 -21.11
C GLY C 339 49.20 24.69 -21.30
N GLU C 340 49.85 24.26 -20.20
CA GLU C 340 51.21 23.76 -20.30
C GLU C 340 51.27 22.48 -21.13
N VAL C 341 50.26 21.62 -21.05
CA VAL C 341 50.18 20.47 -21.93
C VAL C 341 50.04 20.93 -23.38
N PHE C 342 49.16 21.91 -23.62
CA PHE C 342 48.94 22.41 -24.96
C PHE C 342 50.02 23.38 -25.42
N ASN C 343 50.75 24.00 -24.49
CA ASN C 343 51.79 24.98 -24.80
C ASN C 343 53.06 24.59 -24.03
N ALA C 344 53.87 23.72 -24.62
CA ALA C 344 55.16 23.36 -24.06
C ALA C 344 56.20 23.31 -25.16
N THR C 345 57.45 23.54 -24.79
CA THR C 345 58.52 23.60 -25.78
C THR C 345 58.77 22.25 -26.44
N ARG C 346 58.87 21.19 -25.64
CA ARG C 346 59.25 19.88 -26.15
C ARG C 346 58.32 18.80 -25.61
N PHE C 347 57.92 17.89 -26.49
CA PHE C 347 57.20 16.67 -26.14
C PHE C 347 58.08 15.46 -26.46
N ALA C 348 57.73 14.34 -25.87
CA ALA C 348 58.50 13.12 -26.07
C ALA C 348 58.14 12.46 -27.41
N SER C 349 58.94 11.46 -27.78
CA SER C 349 58.74 10.73 -29.02
C SER C 349 57.48 9.87 -28.94
N VAL C 350 57.12 9.29 -30.08
CA VAL C 350 55.92 8.45 -30.14
C VAL C 350 56.17 7.08 -29.51
N TYR C 351 57.36 6.50 -29.74
CA TYR C 351 57.63 5.18 -29.17
C TYR C 351 57.71 5.22 -27.65
N ALA C 352 58.08 6.37 -27.09
CA ALA C 352 57.96 6.63 -25.65
C ALA C 352 57.09 7.87 -25.51
N TRP C 353 55.78 7.67 -25.55
CA TRP C 353 54.82 8.76 -25.54
C TRP C 353 54.52 9.24 -24.13
N ASN C 354 54.46 10.56 -23.96
CA ASN C 354 54.31 11.15 -22.64
C ASN C 354 52.88 10.95 -22.13
N ARG C 355 52.76 10.62 -20.85
CA ARG C 355 51.46 10.39 -20.21
C ARG C 355 51.36 11.27 -18.97
N LYS C 356 50.19 11.90 -18.79
CA LYS C 356 49.94 12.75 -17.63
C LYS C 356 48.54 12.48 -17.11
N ARG C 357 48.38 12.61 -15.80
CA ARG C 357 47.09 12.43 -15.13
C ARG C 357 46.60 13.76 -14.60
N ILE C 358 45.34 14.08 -14.87
CA ILE C 358 44.73 15.34 -14.43
C ILE C 358 43.52 15.01 -13.57
N SER C 359 43.45 15.60 -12.38
CA SER C 359 42.34 15.35 -11.46
C SER C 359 42.21 16.54 -10.53
N ASN C 360 41.05 16.60 -9.85
CA ASN C 360 40.76 17.62 -8.86
C ASN C 360 40.87 19.03 -9.44
N CYS C 361 40.09 19.26 -10.49
CA CYS C 361 40.09 20.53 -11.19
C CYS C 361 38.78 20.69 -11.94
N VAL C 362 38.55 21.90 -12.44
CA VAL C 362 37.42 22.21 -13.31
C VAL C 362 37.98 22.94 -14.52
N ALA C 363 38.07 22.25 -15.65
CA ALA C 363 38.66 22.79 -16.87
C ALA C 363 37.59 22.93 -17.94
N ASP C 364 37.49 24.13 -18.50
CA ASP C 364 36.55 24.35 -19.60
C ASP C 364 37.08 23.72 -20.88
N TYR C 365 36.16 23.18 -21.68
CA TYR C 365 36.50 22.55 -22.95
C TYR C 365 36.02 23.33 -24.16
N SER C 366 35.08 24.27 -23.98
CA SER C 366 34.59 25.04 -25.11
C SER C 366 35.67 25.94 -25.70
N VAL C 367 36.52 26.51 -24.85
CA VAL C 367 37.55 27.44 -25.31
C VAL C 367 38.56 26.78 -26.24
N LEU C 368 38.70 25.45 -26.16
CA LEU C 368 39.70 24.77 -26.98
C LEU C 368 39.32 24.81 -28.45
N TYR C 369 38.17 24.21 -28.80
CA TYR C 369 37.74 24.22 -30.20
C TYR C 369 37.23 25.58 -30.65
N ASN C 370 37.05 26.53 -29.74
CA ASN C 370 36.67 27.89 -30.12
C ASN C 370 37.80 28.62 -30.83
N SER C 371 39.05 28.23 -30.61
CA SER C 371 40.18 28.87 -31.26
C SER C 371 40.35 28.33 -32.69
N ALA C 372 41.10 29.09 -33.50
CA ALA C 372 41.35 28.71 -34.88
C ALA C 372 42.76 28.17 -35.12
N SER C 373 43.64 28.25 -34.12
CA SER C 373 45.01 27.75 -34.30
C SER C 373 45.09 26.24 -34.24
N PHE C 374 44.01 25.57 -33.82
CA PHE C 374 44.00 24.12 -33.69
C PHE C 374 43.46 23.52 -34.98
N SER C 375 44.34 22.84 -35.74
CA SER C 375 43.96 22.34 -37.06
C SER C 375 42.98 21.17 -36.94
N THR C 376 43.28 20.19 -36.09
CA THR C 376 42.51 18.95 -36.02
C THR C 376 41.97 18.78 -34.61
N PHE C 377 40.65 18.70 -34.49
CA PHE C 377 39.97 18.43 -33.22
C PHE C 377 38.98 17.30 -33.53
N LYS C 378 39.46 16.06 -33.45
CA LYS C 378 38.73 14.91 -33.97
C LYS C 378 38.38 13.95 -32.84
N CYS C 379 37.10 13.55 -32.80
CA CYS C 379 36.56 12.61 -31.84
C CYS C 379 35.06 12.46 -32.04
N TYR C 380 34.51 11.41 -31.43
CA TYR C 380 33.15 10.94 -31.71
C TYR C 380 32.31 10.66 -30.48
N GLY C 381 32.91 10.44 -29.31
CA GLY C 381 32.15 10.00 -28.17
C GLY C 381 31.10 11.00 -27.70
N VAL C 382 31.44 12.28 -27.71
CA VAL C 382 30.54 13.33 -27.23
C VAL C 382 30.77 14.58 -28.05
N SER C 383 29.69 15.32 -28.31
CA SER C 383 29.78 16.53 -29.12
C SER C 383 30.61 17.58 -28.39
N PRO C 384 31.29 18.46 -29.15
CA PRO C 384 32.13 19.48 -28.50
C PRO C 384 31.37 20.39 -27.56
N THR C 385 30.12 20.73 -27.91
CA THR C 385 29.33 21.61 -27.04
C THR C 385 28.98 20.91 -25.73
N LYS C 386 28.76 19.60 -25.77
CA LYS C 386 28.36 18.85 -24.59
C LYS C 386 29.54 18.40 -23.74
N LEU C 387 30.77 18.75 -24.13
CA LEU C 387 31.94 18.39 -23.33
C LEU C 387 31.84 18.95 -21.91
N ASN C 388 31.58 20.26 -21.80
CA ASN C 388 31.48 20.87 -20.48
C ASN C 388 30.24 20.43 -19.71
N ASP C 389 29.22 19.94 -20.41
CA ASP C 389 28.00 19.51 -19.74
C ASP C 389 28.27 18.33 -18.80
N LEU C 390 29.06 17.37 -19.25
CA LEU C 390 29.32 16.17 -18.46
C LEU C 390 30.40 16.43 -17.41
N CYS C 391 30.48 15.51 -16.45
CA CYS C 391 31.57 15.43 -15.50
C CYS C 391 32.27 14.09 -15.68
N PHE C 392 33.57 14.07 -15.43
CA PHE C 392 34.38 12.88 -15.70
C PHE C 392 35.27 12.56 -14.51
N THR C 393 35.97 11.44 -14.63
CA THR C 393 36.93 10.99 -13.63
C THR C 393 38.07 10.28 -14.36
N ASN C 394 39.25 10.31 -13.75
CA ASN C 394 40.44 9.65 -14.28
C ASN C 394 40.77 10.15 -15.69
N VAL C 395 41.09 11.44 -15.77
CA VAL C 395 41.42 12.08 -17.03
C VAL C 395 42.91 11.90 -17.29
N TYR C 396 43.23 11.38 -18.48
CA TYR C 396 44.61 11.14 -18.89
C TYR C 396 44.89 11.86 -20.19
N ALA C 397 46.09 12.39 -20.32
CA ALA C 397 46.54 13.07 -21.53
C ALA C 397 47.81 12.40 -22.04
N ASP C 398 47.82 12.08 -23.33
CA ASP C 398 48.94 11.39 -23.96
C ASP C 398 49.46 12.25 -25.10
N SER C 399 50.73 12.62 -25.04
CA SER C 399 51.33 13.55 -25.97
C SER C 399 52.47 12.90 -26.72
N PHE C 400 52.50 13.13 -28.04
CA PHE C 400 53.59 12.66 -28.89
C PHE C 400 53.60 13.50 -30.16
N VAL C 401 54.72 13.42 -30.88
CA VAL C 401 54.92 14.16 -32.12
C VAL C 401 55.13 13.14 -33.24
N ILE C 402 54.32 13.23 -34.30
CA ILE C 402 54.34 12.24 -35.37
C ILE C 402 54.32 12.96 -36.72
N ARG C 403 54.62 12.20 -37.78
CA ARG C 403 54.54 12.74 -39.12
C ARG C 403 53.09 13.05 -39.48
N GLY C 404 52.90 14.05 -40.34
CA GLY C 404 51.56 14.50 -40.66
C GLY C 404 50.75 13.46 -41.42
N ASP C 405 51.36 12.83 -42.42
CA ASP C 405 50.64 11.95 -43.34
C ASP C 405 50.06 10.71 -42.67
N GLU C 406 50.23 10.54 -41.36
CA GLU C 406 49.66 9.40 -40.64
C GLU C 406 48.73 9.84 -39.52
N VAL C 407 48.25 11.09 -39.54
CA VAL C 407 47.36 11.55 -38.48
C VAL C 407 46.06 10.75 -38.48
N ARG C 408 45.61 10.31 -39.64
CA ARG C 408 44.40 9.48 -39.71
C ARG C 408 44.61 8.13 -39.04
N GLN C 409 45.86 7.68 -38.87
CA GLN C 409 46.11 6.41 -38.22
C GLN C 409 45.84 6.46 -36.72
N ILE C 410 45.75 7.64 -36.14
CA ILE C 410 45.44 7.78 -34.71
C ILE C 410 43.92 7.83 -34.60
N ALA C 411 43.31 6.64 -34.59
CA ALA C 411 41.87 6.50 -34.49
C ALA C 411 41.56 5.07 -34.08
N PRO C 412 40.44 4.84 -33.40
CA PRO C 412 40.09 3.47 -32.97
C PRO C 412 39.81 2.58 -34.16
N GLY C 413 40.57 1.50 -34.27
CA GLY C 413 40.35 0.52 -35.33
C GLY C 413 41.01 0.86 -36.65
N GLN C 414 42.30 1.20 -36.60
CA GLN C 414 43.05 1.51 -37.81
C GLN C 414 44.41 0.80 -37.75
N THR C 415 44.97 0.56 -38.92
CA THR C 415 46.22 -0.17 -39.07
C THR C 415 47.36 0.79 -39.33
N GLY C 416 48.54 0.24 -39.60
CA GLY C 416 49.74 1.02 -39.83
C GLY C 416 50.84 0.66 -38.86
N LYS C 417 52.05 1.11 -39.20
CA LYS C 417 53.20 0.86 -38.34
C LYS C 417 53.02 1.52 -36.97
N ILE C 418 52.58 2.78 -36.95
CA ILE C 418 52.37 3.47 -35.69
C ILE C 418 51.18 2.89 -34.94
N ALA C 419 50.14 2.45 -35.67
CA ALA C 419 48.93 1.93 -35.04
C ALA C 419 49.12 0.53 -34.47
N ASP C 420 50.24 -0.13 -34.74
CA ASP C 420 50.47 -1.47 -34.25
C ASP C 420 51.72 -1.62 -33.40
N TYR C 421 52.80 -0.89 -33.70
CA TYR C 421 54.06 -1.06 -33.01
C TYR C 421 54.45 0.12 -32.12
N ASN C 422 53.69 1.22 -32.16
CA ASN C 422 54.05 2.39 -31.37
C ASN C 422 52.90 2.81 -30.45
N TYR C 423 51.66 2.69 -30.95
CA TYR C 423 50.50 3.09 -30.18
C TYR C 423 49.30 2.27 -30.63
N LYS C 424 48.39 2.00 -29.70
CA LYS C 424 47.18 1.25 -29.98
C LYS C 424 45.99 1.99 -29.37
N LEU C 425 44.94 2.19 -30.16
CA LEU C 425 43.74 2.88 -29.71
C LEU C 425 42.59 1.88 -29.65
N PRO C 426 42.01 1.64 -28.47
CA PRO C 426 40.89 0.70 -28.38
C PRO C 426 39.66 1.24 -29.10
N ASP C 427 38.85 0.30 -29.61
CA ASP C 427 37.64 0.68 -30.32
C ASP C 427 36.66 1.40 -29.40
N ASP C 428 36.48 0.89 -28.17
CA ASP C 428 35.58 1.51 -27.20
C ASP C 428 36.34 2.62 -26.46
N PHE C 429 36.64 3.68 -27.21
CA PHE C 429 37.40 4.81 -26.70
C PHE C 429 36.45 5.97 -26.42
N THR C 430 36.49 6.48 -25.19
CA THR C 430 35.69 7.63 -24.78
C THR C 430 36.67 8.75 -24.46
N GLY C 431 37.03 9.52 -25.48
CA GLY C 431 37.96 10.62 -25.34
C GLY C 431 37.95 11.49 -26.58
N CYS C 432 39.03 12.24 -26.80
CA CYS C 432 39.07 13.13 -27.95
C CYS C 432 40.54 13.37 -28.33
N VAL C 433 40.76 13.90 -29.53
CA VAL C 433 42.11 14.04 -30.06
C VAL C 433 42.29 15.46 -30.58
N ILE C 434 43.44 16.07 -30.25
CA ILE C 434 43.84 17.36 -30.78
C ILE C 434 45.18 17.19 -31.47
N ALA C 435 45.32 17.81 -32.64
CA ALA C 435 46.55 17.72 -33.42
C ALA C 435 46.75 19.03 -34.17
N TRP C 436 47.99 19.51 -34.20
CA TRP C 436 48.28 20.76 -34.87
C TRP C 436 49.68 20.73 -35.48
N ASN C 437 49.86 21.54 -36.52
CA ASN C 437 51.12 21.58 -37.25
C ASN C 437 52.23 22.15 -36.38
N SER C 438 53.44 21.62 -36.55
CA SER C 438 54.65 22.06 -35.86
C SER C 438 55.77 22.30 -36.86
N ASN C 439 55.45 22.92 -38.00
CA ASN C 439 56.45 23.17 -39.02
C ASN C 439 57.51 24.14 -38.53
N ASN C 440 57.10 25.26 -37.95
CA ASN C 440 58.03 26.28 -37.48
C ASN C 440 58.45 26.05 -36.03
N LEU C 441 58.06 24.92 -35.44
CA LEU C 441 58.32 24.66 -34.03
C LEU C 441 59.45 23.67 -33.79
N ASP C 442 59.65 22.69 -34.68
CA ASP C 442 60.69 21.69 -34.50
C ASP C 442 61.57 21.47 -35.72
N SER C 443 61.50 22.33 -36.73
CA SER C 443 62.27 22.16 -37.94
C SER C 443 63.70 22.66 -37.75
N LYS C 444 64.51 22.52 -38.79
CA LYS C 444 65.89 22.99 -38.77
C LYS C 444 65.95 24.51 -38.85
N GLY C 447 68.70 19.76 -41.40
CA GLY C 447 67.51 18.97 -41.15
C GLY C 447 67.40 18.48 -39.72
N ASN C 448 66.20 18.54 -39.18
CA ASN C 448 65.97 18.09 -37.80
C ASN C 448 66.14 16.58 -37.70
N TYR C 449 66.80 16.13 -36.64
CA TYR C 449 67.10 14.71 -36.49
C TYR C 449 66.92 14.24 -35.04
N ASN C 450 66.09 14.93 -34.26
CA ASN C 450 65.90 14.60 -32.85
C ASN C 450 64.58 13.88 -32.59
N TYR C 451 64.09 13.11 -33.56
CA TYR C 451 62.86 12.36 -33.42
C TYR C 451 63.10 10.91 -33.82
N LEU C 452 62.70 9.99 -32.94
CA LEU C 452 62.86 8.56 -33.17
C LEU C 452 61.52 7.86 -33.00
N TYR C 453 61.36 6.74 -33.69
CA TYR C 453 60.12 5.99 -33.60
C TYR C 453 60.39 4.52 -33.90
N ARG C 454 59.57 3.66 -33.29
CA ARG C 454 59.74 2.22 -33.41
C ARG C 454 59.35 1.73 -34.80
N LEU C 455 60.09 0.74 -35.29
CA LEU C 455 59.85 0.16 -36.61
C LEU C 455 59.54 -1.33 -36.56
N PHE C 456 60.28 -2.11 -35.77
CA PHE C 456 60.17 -3.56 -35.78
C PHE C 456 59.74 -4.06 -34.40
N ARG C 457 58.81 -5.01 -34.39
CA ARG C 457 58.32 -5.61 -33.16
C ARG C 457 57.87 -7.04 -33.47
N LYS C 458 57.84 -7.88 -32.43
CA LYS C 458 57.43 -9.27 -32.61
C LYS C 458 55.98 -9.36 -33.06
N SER C 459 55.10 -8.56 -32.49
CA SER C 459 53.68 -8.59 -32.82
C SER C 459 53.08 -7.23 -32.48
N ASN C 460 51.76 -7.13 -32.57
CA ASN C 460 51.04 -5.90 -32.29
C ASN C 460 51.02 -5.64 -30.78
N LEU C 461 50.37 -4.54 -30.39
CA LEU C 461 50.36 -4.09 -29.00
C LEU C 461 48.93 -3.92 -28.50
N LYS C 462 48.75 -4.14 -27.21
CA LYS C 462 47.45 -3.94 -26.58
C LYS C 462 47.16 -2.45 -26.42
N PRO C 463 45.89 -2.07 -26.27
CA PRO C 463 45.55 -0.65 -26.18
C PRO C 463 46.24 0.04 -25.01
N PHE C 464 46.68 1.28 -25.25
CA PHE C 464 47.35 2.11 -24.25
C PHE C 464 48.59 1.43 -23.68
N GLU C 465 49.32 0.69 -24.52
CA GLU C 465 50.53 0.02 -24.07
C GLU C 465 51.76 0.87 -24.36
N ARG C 466 52.69 0.90 -23.40
CA ARG C 466 53.95 1.61 -23.53
C ARG C 466 55.04 0.57 -23.83
N ASP C 467 55.49 0.53 -25.08
CA ASP C 467 56.51 -0.43 -25.51
C ASP C 467 57.84 0.31 -25.64
N ILE C 468 58.69 0.15 -24.64
CA ILE C 468 60.05 0.70 -24.66
C ILE C 468 61.02 -0.48 -24.65
N SER C 469 61.82 -0.60 -25.71
CA SER C 469 62.76 -1.69 -25.87
C SER C 469 63.68 -1.36 -27.02
N THR C 470 64.82 -2.06 -27.06
CA THR C 470 65.79 -1.91 -28.15
C THR C 470 66.46 -3.26 -28.34
N GLU C 471 66.00 -4.02 -29.33
CA GLU C 471 66.51 -5.35 -29.61
C GLU C 471 66.83 -5.47 -31.09
N ILE C 472 67.83 -6.30 -31.39
CA ILE C 472 68.26 -6.52 -32.77
C ILE C 472 67.29 -7.53 -33.38
N TYR C 473 66.25 -7.02 -34.06
CA TYR C 473 65.25 -7.89 -34.64
C TYR C 473 65.84 -8.72 -35.77
N GLN C 474 65.53 -10.01 -35.77
CA GLN C 474 66.06 -10.94 -36.75
C GLN C 474 64.96 -11.33 -37.74
N ALA C 475 65.27 -11.22 -39.03
CA ALA C 475 64.31 -11.53 -40.08
C ALA C 475 64.43 -12.97 -40.58
N GLY C 476 64.93 -13.87 -39.75
CA GLY C 476 65.06 -15.27 -40.14
C GLY C 476 65.16 -16.21 -38.96
N SER C 477 65.83 -17.35 -39.14
CA SER C 477 65.99 -18.32 -38.07
C SER C 477 67.34 -18.26 -37.38
N THR C 478 68.36 -17.70 -38.03
CA THR C 478 69.67 -17.60 -37.40
C THR C 478 69.63 -16.54 -36.29
N PRO C 479 70.10 -16.86 -35.09
CA PRO C 479 70.13 -15.88 -34.00
C PRO C 479 71.38 -15.02 -34.07
N CYS C 480 71.18 -13.72 -34.32
CA CYS C 480 72.27 -12.75 -34.34
C CYS C 480 72.08 -11.78 -33.19
N ASN C 481 73.15 -11.55 -32.43
CA ASN C 481 73.12 -10.69 -31.26
C ASN C 481 74.34 -9.78 -31.25
N GLY C 482 74.21 -8.65 -30.56
CA GLY C 482 75.31 -7.72 -30.44
C GLY C 482 75.33 -6.64 -31.50
N VAL C 483 75.56 -7.03 -32.75
CA VAL C 483 75.69 -6.07 -33.85
C VAL C 483 74.77 -6.51 -34.99
N GLU C 484 74.37 -5.55 -35.82
CA GLU C 484 73.50 -5.84 -36.95
C GLU C 484 74.29 -6.57 -38.04
N GLY C 485 73.56 -7.29 -38.88
CA GLY C 485 74.15 -8.02 -39.98
C GLY C 485 73.08 -8.45 -40.96
N PHE C 486 73.31 -9.60 -41.60
CA PHE C 486 72.31 -10.16 -42.49
C PHE C 486 71.06 -10.51 -41.71
N ASN C 487 69.90 -10.11 -42.25
CA ASN C 487 68.55 -10.25 -41.71
C ASN C 487 68.42 -9.81 -40.26
N CYS C 488 69.34 -8.98 -39.77
CA CYS C 488 69.24 -8.36 -38.45
C CYS C 488 68.83 -6.91 -38.63
N TYR C 489 67.77 -6.50 -37.93
CA TYR C 489 67.15 -5.21 -38.15
C TYR C 489 67.08 -4.41 -36.85
N PHE C 490 67.36 -3.10 -36.95
CA PHE C 490 67.21 -2.20 -35.83
C PHE C 490 65.74 -1.81 -35.65
N PRO C 491 65.29 -1.64 -34.40
CA PRO C 491 63.87 -1.33 -34.18
C PRO C 491 63.52 0.15 -34.28
N LEU C 492 64.48 1.05 -34.17
CA LEU C 492 64.20 2.48 -34.14
C LEU C 492 64.66 3.15 -35.43
N GLN C 493 63.98 4.23 -35.79
CA GLN C 493 64.33 4.99 -36.99
C GLN C 493 64.02 6.46 -36.75
N SER C 494 64.78 7.33 -37.42
CA SER C 494 64.67 8.76 -37.24
C SER C 494 63.71 9.36 -38.26
N TYR C 495 63.60 10.70 -38.23
CA TYR C 495 62.73 11.44 -39.12
C TYR C 495 63.51 12.57 -39.78
N GLY C 496 63.37 12.69 -41.10
CA GLY C 496 63.98 13.78 -41.84
C GLY C 496 63.08 14.98 -41.99
N PHE C 497 62.85 15.70 -40.89
CA PHE C 497 61.93 16.83 -40.88
C PHE C 497 62.63 18.08 -41.40
N GLN C 498 62.75 18.15 -42.72
CA GLN C 498 63.33 19.32 -43.36
C GLN C 498 62.40 20.52 -43.20
N PRO C 499 62.94 21.71 -42.89
CA PRO C 499 62.07 22.88 -42.68
C PRO C 499 61.28 23.29 -43.91
N THR C 500 61.71 22.91 -45.12
CA THR C 500 61.04 23.31 -46.34
C THR C 500 60.16 22.19 -46.91
N ASN C 501 59.76 21.24 -46.07
CA ASN C 501 58.85 20.18 -46.48
C ASN C 501 57.43 20.71 -46.56
N GLY C 502 56.67 20.18 -47.50
CA GLY C 502 55.28 20.55 -47.67
C GLY C 502 54.37 19.76 -46.73
N VAL C 503 53.07 19.82 -47.03
CA VAL C 503 52.09 19.10 -46.23
C VAL C 503 52.28 17.60 -46.41
N GLY C 504 52.16 16.86 -45.31
CA GLY C 504 52.36 15.43 -45.31
C GLY C 504 53.71 14.98 -44.81
N TYR C 505 54.69 15.90 -44.75
CA TYR C 505 56.01 15.60 -44.23
C TYR C 505 56.38 16.40 -42.99
N GLN C 506 55.71 17.53 -42.76
CA GLN C 506 56.03 18.35 -41.59
C GLN C 506 55.59 17.64 -40.32
N PRO C 507 56.35 17.78 -39.23
CA PRO C 507 55.93 17.17 -37.96
C PRO C 507 54.68 17.82 -37.40
N TYR C 508 53.80 16.99 -36.83
CA TYR C 508 52.59 17.44 -36.18
C TYR C 508 52.63 17.01 -34.72
N ARG C 509 52.09 17.88 -33.86
CA ARG C 509 52.03 17.64 -32.43
C ARG C 509 50.64 17.15 -32.08
N VAL C 510 50.57 16.01 -31.41
CA VAL C 510 49.31 15.30 -31.17
C VAL C 510 49.16 15.02 -29.68
N VAL C 511 47.99 15.32 -29.14
CA VAL C 511 47.62 15.00 -27.76
C VAL C 511 46.24 14.36 -27.77
N VAL C 512 46.12 13.20 -27.14
CA VAL C 512 44.84 12.50 -27.01
C VAL C 512 44.45 12.48 -25.54
N LEU C 513 43.21 12.87 -25.26
CA LEU C 513 42.68 12.92 -23.91
C LEU C 513 41.65 11.81 -23.74
N SER C 514 41.72 11.10 -22.61
CA SER C 514 40.82 9.99 -22.33
C SER C 514 40.24 10.15 -20.93
N PHE C 515 39.05 9.61 -20.74
CA PHE C 515 38.33 9.76 -19.48
C PHE C 515 37.36 8.60 -19.32
N GLU C 516 36.85 8.45 -18.10
CA GLU C 516 35.77 7.52 -17.79
C GLU C 516 34.59 8.31 -17.24
N LEU C 517 33.38 7.76 -17.44
CA LEU C 517 32.15 8.48 -17.12
C LEU C 517 31.76 8.23 -15.65
N LEU C 518 32.55 8.82 -14.76
CA LEU C 518 32.26 8.88 -13.33
C LEU C 518 32.07 7.48 -12.73
N HIS C 519 33.08 6.63 -12.91
CA HIS C 519 33.12 5.36 -12.22
C HIS C 519 33.61 5.51 -10.78
N ALA C 520 34.20 6.64 -10.44
CA ALA C 520 34.71 6.95 -9.11
C ALA C 520 34.02 8.22 -8.62
N PRO C 521 34.26 8.67 -7.38
CA PRO C 521 33.73 9.96 -6.96
C PRO C 521 34.19 11.08 -7.90
N ALA C 522 33.30 12.03 -8.15
CA ALA C 522 33.53 13.05 -9.16
C ALA C 522 34.77 13.88 -8.81
N THR C 523 35.62 14.08 -9.81
CA THR C 523 36.86 14.84 -9.65
C THR C 523 36.94 16.05 -10.58
N VAL C 524 36.54 15.90 -11.84
CA VAL C 524 36.65 16.97 -12.82
C VAL C 524 35.30 17.15 -13.52
N CYS C 525 34.58 18.19 -13.14
CA CYS C 525 33.27 18.51 -13.71
C CYS C 525 33.36 19.81 -14.52
N GLY C 526 32.21 20.26 -15.00
CA GLY C 526 32.13 21.48 -15.77
C GLY C 526 31.59 22.64 -14.98
N PRO C 527 31.94 23.86 -15.39
CA PRO C 527 31.46 25.06 -14.69
C PRO C 527 30.01 25.37 -15.07
N LYS C 528 29.53 26.50 -14.56
CA LYS C 528 28.17 26.94 -14.85
C LYS C 528 28.15 28.47 -14.85
N LYS C 529 27.14 29.02 -15.53
CA LYS C 529 27.05 30.48 -15.67
C LYS C 529 26.62 31.15 -14.36
N SER C 530 25.85 30.45 -13.54
CA SER C 530 25.36 30.92 -12.24
C SER C 530 24.43 32.11 -12.34
N THR C 531 23.94 32.43 -13.54
CA THR C 531 22.96 33.49 -13.82
C THR C 531 23.11 34.71 -12.93
N ASN C 532 22.00 35.19 -12.37
CA ASN C 532 22.01 36.33 -11.45
C ASN C 532 21.03 36.05 -10.33
N LEU C 533 20.72 37.08 -9.54
CA LEU C 533 19.78 36.96 -8.43
C LEU C 533 18.78 38.10 -8.47
N VAL C 534 17.55 37.81 -8.04
CA VAL C 534 16.49 38.78 -7.99
C VAL C 534 15.78 38.67 -6.64
N LYS C 535 15.04 39.72 -6.30
CA LYS C 535 14.33 39.78 -5.02
C LYS C 535 12.90 40.26 -5.25
N ASN C 536 12.05 39.96 -4.27
CA ASN C 536 10.64 40.37 -4.29
C ASN C 536 9.91 39.84 -5.53
N LYS C 537 10.30 38.65 -5.98
CA LYS C 537 9.66 37.99 -7.10
C LYS C 537 9.40 36.53 -6.74
N CYS C 538 8.29 35.99 -7.24
CA CYS C 538 7.93 34.59 -6.98
C CYS C 538 8.71 33.74 -7.98
N VAL C 539 9.77 33.10 -7.50
CA VAL C 539 10.78 32.46 -8.33
C VAL C 539 11.02 31.05 -7.80
N ASN C 540 11.35 30.13 -8.71
CA ASN C 540 11.81 28.81 -8.28
C ASN C 540 13.33 28.74 -8.39
N PHE C 541 13.95 28.17 -7.37
CA PHE C 541 15.40 28.20 -7.21
C PHE C 541 15.96 26.79 -7.06
N ASN C 542 17.23 26.65 -7.41
CA ASN C 542 17.98 25.39 -7.40
C ASN C 542 19.34 25.59 -6.76
N PHE C 543 19.37 26.18 -5.57
CA PHE C 543 20.63 26.58 -4.93
C PHE C 543 21.43 25.35 -4.57
N ASN C 544 22.48 25.08 -5.36
CA ASN C 544 23.42 23.99 -5.09
C ASN C 544 22.70 22.66 -4.89
N GLY C 545 21.73 22.39 -5.75
CA GLY C 545 20.93 21.18 -5.67
C GLY C 545 19.68 21.32 -4.83
N LEU C 546 19.76 22.10 -3.76
CA LEU C 546 18.60 22.37 -2.92
C LEU C 546 17.58 23.18 -3.72
N THR C 547 16.48 22.53 -4.11
CA THR C 547 15.50 23.15 -4.99
C THR C 547 14.23 23.48 -4.23
N GLY C 548 13.53 24.50 -4.72
CA GLY C 548 12.29 24.91 -4.09
C GLY C 548 11.70 26.10 -4.83
N THR C 549 10.64 26.66 -4.24
CA THR C 549 9.97 27.83 -4.80
C THR C 549 9.71 28.84 -3.68
N GLY C 550 9.59 30.10 -4.06
CA GLY C 550 9.26 31.13 -3.09
C GLY C 550 9.80 32.47 -3.52
N VAL C 551 9.98 33.35 -2.55
CA VAL C 551 10.48 34.70 -2.79
C VAL C 551 11.70 34.93 -1.90
N LEU C 552 12.72 35.56 -2.47
CA LEU C 552 13.99 35.81 -1.80
C LEU C 552 13.98 37.21 -1.18
N THR C 553 14.38 37.29 0.08
CA THR C 553 14.46 38.57 0.77
C THR C 553 15.77 38.62 1.55
N GLU C 554 16.13 39.82 2.00
CA GLU C 554 17.30 39.99 2.85
C GLU C 554 17.00 39.52 4.26
N SER C 555 18.02 38.99 4.93
CA SER C 555 17.87 38.46 6.28
C SER C 555 18.98 39.00 7.17
N ASN C 556 18.66 39.17 8.45
CA ASN C 556 19.61 39.72 9.43
C ASN C 556 20.20 38.66 10.35
N LYS C 557 19.87 37.39 10.16
CA LYS C 557 20.40 36.35 11.02
C LYS C 557 21.87 36.10 10.71
N LYS C 558 22.46 35.17 11.45
CA LYS C 558 23.88 34.86 11.33
C LYS C 558 24.09 33.35 11.34
N PHE C 559 25.00 32.88 10.50
CA PHE C 559 25.44 31.50 10.50
C PHE C 559 26.90 31.44 10.96
N LEU C 560 27.25 30.37 11.66
CA LEU C 560 28.64 30.10 11.94
C LEU C 560 29.36 29.77 10.63
N PRO C 561 30.69 29.95 10.57
CA PRO C 561 31.37 29.92 9.27
C PRO C 561 31.34 28.60 8.53
N PHE C 562 30.62 27.60 9.03
CA PHE C 562 30.60 26.30 8.36
C PHE C 562 29.21 25.79 7.96
N GLN C 563 28.12 26.31 8.50
CA GLN C 563 26.81 25.88 8.01
C GLN C 563 26.58 26.40 6.60
N GLN C 564 25.53 25.87 5.97
CA GLN C 564 25.10 26.30 4.65
C GLN C 564 23.70 26.89 4.65
N PHE C 565 22.74 26.18 5.22
CA PHE C 565 21.35 26.61 5.21
C PHE C 565 20.65 26.13 6.47
N GLY C 566 19.62 26.87 6.88
CA GLY C 566 18.89 26.59 8.09
C GLY C 566 17.40 26.38 7.88
N ARG C 567 16.77 25.82 8.91
CA ARG C 567 15.34 25.57 8.90
C ARG C 567 14.82 25.71 10.32
N ASP C 568 13.52 25.99 10.43
CA ASP C 568 12.88 26.19 11.73
C ASP C 568 12.33 24.88 12.29
N ILE C 569 11.45 24.21 11.55
CA ILE C 569 10.85 22.96 12.01
C ILE C 569 10.23 22.26 10.80
N ALA C 570 10.10 20.93 10.90
CA ALA C 570 9.38 20.12 9.91
C ALA C 570 9.96 20.27 8.51
N ASP C 571 11.30 20.29 8.42
CA ASP C 571 12.01 20.30 7.14
C ASP C 571 11.58 21.49 6.27
N THR C 572 11.41 22.64 6.90
CA THR C 572 11.00 23.87 6.20
C THR C 572 12.19 24.82 6.20
N THR C 573 12.99 24.77 5.13
CA THR C 573 14.14 25.65 5.02
C THR C 573 13.69 27.12 5.00
N ASP C 574 14.44 27.96 5.71
CA ASP C 574 14.03 29.36 5.84
C ASP C 574 15.14 30.31 5.43
N ALA C 575 16.40 29.91 5.63
CA ALA C 575 17.53 30.79 5.36
C ALA C 575 18.61 30.02 4.63
N VAL C 576 19.13 30.60 3.54
CA VAL C 576 20.16 29.98 2.72
C VAL C 576 21.23 31.02 2.41
N ARG C 577 22.48 30.57 2.37
CA ARG C 577 23.60 31.42 2.00
C ARG C 577 23.96 31.19 0.54
N ASP C 578 24.11 32.27 -0.21
CA ASP C 578 24.47 32.14 -1.62
C ASP C 578 25.93 31.73 -1.75
N PRO C 579 26.24 30.72 -2.56
CA PRO C 579 27.66 30.32 -2.71
C PRO C 579 28.54 31.42 -3.27
N GLN C 580 28.00 32.32 -4.08
CA GLN C 580 28.83 33.34 -4.72
C GLN C 580 29.32 34.38 -3.72
N THR C 581 28.42 34.89 -2.87
CA THR C 581 28.74 35.98 -1.97
C THR C 581 28.81 35.56 -0.51
N LEU C 582 28.28 34.39 -0.17
CA LEU C 582 28.24 33.91 1.22
C LEU C 582 27.45 34.88 2.11
N GLU C 583 26.32 35.36 1.59
CA GLU C 583 25.42 36.22 2.33
C GLU C 583 24.12 35.47 2.59
N ILE C 584 23.52 35.70 3.75
CA ILE C 584 22.33 34.97 4.16
C ILE C 584 21.09 35.63 3.58
N LEU C 585 20.15 34.82 3.10
CA LEU C 585 18.92 35.29 2.50
C LEU C 585 17.76 34.45 3.00
N ASP C 586 16.59 35.09 3.12
CA ASP C 586 15.37 34.46 3.61
C ASP C 586 14.51 34.00 2.46
N ILE C 587 13.88 32.84 2.63
CA ILE C 587 12.96 32.25 1.67
C ILE C 587 11.56 32.31 2.25
N THR C 588 10.63 32.90 1.51
CA THR C 588 9.25 32.98 1.97
C THR C 588 8.32 32.32 0.95
N PRO C 589 7.43 31.43 1.39
CA PRO C 589 6.54 30.76 0.42
C PRO C 589 5.67 31.76 -0.32
N CYS C 590 5.44 31.47 -1.61
CA CYS C 590 4.70 32.38 -2.46
C CYS C 590 3.24 32.47 -1.99
N SER C 591 2.68 33.67 -2.08
CA SER C 591 1.39 33.94 -1.45
C SER C 591 0.27 33.15 -2.12
N PHE C 592 -0.61 32.58 -1.30
CA PHE C 592 -1.76 31.85 -1.79
C PHE C 592 -2.83 31.88 -0.71
N GLY C 593 -4.09 31.84 -1.12
CA GLY C 593 -5.17 31.86 -0.15
C GLY C 593 -6.53 31.76 -0.81
N GLY C 594 -7.55 31.61 0.03
CA GLY C 594 -8.89 31.43 -0.46
C GLY C 594 -9.55 32.72 -0.92
N VAL C 595 -10.59 32.56 -1.72
CA VAL C 595 -11.43 33.66 -2.19
C VAL C 595 -12.87 33.35 -1.84
N SER C 596 -13.59 34.34 -1.32
CA SER C 596 -14.97 34.18 -0.92
C SER C 596 -15.80 35.31 -1.52
N VAL C 597 -17.10 35.06 -1.65
CA VAL C 597 -18.01 36.05 -2.20
C VAL C 597 -18.97 36.51 -1.12
N ILE C 598 -19.45 37.74 -1.27
CA ILE C 598 -20.44 38.33 -0.37
C ILE C 598 -21.57 38.86 -1.23
N THR C 599 -22.78 38.36 -0.99
CA THR C 599 -23.93 38.71 -1.81
C THR C 599 -25.13 39.03 -0.93
N PRO C 600 -25.98 39.95 -1.38
CA PRO C 600 -27.25 40.21 -0.67
C PRO C 600 -28.41 39.31 -1.07
N GLY C 601 -28.15 38.20 -1.76
CA GLY C 601 -29.21 37.34 -2.23
C GLY C 601 -29.56 37.62 -3.68
N THR C 602 -29.70 36.57 -4.48
CA THR C 602 -29.98 36.74 -5.90
C THR C 602 -31.34 37.38 -6.15
N ASN C 603 -32.28 37.18 -5.22
CA ASN C 603 -33.61 37.76 -5.39
C ASN C 603 -33.57 39.28 -5.35
N THR C 604 -32.73 39.85 -4.50
CA THR C 604 -32.70 41.30 -4.34
C THR C 604 -32.00 41.98 -5.51
N SER C 605 -30.72 41.67 -5.72
CA SER C 605 -29.93 42.31 -6.76
C SER C 605 -28.92 41.30 -7.29
N ASN C 606 -28.03 41.77 -8.17
CA ASN C 606 -27.04 40.91 -8.80
C ASN C 606 -25.63 41.45 -8.64
N GLN C 607 -25.38 42.28 -7.63
CA GLN C 607 -24.04 42.78 -7.34
C GLN C 607 -23.45 42.01 -6.17
N VAL C 608 -22.16 41.72 -6.25
CA VAL C 608 -21.46 40.95 -5.24
C VAL C 608 -20.14 41.63 -4.92
N ALA C 609 -19.51 41.20 -3.84
CA ALA C 609 -18.19 41.65 -3.43
C ALA C 609 -17.28 40.44 -3.24
N VAL C 610 -15.98 40.65 -3.38
CA VAL C 610 -15.00 39.58 -3.35
C VAL C 610 -14.03 39.83 -2.20
N LEU C 611 -13.82 38.82 -1.37
CA LEU C 611 -12.89 38.88 -0.26
C LEU C 611 -11.77 37.89 -0.49
N TYR C 612 -10.54 38.39 -0.60
CA TYR C 612 -9.35 37.55 -0.71
C TYR C 612 -8.76 37.40 0.69
N GLN C 613 -8.62 36.16 1.15
CA GLN C 613 -8.22 35.89 2.53
C GLN C 613 -6.71 35.86 2.66
N ASP C 614 -6.19 36.59 3.66
CA ASP C 614 -4.79 36.51 4.06
C ASP C 614 -3.84 36.88 2.92
N VAL C 615 -4.23 37.87 2.11
CA VAL C 615 -3.42 38.33 0.99
C VAL C 615 -3.43 39.85 0.98
N ASN C 616 -2.25 40.44 0.79
CA ASN C 616 -2.15 41.89 0.75
C ASN C 616 -2.73 42.43 -0.56
N CYS C 617 -3.00 43.73 -0.57
CA CYS C 617 -3.67 44.35 -1.70
C CYS C 617 -2.77 44.60 -2.91
N THR C 618 -1.45 44.61 -2.71
CA THR C 618 -0.55 44.98 -3.81
C THR C 618 -0.53 43.92 -4.90
N GLU C 619 -0.39 42.65 -4.52
CA GLU C 619 -0.22 41.56 -5.47
C GLU C 619 -1.52 40.85 -5.80
N VAL C 620 -2.64 41.58 -5.75
CA VAL C 620 -3.93 40.98 -6.10
C VAL C 620 -3.95 40.47 -7.54
N PRO C 621 -3.53 41.24 -8.56
CA PRO C 621 -3.57 40.65 -9.89
C PRO C 621 -2.39 39.70 -10.15
N TRP C 633 -12.86 38.28 -14.28
CA TRP C 633 -12.29 38.67 -13.00
C TRP C 633 -11.24 39.76 -13.17
N ARG C 634 -10.91 40.06 -14.43
CA ARG C 634 -9.95 41.12 -14.71
C ARG C 634 -10.46 42.47 -14.21
N VAL C 635 -11.74 42.74 -14.42
CA VAL C 635 -12.36 43.96 -13.89
C VAL C 635 -12.39 43.95 -12.38
N TYR C 636 -12.64 42.78 -11.78
CA TYR C 636 -12.66 42.66 -10.33
C TYR C 636 -11.28 42.54 -9.70
N SER C 637 -10.24 42.31 -10.50
CA SER C 637 -8.90 42.17 -9.95
C SER C 637 -8.37 43.51 -9.45
N THR C 638 -8.49 44.56 -10.25
CA THR C 638 -8.01 45.88 -9.86
C THR C 638 -9.10 46.90 -10.15
N GLY C 639 -8.78 48.17 -9.87
CA GLY C 639 -9.73 49.24 -10.10
C GLY C 639 -10.87 49.22 -9.09
N SER C 640 -11.95 49.90 -9.46
CA SER C 640 -13.15 50.04 -8.63
C SER C 640 -12.70 50.61 -7.28
N ASN C 641 -13.07 50.00 -6.15
CA ASN C 641 -12.63 50.45 -4.84
C ASN C 641 -12.04 49.26 -4.08
N VAL C 642 -10.86 49.45 -3.52
CA VAL C 642 -10.16 48.43 -2.77
C VAL C 642 -10.20 48.80 -1.28
N PHE C 643 -10.35 47.80 -0.43
CA PHE C 643 -10.30 48.02 1.01
C PHE C 643 -9.40 46.97 1.65
N GLN C 644 -8.69 47.38 2.69
CA GLN C 644 -7.77 46.50 3.40
C GLN C 644 -8.28 46.27 4.82
N THR C 645 -8.44 45.01 5.19
CA THR C 645 -8.86 44.61 6.53
C THR C 645 -7.84 43.67 7.13
N ARG C 646 -8.13 43.16 8.32
CA ARG C 646 -7.23 42.22 8.97
C ARG C 646 -7.32 40.83 8.37
N ALA C 647 -8.50 40.43 7.91
CA ALA C 647 -8.70 39.09 7.36
C ALA C 647 -8.25 38.96 5.91
N GLY C 648 -7.93 40.06 5.26
CA GLY C 648 -7.50 40.03 3.87
C GLY C 648 -7.81 41.35 3.20
N CYS C 649 -8.35 41.26 1.98
CA CYS C 649 -8.69 42.44 1.20
C CYS C 649 -10.08 42.28 0.60
N LEU C 650 -10.74 43.41 0.39
CA LEU C 650 -12.12 43.45 -0.09
C LEU C 650 -12.20 44.27 -1.38
N ILE C 651 -12.93 43.74 -2.35
CA ILE C 651 -13.11 44.38 -3.65
C ILE C 651 -14.60 44.46 -3.94
N GLY C 652 -15.05 45.64 -4.36
CA GLY C 652 -16.44 45.84 -4.74
C GLY C 652 -17.33 46.44 -3.68
N ALA C 653 -16.78 46.90 -2.56
CA ALA C 653 -17.56 47.49 -1.49
C ALA C 653 -16.98 48.85 -1.12
N GLU C 654 -17.83 49.71 -0.58
CA GLU C 654 -17.47 51.07 -0.22
C GLU C 654 -17.41 51.21 1.30
N HIS C 655 -16.31 51.73 1.80
CA HIS C 655 -16.14 51.93 3.24
C HIS C 655 -16.86 53.19 3.70
N VAL C 656 -17.45 53.13 4.89
CA VAL C 656 -18.18 54.26 5.46
C VAL C 656 -17.90 54.30 6.96
N ASN C 657 -17.98 55.51 7.53
CA ASN C 657 -17.77 55.69 8.96
C ASN C 657 -19.00 55.39 9.80
N ASN C 658 -20.13 55.06 9.19
CA ASN C 658 -21.31 54.70 9.96
C ASN C 658 -21.05 53.40 10.72
N SER C 659 -21.91 53.10 11.70
CA SER C 659 -21.74 51.92 12.52
C SER C 659 -23.10 51.53 13.09
N TYR C 660 -23.63 50.39 12.65
CA TYR C 660 -24.91 49.91 13.13
C TYR C 660 -25.04 48.44 12.77
N GLU C 661 -26.06 47.80 13.35
CA GLU C 661 -26.21 46.35 13.24
C GLU C 661 -26.35 45.92 11.78
N CYS C 662 -25.71 44.81 11.44
CA CYS C 662 -25.72 44.27 10.07
C CYS C 662 -26.22 42.83 10.11
N ASP C 663 -26.09 42.15 8.98
CA ASP C 663 -26.54 40.77 8.85
C ASP C 663 -25.50 39.81 8.28
N ILE C 664 -24.51 40.29 7.54
CA ILE C 664 -23.50 39.40 6.96
C ILE C 664 -22.16 39.65 7.64
N PRO C 665 -21.75 38.78 8.57
CA PRO C 665 -20.45 38.98 9.22
C PRO C 665 -19.30 38.61 8.31
N ILE C 666 -18.21 39.36 8.44
CA ILE C 666 -16.98 39.13 7.69
C ILE C 666 -15.86 38.64 8.61
N GLY C 667 -15.49 39.44 9.59
CA GLY C 667 -14.48 39.04 10.55
C GLY C 667 -13.68 40.22 11.04
N ALA C 668 -12.91 39.95 12.09
CA ALA C 668 -12.05 40.97 12.71
C ALA C 668 -12.85 42.22 13.09
N GLY C 669 -14.06 42.00 13.60
CA GLY C 669 -14.93 43.11 13.94
C GLY C 669 -15.35 43.96 12.77
N ILE C 670 -15.48 43.37 11.58
CA ILE C 670 -15.88 44.08 10.37
C ILE C 670 -16.98 43.26 9.69
N CYS C 671 -18.01 43.95 9.22
CA CYS C 671 -19.11 43.27 8.55
C CYS C 671 -19.68 44.19 7.47
N ALA C 672 -20.37 43.57 6.50
CA ALA C 672 -20.86 44.29 5.34
C ALA C 672 -22.34 43.98 5.13
N SER C 673 -23.01 44.89 4.43
CA SER C 673 -24.43 44.74 4.13
C SER C 673 -24.80 45.67 3.00
N TYR C 674 -26.05 45.58 2.57
CA TYR C 674 -26.56 46.38 1.47
C TYR C 674 -26.89 47.80 1.94
N GLN C 675 -27.31 48.63 0.99
CA GLN C 675 -27.69 50.01 1.29
C GLN C 675 -29.16 50.25 0.93
N SER C 691 -26.07 49.71 -3.55
CA SER C 691 -24.66 49.36 -3.39
C SER C 691 -24.45 48.50 -2.14
N ILE C 692 -23.19 48.12 -1.90
CA ILE C 692 -22.82 47.28 -0.77
C ILE C 692 -21.72 48.01 0.01
N ILE C 693 -21.89 48.09 1.33
CA ILE C 693 -20.99 48.85 2.18
C ILE C 693 -20.54 47.98 3.35
N ALA C 694 -19.28 48.12 3.73
CA ALA C 694 -18.70 47.39 4.84
C ALA C 694 -18.22 48.39 5.90
N TYR C 695 -18.43 48.04 7.16
CA TYR C 695 -18.11 48.93 8.27
C TYR C 695 -17.75 48.08 9.49
N THR C 696 -17.66 48.74 10.63
CA THR C 696 -17.37 48.09 11.90
C THR C 696 -18.67 47.83 12.66
N MET C 697 -18.74 46.65 13.28
CA MET C 697 -19.92 46.31 14.07
C MET C 697 -20.15 47.33 15.17
N SER C 698 -21.41 47.72 15.34
CA SER C 698 -21.82 48.56 16.45
C SER C 698 -22.35 47.68 17.56
N LEU C 699 -21.87 47.92 18.78
CA LEU C 699 -22.18 47.02 19.89
C LEU C 699 -23.67 47.01 20.20
N GLY C 700 -24.30 48.16 20.12
CA GLY C 700 -25.72 48.28 20.38
C GLY C 700 -26.08 49.69 20.79
N ALA C 701 -27.33 49.85 21.23
CA ALA C 701 -27.77 51.14 21.72
C ALA C 701 -27.01 51.51 22.99
N GLU C 702 -26.72 52.80 23.14
CA GLU C 702 -25.96 53.30 24.28
C GLU C 702 -26.84 54.22 25.10
N ASN C 703 -26.87 53.99 26.41
CA ASN C 703 -27.61 54.83 27.33
C ASN C 703 -26.94 54.81 28.69
N SER C 704 -27.21 55.84 29.48
CA SER C 704 -26.68 55.95 30.84
C SER C 704 -27.84 56.11 31.81
N VAL C 705 -27.74 55.39 32.93
CA VAL C 705 -28.75 55.45 33.98
C VAL C 705 -28.25 56.38 35.09
N ALA C 706 -29.12 57.28 35.54
CA ALA C 706 -28.74 58.32 36.50
C ALA C 706 -28.71 57.71 37.89
N TYR C 707 -27.64 56.96 38.17
CA TYR C 707 -27.47 56.37 39.49
C TYR C 707 -27.22 57.44 40.53
N SER C 708 -27.70 57.19 41.74
CA SER C 708 -27.49 58.09 42.86
C SER C 708 -27.47 57.26 44.13
N ASN C 709 -27.56 57.92 45.29
CA ASN C 709 -27.65 57.22 46.56
C ASN C 709 -28.82 57.72 47.39
N ASN C 710 -29.79 58.37 46.77
CA ASN C 710 -30.99 58.82 47.47
C ASN C 710 -32.25 58.65 46.65
N SER C 711 -32.19 57.99 45.49
CA SER C 711 -33.34 57.87 44.61
C SER C 711 -33.48 56.44 44.12
N ILE C 712 -34.73 56.02 43.91
CA ILE C 712 -35.06 54.72 43.36
C ILE C 712 -36.10 54.91 42.27
N ALA C 713 -36.39 53.82 41.57
CA ALA C 713 -37.40 53.79 40.54
C ALA C 713 -38.34 52.62 40.78
N ILE C 714 -39.61 52.81 40.46
CA ILE C 714 -40.63 51.80 40.68
C ILE C 714 -41.56 51.76 39.48
N PRO C 715 -41.88 50.58 38.95
CA PRO C 715 -42.84 50.49 37.85
C PRO C 715 -44.25 50.80 38.33
N THR C 716 -45.07 51.27 37.39
CA THR C 716 -46.47 51.55 37.67
C THR C 716 -47.44 50.75 36.81
N ASN C 717 -46.99 50.17 35.71
CA ASN C 717 -47.87 49.40 34.84
C ASN C 717 -47.16 48.12 34.43
N PHE C 718 -47.90 47.20 33.83
CA PHE C 718 -47.35 45.90 33.47
C PHE C 718 -47.92 45.43 32.15
N THR C 719 -47.17 44.55 31.49
CA THR C 719 -47.55 43.97 30.21
C THR C 719 -47.32 42.46 30.25
N ILE C 720 -48.06 41.75 29.41
CA ILE C 720 -47.96 40.30 29.29
C ILE C 720 -47.48 39.98 27.88
N SER C 721 -46.42 39.18 27.79
CA SER C 721 -45.83 38.83 26.50
C SER C 721 -45.83 37.32 26.31
N VAL C 722 -45.77 36.89 25.05
CA VAL C 722 -45.75 35.48 24.70
C VAL C 722 -44.57 35.24 23.77
N THR C 723 -43.73 34.26 24.12
CA THR C 723 -42.56 33.93 23.33
C THR C 723 -42.63 32.47 22.89
N THR C 724 -41.91 32.14 21.82
CA THR C 724 -41.94 30.82 21.22
C THR C 724 -40.54 30.23 21.15
N GLU C 725 -40.39 28.98 21.59
CA GLU C 725 -39.15 28.24 21.51
C GLU C 725 -39.37 26.96 20.73
N ILE C 726 -38.32 26.51 20.03
CA ILE C 726 -38.39 25.32 19.20
C ILE C 726 -37.24 24.39 19.60
N LEU C 727 -37.55 23.10 19.78
CA LEU C 727 -36.53 22.13 20.14
C LEU C 727 -36.73 20.82 19.39
N PRO C 728 -35.71 20.32 18.68
CA PRO C 728 -35.83 19.02 18.03
C PRO C 728 -35.60 17.88 19.00
N VAL C 729 -36.25 16.75 18.71
CA VAL C 729 -36.16 15.59 19.60
C VAL C 729 -35.70 14.32 18.90
N SER C 730 -35.93 14.14 17.60
CA SER C 730 -35.57 12.88 16.96
C SER C 730 -35.44 13.07 15.46
N MET C 731 -34.77 12.12 14.81
CA MET C 731 -34.67 12.11 13.36
C MET C 731 -35.08 10.76 12.81
N THR C 732 -34.87 10.54 11.51
CA THR C 732 -35.29 9.31 10.87
C THR C 732 -34.42 8.13 11.31
N LYS C 733 -34.99 6.93 11.21
CA LYS C 733 -34.30 5.69 11.54
C LYS C 733 -34.06 4.92 10.24
N THR C 734 -32.79 4.61 9.97
CA THR C 734 -32.41 3.94 8.73
C THR C 734 -31.62 2.67 9.03
N SER C 735 -31.68 1.73 8.10
CA SER C 735 -30.96 0.46 8.20
C SER C 735 -30.33 0.14 6.86
N VAL C 736 -29.02 -0.14 6.88
CA VAL C 736 -28.25 -0.43 5.68
C VAL C 736 -27.56 -1.77 5.85
N ASP C 737 -27.66 -2.63 4.84
CA ASP C 737 -27.02 -3.93 4.85
C ASP C 737 -25.74 -3.90 4.01
N CYS C 738 -25.00 -5.01 4.04
CA CYS C 738 -23.76 -5.15 3.29
C CYS C 738 -23.96 -5.83 1.94
N THR C 739 -24.47 -7.06 1.96
CA THR C 739 -24.46 -7.90 0.75
C THR C 739 -25.27 -7.26 -0.36
N MET C 740 -26.42 -6.69 -0.04
CA MET C 740 -27.23 -6.02 -1.06
C MET C 740 -26.61 -4.70 -1.49
N TYR C 741 -25.63 -4.18 -0.73
CA TYR C 741 -25.04 -2.89 -1.01
C TYR C 741 -23.69 -2.98 -1.72
N ILE C 742 -22.78 -3.83 -1.23
CA ILE C 742 -21.40 -3.83 -1.72
C ILE C 742 -21.36 -4.16 -3.21
N CYS C 743 -22.09 -5.20 -3.63
CA CYS C 743 -22.16 -5.52 -5.05
C CYS C 743 -23.54 -5.92 -5.54
N GLY C 744 -24.50 -6.25 -4.67
CA GLY C 744 -25.78 -6.70 -5.13
C GLY C 744 -25.84 -8.17 -5.52
N ASP C 745 -25.66 -9.05 -4.53
CA ASP C 745 -25.90 -10.49 -4.69
C ASP C 745 -24.95 -11.12 -5.71
N SER C 746 -23.66 -11.11 -5.38
CA SER C 746 -22.65 -11.84 -6.13
C SER C 746 -21.98 -12.86 -5.22
N THR C 747 -21.82 -14.08 -5.72
CA THR C 747 -21.24 -15.16 -4.91
C THR C 747 -19.78 -14.86 -4.56
N GLU C 748 -19.00 -14.40 -5.55
CA GLU C 748 -17.61 -14.08 -5.29
C GLU C 748 -17.47 -13.00 -4.22
N CYS C 749 -18.45 -12.09 -4.13
CA CYS C 749 -18.45 -11.11 -3.07
C CYS C 749 -18.46 -11.78 -1.70
N SER C 750 -19.37 -12.73 -1.49
CA SER C 750 -19.42 -13.44 -0.22
C SER C 750 -18.14 -14.24 0.02
N ASN C 751 -17.63 -14.88 -1.03
CA ASN C 751 -16.41 -15.68 -0.89
C ASN C 751 -15.24 -14.83 -0.42
N LEU C 752 -15.09 -13.63 -1.00
CA LEU C 752 -14.00 -12.76 -0.59
C LEU C 752 -14.28 -12.05 0.73
N LEU C 753 -15.56 -11.81 1.04
CA LEU C 753 -15.91 -11.07 2.24
C LEU C 753 -15.78 -11.91 3.50
N LEU C 754 -16.09 -13.21 3.42
CA LEU C 754 -15.87 -14.07 4.57
C LEU C 754 -14.39 -14.16 4.93
N GLN C 755 -13.50 -13.78 4.02
CA GLN C 755 -12.08 -13.67 4.31
C GLN C 755 -11.72 -12.42 5.09
N TYR C 756 -12.65 -11.46 5.22
CA TYR C 756 -12.34 -10.18 5.83
C TYR C 756 -12.78 -10.08 7.28
N GLY C 757 -13.77 -10.87 7.71
CA GLY C 757 -14.25 -10.82 9.07
C GLY C 757 -15.77 -10.69 9.12
N SER C 758 -16.25 -9.99 10.15
CA SER C 758 -17.67 -9.83 10.41
C SER C 758 -17.98 -8.37 10.77
N PHE C 759 -17.52 -7.45 9.92
CA PHE C 759 -17.73 -6.02 10.17
C PHE C 759 -19.22 -5.68 10.17
N CYS C 760 -19.97 -6.31 9.26
CA CYS C 760 -21.39 -6.01 9.13
C CYS C 760 -22.15 -6.29 10.42
N THR C 761 -21.65 -7.23 11.23
CA THR C 761 -22.31 -7.53 12.49
C THR C 761 -22.35 -6.30 13.40
N GLN C 762 -21.19 -5.68 13.65
CA GLN C 762 -21.20 -4.51 14.53
C GLN C 762 -21.79 -3.29 13.83
N LEU C 763 -21.72 -3.23 12.49
CA LEU C 763 -22.41 -2.15 11.80
C LEU C 763 -23.92 -2.20 12.08
N ASN C 764 -24.53 -3.36 11.86
CA ASN C 764 -25.95 -3.52 12.12
C ASN C 764 -26.26 -3.35 13.59
N ARG C 765 -25.37 -3.81 14.47
CA ARG C 765 -25.58 -3.64 15.90
C ARG C 765 -25.66 -2.17 16.27
N ALA C 766 -24.71 -1.37 15.77
CA ALA C 766 -24.72 0.07 16.06
C ALA C 766 -25.97 0.74 15.51
N LEU C 767 -26.36 0.39 14.28
CA LEU C 767 -27.55 1.03 13.70
C LEU C 767 -28.81 0.68 14.48
N THR C 768 -28.98 -0.59 14.85
CA THR C 768 -30.14 -0.97 15.64
C THR C 768 -30.11 -0.30 17.01
N GLY C 769 -28.92 -0.18 17.60
CA GLY C 769 -28.81 0.50 18.89
C GLY C 769 -29.26 1.94 18.82
N ILE C 770 -28.81 2.67 17.79
CA ILE C 770 -29.21 4.08 17.71
C ILE C 770 -30.70 4.21 17.40
N ALA C 771 -31.26 3.29 16.61
CA ALA C 771 -32.70 3.35 16.33
C ALA C 771 -33.50 3.15 17.62
N VAL C 772 -33.18 2.11 18.39
CA VAL C 772 -33.89 1.86 19.64
C VAL C 772 -33.69 3.02 20.61
N GLU C 773 -32.48 3.59 20.63
CA GLU C 773 -32.20 4.72 21.50
C GLU C 773 -33.07 5.91 21.16
N GLN C 774 -33.23 6.22 19.87
CA GLN C 774 -34.07 7.34 19.47
C GLN C 774 -35.54 7.09 19.83
N ASP C 775 -36.01 5.85 19.65
CA ASP C 775 -37.38 5.52 20.04
C ASP C 775 -37.58 5.75 21.54
N LYS C 776 -36.67 5.24 22.36
CA LYS C 776 -36.77 5.45 23.80
C LYS C 776 -36.70 6.93 24.14
N ASN C 777 -35.89 7.68 23.39
CA ASN C 777 -35.74 9.11 23.65
C ASN C 777 -37.06 9.84 23.47
N THR C 778 -37.72 9.65 22.33
CA THR C 778 -39.00 10.34 22.13
C THR C 778 -40.05 9.84 23.12
N GLN C 779 -40.04 8.53 23.42
CA GLN C 779 -40.99 7.98 24.37
C GLN C 779 -40.86 8.65 25.73
N GLU C 780 -39.63 8.79 26.21
CA GLU C 780 -39.44 9.42 27.52
C GLU C 780 -39.68 10.92 27.49
N VAL C 781 -39.50 11.58 26.33
CA VAL C 781 -39.80 13.00 26.26
C VAL C 781 -41.30 13.24 26.41
N PHE C 782 -42.13 12.46 25.71
CA PHE C 782 -43.56 12.77 25.72
C PHE C 782 -44.39 11.96 26.72
N ALA C 783 -43.92 10.80 27.19
CA ALA C 783 -44.69 10.01 28.15
C ALA C 783 -44.41 10.53 29.55
N GLN C 784 -45.23 11.47 30.00
CA GLN C 784 -45.10 12.04 31.33
C GLN C 784 -46.37 12.02 32.16
N VAL C 785 -47.46 11.45 31.63
CA VAL C 785 -48.74 11.39 32.34
C VAL C 785 -49.24 9.95 32.33
N LYS C 786 -50.17 9.67 33.24
CA LYS C 786 -50.68 8.33 33.42
C LYS C 786 -52.12 8.15 32.94
N GLN C 787 -52.87 9.24 32.80
CA GLN C 787 -54.25 9.20 32.35
C GLN C 787 -54.44 10.20 31.23
N ILE C 788 -55.68 10.35 30.78
CA ILE C 788 -56.05 11.30 29.74
C ILE C 788 -57.17 12.18 30.27
N TYR C 789 -56.95 13.49 30.27
CA TYR C 789 -57.93 14.45 30.74
C TYR C 789 -58.61 15.11 29.56
N LYS C 790 -59.92 15.28 29.66
CA LYS C 790 -60.72 15.93 28.62
C LYS C 790 -61.27 17.24 29.16
N THR C 791 -61.12 18.30 28.37
CA THR C 791 -61.64 19.60 28.78
C THR C 791 -63.17 19.56 28.81
N PRO C 792 -63.80 20.23 29.77
CA PRO C 792 -65.26 20.26 29.82
C PRO C 792 -65.81 21.01 28.62
N PRO C 793 -66.98 20.62 28.12
CA PRO C 793 -67.58 21.35 26.99
C PRO C 793 -67.86 22.81 27.30
N ILE C 794 -68.23 23.14 28.54
CA ILE C 794 -68.44 24.52 28.93
C ILE C 794 -67.10 25.18 29.17
N LYS C 795 -66.89 26.34 28.56
CA LYS C 795 -65.59 27.03 28.59
C LYS C 795 -65.82 28.49 29.00
N ASP C 796 -65.63 28.78 30.27
CA ASP C 796 -65.65 30.16 30.78
C ASP C 796 -64.46 30.30 31.73
N PHE C 797 -63.29 30.59 31.17
CA PHE C 797 -62.05 30.69 31.93
C PHE C 797 -61.78 32.12 32.35
N GLY C 798 -62.74 32.75 33.01
CA GLY C 798 -62.56 34.10 33.50
C GLY C 798 -62.34 35.14 32.42
N GLY C 799 -62.76 34.86 31.18
CA GLY C 799 -62.60 35.77 30.08
C GLY C 799 -61.47 35.40 29.13
N PHE C 800 -60.55 34.54 29.55
CA PHE C 800 -59.47 34.11 28.68
C PHE C 800 -60.04 33.26 27.54
N ASN C 801 -59.42 33.40 26.36
CA ASN C 801 -59.88 32.73 25.14
C ASN C 801 -58.82 31.73 24.71
N PHE C 802 -59.17 30.44 24.76
CA PHE C 802 -58.27 29.36 24.39
C PHE C 802 -58.73 28.61 23.15
N SER C 803 -59.51 29.28 22.29
CA SER C 803 -60.06 28.60 21.12
C SER C 803 -58.98 28.18 20.14
N GLN C 804 -57.98 29.03 19.93
CA GLN C 804 -56.96 28.78 18.91
C GLN C 804 -55.83 27.89 19.40
N ILE C 805 -55.86 27.46 20.65
CA ILE C 805 -54.82 26.58 21.18
C ILE C 805 -55.35 25.18 21.50
N LEU C 806 -56.62 25.04 21.85
CA LEU C 806 -57.19 23.74 22.16
C LEU C 806 -57.55 23.00 20.88
N PRO C 807 -57.48 21.67 20.89
CA PRO C 807 -57.91 20.90 19.72
C PRO C 807 -59.43 20.95 19.55
N ASP C 808 -59.85 20.75 18.31
CA ASP C 808 -61.27 20.74 17.97
C ASP C 808 -61.62 19.49 17.18
N PRO C 809 -62.81 18.92 17.40
CA PRO C 809 -63.24 17.71 16.69
C PRO C 809 -63.87 18.00 15.33
N SER C 810 -63.23 18.84 14.53
CA SER C 810 -63.71 19.17 13.20
C SER C 810 -62.74 18.80 12.09
N LYS C 811 -61.53 18.34 12.42
CA LYS C 811 -60.55 17.96 11.43
C LYS C 811 -60.24 16.47 11.52
N PRO C 812 -59.89 15.84 10.40
CA PRO C 812 -59.57 14.40 10.45
C PRO C 812 -58.44 14.06 11.41
N SER C 813 -57.42 14.92 11.50
CA SER C 813 -56.28 14.67 12.36
C SER C 813 -56.49 15.17 13.79
N LYS C 814 -57.60 15.86 14.06
CA LYS C 814 -57.89 16.42 15.38
C LYS C 814 -56.75 17.29 15.88
N ARG C 815 -56.19 18.10 14.98
CA ARG C 815 -55.08 18.98 15.29
C ARG C 815 -55.57 20.42 15.43
N SER C 816 -55.00 21.15 16.38
CA SER C 816 -55.40 22.52 16.62
C SER C 816 -54.85 23.43 15.51
N PHE C 817 -55.22 24.70 15.60
CA PHE C 817 -54.86 25.67 14.57
C PHE C 817 -53.35 25.87 14.49
N ILE C 818 -52.70 26.05 15.64
CA ILE C 818 -51.28 26.38 15.66
C ILE C 818 -50.46 25.22 15.08
N GLU C 819 -50.73 23.99 15.52
CA GLU C 819 -49.98 22.86 14.99
C GLU C 819 -50.29 22.62 13.52
N ASP C 820 -51.50 22.96 13.06
CA ASP C 820 -51.81 22.84 11.65
C ASP C 820 -50.94 23.78 10.82
N LEU C 821 -50.84 25.04 11.25
CA LEU C 821 -49.93 25.97 10.56
C LEU C 821 -48.49 25.48 10.65
N LEU C 822 -48.11 24.92 11.80
CA LEU C 822 -46.74 24.45 11.96
C LEU C 822 -46.42 23.32 10.98
N PHE C 823 -47.34 22.37 10.82
CA PHE C 823 -47.15 21.32 9.84
C PHE C 823 -47.12 21.88 8.41
N ASN C 824 -47.98 22.86 8.12
CA ASN C 824 -48.02 23.39 6.76
C ASN C 824 -46.80 24.24 6.41
N LYS C 825 -46.11 24.81 7.40
CA LYS C 825 -44.92 25.60 7.09
C LYS C 825 -43.82 24.75 6.48
N VAL C 826 -43.55 23.59 7.07
CA VAL C 826 -42.45 22.75 6.59
C VAL C 826 -42.86 22.08 5.28
N THR C 827 -41.88 21.58 4.55
CA THR C 827 -42.14 20.95 3.26
C THR C 827 -41.17 19.79 3.01
N LYS C 854 -35.44 4.46 -4.01
CA LYS C 854 -35.25 4.39 -2.57
C LYS C 854 -34.70 3.03 -2.16
N PHE C 855 -35.21 1.98 -2.82
CA PHE C 855 -34.84 0.60 -2.49
C PHE C 855 -33.59 0.26 -3.30
N ASN C 856 -32.43 0.48 -2.69
CA ASN C 856 -31.15 0.25 -3.36
C ASN C 856 -30.15 -0.43 -2.45
N GLY C 857 -30.63 -1.16 -1.44
CA GLY C 857 -29.78 -1.78 -0.44
C GLY C 857 -29.96 -1.22 0.96
N LEU C 858 -30.85 -0.25 1.14
CA LEU C 858 -31.06 0.36 2.46
C LEU C 858 -32.53 0.73 2.58
N THR C 859 -33.00 0.78 3.82
CA THR C 859 -34.41 1.05 4.09
C THR C 859 -34.52 2.03 5.26
N VAL C 860 -35.73 2.54 5.44
CA VAL C 860 -36.05 3.45 6.54
C VAL C 860 -37.20 2.85 7.33
N LEU C 861 -37.00 2.69 8.63
CA LEU C 861 -38.02 2.12 9.49
C LEU C 861 -39.04 3.19 9.88
N PRO C 862 -40.29 2.80 10.12
CA PRO C 862 -41.30 3.76 10.55
C PRO C 862 -41.26 3.96 12.06
N PRO C 863 -41.63 5.14 12.54
CA PRO C 863 -41.59 5.38 14.00
C PRO C 863 -42.66 4.57 14.72
N LEU C 864 -42.39 4.29 15.99
CA LEU C 864 -43.34 3.53 16.79
C LEU C 864 -44.56 4.35 17.15
N LEU C 865 -44.36 5.60 17.56
CA LEU C 865 -45.45 6.49 17.96
C LEU C 865 -45.77 7.43 16.80
N THR C 866 -46.98 7.31 16.26
CA THR C 866 -47.41 8.15 15.15
C THR C 866 -47.77 9.54 15.66
N ASP C 867 -48.16 10.42 14.73
CA ASP C 867 -48.49 11.80 15.09
C ASP C 867 -49.74 11.88 15.96
N GLU C 868 -50.69 10.96 15.75
CA GLU C 868 -51.96 11.04 16.47
C GLU C 868 -51.75 10.87 17.98
N MET C 869 -50.91 9.93 18.38
CA MET C 869 -50.62 9.75 19.80
C MET C 869 -49.88 10.96 20.37
N ILE C 870 -49.02 11.58 19.56
CA ILE C 870 -48.32 12.78 20.00
C ILE C 870 -49.32 13.91 20.27
N ALA C 871 -50.27 14.08 19.34
CA ALA C 871 -51.30 15.09 19.53
C ALA C 871 -52.15 14.78 20.77
N GLN C 872 -52.44 13.50 21.00
CA GLN C 872 -53.24 13.14 22.17
C GLN C 872 -52.50 13.47 23.46
N TYR C 873 -51.20 13.16 23.53
CA TYR C 873 -50.42 13.55 24.70
C TYR C 873 -50.40 15.07 24.88
N THR C 874 -50.20 15.82 23.81
CA THR C 874 -50.15 17.27 23.94
C THR C 874 -51.49 17.81 24.45
N SER C 875 -52.59 17.32 23.91
CA SER C 875 -53.91 17.77 24.35
C SER C 875 -54.16 17.40 25.81
N ALA C 876 -53.77 16.19 26.22
CA ALA C 876 -53.97 15.79 27.61
C ALA C 876 -53.17 16.67 28.56
N LEU C 877 -51.90 16.91 28.23
CA LEU C 877 -51.09 17.77 29.08
C LEU C 877 -51.65 19.19 29.15
N LEU C 878 -52.10 19.72 28.01
CA LEU C 878 -52.62 21.09 27.99
C LEU C 878 -53.90 21.21 28.81
N ALA C 879 -54.82 20.25 28.65
CA ALA C 879 -56.05 20.28 29.45
C ALA C 879 -55.73 20.12 30.93
N GLY C 880 -54.80 19.23 31.27
CA GLY C 880 -54.43 19.06 32.66
C GLY C 880 -53.84 20.32 33.28
N THR C 881 -52.96 21.00 32.55
CA THR C 881 -52.35 22.21 33.10
C THR C 881 -53.31 23.40 33.12
N ILE C 882 -54.34 23.41 32.28
CA ILE C 882 -55.34 24.46 32.40
C ILE C 882 -56.25 24.20 33.61
N THR C 883 -56.76 22.98 33.73
CA THR C 883 -57.82 22.75 34.71
C THR C 883 -57.27 22.59 36.13
N SER C 884 -56.40 21.59 36.34
CA SER C 884 -55.98 21.22 37.68
C SER C 884 -54.74 21.95 38.15
N GLY C 885 -54.43 23.12 37.59
CA GLY C 885 -53.27 23.87 37.99
C GLY C 885 -51.98 23.11 37.75
N TRP C 886 -51.30 22.71 38.83
CA TRP C 886 -50.10 21.89 38.69
C TRP C 886 -50.07 20.74 39.70
N THR C 887 -51.13 20.54 40.47
CA THR C 887 -51.15 19.47 41.46
C THR C 887 -51.18 18.09 40.81
N PHE C 888 -51.62 17.99 39.55
CA PHE C 888 -51.71 16.70 38.89
C PHE C 888 -50.34 16.12 38.54
N GLY C 889 -49.27 16.90 38.67
CA GLY C 889 -47.93 16.37 38.45
C GLY C 889 -47.35 15.60 39.61
N ALA C 890 -48.00 15.66 40.78
CA ALA C 890 -47.53 14.95 41.97
C ALA C 890 -48.48 13.84 42.39
N GLY C 891 -49.75 14.17 42.61
CA GLY C 891 -50.74 13.19 43.02
C GLY C 891 -51.79 12.94 41.96
N ALA C 892 -52.98 13.51 42.15
CA ALA C 892 -54.08 13.40 41.21
C ALA C 892 -54.59 14.78 40.85
N ALA C 893 -55.53 14.81 39.90
CA ALA C 893 -56.09 16.07 39.45
C ALA C 893 -57.08 16.62 40.47
N LEU C 894 -56.93 17.89 40.83
CA LEU C 894 -57.82 18.56 41.77
C LEU C 894 -58.33 19.85 41.13
N GLN C 895 -59.65 20.04 41.18
CA GLN C 895 -60.26 21.19 40.54
C GLN C 895 -59.84 22.50 41.21
N ILE C 896 -59.77 23.56 40.40
CA ILE C 896 -59.56 24.92 40.90
C ILE C 896 -59.88 25.89 39.76
N PRO C 897 -60.63 26.94 40.01
CA PRO C 897 -60.92 27.91 38.96
C PRO C 897 -59.65 28.64 38.51
N PHE C 898 -59.67 29.08 37.25
CA PHE C 898 -58.48 29.63 36.62
C PHE C 898 -58.01 30.90 37.31
N ALA C 899 -58.94 31.74 37.75
CA ALA C 899 -58.58 33.03 38.33
C ALA C 899 -57.73 32.87 39.58
N MET C 900 -58.09 31.94 40.46
CA MET C 900 -57.28 31.72 41.64
C MET C 900 -55.92 31.12 41.29
N GLN C 901 -55.84 30.34 40.22
CA GLN C 901 -54.53 29.87 39.76
C GLN C 901 -53.66 31.03 39.30
N MET C 902 -54.26 31.99 38.58
CA MET C 902 -53.52 33.20 38.23
C MET C 902 -53.07 33.96 39.46
N ALA C 903 -53.94 34.05 40.47
CA ALA C 903 -53.56 34.72 41.71
C ALA C 903 -52.42 34.02 42.40
N TYR C 904 -52.45 32.68 42.43
CA TYR C 904 -51.37 31.91 43.02
C TYR C 904 -50.05 32.17 42.29
N ARG C 905 -50.10 32.22 40.96
CA ARG C 905 -48.88 32.45 40.20
C ARG C 905 -48.31 33.85 40.46
N PHE C 906 -49.18 34.87 40.46
CA PHE C 906 -48.69 36.21 40.79
C PHE C 906 -48.10 36.27 42.18
N ASN C 907 -48.77 35.65 43.15
CA ASN C 907 -48.22 35.60 44.50
C ASN C 907 -46.87 34.88 44.51
N GLY C 908 -46.69 33.91 43.61
CA GLY C 908 -45.40 33.26 43.49
C GLY C 908 -44.32 34.17 42.96
N ILE C 909 -44.64 35.00 41.96
CA ILE C 909 -43.62 35.83 41.32
C ILE C 909 -43.35 37.08 42.14
N GLY C 910 -43.99 37.20 43.30
CA GLY C 910 -43.70 38.27 44.23
C GLY C 910 -44.70 39.39 44.27
N VAL C 911 -45.66 39.43 43.35
CA VAL C 911 -46.69 40.46 43.35
C VAL C 911 -47.92 39.94 44.06
N THR C 912 -48.45 40.74 44.99
CA THR C 912 -49.58 40.31 45.80
C THR C 912 -50.81 40.07 44.93
N GLN C 913 -51.69 39.19 45.41
CA GLN C 913 -52.88 38.81 44.67
C GLN C 913 -53.87 39.95 44.51
N ASN C 914 -53.70 41.04 45.25
CA ASN C 914 -54.62 42.18 45.14
C ASN C 914 -54.61 42.78 43.74
N VAL C 915 -53.46 42.73 43.06
CA VAL C 915 -53.33 43.39 41.76
C VAL C 915 -54.20 42.71 40.71
N LEU C 916 -54.23 41.38 40.69
CA LEU C 916 -54.89 40.67 39.60
C LEU C 916 -56.40 40.92 39.59
N TYR C 917 -57.01 40.99 40.76
CA TYR C 917 -58.47 41.05 40.81
C TYR C 917 -59.01 42.39 40.36
N GLU C 918 -58.20 43.44 40.39
CA GLU C 918 -58.61 44.74 39.87
C GLU C 918 -58.24 44.95 38.41
N ASN C 919 -57.49 44.04 37.80
CA ASN C 919 -57.05 44.19 36.42
C ASN C 919 -57.28 42.92 35.60
N GLN C 920 -58.19 42.06 36.06
CA GLN C 920 -58.55 40.85 35.33
C GLN C 920 -58.92 41.15 33.88
N LYS C 921 -59.78 42.14 33.63
CA LYS C 921 -60.23 42.42 32.28
C LYS C 921 -59.08 42.89 31.41
N LEU C 922 -58.23 43.77 31.93
CA LEU C 922 -57.07 44.23 31.18
C LEU C 922 -56.13 43.08 30.85
N ILE C 923 -55.92 42.18 31.81
CA ILE C 923 -55.04 41.04 31.58
C ILE C 923 -55.62 40.13 30.50
N ALA C 924 -56.93 39.90 30.53
CA ALA C 924 -57.56 39.07 29.51
C ALA C 924 -57.42 39.70 28.13
N ASN C 925 -57.64 41.01 28.03
CA ASN C 925 -57.49 41.70 26.75
C ASN C 925 -56.06 41.58 26.24
N GLN C 926 -55.08 41.79 27.12
CA GLN C 926 -53.68 41.69 26.72
C GLN C 926 -53.36 40.27 26.25
N PHE C 927 -53.87 39.26 26.96
CA PHE C 927 -53.61 37.88 26.58
C PHE C 927 -54.16 37.58 25.19
N ASN C 928 -55.41 37.98 24.94
CA ASN C 928 -56.01 37.73 23.64
C ASN C 928 -55.26 38.44 22.53
N SER C 929 -54.91 39.71 22.75
CA SER C 929 -54.16 40.46 21.74
C SER C 929 -52.81 39.81 21.46
N ALA C 930 -52.11 39.38 22.52
CA ALA C 930 -50.79 38.78 22.34
C ALA C 930 -50.88 37.46 21.58
N ILE C 931 -51.87 36.62 21.90
CA ILE C 931 -51.97 35.34 21.21
C ILE C 931 -52.36 35.54 19.75
N GLY C 932 -53.24 36.51 19.46
CA GLY C 932 -53.52 36.83 18.08
C GLY C 932 -52.30 37.33 17.33
N LYS C 933 -51.51 38.18 17.97
CA LYS C 933 -50.31 38.70 17.34
C LYS C 933 -49.31 37.58 17.04
N ILE C 934 -49.13 36.66 17.99
CA ILE C 934 -48.15 35.59 17.75
C ILE C 934 -48.65 34.64 16.67
N GLN C 935 -49.97 34.40 16.61
CA GLN C 935 -50.50 33.57 15.53
C GLN C 935 -50.26 34.23 14.18
N ASP C 936 -50.50 35.55 14.09
CA ASP C 936 -50.26 36.26 12.83
C ASP C 936 -48.78 36.22 12.46
N SER C 937 -47.91 36.41 13.44
CA SER C 937 -46.47 36.39 13.17
C SER C 937 -46.03 35.02 12.66
N LEU C 938 -46.53 33.95 13.26
CA LEU C 938 -46.19 32.61 12.78
C LEU C 938 -46.75 32.39 11.37
N SER C 939 -47.95 32.89 11.11
CA SER C 939 -48.55 32.70 9.79
C SER C 939 -47.77 33.42 8.71
N SER C 940 -47.29 34.64 8.99
CA SER C 940 -46.67 35.47 7.97
C SER C 940 -45.16 35.26 7.88
N THR C 941 -44.45 35.43 9.00
CA THR C 941 -43.00 35.35 9.00
C THR C 941 -42.52 33.94 8.65
N ALA C 942 -41.40 33.88 7.94
CA ALA C 942 -40.79 32.63 7.51
C ALA C 942 -39.41 32.48 8.17
N SER C 943 -38.77 31.35 7.88
CA SER C 943 -37.42 31.04 8.39
C SER C 943 -37.37 31.03 9.91
N ALA C 944 -38.48 30.65 10.55
CA ALA C 944 -38.54 30.54 12.00
C ALA C 944 -38.30 29.11 12.48
N LEU C 945 -38.03 28.18 11.58
CA LEU C 945 -37.82 26.77 11.91
C LEU C 945 -36.48 26.28 11.36
N GLY C 946 -35.43 27.05 11.65
CA GLY C 946 -34.12 26.74 11.09
C GLY C 946 -33.60 25.37 11.51
N LYS C 947 -33.80 25.01 12.78
CA LYS C 947 -33.17 23.81 13.32
C LYS C 947 -33.67 22.55 12.62
N LEU C 948 -34.99 22.36 12.56
CA LEU C 948 -35.55 21.13 12.00
C LEU C 948 -35.22 21.01 10.52
N GLN C 949 -35.38 22.11 9.77
CA GLN C 949 -35.06 22.09 8.35
C GLN C 949 -33.59 21.79 8.13
N ASP C 950 -32.71 22.39 8.94
CA ASP C 950 -31.29 22.14 8.81
C ASP C 950 -30.97 20.67 9.04
N VAL C 951 -31.55 20.08 10.09
CA VAL C 951 -31.28 18.68 10.40
C VAL C 951 -31.75 17.79 9.25
N VAL C 952 -32.97 18.02 8.76
CA VAL C 952 -33.51 17.18 7.69
C VAL C 952 -32.65 17.31 6.44
N ASN C 953 -32.30 18.55 6.06
CA ASN C 953 -31.51 18.74 4.85
C ASN C 953 -30.14 18.10 4.95
N GLN C 954 -29.47 18.26 6.10
CA GLN C 954 -28.12 17.68 6.22
C GLN C 954 -28.18 16.16 6.24
N ASN C 955 -29.20 15.58 6.88
CA ASN C 955 -29.31 14.12 6.86
C ASN C 955 -29.56 13.61 5.45
N ALA C 956 -30.46 14.27 4.72
CA ALA C 956 -30.73 13.86 3.34
C ALA C 956 -29.48 14.02 2.47
N GLN C 957 -28.72 15.09 2.68
CA GLN C 957 -27.50 15.29 1.91
C GLN C 957 -26.47 14.21 2.20
N ALA C 958 -26.32 13.82 3.47
CA ALA C 958 -25.38 12.75 3.80
C ALA C 958 -25.81 11.44 3.15
N LEU C 959 -27.10 11.11 3.21
CA LEU C 959 -27.55 9.89 2.55
C LEU C 959 -27.32 9.96 1.04
N ASN C 960 -27.57 11.12 0.44
CA ASN C 960 -27.39 11.29 -0.99
C ASN C 960 -25.93 11.10 -1.40
N THR C 961 -25.00 11.70 -0.66
CA THR C 961 -23.61 11.54 -1.02
C THR C 961 -23.14 10.11 -0.80
N LEU C 962 -23.65 9.44 0.23
CA LEU C 962 -23.31 8.04 0.43
C LEU C 962 -23.78 7.18 -0.72
N VAL C 963 -25.03 7.38 -1.17
CA VAL C 963 -25.55 6.55 -2.26
C VAL C 963 -24.87 6.89 -3.58
N LYS C 964 -24.45 8.16 -3.75
CA LYS C 964 -23.78 8.53 -5.00
C LYS C 964 -22.34 8.01 -5.04
N GLN C 965 -21.72 7.82 -3.88
CA GLN C 965 -20.36 7.28 -3.86
C GLN C 965 -20.28 5.87 -4.43
N LEU C 966 -21.40 5.18 -4.57
CA LEU C 966 -21.40 3.81 -5.08
C LEU C 966 -20.86 3.71 -6.50
N SER C 967 -20.92 4.78 -7.28
CA SER C 967 -20.57 4.74 -8.70
C SER C 967 -19.11 5.12 -8.97
N SER C 968 -18.31 5.35 -7.93
CA SER C 968 -16.91 5.73 -8.14
C SER C 968 -16.10 4.54 -8.62
N ASN C 969 -15.12 4.82 -9.46
CA ASN C 969 -14.26 3.76 -10.01
C ASN C 969 -13.38 3.14 -8.93
N PHE C 970 -12.93 3.96 -7.97
CA PHE C 970 -12.08 3.51 -6.86
C PHE C 970 -10.74 2.96 -7.35
N GLY C 971 -10.29 3.42 -8.51
CA GLY C 971 -9.02 3.00 -9.06
C GLY C 971 -9.04 1.72 -9.87
N ALA C 972 -10.20 1.08 -10.00
CA ALA C 972 -10.32 -0.12 -10.82
C ALA C 972 -10.48 0.28 -12.29
N ILE C 973 -10.82 -0.69 -13.13
CA ILE C 973 -11.04 -0.41 -14.55
C ILE C 973 -12.52 -0.36 -14.91
N SER C 974 -13.41 -0.76 -14.02
CA SER C 974 -14.84 -0.68 -14.26
C SER C 974 -15.55 -0.41 -12.94
N SER C 975 -16.69 0.28 -13.03
CA SER C 975 -17.47 0.66 -11.86
C SER C 975 -18.59 -0.31 -11.53
N VAL C 976 -18.74 -1.39 -12.31
CA VAL C 976 -19.80 -2.37 -12.10
C VAL C 976 -19.15 -3.75 -11.95
N LEU C 977 -19.62 -4.51 -10.96
CA LEU C 977 -18.98 -5.79 -10.64
C LEU C 977 -19.45 -6.90 -11.57
N ASN C 978 -20.72 -6.91 -11.94
CA ASN C 978 -21.26 -8.01 -12.73
C ASN C 978 -20.59 -8.10 -14.10
N ASP C 979 -20.39 -6.95 -14.76
CA ASP C 979 -19.74 -6.96 -16.06
C ASP C 979 -18.27 -7.34 -15.94
N ILE C 980 -17.57 -6.76 -14.96
CA ILE C 980 -16.14 -7.02 -14.84
C ILE C 980 -15.87 -8.47 -14.46
N LEU C 981 -16.82 -9.12 -13.78
CA LEU C 981 -16.62 -10.52 -13.40
C LEU C 981 -16.57 -11.43 -14.63
N SER C 982 -17.43 -11.18 -15.61
CA SER C 982 -17.61 -12.08 -16.74
C SER C 982 -16.91 -11.59 -18.00
N ARG C 983 -15.81 -10.83 -17.86
CA ARG C 983 -15.07 -10.38 -19.03
C ARG C 983 -13.55 -10.42 -18.83
N LEU C 984 -13.06 -11.02 -17.75
CA LEU C 984 -11.64 -10.96 -17.47
C LEU C 984 -11.18 -12.24 -16.79
N ASP C 985 -9.87 -12.46 -16.82
CA ASP C 985 -9.26 -13.59 -16.14
C ASP C 985 -9.43 -13.41 -14.63
N PRO C 986 -9.79 -14.45 -13.89
CA PRO C 986 -9.97 -14.32 -12.43
C PRO C 986 -8.74 -13.76 -11.73
N PRO C 987 -7.51 -14.22 -12.02
CA PRO C 987 -6.36 -13.82 -11.18
C PRO C 987 -6.23 -12.33 -10.91
N GLU C 988 -6.47 -11.48 -11.91
CA GLU C 988 -6.53 -10.04 -11.66
C GLU C 988 -7.93 -9.58 -11.26
N ALA C 989 -8.95 -10.38 -11.55
CA ALA C 989 -10.30 -10.03 -11.14
C ALA C 989 -10.40 -9.95 -9.63
N GLU C 990 -9.74 -10.85 -8.90
CA GLU C 990 -9.75 -10.72 -7.45
C GLU C 990 -9.08 -9.42 -7.01
N VAL C 991 -8.06 -8.96 -7.73
CA VAL C 991 -7.41 -7.70 -7.38
C VAL C 991 -8.37 -6.54 -7.53
N GLN C 992 -9.06 -6.46 -8.67
CA GLN C 992 -10.02 -5.38 -8.87
C GLN C 992 -11.15 -5.46 -7.83
N ILE C 993 -11.62 -6.67 -7.55
CA ILE C 993 -12.70 -6.84 -6.57
C ILE C 993 -12.25 -6.38 -5.20
N ASP C 994 -11.00 -6.68 -4.84
CA ASP C 994 -10.45 -6.23 -3.55
C ASP C 994 -10.41 -4.71 -3.48
N ARG C 995 -9.98 -4.06 -4.57
CA ARG C 995 -9.97 -2.60 -4.59
C ARG C 995 -11.37 -2.04 -4.35
N LEU C 996 -12.35 -2.58 -5.08
CA LEU C 996 -13.72 -2.09 -4.93
C LEU C 996 -14.24 -2.30 -3.51
N ILE C 997 -13.97 -3.49 -2.94
CA ILE C 997 -14.47 -3.81 -1.61
C ILE C 997 -13.88 -2.87 -0.57
N THR C 998 -12.56 -2.64 -0.63
CA THR C 998 -11.96 -1.79 0.39
C THR C 998 -12.47 -0.36 0.27
N GLY C 999 -12.64 0.15 -0.96
CA GLY C 999 -13.19 1.49 -1.10
C GLY C 999 -14.58 1.62 -0.52
N ARG C 1000 -15.46 0.68 -0.87
CA ARG C 1000 -16.84 0.76 -0.41
C ARG C 1000 -16.93 0.60 1.11
N LEU C 1001 -16.11 -0.28 1.67
CA LEU C 1001 -16.10 -0.46 3.12
C LEU C 1001 -15.64 0.81 3.82
N GLN C 1002 -14.63 1.48 3.28
CA GLN C 1002 -14.18 2.73 3.89
C GLN C 1002 -15.30 3.77 3.88
N SER C 1003 -16.01 3.90 2.75
CA SER C 1003 -17.11 4.85 2.70
C SER C 1003 -18.20 4.52 3.73
N LEU C 1004 -18.53 3.23 3.86
CA LEU C 1004 -19.55 2.82 4.81
C LEU C 1004 -19.14 3.16 6.24
N GLN C 1005 -17.87 2.91 6.58
CA GLN C 1005 -17.40 3.24 7.93
C GLN C 1005 -17.50 4.73 8.21
N THR C 1006 -17.13 5.56 7.24
CA THR C 1006 -17.25 7.00 7.42
C THR C 1006 -18.69 7.40 7.70
N TYR C 1007 -19.62 6.85 6.91
CA TYR C 1007 -21.04 7.19 7.12
C TYR C 1007 -21.51 6.77 8.50
N VAL C 1008 -21.11 5.59 8.96
CA VAL C 1008 -21.54 5.12 10.28
C VAL C 1008 -21.02 6.03 11.37
N THR C 1009 -19.76 6.46 11.27
CA THR C 1009 -19.22 7.36 12.28
C THR C 1009 -19.99 8.67 12.33
N GLN C 1010 -20.29 9.24 11.16
CA GLN C 1010 -21.08 10.47 11.12
C GLN C 1010 -22.44 10.28 11.79
N GLN C 1011 -23.10 9.16 11.50
CA GLN C 1011 -24.40 8.89 12.09
C GLN C 1011 -24.30 8.82 13.61
N LEU C 1012 -23.27 8.16 14.14
CA LEU C 1012 -23.12 8.05 15.59
C LEU C 1012 -22.98 9.42 16.22
N ILE C 1013 -22.14 10.29 15.63
CA ILE C 1013 -21.95 11.62 16.19
C ILE C 1013 -23.26 12.38 16.23
N ARG C 1014 -23.99 12.35 15.12
CA ARG C 1014 -25.25 13.10 15.05
C ARG C 1014 -26.27 12.56 16.06
N ALA C 1015 -26.31 11.24 16.23
CA ALA C 1015 -27.24 10.67 17.20
C ALA C 1015 -26.91 11.14 18.62
N ALA C 1016 -25.62 11.19 18.97
CA ALA C 1016 -25.26 11.66 20.30
C ALA C 1016 -25.70 13.10 20.51
N GLU C 1017 -25.46 13.96 19.53
CA GLU C 1017 -25.85 15.36 19.68
C GLU C 1017 -27.36 15.50 19.83
N ILE C 1018 -28.12 14.76 19.01
CA ILE C 1018 -29.58 14.84 19.08
C ILE C 1018 -30.08 14.36 20.42
N ARG C 1019 -29.46 13.31 20.97
CA ARG C 1019 -29.87 12.84 22.29
C ARG C 1019 -29.65 13.90 23.35
N ALA C 1020 -28.51 14.59 23.30
CA ALA C 1020 -28.26 15.67 24.27
C ALA C 1020 -29.34 16.74 24.17
N SER C 1021 -29.66 17.18 22.95
CA SER C 1021 -30.66 18.22 22.77
C SER C 1021 -32.03 17.77 23.28
N ALA C 1022 -32.40 16.52 22.98
CA ALA C 1022 -33.70 16.04 23.42
C ALA C 1022 -33.77 15.89 24.93
N ASN C 1023 -32.67 15.51 25.58
CA ASN C 1023 -32.67 15.48 27.05
C ASN C 1023 -32.90 16.87 27.62
N LEU C 1024 -32.22 17.88 27.07
CA LEU C 1024 -32.47 19.24 27.53
C LEU C 1024 -33.93 19.64 27.34
N ALA C 1025 -34.51 19.31 26.18
CA ALA C 1025 -35.90 19.64 25.93
C ALA C 1025 -36.83 18.93 26.90
N ALA C 1026 -36.51 17.67 27.23
CA ALA C 1026 -37.34 16.92 28.18
C ALA C 1026 -37.32 17.57 29.55
N THR C 1027 -36.14 17.99 30.02
CA THR C 1027 -36.06 18.67 31.32
C THR C 1027 -36.87 19.97 31.30
N LYS C 1028 -36.73 20.74 30.22
CA LYS C 1028 -37.46 21.99 30.11
C LYS C 1028 -38.97 21.76 30.16
N MET C 1029 -39.45 20.77 29.41
CA MET C 1029 -40.87 20.46 29.42
C MET C 1029 -41.33 20.01 30.79
N SER C 1030 -40.50 19.19 31.46
CA SER C 1030 -40.88 18.66 32.75
C SER C 1030 -41.04 19.74 33.81
N GLU C 1031 -40.15 20.74 33.82
CA GLU C 1031 -40.22 21.66 34.95
C GLU C 1031 -40.84 23.02 34.62
N CYS C 1032 -40.91 23.41 33.35
CA CYS C 1032 -41.54 24.68 32.98
C CYS C 1032 -43.00 24.53 32.59
N VAL C 1033 -43.60 23.35 32.78
CA VAL C 1033 -45.01 23.11 32.48
C VAL C 1033 -45.75 22.57 33.70
N LEU C 1034 -45.26 21.49 34.28
CA LEU C 1034 -45.88 20.88 35.44
C LEU C 1034 -45.76 21.70 36.70
N GLY C 1035 -45.13 22.87 36.64
CA GLY C 1035 -44.99 23.72 37.80
C GLY C 1035 -44.60 25.12 37.40
N GLN C 1036 -43.82 25.77 38.25
CA GLN C 1036 -43.31 27.11 37.99
C GLN C 1036 -41.81 27.14 38.28
N SER C 1037 -41.09 27.97 37.53
CA SER C 1037 -39.64 28.04 37.60
C SER C 1037 -39.21 29.32 38.31
N LYS C 1038 -38.35 29.18 39.31
CA LYS C 1038 -37.79 30.33 40.00
C LYS C 1038 -36.49 30.81 39.36
N ARG C 1039 -35.75 29.93 38.69
CA ARG C 1039 -34.52 30.33 38.04
C ARG C 1039 -34.81 31.27 36.88
N VAL C 1040 -34.03 32.33 36.77
CA VAL C 1040 -34.31 33.40 35.83
C VAL C 1040 -33.84 33.02 34.44
N ASP C 1041 -34.65 33.35 33.44
CA ASP C 1041 -34.28 33.25 32.02
C ASP C 1041 -33.97 31.82 31.58
N PHE C 1042 -34.51 30.83 32.29
CA PHE C 1042 -34.38 29.46 31.81
C PHE C 1042 -35.36 29.21 30.67
N CYS C 1043 -36.65 29.38 30.95
CA CYS C 1043 -37.69 29.35 29.92
C CYS C 1043 -38.39 30.69 29.93
N GLY C 1044 -38.45 31.35 28.77
CA GLY C 1044 -39.02 32.66 28.66
C GLY C 1044 -38.04 33.75 29.03
N LYS C 1045 -38.44 34.99 28.74
CA LYS C 1045 -37.65 36.17 29.05
C LYS C 1045 -38.43 37.03 30.04
N GLY C 1046 -37.78 37.40 31.14
CA GLY C 1046 -38.47 38.09 32.21
C GLY C 1046 -39.04 37.12 33.22
N TYR C 1047 -40.04 37.60 33.96
CA TYR C 1047 -40.71 36.76 34.95
C TYR C 1047 -41.66 35.80 34.25
N HIS C 1048 -41.70 34.57 34.75
CA HIS C 1048 -42.42 33.48 34.09
C HIS C 1048 -43.73 33.18 34.80
N LEU C 1049 -44.77 32.89 34.02
CA LEU C 1049 -46.07 32.53 34.56
C LEU C 1049 -46.44 31.08 34.22
N MET C 1050 -46.42 30.70 32.95
CA MET C 1050 -46.67 29.33 32.56
C MET C 1050 -46.20 29.13 31.12
N SER C 1051 -46.38 27.92 30.62
CA SER C 1051 -46.01 27.56 29.27
C SER C 1051 -47.04 26.61 28.70
N PHE C 1052 -47.08 26.55 27.37
CA PHE C 1052 -47.97 25.66 26.65
C PHE C 1052 -47.17 24.88 25.62
N PRO C 1053 -47.26 23.56 25.59
CA PRO C 1053 -46.54 22.78 24.58
C PRO C 1053 -47.36 22.56 23.32
N GLN C 1054 -46.65 22.37 22.22
CA GLN C 1054 -47.27 22.11 20.93
C GLN C 1054 -46.39 21.14 20.14
N SER C 1055 -47.04 20.26 19.39
CA SER C 1055 -46.34 19.26 18.62
C SER C 1055 -45.67 19.88 17.41
N ALA C 1056 -44.87 19.07 16.72
CA ALA C 1056 -44.12 19.50 15.55
C ALA C 1056 -43.76 18.28 14.74
N PRO C 1057 -43.31 18.46 13.48
CA PRO C 1057 -42.90 17.30 12.67
C PRO C 1057 -41.89 16.41 13.36
N HIS C 1058 -40.76 16.98 13.79
CA HIS C 1058 -39.74 16.23 14.51
C HIS C 1058 -39.21 17.05 15.68
N GLY C 1059 -40.13 17.63 16.45
CA GLY C 1059 -39.71 18.45 17.56
C GLY C 1059 -40.88 18.87 18.41
N VAL C 1060 -40.68 19.94 19.18
CA VAL C 1060 -41.68 20.48 20.07
C VAL C 1060 -41.53 21.99 20.11
N VAL C 1061 -42.65 22.69 20.33
CA VAL C 1061 -42.67 24.14 20.36
C VAL C 1061 -43.32 24.59 21.66
N PHE C 1062 -42.64 25.46 22.39
CA PHE C 1062 -43.13 25.98 23.65
C PHE C 1062 -43.59 27.42 23.49
N LEU C 1063 -44.73 27.74 24.09
CA LEU C 1063 -45.22 29.11 24.18
C LEU C 1063 -45.12 29.52 25.65
N HIS C 1064 -44.21 30.44 25.95
CA HIS C 1064 -43.99 30.93 27.30
C HIS C 1064 -44.75 32.22 27.50
N VAL C 1065 -45.46 32.33 28.63
CA VAL C 1065 -46.16 33.55 29.00
C VAL C 1065 -45.34 34.26 30.07
N THR C 1066 -45.07 35.54 29.86
CA THR C 1066 -44.14 36.28 30.71
C THR C 1066 -44.73 37.63 31.11
N TYR C 1067 -44.29 38.10 32.27
CA TYR C 1067 -44.74 39.33 32.91
C TYR C 1067 -43.63 40.36 32.85
N VAL C 1068 -43.95 41.57 32.39
CA VAL C 1068 -42.91 42.58 32.21
C VAL C 1068 -43.39 43.93 32.75
N PRO C 1069 -42.65 44.54 33.68
CA PRO C 1069 -43.03 45.87 34.18
C PRO C 1069 -42.70 46.97 33.17
N ALA C 1070 -43.38 48.09 33.32
CA ALA C 1070 -43.21 49.23 32.41
C ALA C 1070 -43.86 50.46 33.06
N GLN C 1071 -43.65 51.61 32.41
CA GLN C 1071 -44.17 52.90 32.86
C GLN C 1071 -43.66 53.23 34.27
N GLU C 1072 -42.35 53.41 34.36
CA GLU C 1072 -41.68 53.61 35.63
C GLU C 1072 -41.82 55.04 36.13
N LYS C 1073 -41.58 55.23 37.41
CA LYS C 1073 -41.51 56.55 38.02
C LYS C 1073 -40.37 56.56 39.03
N ASN C 1074 -39.93 57.77 39.38
CA ASN C 1074 -38.79 57.96 40.26
C ASN C 1074 -39.26 58.49 41.62
N PHE C 1075 -38.54 58.12 42.68
CA PHE C 1075 -38.90 58.52 44.03
C PHE C 1075 -37.64 58.64 44.87
N THR C 1076 -37.80 59.28 46.03
CA THR C 1076 -36.74 59.39 47.03
C THR C 1076 -37.00 58.38 48.15
N THR C 1077 -35.94 57.72 48.60
CA THR C 1077 -36.06 56.60 49.53
C THR C 1077 -35.32 56.91 50.83
N ALA C 1078 -35.32 55.91 51.72
CA ALA C 1078 -34.66 55.98 53.03
C ALA C 1078 -34.56 54.58 53.61
N PRO C 1079 -33.46 54.24 54.28
CA PRO C 1079 -33.29 52.87 54.78
C PRO C 1079 -34.28 52.48 55.86
N ALA C 1080 -34.36 53.26 56.94
CA ALA C 1080 -35.21 52.93 58.07
C ALA C 1080 -35.51 54.20 58.84
N ILE C 1081 -36.72 54.30 59.38
CA ILE C 1081 -37.21 55.53 60.01
C ILE C 1081 -37.32 55.31 61.51
N CYS C 1082 -36.70 56.18 62.30
CA CYS C 1082 -36.76 56.05 63.74
C CYS C 1082 -37.71 57.10 64.32
N HIS C 1083 -38.69 56.63 65.08
CA HIS C 1083 -39.66 57.50 65.75
C HIS C 1083 -39.55 57.26 67.25
N ASP C 1084 -39.53 58.35 68.01
CA ASP C 1084 -39.42 58.31 69.47
C ASP C 1084 -38.19 57.54 69.92
N GLY C 1085 -37.11 57.61 69.15
CA GLY C 1085 -35.89 56.91 69.47
C GLY C 1085 -35.86 55.44 69.09
N LYS C 1086 -36.91 54.92 68.47
CA LYS C 1086 -36.97 53.51 68.08
C LYS C 1086 -36.94 53.42 66.56
N ALA C 1087 -36.01 52.64 66.03
CA ALA C 1087 -35.79 52.54 64.59
C ALA C 1087 -36.67 51.44 64.01
N HIS C 1088 -37.63 51.83 63.17
CA HIS C 1088 -38.51 50.91 62.49
C HIS C 1088 -37.98 50.63 61.08
N PHE C 1089 -37.95 49.34 60.72
CA PHE C 1089 -37.63 48.75 59.44
C PHE C 1089 -38.89 48.09 58.86
N PRO C 1090 -39.01 48.03 57.54
CA PRO C 1090 -40.22 47.45 56.96
C PRO C 1090 -40.19 45.92 56.97
N ARG C 1091 -41.38 45.33 57.02
CA ARG C 1091 -41.48 43.88 56.97
C ARG C 1091 -41.20 43.37 55.55
N GLU C 1092 -41.99 43.81 54.58
CA GLU C 1092 -41.73 43.55 53.17
C GLU C 1092 -42.05 44.81 52.38
N GLY C 1093 -41.19 45.13 51.43
CA GLY C 1093 -41.32 46.35 50.67
C GLY C 1093 -40.22 47.35 50.97
N VAL C 1094 -40.50 48.61 50.64
CA VAL C 1094 -39.51 49.67 50.78
C VAL C 1094 -40.25 50.98 51.02
N PHE C 1095 -39.57 51.91 51.69
CA PHE C 1095 -40.10 53.24 51.91
C PHE C 1095 -39.92 54.12 50.68
N VAL C 1096 -40.94 54.90 50.37
CA VAL C 1096 -40.88 55.87 49.27
C VAL C 1096 -41.43 57.19 49.78
N SER C 1097 -41.04 58.26 49.09
CA SER C 1097 -41.43 59.61 49.47
C SER C 1097 -41.54 60.45 48.22
N ASN C 1098 -42.77 60.82 47.84
CA ASN C 1098 -42.95 61.67 46.67
C ASN C 1098 -42.43 63.08 46.90
N GLY C 1099 -42.09 63.44 48.13
CA GLY C 1099 -41.53 64.75 48.40
C GLY C 1099 -42.07 65.39 49.67
N THR C 1100 -43.22 64.91 50.15
CA THR C 1100 -43.86 65.53 51.30
C THR C 1100 -44.13 64.50 52.41
N HIS C 1101 -44.51 63.29 52.04
CA HIS C 1101 -44.88 62.27 53.00
C HIS C 1101 -44.07 61.01 52.74
N TRP C 1102 -44.36 59.96 53.51
CA TRP C 1102 -43.66 58.69 53.43
C TRP C 1102 -44.65 57.55 53.39
N PHE C 1103 -44.39 56.57 52.53
CA PHE C 1103 -45.26 55.42 52.37
C PHE C 1103 -44.41 54.16 52.23
N VAL C 1104 -45.06 53.01 52.37
CA VAL C 1104 -44.43 51.71 52.18
C VAL C 1104 -45.08 51.05 50.96
N THR C 1105 -44.25 50.56 50.04
CA THR C 1105 -44.73 49.93 48.82
C THR C 1105 -43.97 48.65 48.56
N GLN C 1106 -44.63 47.71 47.87
CA GLN C 1106 -43.92 46.51 47.45
C GLN C 1106 -42.95 46.83 46.32
N ARG C 1107 -41.95 45.95 46.16
CA ARG C 1107 -40.84 46.26 45.25
C ARG C 1107 -41.29 46.35 43.80
N ASN C 1108 -42.17 45.45 43.36
CA ASN C 1108 -42.48 45.28 41.95
C ASN C 1108 -43.73 46.04 41.52
N PHE C 1109 -44.27 46.92 42.35
CA PHE C 1109 -45.47 47.65 41.99
C PHE C 1109 -45.52 48.93 42.82
N TYR C 1110 -46.53 49.76 42.52
CA TYR C 1110 -46.75 51.01 43.23
C TYR C 1110 -48.12 50.98 43.87
N GLU C 1111 -48.19 50.58 45.14
CA GLU C 1111 -49.42 50.56 45.92
C GLU C 1111 -49.14 51.28 47.23
N PRO C 1112 -49.16 52.61 47.22
CA PRO C 1112 -48.79 53.37 48.43
C PRO C 1112 -49.72 53.06 49.59
N GLN C 1113 -49.14 52.98 50.79
CA GLN C 1113 -49.88 52.71 52.01
C GLN C 1113 -49.32 53.56 53.13
N ILE C 1114 -50.17 53.87 54.10
CA ILE C 1114 -49.76 54.70 55.23
C ILE C 1114 -48.94 53.86 56.20
N ILE C 1115 -47.92 54.48 56.80
CA ILE C 1115 -47.04 53.76 57.70
C ILE C 1115 -47.77 53.52 59.02
N THR C 1116 -47.80 52.26 59.44
CA THR C 1116 -48.35 51.87 60.73
C THR C 1116 -47.26 51.15 61.53
N THR C 1117 -47.65 50.62 62.69
CA THR C 1117 -46.79 49.73 63.46
C THR C 1117 -47.10 48.27 63.20
N ASP C 1118 -47.93 47.98 62.21
CA ASP C 1118 -48.31 46.61 61.87
C ASP C 1118 -47.40 46.01 60.81
N ASN C 1119 -46.95 46.80 59.85
CA ASN C 1119 -46.12 46.33 58.75
C ASN C 1119 -44.65 46.66 58.95
N THR C 1120 -44.27 47.17 60.12
CA THR C 1120 -42.88 47.48 60.43
C THR C 1120 -42.50 46.85 61.76
N PHE C 1121 -41.20 46.62 61.92
CA PHE C 1121 -40.67 46.08 63.18
C PHE C 1121 -39.48 46.90 63.63
N VAL C 1122 -39.25 46.89 64.94
CA VAL C 1122 -38.28 47.77 65.58
C VAL C 1122 -37.07 46.95 66.02
N SER C 1123 -35.90 47.59 66.01
CA SER C 1123 -34.67 46.95 66.48
C SER C 1123 -33.67 48.04 66.83
N GLY C 1124 -33.32 48.13 68.12
CA GLY C 1124 -32.30 49.07 68.55
C GLY C 1124 -32.76 50.52 68.49
N ASN C 1125 -31.77 51.40 68.40
CA ASN C 1125 -32.00 52.84 68.32
C ASN C 1125 -31.22 53.41 67.15
N CYS C 1126 -31.68 54.57 66.66
CA CYS C 1126 -31.12 55.17 65.46
C CYS C 1126 -29.92 56.05 65.84
N ASP C 1127 -28.79 55.40 66.06
CA ASP C 1127 -27.53 56.07 66.26
C ASP C 1127 -26.38 55.50 65.44
N VAL C 1128 -26.60 54.38 64.75
CA VAL C 1128 -25.56 53.78 63.91
C VAL C 1128 -26.01 53.59 62.47
N VAL C 1129 -27.31 53.49 62.20
CA VAL C 1129 -27.79 53.32 60.83
C VAL C 1129 -27.53 54.59 60.05
N ILE C 1130 -27.05 54.42 58.81
CA ILE C 1130 -26.69 55.56 57.97
C ILE C 1130 -27.87 55.88 57.05
N GLY C 1131 -28.24 57.15 56.99
CA GLY C 1131 -29.33 57.59 56.15
C GLY C 1131 -30.67 57.73 56.84
N ILE C 1132 -30.71 57.66 58.17
CA ILE C 1132 -31.97 57.72 58.89
C ILE C 1132 -32.59 59.10 58.77
N VAL C 1133 -33.85 59.14 58.37
CA VAL C 1133 -34.67 60.36 58.41
C VAL C 1133 -35.92 60.04 59.19
N ASN C 1134 -36.26 60.91 60.15
CA ASN C 1134 -37.34 60.59 61.06
C ASN C 1134 -38.62 61.36 60.76
N ASN C 1135 -39.73 60.69 61.00
CA ASN C 1135 -41.07 61.19 60.72
C ASN C 1135 -42.00 60.62 61.79
N THR C 1136 -43.31 60.68 61.54
CA THR C 1136 -44.29 60.15 62.47
C THR C 1136 -44.70 58.74 62.05
N VAL C 1137 -44.96 57.89 63.03
CA VAL C 1137 -45.37 56.51 62.81
C VAL C 1137 -46.75 56.34 63.45
N TYR C 1138 -47.78 56.21 62.61
CA TYR C 1138 -49.13 56.03 63.11
C TYR C 1138 -49.30 54.64 63.70
N ASP C 1139 -50.22 54.53 64.66
CA ASP C 1139 -50.66 53.26 65.23
C ASP C 1139 -52.16 53.34 65.47
N PRO C 1140 -52.87 52.22 65.39
CA PRO C 1140 -54.34 52.28 65.46
C PRO C 1140 -54.88 52.18 66.89
N LEU C 1141 -54.05 51.72 67.83
CA LEU C 1141 -54.54 51.43 69.17
C LEU C 1141 -55.06 52.68 69.86
N GLN C 1142 -54.27 53.75 69.87
CA GLN C 1142 -54.71 54.98 70.52
C GLN C 1142 -55.96 55.56 69.88
N PRO C 1143 -56.07 55.68 68.56
CA PRO C 1143 -57.35 56.14 67.99
C PRO C 1143 -58.53 55.23 68.30
N GLU C 1144 -58.31 53.92 68.36
CA GLU C 1144 -59.44 53.00 68.53
C GLU C 1144 -59.82 52.76 69.99
N LEU C 1145 -59.00 53.20 70.95
CA LEU C 1145 -59.37 53.06 72.35
C LEU C 1145 -60.31 54.16 72.84
N ASP C 1146 -60.46 55.24 72.07
CA ASP C 1146 -61.32 56.35 72.50
C ASP C 1146 -62.65 56.34 71.75
N GLU D 1 53.66 -51.10 -17.10
CA GLU D 1 54.75 -51.42 -16.18
C GLU D 1 55.77 -52.37 -16.82
N VAL D 2 56.67 -52.92 -16.01
CA VAL D 2 57.84 -53.64 -16.53
C VAL D 2 57.47 -55.00 -17.10
N GLN D 3 56.18 -55.35 -17.12
CA GLN D 3 55.66 -56.52 -17.82
C GLN D 3 56.19 -57.84 -17.25
N LEU D 4 55.92 -58.07 -15.96
CA LEU D 4 56.00 -59.39 -15.32
C LEU D 4 57.28 -60.15 -15.71
N GLU D 5 58.41 -59.57 -15.31
CA GLU D 5 59.69 -60.21 -15.56
C GLU D 5 59.77 -61.52 -14.79
N GLU D 6 60.30 -62.56 -15.43
CA GLU D 6 60.35 -63.88 -14.84
C GLU D 6 61.79 -64.27 -14.50
N SER D 7 61.92 -65.19 -13.54
CA SER D 7 63.23 -65.72 -13.19
C SER D 7 63.81 -66.49 -14.36
N GLY D 8 65.12 -66.34 -14.56
CA GLY D 8 65.77 -67.02 -15.67
C GLY D 8 65.73 -68.53 -15.50
N GLY D 9 65.63 -69.23 -16.63
CA GLY D 9 65.62 -70.68 -16.67
C GLY D 9 66.91 -71.23 -17.24
N GLY D 10 66.97 -72.56 -17.28
CA GLY D 10 68.15 -73.23 -17.78
C GLY D 10 67.95 -74.73 -17.78
N LEU D 11 68.97 -75.42 -18.28
CA LEU D 11 68.95 -76.87 -18.34
C LEU D 11 69.01 -77.48 -16.94
N VAL D 12 68.25 -78.55 -16.73
CA VAL D 12 68.17 -79.24 -15.46
C VAL D 12 68.23 -80.75 -15.73
N LYS D 13 68.14 -81.53 -14.64
CA LYS D 13 68.20 -82.98 -14.62
C LYS D 13 66.82 -83.58 -14.40
N PRO D 14 66.53 -84.73 -15.01
CA PRO D 14 65.22 -85.36 -14.83
C PRO D 14 65.08 -85.98 -13.44
N GLY D 15 64.66 -85.16 -12.47
CA GLY D 15 64.59 -85.58 -11.09
C GLY D 15 64.87 -84.46 -10.13
N GLY D 16 65.28 -83.31 -10.67
CA GLY D 16 65.45 -82.10 -9.89
C GLY D 16 64.16 -81.29 -9.82
N SER D 17 64.31 -80.02 -9.47
CA SER D 17 63.17 -79.12 -9.38
C SER D 17 63.64 -77.69 -9.63
N LEU D 18 63.02 -77.02 -10.60
CA LEU D 18 63.32 -75.63 -10.92
C LEU D 18 62.21 -74.71 -10.41
N LYS D 19 62.62 -73.54 -9.95
CA LYS D 19 61.71 -72.56 -9.37
C LYS D 19 61.59 -71.37 -10.30
N LEU D 20 60.35 -70.97 -10.59
CA LEU D 20 60.05 -69.80 -11.40
C LEU D 20 59.50 -68.71 -10.48
N SER D 21 60.16 -67.56 -10.48
CA SER D 21 59.76 -66.42 -9.65
C SER D 21 59.33 -65.28 -10.57
N CYS D 22 58.02 -65.07 -10.66
CA CYS D 22 57.47 -63.98 -11.47
C CYS D 22 57.28 -62.75 -10.58
N ALA D 23 58.40 -62.23 -10.09
CA ALA D 23 58.39 -60.98 -9.36
C ALA D 23 58.21 -59.81 -10.32
N ALA D 24 57.47 -58.80 -9.87
CA ALA D 24 57.19 -57.64 -10.71
C ALA D 24 56.74 -56.49 -9.83
N SER D 25 56.51 -55.35 -10.48
CA SER D 25 56.01 -54.16 -9.80
C SER D 25 55.42 -53.22 -10.85
N GLY D 26 54.39 -52.48 -10.45
CA GLY D 26 53.75 -51.55 -11.35
C GLY D 26 52.25 -51.47 -11.20
N PHE D 27 51.66 -52.46 -10.53
CA PHE D 27 50.24 -52.43 -10.22
C PHE D 27 49.99 -53.27 -8.98
N THR D 28 48.84 -53.03 -8.34
CA THR D 28 48.53 -53.64 -7.06
C THR D 28 48.51 -55.16 -7.18
N PHE D 29 49.10 -55.82 -6.18
CA PHE D 29 49.18 -57.28 -6.16
C PHE D 29 48.34 -57.89 -5.04
N SER D 30 47.56 -57.08 -4.34
CA SER D 30 46.65 -57.58 -3.32
C SER D 30 45.29 -57.99 -3.88
N SER D 31 45.02 -57.67 -5.15
CA SER D 31 43.73 -57.99 -5.75
C SER D 31 43.86 -58.56 -7.15
N TYR D 32 45.07 -58.82 -7.63
CA TYR D 32 45.29 -59.33 -8.99
C TYR D 32 45.75 -60.77 -8.89
N THR D 33 44.96 -61.68 -9.46
CA THR D 33 45.26 -63.10 -9.42
C THR D 33 46.26 -63.45 -10.53
N MET D 34 47.37 -64.06 -10.15
CA MET D 34 48.39 -64.46 -11.11
C MET D 34 48.02 -65.77 -11.78
N SER D 35 48.75 -66.11 -12.85
CA SER D 35 48.57 -67.40 -13.49
C SER D 35 49.86 -67.79 -14.20
N TRP D 36 50.06 -69.10 -14.33
CA TRP D 36 51.21 -69.69 -15.00
C TRP D 36 50.71 -70.58 -16.13
N VAL D 37 51.25 -70.36 -17.33
CA VAL D 37 50.92 -71.13 -18.52
C VAL D 37 52.24 -71.60 -19.13
N ARG D 38 52.19 -72.72 -19.85
CA ARG D 38 53.38 -73.25 -20.51
C ARG D 38 53.05 -73.66 -21.94
N GLN D 39 54.08 -73.66 -22.79
CA GLN D 39 53.97 -74.07 -24.17
C GLN D 39 55.17 -74.94 -24.52
N SER D 40 54.92 -76.18 -24.90
CA SER D 40 55.97 -77.01 -25.47
C SER D 40 56.26 -76.57 -26.90
N PRO D 41 57.45 -76.87 -27.42
CA PRO D 41 57.78 -76.45 -28.79
C PRO D 41 56.74 -76.91 -29.81
N GLU D 42 56.03 -75.95 -30.40
CA GLU D 42 54.99 -76.19 -31.39
C GLU D 42 53.91 -77.13 -30.84
N LYS D 43 53.23 -76.66 -29.80
CA LYS D 43 52.16 -77.42 -29.19
C LYS D 43 51.18 -76.44 -28.57
N ARG D 44 49.95 -76.90 -28.37
CA ARG D 44 48.87 -76.05 -27.87
C ARG D 44 49.21 -75.49 -26.48
N LEU D 45 48.81 -74.24 -26.26
CA LEU D 45 48.96 -73.63 -24.95
C LEU D 45 48.16 -74.40 -23.91
N GLU D 46 48.72 -74.47 -22.70
CA GLU D 46 48.02 -75.14 -21.61
C GLU D 46 48.25 -74.37 -20.32
N TRP D 47 47.15 -73.99 -19.67
CA TRP D 47 47.20 -73.34 -18.37
C TRP D 47 47.80 -74.28 -17.33
N VAL D 48 48.88 -73.84 -16.69
CA VAL D 48 49.52 -74.67 -15.67
C VAL D 48 48.81 -74.50 -14.33
N ALA D 49 48.83 -73.28 -13.77
CA ALA D 49 48.28 -73.12 -12.43
C ALA D 49 48.16 -71.63 -12.09
N GLU D 50 47.07 -71.26 -11.42
CA GLU D 50 46.86 -69.89 -11.00
C GLU D 50 46.87 -69.79 -9.48
N ILE D 51 47.09 -68.58 -8.99
CA ILE D 51 46.97 -68.27 -7.58
C ILE D 51 46.07 -67.04 -7.42
N SER D 52 45.31 -67.02 -6.34
CA SER D 52 44.35 -65.95 -6.06
C SER D 52 44.95 -65.05 -4.98
N SER D 53 45.22 -63.80 -5.36
CA SER D 53 45.81 -62.85 -4.42
C SER D 53 44.80 -62.31 -3.41
N GLY D 54 43.50 -62.43 -3.68
CA GLY D 54 42.51 -61.95 -2.74
C GLY D 54 42.59 -62.68 -1.41
N GLY D 55 42.76 -63.99 -1.44
CA GLY D 55 42.94 -64.77 -0.23
C GLY D 55 44.11 -65.73 -0.35
N THR D 56 44.92 -65.55 -1.39
CA THR D 56 46.04 -66.43 -1.69
C THR D 56 45.60 -67.88 -1.77
N TYR D 57 44.68 -68.13 -2.72
CA TYR D 57 44.09 -69.45 -2.89
C TYR D 57 44.78 -70.19 -4.02
N THR D 58 44.94 -71.49 -3.86
CA THR D 58 45.61 -72.34 -4.83
C THR D 58 44.63 -73.36 -5.39
N ASN D 59 44.48 -73.37 -6.71
CA ASN D 59 43.72 -74.39 -7.41
C ASN D 59 44.22 -74.44 -8.85
N TYR D 60 44.24 -75.63 -9.42
CA TYR D 60 44.90 -75.85 -10.70
C TYR D 60 44.44 -77.20 -11.26
N PRO D 61 44.64 -77.43 -12.56
CA PRO D 61 44.02 -78.60 -13.21
C PRO D 61 44.54 -79.91 -12.63
N ASP D 62 43.82 -80.98 -12.97
CA ASP D 62 44.07 -82.32 -12.44
C ASP D 62 45.02 -83.14 -13.29
N THR D 63 45.59 -82.57 -14.35
CA THR D 63 46.57 -83.31 -15.15
C THR D 63 47.80 -83.66 -14.32
N ALA D 64 48.12 -82.85 -13.31
CA ALA D 64 49.20 -83.15 -12.37
C ALA D 64 48.71 -82.68 -11.00
N THR D 65 48.08 -83.60 -10.26
CA THR D 65 47.32 -83.21 -9.08
C THR D 65 48.22 -82.76 -7.94
N GLY D 66 49.27 -83.51 -7.62
CA GLY D 66 50.05 -83.27 -6.43
C GLY D 66 51.49 -82.83 -6.62
N ARG D 67 51.87 -82.34 -7.79
CA ARG D 67 53.26 -81.99 -8.06
C ARG D 67 53.42 -80.53 -8.47
N PHE D 68 52.49 -79.66 -8.11
CA PHE D 68 52.58 -78.23 -8.41
C PHE D 68 52.37 -77.44 -7.13
N THR D 69 53.28 -76.53 -6.82
CA THR D 69 53.15 -75.67 -5.65
C THR D 69 53.43 -74.22 -6.02
N ILE D 70 52.58 -73.33 -5.51
CA ILE D 70 52.67 -71.90 -5.76
C ILE D 70 52.62 -71.17 -4.42
N SER D 71 53.48 -70.18 -4.26
CA SER D 71 53.51 -69.32 -3.07
C SER D 71 53.53 -67.86 -3.53
N ARG D 72 52.66 -67.05 -2.96
CA ARG D 72 52.64 -65.62 -3.28
C ARG D 72 53.21 -64.82 -2.13
N ASP D 73 53.83 -63.69 -2.45
CA ASP D 73 54.33 -62.76 -1.43
C ASP D 73 54.11 -61.34 -1.93
N ASN D 74 53.08 -60.68 -1.39
CA ASN D 74 52.82 -59.29 -1.72
C ASN D 74 53.80 -58.34 -1.04
N ALA D 75 54.58 -58.84 -0.06
CA ALA D 75 55.56 -57.99 0.61
C ALA D 75 56.61 -57.48 -0.37
N LYS D 76 57.37 -58.39 -0.95
CA LYS D 76 58.34 -58.05 -1.99
C LYS D 76 57.81 -58.33 -3.38
N ASN D 77 56.53 -58.69 -3.51
CA ASN D 77 55.86 -58.83 -4.81
C ASN D 77 56.51 -59.92 -5.67
N THR D 78 56.43 -61.16 -5.17
CA THR D 78 57.04 -62.28 -5.86
C THR D 78 56.05 -63.44 -5.95
N LEU D 79 56.19 -64.22 -7.02
CA LEU D 79 55.30 -65.35 -7.32
C LEU D 79 56.17 -66.58 -7.55
N TYR D 80 56.24 -67.43 -6.53
CA TYR D 80 57.13 -68.59 -6.51
C TYR D 80 56.35 -69.79 -7.00
N LEU D 81 56.90 -70.51 -7.98
CA LEU D 81 56.23 -71.68 -8.53
C LEU D 81 57.23 -72.80 -8.74
N GLU D 82 56.90 -74.01 -8.28
CA GLU D 82 57.79 -75.13 -8.53
C GLU D 82 56.99 -76.41 -8.70
N MET D 83 57.65 -77.41 -9.28
CA MET D 83 57.11 -78.74 -9.46
C MET D 83 58.08 -79.75 -8.87
N SER D 84 57.54 -80.88 -8.41
CA SER D 84 58.32 -81.90 -7.72
C SER D 84 58.68 -83.02 -8.67
N SER D 85 59.99 -83.32 -8.76
CA SER D 85 60.50 -84.42 -9.56
C SER D 85 60.10 -84.27 -11.03
N LEU D 86 60.65 -83.24 -11.67
CA LEU D 86 60.37 -82.98 -13.07
C LEU D 86 60.94 -84.08 -13.96
N ARG D 87 60.23 -84.39 -15.03
CA ARG D 87 60.65 -85.40 -16.00
C ARG D 87 61.22 -84.74 -17.25
N SER D 88 61.80 -85.59 -18.10
CA SER D 88 62.36 -85.11 -19.37
C SER D 88 61.29 -84.68 -20.36
N GLU D 89 60.02 -84.99 -20.10
CA GLU D 89 58.92 -84.57 -20.97
C GLU D 89 58.40 -83.18 -20.60
N ASP D 90 58.94 -82.55 -19.57
CA ASP D 90 58.43 -81.28 -19.06
C ASP D 90 59.13 -80.08 -19.68
N THR D 91 59.97 -80.29 -20.69
CA THR D 91 60.64 -79.17 -21.35
C THR D 91 59.61 -78.32 -22.10
N ALA D 92 59.66 -77.01 -21.87
CA ALA D 92 58.69 -76.08 -22.46
C ALA D 92 59.21 -74.67 -22.26
N MET D 93 58.37 -73.69 -22.56
CA MET D 93 58.64 -72.29 -22.29
C MET D 93 57.42 -71.70 -21.61
N TYR D 94 57.64 -70.98 -20.52
CA TYR D 94 56.58 -70.61 -19.58
C TYR D 94 56.31 -69.12 -19.60
N TYR D 95 55.05 -68.77 -19.37
CA TYR D 95 54.58 -67.41 -19.18
C TYR D 95 53.92 -67.29 -17.81
N CYS D 96 54.08 -66.13 -17.18
CA CYS D 96 53.28 -65.71 -16.05
C CYS D 96 52.44 -64.52 -16.48
N ALA D 97 51.12 -64.65 -16.31
CA ALA D 97 50.18 -63.67 -16.86
C ALA D 97 49.08 -63.41 -15.84
N ASN D 98 48.07 -62.66 -16.27
CA ASN D 98 46.98 -62.20 -15.41
C ASN D 98 45.68 -62.87 -15.85
N PHE D 99 45.16 -63.76 -15.01
CA PHE D 99 43.87 -64.40 -15.25
C PHE D 99 42.93 -64.12 -14.09
N GLY D 100 41.63 -64.07 -14.38
CA GLY D 100 40.62 -63.92 -13.36
C GLY D 100 40.37 -62.51 -12.89
N ASN D 101 41.37 -61.63 -13.05
CA ASN D 101 41.26 -60.26 -12.60
C ASN D 101 40.43 -59.43 -13.57
N TYR D 102 40.53 -58.10 -13.46
CA TYR D 102 39.72 -57.17 -14.23
C TYR D 102 39.58 -57.58 -15.69
N GLU D 103 38.40 -57.30 -16.25
CA GLU D 103 37.96 -57.81 -17.55
C GLU D 103 39.02 -57.68 -18.64
N GLU D 104 39.70 -56.55 -18.70
CA GLU D 104 40.70 -56.30 -19.75
C GLU D 104 41.93 -57.15 -19.46
N ILE D 105 41.85 -58.44 -19.83
CA ILE D 105 42.97 -59.34 -19.66
C ILE D 105 44.08 -58.96 -20.63
N ALA D 106 45.27 -58.75 -20.10
CA ALA D 106 46.42 -58.33 -20.90
C ALA D 106 47.67 -58.61 -20.07
N TYR D 107 48.81 -58.07 -20.52
CA TYR D 107 50.08 -58.13 -19.81
C TYR D 107 50.56 -59.57 -19.65
N TRP D 108 50.71 -60.24 -20.80
CA TRP D 108 51.37 -61.54 -20.81
C TRP D 108 52.86 -61.37 -20.56
N GLY D 109 53.45 -62.36 -19.88
CA GLY D 109 54.84 -62.26 -19.51
C GLY D 109 55.77 -62.33 -20.70
N GLN D 110 57.03 -61.95 -20.47
CA GLN D 110 58.03 -62.02 -21.53
C GLN D 110 58.42 -63.46 -21.85
N GLY D 111 58.15 -64.39 -20.94
CA GLY D 111 58.44 -65.80 -21.19
C GLY D 111 59.82 -66.20 -20.70
N THR D 112 59.95 -67.50 -20.42
CA THR D 112 61.22 -68.05 -19.96
C THR D 112 61.30 -69.51 -20.37
N LEU D 113 62.38 -69.89 -21.04
CA LEU D 113 62.54 -71.26 -21.53
C LEU D 113 62.91 -72.17 -20.37
N VAL D 114 61.96 -72.99 -19.92
CA VAL D 114 62.22 -73.96 -18.86
C VAL D 114 62.40 -75.32 -19.51
N THR D 115 63.65 -75.69 -19.78
CA THR D 115 63.97 -76.89 -20.52
C THR D 115 64.72 -77.88 -19.64
N VAL D 116 64.60 -79.15 -20.01
CA VAL D 116 65.30 -80.23 -19.33
C VAL D 116 66.48 -80.65 -20.19
N SER D 117 67.40 -81.40 -19.59
CA SER D 117 68.57 -81.86 -20.31
C SER D 117 68.98 -83.23 -19.79
N ALA D 118 69.65 -84.00 -20.65
CA ALA D 118 70.19 -85.31 -20.30
C ALA D 118 71.64 -85.46 -20.73
N ALA D 119 72.34 -84.35 -20.95
CA ALA D 119 73.73 -84.39 -21.37
C ALA D 119 74.56 -83.36 -20.62
N GLN E 1 36.28 -80.98 -18.04
CA GLN E 1 36.52 -79.78 -18.81
C GLN E 1 36.05 -79.97 -20.25
N ILE E 2 36.07 -78.88 -21.02
CA ILE E 2 35.68 -78.90 -22.43
C ILE E 2 36.89 -78.49 -23.26
N VAL E 3 37.26 -79.33 -24.20
CA VAL E 3 38.40 -79.07 -25.08
C VAL E 3 37.94 -78.18 -26.23
N LEU E 4 38.81 -77.26 -26.63
CA LEU E 4 38.51 -76.34 -27.72
C LEU E 4 39.10 -76.87 -29.01
N THR E 5 38.24 -77.06 -30.01
CA THR E 5 38.63 -77.61 -31.30
C THR E 5 38.40 -76.58 -32.40
N GLN E 6 39.42 -76.39 -33.23
CA GLN E 6 39.32 -75.51 -34.39
C GLN E 6 39.08 -76.37 -35.63
N SER E 7 38.00 -76.09 -36.35
CA SER E 7 37.68 -76.90 -37.53
C SER E 7 38.77 -76.84 -38.60
N PRO E 8 39.30 -75.66 -38.98
CA PRO E 8 40.42 -75.67 -39.92
C PRO E 8 41.77 -75.72 -39.21
N ALA E 9 42.66 -76.56 -39.74
CA ALA E 9 43.98 -76.69 -39.15
C ALA E 9 44.92 -75.59 -39.62
N ILE E 10 44.83 -75.21 -40.89
CA ILE E 10 45.68 -74.17 -41.46
C ILE E 10 44.97 -73.58 -42.65
N MET E 11 45.15 -72.28 -42.88
CA MET E 11 44.52 -71.56 -43.98
C MET E 11 45.60 -71.05 -44.92
N SER E 12 45.81 -71.77 -46.02
CA SER E 12 46.70 -71.31 -47.09
C SER E 12 45.89 -70.49 -48.09
N VAL E 13 45.39 -69.36 -47.59
CA VAL E 13 44.47 -68.50 -48.32
C VAL E 13 45.23 -67.32 -48.88
N SER E 14 44.98 -66.98 -50.14
CA SER E 14 45.71 -65.92 -50.82
C SER E 14 45.29 -64.55 -50.26
N LEU E 15 45.86 -63.50 -50.85
CA LEU E 15 45.70 -62.14 -50.36
C LEU E 15 44.46 -61.49 -50.97
N GLY E 16 43.67 -60.81 -50.15
CA GLY E 16 42.57 -60.02 -50.66
C GLY E 16 41.18 -60.47 -50.26
N GLU E 17 40.97 -61.79 -50.20
CA GLU E 17 39.63 -62.31 -49.98
C GLU E 17 39.24 -62.23 -48.50
N ARG E 18 38.06 -62.75 -48.18
CA ARG E 18 37.47 -62.65 -46.85
C ARG E 18 36.85 -63.98 -46.48
N VAL E 19 37.35 -64.60 -45.41
CA VAL E 19 36.91 -65.91 -44.97
C VAL E 19 36.57 -65.84 -43.48
N THR E 20 36.20 -66.99 -42.92
CA THR E 20 35.81 -67.09 -41.53
C THR E 20 36.54 -68.26 -40.87
N MET E 21 36.64 -68.19 -39.55
CA MET E 21 37.27 -69.22 -38.74
C MET E 21 36.33 -69.59 -37.60
N THR E 22 36.41 -70.85 -37.16
CA THR E 22 35.46 -71.38 -36.19
C THR E 22 36.18 -71.96 -34.98
N CYS E 23 35.61 -71.70 -33.80
CA CYS E 23 36.01 -72.37 -32.56
C CYS E 23 34.86 -73.26 -32.11
N THR E 24 35.12 -74.56 -32.00
CA THR E 24 34.10 -75.54 -31.67
C THR E 24 34.38 -76.15 -30.31
N ALA E 25 33.32 -76.42 -29.56
CA ALA E 25 33.43 -76.99 -28.23
C ALA E 25 32.32 -78.01 -28.03
N SER E 26 32.54 -78.92 -27.09
CA SER E 26 31.57 -79.98 -26.81
C SER E 26 30.27 -79.44 -26.21
N SER E 27 30.31 -78.26 -25.61
CA SER E 27 29.12 -77.68 -25.00
C SER E 27 29.28 -76.17 -24.95
N SER E 28 28.16 -75.49 -24.71
CA SER E 28 28.19 -74.03 -24.60
C SER E 28 28.99 -73.62 -23.37
N VAL E 29 29.92 -72.70 -23.56
CA VAL E 29 30.80 -72.24 -22.49
C VAL E 29 30.26 -71.00 -21.81
N SER E 30 29.93 -69.97 -22.57
CA SER E 30 29.40 -68.71 -22.06
C SER E 30 29.09 -67.80 -23.23
N SER E 31 28.23 -66.81 -22.98
CA SER E 31 28.02 -65.76 -23.97
C SER E 31 29.28 -64.90 -24.11
N SER E 32 29.84 -64.45 -22.97
CA SER E 32 31.06 -63.65 -22.98
C SER E 32 31.97 -64.08 -21.82
N TYR E 33 32.78 -65.10 -22.07
CA TYR E 33 33.92 -65.46 -21.22
C TYR E 33 35.15 -65.69 -22.09
N LEU E 34 34.93 -66.13 -23.33
CA LEU E 34 36.02 -66.50 -24.20
C LEU E 34 36.71 -65.26 -24.76
N HIS E 35 37.87 -65.50 -25.37
CA HIS E 35 38.71 -64.45 -25.93
C HIS E 35 39.77 -65.10 -26.81
N TRP E 36 40.45 -64.27 -27.60
CA TRP E 36 41.46 -64.75 -28.54
C TRP E 36 42.74 -63.95 -28.39
N TYR E 37 43.85 -64.66 -28.25
CA TYR E 37 45.17 -64.06 -28.20
C TYR E 37 45.83 -64.13 -29.58
N GLN E 38 47.01 -63.51 -29.68
CA GLN E 38 47.80 -63.61 -30.91
C GLN E 38 49.26 -63.80 -30.51
N GLN E 39 49.72 -65.05 -30.52
CA GLN E 39 51.10 -65.40 -30.20
C GLN E 39 51.94 -65.20 -31.45
N LYS E 40 52.69 -64.11 -31.51
CA LYS E 40 53.62 -63.91 -32.60
C LYS E 40 54.80 -64.87 -32.45
N PRO E 41 55.44 -65.25 -33.55
CA PRO E 41 56.58 -66.17 -33.46
C PRO E 41 57.70 -65.56 -32.64
N GLY E 42 58.08 -66.27 -31.57
CA GLY E 42 59.11 -65.80 -30.66
C GLY E 42 58.70 -64.56 -29.90
N SER E 43 57.46 -64.53 -29.43
CA SER E 43 56.93 -63.38 -28.69
C SER E 43 55.90 -63.87 -27.69
N SER E 44 55.10 -62.94 -27.16
CA SER E 44 54.05 -63.23 -26.21
C SER E 44 52.68 -62.94 -26.83
N PRO E 45 51.64 -63.68 -26.45
CA PRO E 45 50.33 -63.46 -27.05
C PRO E 45 49.69 -62.15 -26.61
N LYS E 46 48.84 -61.61 -27.49
CA LYS E 46 48.12 -60.38 -27.21
C LYS E 46 46.66 -60.54 -27.58
N LEU E 47 45.77 -60.05 -26.72
CA LEU E 47 44.34 -60.21 -26.89
C LEU E 47 43.77 -59.04 -27.67
N TRP E 48 42.93 -59.35 -28.68
CA TRP E 48 42.19 -58.33 -29.41
C TRP E 48 40.69 -58.44 -29.19
N ILE E 49 40.10 -59.59 -29.46
CA ILE E 49 38.65 -59.76 -29.38
C ILE E 49 38.32 -60.43 -28.04
N TYR E 50 37.66 -59.68 -27.17
CA TYR E 50 37.21 -60.17 -25.88
C TYR E 50 35.69 -60.02 -25.78
N SER E 51 35.10 -60.74 -24.83
CA SER E 51 33.67 -60.78 -24.60
C SER E 51 32.89 -61.31 -25.80
N THR E 52 33.59 -61.89 -26.77
CA THR E 52 33.03 -62.55 -27.95
C THR E 52 32.45 -61.52 -28.93
N SER E 53 32.34 -60.28 -28.50
CA SER E 53 31.89 -59.20 -29.37
C SER E 53 32.80 -57.98 -29.33
N ASN E 54 33.37 -57.66 -28.18
CA ASN E 54 34.14 -56.45 -28.01
C ASN E 54 35.56 -56.62 -28.54
N LEU E 55 36.25 -55.50 -28.72
CA LEU E 55 37.59 -55.46 -29.28
C LEU E 55 38.51 -54.70 -28.33
N ALA E 56 39.71 -55.23 -28.13
CA ALA E 56 40.68 -54.60 -27.25
C ALA E 56 41.37 -53.44 -27.95
N SER E 57 42.37 -52.87 -27.29
CA SER E 57 43.13 -51.76 -27.87
C SER E 57 44.00 -52.24 -29.01
N GLY E 58 44.21 -51.35 -29.99
CA GLY E 58 45.07 -51.63 -31.12
C GLY E 58 44.38 -52.30 -32.31
N VAL E 59 43.13 -52.68 -32.17
CA VAL E 59 42.41 -53.32 -33.28
C VAL E 59 41.98 -52.25 -34.26
N PRO E 60 42.24 -52.41 -35.56
CA PRO E 60 41.84 -51.39 -36.54
C PRO E 60 40.37 -51.51 -36.96
N ALA E 61 39.57 -52.23 -36.16
CA ALA E 61 38.18 -52.54 -36.46
C ALA E 61 38.05 -53.40 -37.71
N ARG E 62 39.11 -54.15 -38.05
CA ARG E 62 39.10 -55.07 -39.17
C ARG E 62 38.72 -56.48 -38.74
N PHE E 63 39.19 -56.93 -37.58
CA PHE E 63 38.93 -58.28 -37.10
C PHE E 63 37.62 -58.31 -36.33
N SER E 64 36.74 -59.25 -36.68
CA SER E 64 35.40 -59.30 -36.11
C SER E 64 34.96 -60.76 -36.04
N GLY E 65 33.67 -60.97 -35.83
CA GLY E 65 33.09 -62.29 -35.74
C GLY E 65 32.02 -62.34 -34.65
N SER E 66 31.17 -63.36 -34.74
CA SER E 66 30.08 -63.52 -33.79
C SER E 66 29.71 -64.99 -33.69
N GLY E 67 29.06 -65.33 -32.59
CA GLY E 67 28.61 -66.69 -32.36
C GLY E 67 28.28 -66.91 -30.90
N SER E 68 27.57 -68.01 -30.64
CA SER E 68 27.23 -68.42 -29.29
C SER E 68 26.89 -69.90 -29.28
N GLY E 69 26.90 -70.48 -28.10
CA GLY E 69 26.57 -71.89 -27.94
C GLY E 69 27.81 -72.75 -27.96
N THR E 70 27.76 -73.86 -28.69
CA THR E 70 28.88 -74.79 -28.80
C THR E 70 29.84 -74.43 -29.92
N SER E 71 29.50 -73.45 -30.75
CA SER E 71 30.36 -73.06 -31.87
C SER E 71 30.35 -71.55 -32.00
N TYR E 72 31.52 -70.97 -32.26
CA TYR E 72 31.68 -69.53 -32.42
C TYR E 72 32.41 -69.26 -33.72
N SER E 73 32.09 -68.13 -34.34
CA SER E 73 32.67 -67.75 -35.63
C SER E 73 33.34 -66.39 -35.52
N LEU E 74 34.53 -66.30 -36.10
CA LEU E 74 35.31 -65.06 -36.18
C LEU E 74 35.56 -64.74 -37.64
N THR E 75 35.20 -63.53 -38.04
CA THR E 75 35.25 -63.13 -39.44
C THR E 75 36.31 -62.07 -39.68
N ILE E 76 36.67 -61.90 -40.95
CA ILE E 76 37.64 -60.90 -41.36
C ILE E 76 36.99 -59.99 -42.38
N SER E 77 37.74 -59.01 -42.89
CA SER E 77 37.26 -58.13 -43.96
C SER E 77 38.06 -58.29 -45.23
N SER E 78 39.39 -58.17 -45.15
CA SER E 78 40.26 -58.34 -46.32
C SER E 78 41.67 -58.62 -45.82
N MET E 79 42.26 -59.70 -46.32
CA MET E 79 43.58 -60.10 -45.86
C MET E 79 44.65 -59.10 -46.28
N GLU E 80 45.61 -58.88 -45.38
CA GLU E 80 46.74 -57.99 -45.65
C GLU E 80 48.01 -58.68 -45.17
N ALA E 81 49.12 -57.92 -45.19
CA ALA E 81 50.42 -58.53 -44.95
C ALA E 81 50.63 -58.87 -43.48
N GLU E 82 49.98 -58.16 -42.57
CA GLU E 82 50.21 -58.36 -41.13
C GLU E 82 49.32 -59.45 -40.53
N ASP E 83 48.50 -60.11 -41.34
CA ASP E 83 47.62 -61.15 -40.85
C ASP E 83 48.32 -62.48 -40.63
N ALA E 84 49.59 -62.59 -41.02
CA ALA E 84 50.36 -63.82 -40.82
C ALA E 84 50.75 -63.91 -39.35
N ALA E 85 49.82 -64.43 -38.56
CA ALA E 85 50.01 -64.56 -37.11
C ALA E 85 49.34 -65.85 -36.65
N THR E 86 49.20 -66.00 -35.34
CA THR E 86 48.60 -67.17 -34.73
C THR E 86 47.40 -66.75 -33.90
N TYR E 87 46.41 -67.65 -33.80
CA TYR E 87 45.19 -67.40 -33.06
C TYR E 87 44.93 -68.56 -32.12
N TYR E 88 44.31 -68.26 -30.98
CA TYR E 88 44.04 -69.26 -29.95
C TYR E 88 42.71 -68.98 -29.29
N CYS E 89 41.80 -69.93 -29.35
CA CYS E 89 40.53 -69.85 -28.64
C CYS E 89 40.77 -70.04 -27.14
N HIS E 90 39.82 -69.58 -26.34
CA HIS E 90 39.94 -69.66 -24.89
C HIS E 90 38.58 -69.91 -24.27
N GLN E 91 38.60 -70.39 -23.03
CA GLN E 91 37.40 -70.56 -22.23
C GLN E 91 37.75 -70.35 -20.78
N TYR E 92 36.83 -69.76 -20.03
CA TYR E 92 37.06 -69.49 -18.61
C TYR E 92 35.89 -69.87 -17.72
N HIS E 93 34.82 -70.43 -18.28
CA HIS E 93 33.64 -70.77 -17.48
C HIS E 93 33.98 -71.82 -16.42
N ARG E 94 34.40 -72.99 -16.85
CA ARG E 94 34.68 -74.09 -15.93
C ARG E 94 36.03 -73.87 -15.25
N SER E 95 36.23 -74.59 -14.15
CA SER E 95 37.47 -74.45 -13.39
C SER E 95 38.73 -74.80 -14.18
N PRO E 96 38.77 -75.85 -15.01
CA PRO E 96 39.99 -76.07 -15.80
C PRO E 96 39.99 -75.17 -17.02
N TYR E 97 41.02 -74.32 -17.12
CA TYR E 97 41.13 -73.35 -18.19
C TYR E 97 41.95 -73.95 -19.33
N THR E 98 41.37 -73.96 -20.53
CA THR E 98 42.02 -74.53 -21.71
C THR E 98 42.22 -73.45 -22.76
N PHE E 99 42.93 -73.82 -23.82
CA PHE E 99 43.18 -72.93 -24.94
C PHE E 99 42.66 -73.57 -26.22
N GLY E 100 42.57 -72.75 -27.28
CA GLY E 100 42.11 -73.25 -28.55
C GLY E 100 43.16 -74.09 -29.25
N GLY E 101 42.69 -74.89 -30.20
CA GLY E 101 43.61 -75.74 -30.96
C GLY E 101 44.63 -74.95 -31.74
N GLY E 102 44.27 -73.75 -32.17
CA GLY E 102 45.21 -72.89 -32.88
C GLY E 102 45.11 -73.05 -34.38
N THR E 103 45.33 -71.94 -35.08
CA THR E 103 45.32 -71.89 -36.53
C THR E 103 46.55 -71.15 -37.01
N LYS E 104 47.30 -71.78 -37.92
CA LYS E 104 48.54 -71.21 -38.43
C LYS E 104 48.22 -70.37 -39.67
N LEU E 105 47.68 -69.17 -39.42
CA LEU E 105 47.27 -68.31 -40.51
C LEU E 105 48.47 -67.91 -41.36
N GLU E 106 48.32 -68.03 -42.69
CA GLU E 106 49.38 -67.73 -43.63
C GLU E 106 48.76 -67.23 -44.92
N ILE E 107 49.54 -66.46 -45.67
CA ILE E 107 49.11 -65.91 -46.94
C ILE E 107 49.76 -66.70 -48.07
N LYS E 108 49.16 -66.62 -49.25
CA LYS E 108 49.65 -67.32 -50.43
C LYS E 108 49.89 -66.32 -51.55
N ARG E 109 51.00 -66.50 -52.26
CA ARG E 109 51.38 -65.60 -53.34
C ARG E 109 50.81 -66.06 -54.68
N GLU F 1 21.52 -37.76 -42.37
CA GLU F 1 21.29 -38.95 -43.17
C GLU F 1 22.49 -39.27 -44.06
N VAL F 2 22.28 -40.09 -45.10
CA VAL F 2 23.37 -40.65 -45.90
C VAL F 2 23.97 -39.58 -46.80
N GLN F 3 23.41 -38.37 -46.74
CA GLN F 3 23.96 -37.19 -47.40
C GLN F 3 24.02 -37.36 -48.93
N LEU F 4 22.84 -37.55 -49.51
CA LEU F 4 22.61 -37.43 -50.95
C LEU F 4 23.61 -38.27 -51.76
N GLU F 5 23.47 -39.59 -51.61
CA GLU F 5 24.29 -40.51 -52.39
C GLU F 5 24.04 -40.29 -53.88
N GLU F 6 25.11 -40.28 -54.66
CA GLU F 6 25.04 -39.93 -56.07
C GLU F 6 25.38 -41.13 -56.95
N SER F 7 24.81 -41.13 -58.15
CA SER F 7 25.13 -42.16 -59.13
C SER F 7 26.58 -42.02 -59.58
N GLY F 8 27.22 -43.17 -59.83
CA GLY F 8 28.62 -43.15 -60.20
C GLY F 8 28.87 -42.46 -61.53
N GLY F 9 30.00 -41.76 -61.59
CA GLY F 9 30.43 -41.08 -62.79
C GLY F 9 31.85 -41.48 -63.18
N GLY F 10 32.25 -41.02 -64.36
CA GLY F 10 33.56 -41.37 -64.87
C GLY F 10 33.80 -40.75 -66.23
N LEU F 11 34.88 -41.21 -66.85
CA LEU F 11 35.25 -40.71 -68.17
C LEU F 11 34.21 -41.08 -69.21
N VAL F 12 33.97 -40.15 -70.14
CA VAL F 12 33.01 -40.33 -71.22
C VAL F 12 33.64 -39.84 -72.52
N LYS F 13 32.85 -39.89 -73.59
CA LYS F 13 33.24 -39.50 -74.93
C LYS F 13 32.71 -38.10 -75.26
N PRO F 14 33.45 -37.30 -76.02
CA PRO F 14 32.94 -35.98 -76.41
C PRO F 14 31.83 -36.09 -77.45
N GLY F 15 30.61 -36.34 -76.97
CA GLY F 15 29.48 -36.59 -77.84
C GLY F 15 28.54 -37.60 -77.22
N GLY F 16 28.96 -38.18 -76.10
CA GLY F 16 28.14 -39.11 -75.35
C GLY F 16 27.13 -38.41 -74.47
N SER F 17 26.55 -39.18 -73.56
CA SER F 17 25.51 -38.68 -72.67
C SER F 17 25.52 -39.50 -71.40
N LEU F 18 25.90 -38.87 -70.28
CA LEU F 18 25.96 -39.53 -68.98
C LEU F 18 24.87 -38.98 -68.07
N LYS F 19 24.21 -39.87 -67.35
CA LYS F 19 23.06 -39.52 -66.51
C LYS F 19 23.49 -39.42 -65.05
N LEU F 20 23.07 -38.35 -64.39
CA LEU F 20 23.35 -38.15 -62.97
C LEU F 20 22.07 -38.36 -62.17
N SER F 21 22.08 -39.33 -61.26
CA SER F 21 20.92 -39.67 -60.45
C SER F 21 21.35 -39.81 -58.99
N CYS F 22 21.24 -38.73 -58.22
CA CYS F 22 21.61 -38.76 -56.81
C CYS F 22 20.34 -38.94 -55.98
N ALA F 23 20.11 -40.19 -55.57
CA ALA F 23 19.00 -40.50 -54.69
C ALA F 23 19.25 -39.96 -53.29
N ALA F 24 18.22 -40.00 -52.47
CA ALA F 24 18.33 -39.51 -51.09
C ALA F 24 17.22 -40.12 -50.25
N SER F 25 17.35 -39.95 -48.94
CA SER F 25 16.37 -40.44 -47.97
C SER F 25 16.67 -39.81 -46.63
N GLY F 26 15.62 -39.41 -45.91
CA GLY F 26 15.79 -38.83 -44.60
C GLY F 26 14.89 -37.63 -44.35
N PHE F 27 14.27 -37.12 -45.41
CA PHE F 27 13.41 -35.96 -45.31
C PHE F 27 12.41 -35.98 -46.46
N THR F 28 11.47 -35.05 -46.42
CA THR F 28 10.41 -35.01 -47.42
C THR F 28 10.93 -34.45 -48.74
N PHE F 29 10.55 -35.11 -49.84
CA PHE F 29 10.95 -34.69 -51.18
C PHE F 29 9.79 -34.14 -51.99
N SER F 30 8.61 -33.98 -51.38
CA SER F 30 7.46 -33.43 -52.08
C SER F 30 7.42 -31.91 -52.08
N SER F 31 8.21 -31.24 -51.23
CA SER F 31 8.16 -29.80 -51.17
C SER F 31 9.53 -29.15 -51.01
N TYR F 32 10.61 -29.93 -50.93
CA TYR F 32 11.96 -29.38 -50.87
C TYR F 32 12.56 -29.38 -52.27
N THR F 33 12.84 -28.18 -52.78
CA THR F 33 13.40 -28.03 -54.11
C THR F 33 14.88 -28.39 -54.08
N MET F 34 15.30 -29.25 -55.01
CA MET F 34 16.68 -29.67 -55.11
C MET F 34 17.41 -28.87 -56.17
N SER F 35 18.72 -29.06 -56.27
CA SER F 35 19.52 -28.35 -57.25
C SER F 35 20.76 -29.17 -57.58
N TRP F 36 21.23 -29.00 -58.82
CA TRP F 36 22.43 -29.64 -59.33
C TRP F 36 23.41 -28.53 -59.68
N VAL F 37 24.65 -28.69 -59.23
CA VAL F 37 25.73 -27.72 -59.43
C VAL F 37 26.98 -28.50 -59.81
N ARG F 38 27.83 -27.90 -60.63
CA ARG F 38 29.09 -28.52 -61.02
C ARG F 38 30.26 -27.58 -60.68
N GLN F 39 31.43 -28.18 -60.46
CA GLN F 39 32.64 -27.46 -60.14
C GLN F 39 33.76 -27.93 -61.05
N SER F 40 34.34 -27.00 -61.80
CA SER F 40 35.50 -27.31 -62.63
C SER F 40 36.77 -27.27 -61.79
N PRO F 41 37.82 -28.00 -62.21
CA PRO F 41 39.08 -27.94 -61.46
C PRO F 41 39.67 -26.54 -61.41
N GLU F 42 39.72 -25.97 -60.20
CA GLU F 42 40.24 -24.62 -59.98
C GLU F 42 39.52 -23.60 -60.85
N LYS F 43 38.22 -23.48 -60.62
CA LYS F 43 37.40 -22.50 -61.34
C LYS F 43 36.19 -22.18 -60.48
N ARG F 44 35.57 -21.03 -60.77
CA ARG F 44 34.43 -20.57 -60.00
C ARG F 44 33.26 -21.56 -60.13
N LEU F 45 32.49 -21.68 -59.05
CA LEU F 45 31.32 -22.54 -59.06
C LEU F 45 30.27 -21.99 -60.02
N GLU F 46 29.50 -22.91 -60.61
CA GLU F 46 28.43 -22.51 -61.52
C GLU F 46 27.18 -23.31 -61.20
N TRP F 47 26.05 -22.60 -61.15
CA TRP F 47 24.76 -23.23 -60.88
C TRP F 47 24.23 -23.90 -62.14
N VAL F 48 23.98 -25.20 -62.06
CA VAL F 48 23.58 -25.96 -63.25
C VAL F 48 22.07 -25.89 -63.44
N ALA F 49 21.29 -26.42 -62.49
CA ALA F 49 19.85 -26.45 -62.72
C ALA F 49 19.12 -26.80 -61.43
N GLU F 50 17.94 -26.21 -61.21
CA GLU F 50 17.14 -26.53 -60.04
C GLU F 50 15.82 -27.15 -60.46
N ILE F 51 15.24 -27.92 -59.54
CA ILE F 51 13.93 -28.52 -59.72
C ILE F 51 13.02 -28.04 -58.59
N SER F 52 11.76 -27.81 -58.92
CA SER F 52 10.74 -27.43 -57.94
C SER F 52 9.87 -28.65 -57.68
N SER F 53 10.01 -29.23 -56.49
CA SER F 53 9.31 -30.45 -56.13
C SER F 53 7.84 -30.23 -55.81
N GLY F 54 7.42 -28.98 -55.57
CA GLY F 54 6.02 -28.73 -55.32
C GLY F 54 5.14 -29.06 -56.51
N GLY F 55 5.59 -28.69 -57.71
CA GLY F 55 4.88 -29.02 -58.92
C GLY F 55 5.79 -29.54 -60.01
N THR F 56 7.02 -29.87 -59.62
CA THR F 56 8.05 -30.38 -60.54
C THR F 56 8.28 -29.39 -61.69
N TYR F 57 8.75 -28.21 -61.32
CA TYR F 57 9.03 -27.14 -62.28
C TYR F 57 10.51 -27.14 -62.61
N THR F 58 10.82 -27.01 -63.90
CA THR F 58 12.19 -27.06 -64.41
C THR F 58 12.69 -25.65 -64.68
N ASN F 59 13.85 -25.32 -64.13
CA ASN F 59 14.47 -24.03 -64.41
C ASN F 59 15.99 -24.14 -64.25
N TYR F 60 16.71 -23.45 -65.12
CA TYR F 60 18.16 -23.47 -65.17
C TYR F 60 18.62 -22.19 -65.85
N PRO F 61 19.88 -21.78 -65.65
CA PRO F 61 20.36 -20.53 -66.27
C PRO F 61 20.37 -20.63 -67.78
N ASP F 62 20.39 -19.46 -68.42
CA ASP F 62 20.30 -19.34 -69.86
C ASP F 62 21.63 -19.60 -70.56
N THR F 63 22.70 -19.91 -69.82
CA THR F 63 23.97 -20.25 -70.44
C THR F 63 23.88 -21.52 -71.28
N ALA F 64 22.90 -22.37 -71.02
CA ALA F 64 22.65 -23.57 -71.83
C ALA F 64 21.14 -23.79 -71.86
N THR F 65 20.49 -23.24 -72.90
CA THR F 65 19.03 -23.22 -72.93
C THR F 65 18.45 -24.58 -73.29
N GLY F 66 19.05 -25.28 -74.25
CA GLY F 66 18.45 -26.47 -74.80
C GLY F 66 19.15 -27.79 -74.54
N ARG F 67 20.22 -27.82 -73.75
CA ARG F 67 20.96 -29.05 -73.50
C ARG F 67 20.87 -29.47 -72.02
N PHE F 68 19.85 -29.01 -71.31
CA PHE F 68 19.68 -29.29 -69.88
C PHE F 68 18.32 -29.94 -69.68
N THR F 69 18.30 -31.15 -69.13
CA THR F 69 17.05 -31.83 -68.83
C THR F 69 17.11 -32.43 -67.44
N ILE F 70 16.00 -32.31 -66.71
CA ILE F 70 15.88 -32.83 -65.35
C ILE F 70 14.53 -33.52 -65.20
N SER F 71 14.51 -34.62 -64.47
CA SER F 71 13.29 -35.38 -64.22
C SER F 71 13.27 -35.85 -62.78
N ARG F 72 12.21 -35.55 -62.06
CA ARG F 72 12.08 -35.95 -60.67
C ARG F 72 11.20 -37.19 -60.54
N ASP F 73 11.51 -38.00 -59.52
CA ASP F 73 10.73 -39.20 -59.21
C ASP F 73 10.56 -39.25 -57.70
N ASN F 74 9.42 -38.76 -57.21
CA ASN F 74 9.15 -38.74 -55.78
C ASN F 74 8.80 -40.13 -55.26
N ALA F 75 8.29 -41.00 -56.12
CA ALA F 75 7.95 -42.35 -55.69
C ALA F 75 9.19 -43.13 -55.26
N LYS F 76 10.22 -43.15 -56.11
CA LYS F 76 11.47 -43.83 -55.80
C LYS F 76 12.55 -42.85 -55.34
N ASN F 77 12.24 -41.55 -55.33
CA ASN F 77 13.06 -40.53 -54.70
C ASN F 77 14.41 -40.36 -55.41
N THR F 78 14.36 -39.94 -56.67
CA THR F 78 15.56 -39.77 -57.48
C THR F 78 15.40 -38.56 -58.38
N LEU F 79 16.54 -37.94 -58.72
CA LEU F 79 16.60 -36.82 -59.65
C LEU F 79 17.51 -37.21 -60.79
N TYR F 80 16.95 -37.31 -62.00
CA TYR F 80 17.72 -37.60 -63.20
C TYR F 80 18.13 -36.29 -63.86
N LEU F 81 19.42 -36.15 -64.13
CA LEU F 81 19.99 -34.96 -64.75
C LEU F 81 20.74 -35.39 -66.00
N GLU F 82 20.48 -34.69 -67.12
CA GLU F 82 21.00 -35.10 -68.41
C GLU F 82 21.41 -33.87 -69.22
N MET F 83 22.62 -33.98 -69.80
CA MET F 83 23.08 -33.11 -70.87
C MET F 83 22.75 -33.76 -72.21
N SER F 84 22.75 -32.96 -73.26
CA SER F 84 22.59 -33.46 -74.61
C SER F 84 23.83 -33.10 -75.42
N SER F 85 24.57 -34.11 -75.87
CA SER F 85 25.78 -33.94 -76.66
C SER F 85 26.82 -33.10 -75.90
N LEU F 86 27.26 -33.66 -74.78
CA LEU F 86 28.25 -32.99 -73.95
C LEU F 86 29.58 -32.86 -74.68
N ARG F 87 30.31 -31.80 -74.39
CA ARG F 87 31.57 -31.49 -75.04
C ARG F 87 32.75 -31.77 -74.11
N SER F 88 33.95 -31.65 -74.67
CA SER F 88 35.17 -31.94 -73.93
C SER F 88 35.51 -30.87 -72.90
N GLU F 89 34.88 -29.71 -72.95
CA GLU F 89 35.12 -28.66 -71.97
C GLU F 89 34.15 -28.74 -70.79
N ASP F 90 33.31 -29.77 -70.74
CA ASP F 90 32.33 -29.93 -69.69
C ASP F 90 32.83 -30.82 -68.55
N THR F 91 34.10 -31.19 -68.55
CA THR F 91 34.66 -31.98 -67.47
C THR F 91 34.59 -31.21 -66.15
N ALA F 92 34.09 -31.85 -65.11
CA ALA F 92 33.89 -31.21 -63.82
C ALA F 92 33.61 -32.30 -62.78
N MET F 93 33.22 -31.86 -61.59
CA MET F 93 32.77 -32.77 -60.54
C MET F 93 31.52 -32.15 -59.93
N TYR F 94 30.47 -32.95 -59.77
CA TYR F 94 29.12 -32.46 -59.52
C TYR F 94 28.71 -32.67 -58.07
N TYR F 95 28.00 -31.68 -57.53
CA TYR F 95 27.25 -31.82 -56.29
C TYR F 95 25.77 -31.63 -56.59
N CYS F 96 24.92 -32.28 -55.80
CA CYS F 96 23.50 -31.95 -55.75
C CYS F 96 23.15 -31.56 -54.32
N ALA F 97 22.48 -30.42 -54.16
CA ALA F 97 22.21 -29.84 -52.86
C ALA F 97 20.77 -29.35 -52.83
N ASN F 98 20.43 -28.58 -51.80
CA ASN F 98 19.08 -28.09 -51.58
C ASN F 98 19.06 -26.57 -51.75
N PHE F 99 18.47 -26.10 -52.85
CA PHE F 99 18.27 -24.69 -53.10
C PHE F 99 16.78 -24.40 -53.22
N GLY F 100 16.32 -23.33 -52.57
CA GLY F 100 14.94 -22.92 -52.60
C GLY F 100 14.09 -23.41 -51.45
N ASN F 101 14.54 -24.43 -50.72
CA ASN F 101 13.79 -24.96 -49.59
C ASN F 101 14.00 -24.09 -48.36
N TYR F 102 13.65 -24.64 -47.18
CA TYR F 102 13.74 -23.95 -45.89
C TYR F 102 15.04 -23.18 -45.73
N GLU F 103 14.98 -22.09 -44.95
CA GLU F 103 16.06 -21.09 -44.92
C GLU F 103 17.41 -21.73 -44.62
N GLU F 104 17.44 -22.70 -43.71
CA GLU F 104 18.70 -23.30 -43.27
C GLU F 104 19.22 -24.21 -44.38
N ILE F 105 19.92 -23.59 -45.33
CA ILE F 105 20.51 -24.34 -46.44
C ILE F 105 21.67 -25.16 -45.92
N ALA F 106 21.66 -26.46 -46.23
CA ALA F 106 22.69 -27.37 -45.76
C ALA F 106 22.65 -28.62 -46.62
N TYR F 107 23.33 -29.67 -46.17
CA TYR F 107 23.32 -30.98 -46.82
C TYR F 107 23.84 -30.89 -48.25
N TRP F 108 25.12 -30.53 -48.37
CA TRP F 108 25.81 -30.63 -49.65
C TRP F 108 26.29 -32.07 -49.85
N GLY F 109 26.09 -32.59 -51.05
CA GLY F 109 26.39 -33.98 -51.34
C GLY F 109 27.87 -34.27 -51.30
N GLN F 110 28.19 -35.58 -51.39
CA GLN F 110 29.58 -36.00 -51.40
C GLN F 110 30.27 -35.71 -52.74
N GLY F 111 29.50 -35.53 -53.80
CA GLY F 111 30.08 -35.19 -55.09
C GLY F 111 30.40 -36.42 -55.93
N THR F 112 30.51 -36.20 -57.23
CA THR F 112 30.83 -37.26 -58.18
C THR F 112 31.57 -36.67 -59.37
N LEU F 113 32.74 -37.22 -59.67
CA LEU F 113 33.58 -36.69 -60.75
C LEU F 113 32.96 -37.03 -62.10
N VAL F 114 32.38 -36.02 -62.76
CA VAL F 114 31.81 -36.22 -64.09
C VAL F 114 32.77 -35.60 -65.10
N THR F 115 33.68 -36.42 -65.63
CA THR F 115 34.77 -35.96 -66.48
C THR F 115 34.67 -36.59 -67.86
N VAL F 116 35.35 -35.96 -68.81
CA VAL F 116 35.41 -36.44 -70.17
C VAL F 116 36.80 -37.01 -70.44
N SER F 117 36.95 -37.72 -71.56
CA SER F 117 38.22 -38.30 -71.92
C SER F 117 38.31 -38.39 -73.45
N ALA F 118 39.54 -38.49 -73.94
CA ALA F 118 39.80 -38.60 -75.37
C ALA F 118 40.69 -39.80 -75.70
N ALA F 119 40.85 -40.72 -74.76
CA ALA F 119 41.68 -41.90 -74.98
C ALA F 119 40.93 -43.18 -74.63
N GLN G 1 21.92 -10.88 -65.72
CA GLN G 1 22.34 -11.45 -64.44
C GLN G 1 23.51 -10.65 -63.87
N ILE G 2 23.68 -10.73 -62.55
CA ILE G 2 24.72 -10.00 -61.83
C ILE G 2 25.84 -10.97 -61.49
N VAL G 3 27.06 -10.61 -61.89
CA VAL G 3 28.25 -11.40 -61.57
C VAL G 3 28.85 -10.89 -60.28
N LEU G 4 29.29 -11.81 -59.42
CA LEU G 4 29.89 -11.46 -58.15
C LEU G 4 31.40 -11.34 -58.31
N THR G 5 31.94 -10.18 -57.96
CA THR G 5 33.37 -9.92 -58.04
C THR G 5 33.91 -9.74 -56.63
N GLN G 6 35.03 -10.41 -56.34
CA GLN G 6 35.67 -10.32 -55.04
C GLN G 6 36.87 -9.40 -55.15
N SER G 7 36.89 -8.33 -54.34
CA SER G 7 38.05 -7.44 -54.32
C SER G 7 39.35 -8.15 -53.95
N PRO G 8 39.41 -8.98 -52.91
CA PRO G 8 40.65 -9.73 -52.66
C PRO G 8 40.79 -10.93 -53.58
N ALA G 9 42.03 -11.17 -54.01
CA ALA G 9 42.36 -12.31 -54.85
C ALA G 9 42.93 -13.47 -54.04
N ILE G 10 44.02 -13.23 -53.31
CA ILE G 10 44.59 -14.23 -52.41
C ILE G 10 45.28 -13.50 -51.28
N MET G 11 45.03 -13.96 -50.06
CA MET G 11 45.50 -13.29 -48.84
C MET G 11 46.64 -14.09 -48.23
N SER G 12 47.87 -13.58 -48.40
CA SER G 12 49.04 -14.13 -47.72
C SER G 12 49.31 -13.30 -46.46
N VAL G 13 48.43 -13.47 -45.48
CA VAL G 13 48.44 -12.67 -44.26
C VAL G 13 49.02 -13.51 -43.12
N SER G 14 49.82 -12.87 -42.28
CA SER G 14 50.42 -13.55 -41.15
C SER G 14 49.36 -13.90 -40.11
N LEU G 15 49.79 -14.60 -39.05
CA LEU G 15 48.89 -15.09 -38.03
C LEU G 15 48.73 -14.07 -36.91
N GLY G 16 47.49 -13.88 -36.48
CA GLY G 16 47.23 -13.04 -35.31
C GLY G 16 46.39 -11.80 -35.57
N GLU G 17 46.61 -11.15 -36.71
CA GLU G 17 45.98 -9.86 -36.97
C GLU G 17 44.51 -10.05 -37.35
N ARG G 18 43.85 -8.93 -37.65
CA ARG G 18 42.43 -8.90 -37.99
C ARG G 18 42.25 -8.11 -39.28
N VAL G 19 41.56 -8.70 -40.25
CA VAL G 19 41.34 -8.08 -41.55
C VAL G 19 39.86 -8.19 -41.92
N THR G 20 39.52 -7.69 -43.10
CA THR G 20 38.16 -7.70 -43.59
C THR G 20 38.13 -8.18 -45.04
N MET G 21 36.94 -8.57 -45.48
CA MET G 21 36.72 -9.09 -46.83
C MET G 21 35.50 -8.39 -47.43
N THR G 22 35.45 -8.34 -48.76
CA THR G 22 34.36 -7.67 -49.45
C THR G 22 33.85 -8.53 -50.61
N CYS G 23 32.53 -8.58 -50.76
CA CYS G 23 31.86 -9.16 -51.92
C CYS G 23 31.14 -8.03 -52.65
N THR G 24 31.40 -7.89 -53.94
CA THR G 24 30.85 -6.79 -54.73
C THR G 24 29.94 -7.34 -55.83
N ALA G 25 28.91 -6.58 -56.14
CA ALA G 25 27.96 -6.92 -57.19
C ALA G 25 27.70 -5.70 -58.06
N SER G 26 27.22 -5.95 -59.28
CA SER G 26 26.92 -4.87 -60.21
C SER G 26 25.75 -4.01 -59.77
N SER G 27 24.90 -4.51 -58.87
CA SER G 27 23.75 -3.76 -58.38
C SER G 27 23.36 -4.32 -57.02
N SER G 28 22.52 -3.56 -56.31
CA SER G 28 22.01 -4.03 -55.04
C SER G 28 21.21 -5.31 -55.22
N VAL G 29 21.49 -6.30 -54.39
CA VAL G 29 20.89 -7.62 -54.53
C VAL G 29 19.74 -7.83 -53.55
N SER G 30 19.96 -7.58 -52.26
CA SER G 30 18.96 -7.81 -51.24
C SER G 30 19.49 -7.30 -49.91
N SER G 31 18.66 -7.44 -48.87
CA SER G 31 19.10 -7.15 -47.51
C SER G 31 19.61 -8.41 -46.84
N SER G 32 18.76 -9.43 -46.73
CA SER G 32 19.15 -10.73 -46.18
C SER G 32 18.68 -11.84 -47.12
N TYR G 33 19.46 -12.07 -48.18
CA TYR G 33 19.37 -13.26 -49.02
C TYR G 33 20.68 -13.97 -49.21
N LEU G 34 21.80 -13.39 -48.78
CA LEU G 34 23.10 -13.88 -49.19
C LEU G 34 23.67 -14.84 -48.15
N HIS G 35 24.67 -15.62 -48.58
CA HIS G 35 25.32 -16.58 -47.71
C HIS G 35 26.67 -16.94 -48.33
N TRP G 36 27.52 -17.56 -47.50
CA TRP G 36 28.89 -17.89 -47.89
C TRP G 36 29.18 -19.36 -47.60
N TYR G 37 29.84 -20.02 -48.54
CA TYR G 37 30.23 -21.41 -48.41
C TYR G 37 31.71 -21.51 -48.04
N GLN G 38 32.15 -22.73 -47.73
CA GLN G 38 33.55 -22.98 -47.37
C GLN G 38 33.92 -24.36 -47.89
N GLN G 39 34.62 -24.38 -49.03
CA GLN G 39 35.03 -25.63 -49.67
C GLN G 39 36.36 -26.07 -49.09
N LYS G 40 36.32 -27.09 -48.23
CA LYS G 40 37.56 -27.67 -47.72
C LYS G 40 38.20 -28.54 -48.82
N PRO G 41 39.53 -28.69 -48.77
CA PRO G 41 40.19 -29.51 -49.81
C PRO G 41 39.70 -30.95 -49.79
N GLY G 42 39.26 -31.42 -50.95
CA GLY G 42 38.72 -32.77 -51.06
C GLY G 42 37.47 -32.99 -50.25
N SER G 43 36.53 -32.04 -50.30
CA SER G 43 35.30 -32.13 -49.53
C SER G 43 34.24 -31.29 -50.24
N SER G 44 33.13 -31.04 -49.53
CA SER G 44 32.01 -30.26 -50.04
C SER G 44 31.95 -28.91 -49.35
N PRO G 45 31.45 -27.87 -50.02
CA PRO G 45 31.37 -26.56 -49.38
C PRO G 45 30.35 -26.55 -48.25
N LYS G 46 30.73 -25.90 -47.15
CA LYS G 46 29.91 -25.84 -45.95
C LYS G 46 29.50 -24.39 -45.70
N LEU G 47 28.23 -24.20 -45.34
CA LEU G 47 27.66 -22.88 -45.10
C LEU G 47 27.72 -22.56 -43.62
N TRP G 48 28.33 -21.40 -43.29
CA TRP G 48 28.39 -20.92 -41.92
C TRP G 48 27.56 -19.67 -41.68
N ILE G 49 27.64 -18.68 -42.57
CA ILE G 49 26.97 -17.40 -42.37
C ILE G 49 25.84 -17.29 -43.39
N TYR G 50 24.62 -17.11 -42.90
CA TYR G 50 23.44 -16.90 -43.72
C TYR G 50 22.78 -15.60 -43.32
N SER G 51 22.04 -15.00 -44.26
CA SER G 51 21.34 -13.74 -44.10
C SER G 51 22.28 -12.56 -43.88
N THR G 52 23.59 -12.77 -44.01
CA THR G 52 24.66 -11.79 -43.85
C THR G 52 24.80 -11.32 -42.41
N SER G 53 23.92 -11.72 -41.52
CA SER G 53 24.01 -11.41 -40.09
C SER G 53 23.90 -12.64 -39.21
N ASN G 54 23.07 -13.61 -39.60
CA ASN G 54 22.90 -14.82 -38.82
C ASN G 54 24.05 -15.79 -39.06
N LEU G 55 24.22 -16.72 -38.11
CA LEU G 55 25.30 -17.69 -38.14
C LEU G 55 24.71 -19.09 -38.03
N ALA G 56 25.19 -19.99 -38.88
CA ALA G 56 24.74 -21.38 -38.83
C ALA G 56 25.50 -22.13 -37.74
N SER G 57 25.19 -23.42 -37.59
CA SER G 57 25.82 -24.23 -36.57
C SER G 57 27.29 -24.47 -36.89
N GLY G 58 28.08 -24.65 -35.84
CA GLY G 58 29.49 -24.93 -35.96
C GLY G 58 30.40 -23.71 -35.95
N VAL G 59 29.85 -22.51 -35.99
CA VAL G 59 30.65 -21.29 -35.96
C VAL G 59 30.98 -20.95 -34.52
N PRO G 60 32.25 -20.66 -34.18
CA PRO G 60 32.60 -20.33 -32.80
C PRO G 60 32.30 -18.87 -32.46
N ALA G 61 31.47 -18.22 -33.28
CA ALA G 61 31.14 -16.80 -33.16
C ALA G 61 32.36 -15.90 -33.37
N ARG G 62 33.40 -16.45 -33.98
CA ARG G 62 34.59 -15.68 -34.33
C ARG G 62 34.47 -15.02 -35.70
N PHE G 63 33.77 -15.66 -36.64
CA PHE G 63 33.59 -15.15 -37.99
C PHE G 63 32.26 -14.41 -38.08
N SER G 64 32.28 -13.21 -38.63
CA SER G 64 31.08 -12.37 -38.70
C SER G 64 31.16 -11.53 -39.97
N GLY G 65 30.34 -10.49 -40.04
CA GLY G 65 30.30 -9.61 -41.18
C GLY G 65 28.96 -8.93 -41.29
N SER G 66 28.96 -7.77 -41.95
CA SER G 66 27.75 -6.99 -42.14
C SER G 66 27.85 -6.20 -43.43
N GLY G 67 26.71 -5.80 -43.95
CA GLY G 67 26.67 -5.01 -45.17
C GLY G 67 25.38 -5.23 -45.91
N SER G 68 25.07 -4.25 -46.78
CA SER G 68 23.90 -4.34 -47.64
C SER G 68 24.12 -3.42 -48.85
N GLY G 69 23.32 -3.64 -49.88
CA GLY G 69 23.43 -2.87 -51.11
C GLY G 69 24.16 -3.65 -52.19
N THR G 70 25.10 -3.00 -52.86
CA THR G 70 25.92 -3.63 -53.88
C THR G 70 27.26 -4.11 -53.35
N SER G 71 27.58 -3.83 -52.10
CA SER G 71 28.85 -4.24 -51.49
C SER G 71 28.57 -4.77 -50.09
N TYR G 72 29.13 -5.93 -49.77
CA TYR G 72 28.96 -6.56 -48.48
C TYR G 72 30.31 -6.84 -47.86
N SER G 73 30.39 -6.70 -46.53
CA SER G 73 31.64 -6.81 -45.80
C SER G 73 31.57 -7.98 -44.83
N LEU G 74 32.70 -8.67 -44.69
CA LEU G 74 32.85 -9.80 -43.79
C LEU G 74 34.02 -9.51 -42.86
N THR G 75 33.79 -9.68 -41.55
CA THR G 75 34.77 -9.32 -40.55
C THR G 75 35.20 -10.55 -39.74
N ILE G 76 36.38 -10.45 -39.14
CA ILE G 76 36.95 -11.48 -38.30
C ILE G 76 37.46 -10.83 -37.02
N SER G 77 37.93 -11.67 -36.09
CA SER G 77 38.52 -11.20 -34.85
C SER G 77 39.98 -11.58 -34.72
N SER G 78 40.31 -12.86 -34.90
CA SER G 78 41.70 -13.32 -34.80
C SER G 78 41.85 -14.55 -35.66
N MET G 79 42.82 -14.53 -36.59
CA MET G 79 43.03 -15.66 -37.47
C MET G 79 43.68 -16.82 -36.72
N GLU G 80 43.42 -18.03 -37.21
CA GLU G 80 43.95 -19.24 -36.59
C GLU G 80 44.28 -20.24 -37.70
N ALA G 81 44.57 -21.48 -37.30
CA ALA G 81 45.04 -22.47 -38.26
C ALA G 81 43.91 -23.00 -39.15
N GLU G 82 42.67 -22.99 -38.66
CA GLU G 82 41.55 -23.56 -39.40
C GLU G 82 40.96 -22.60 -40.42
N ASP G 83 41.48 -21.37 -40.52
CA ASP G 83 40.98 -20.40 -41.49
C ASP G 83 41.55 -20.61 -42.88
N ALA G 84 42.50 -21.55 -43.04
CA ALA G 84 43.09 -21.82 -44.35
C ALA G 84 42.11 -22.65 -45.17
N ALA G 85 41.13 -21.96 -45.74
CA ALA G 85 40.10 -22.58 -46.56
C ALA G 85 39.72 -21.61 -47.68
N THR G 86 38.62 -21.90 -48.35
CA THR G 86 38.12 -21.08 -49.44
C THR G 86 36.77 -20.49 -49.06
N TYR G 87 36.66 -19.17 -49.16
CA TYR G 87 35.43 -18.47 -48.84
C TYR G 87 34.78 -18.00 -50.14
N TYR G 88 33.54 -18.44 -50.38
CA TYR G 88 32.85 -18.18 -51.63
C TYR G 88 31.60 -17.36 -51.37
N CYS G 89 31.36 -16.37 -52.22
CA CYS G 89 30.19 -15.50 -52.09
C CYS G 89 29.07 -16.03 -52.99
N HIS G 90 27.83 -15.78 -52.58
CA HIS G 90 26.66 -16.29 -53.27
C HIS G 90 25.73 -15.14 -53.63
N GLN G 91 24.77 -15.42 -54.51
CA GLN G 91 23.75 -14.46 -54.91
C GLN G 91 22.46 -15.22 -55.15
N TYR G 92 21.35 -14.67 -54.67
CA TYR G 92 20.07 -15.38 -54.71
C TYR G 92 18.87 -14.58 -55.21
N HIS G 93 18.93 -13.24 -55.21
CA HIS G 93 17.72 -12.46 -55.50
C HIS G 93 17.22 -12.71 -56.92
N ARG G 94 18.11 -12.73 -57.89
CA ARG G 94 17.72 -12.87 -59.29
C ARG G 94 17.61 -14.35 -59.66
N SER G 95 16.79 -14.62 -60.68
CA SER G 95 16.62 -16.00 -61.13
C SER G 95 17.92 -16.67 -61.57
N PRO G 96 18.83 -16.04 -62.31
CA PRO G 96 20.12 -16.69 -62.57
C PRO G 96 20.99 -16.63 -61.32
N TYR G 97 21.40 -17.79 -60.83
CA TYR G 97 22.13 -17.88 -59.58
C TYR G 97 23.62 -18.00 -59.87
N THR G 98 24.40 -17.06 -59.34
CA THR G 98 25.84 -17.01 -59.56
C THR G 98 26.56 -17.15 -58.23
N PHE G 99 27.88 -17.30 -58.31
CA PHE G 99 28.74 -17.49 -57.16
C PHE G 99 29.85 -16.44 -57.17
N GLY G 100 30.41 -16.19 -55.99
CA GLY G 100 31.51 -15.27 -55.88
C GLY G 100 32.77 -15.81 -56.54
N GLY G 101 33.69 -14.89 -56.84
CA GLY G 101 34.89 -15.27 -57.55
C GLY G 101 35.73 -16.30 -56.82
N GLY G 102 35.72 -16.27 -55.49
CA GLY G 102 36.44 -17.25 -54.72
C GLY G 102 37.85 -16.83 -54.38
N THR G 103 38.39 -17.33 -53.27
CA THR G 103 39.72 -16.99 -52.81
C THR G 103 40.37 -18.20 -52.17
N LYS G 104 41.70 -18.18 -52.09
CA LYS G 104 42.46 -19.20 -51.38
C LYS G 104 43.07 -18.55 -50.14
N LEU G 105 42.28 -18.53 -49.07
CA LEU G 105 42.76 -17.95 -47.82
C LEU G 105 43.89 -18.79 -47.24
N GLU G 106 44.98 -18.13 -46.87
CA GLU G 106 46.18 -18.80 -46.41
C GLU G 106 46.82 -18.01 -45.29
N ILE G 107 47.55 -18.71 -44.43
CA ILE G 107 48.27 -18.10 -43.33
C ILE G 107 49.74 -17.98 -43.72
N LYS G 108 50.45 -17.09 -43.04
CA LYS G 108 51.86 -16.84 -43.31
C LYS G 108 52.67 -17.01 -42.02
N ARG G 109 53.83 -17.64 -42.14
CA ARG G 109 54.71 -17.84 -41.00
C ARG G 109 55.65 -16.66 -40.82
N GLU H 1 46.09 17.19 -65.30
CA GLU H 1 46.15 18.45 -66.03
C GLU H 1 47.22 18.41 -67.14
N VAL H 2 47.58 19.58 -67.66
CA VAL H 2 48.43 19.68 -68.84
C VAL H 2 49.86 19.31 -68.48
N GLN H 3 50.07 18.96 -67.21
CA GLN H 3 51.31 18.35 -66.73
C GLN H 3 52.51 19.29 -66.88
N LEU H 4 52.41 20.44 -66.21
CA LEU H 4 53.55 21.31 -65.92
C LEU H 4 54.33 21.68 -67.19
N GLU H 5 53.66 22.44 -68.06
CA GLU H 5 54.29 22.85 -69.32
C GLU H 5 55.51 23.72 -69.04
N GLU H 6 56.61 23.42 -69.72
CA GLU H 6 57.86 24.13 -69.50
C GLU H 6 58.12 25.12 -70.63
N SER H 7 59.00 26.09 -70.35
CA SER H 7 59.39 27.06 -71.36
C SER H 7 60.24 26.41 -72.43
N GLY H 8 60.11 26.90 -73.66
CA GLY H 8 60.94 26.40 -74.74
C GLY H 8 62.40 26.79 -74.55
N GLY H 9 63.29 25.88 -74.94
CA GLY H 9 64.71 26.09 -74.82
C GLY H 9 65.41 26.13 -76.17
N GLY H 10 66.73 26.27 -76.11
CA GLY H 10 67.53 26.31 -77.32
C GLY H 10 68.99 26.45 -76.97
N LEU H 11 69.81 26.44 -78.03
CA LEU H 11 71.25 26.57 -77.85
C LEU H 11 71.61 27.99 -77.42
N VAL H 12 72.60 28.10 -76.54
CA VAL H 12 73.08 29.37 -76.03
C VAL H 12 74.61 29.34 -76.02
N LYS H 13 75.21 30.43 -75.54
CA LYS H 13 76.65 30.58 -75.52
C LYS H 13 77.22 30.22 -74.16
N PRO H 14 78.48 29.79 -74.11
CA PRO H 14 79.08 29.38 -72.83
C PRO H 14 79.40 30.57 -71.92
N GLY H 15 78.42 31.01 -71.14
CA GLY H 15 78.60 32.15 -70.28
C GLY H 15 77.33 32.97 -70.09
N GLY H 16 76.28 32.62 -70.83
CA GLY H 16 75.00 33.31 -70.70
C GLY H 16 74.20 32.77 -69.53
N SER H 17 72.94 33.21 -69.47
CA SER H 17 72.02 32.79 -68.43
C SER H 17 70.66 32.53 -69.07
N LEU H 18 70.22 31.27 -69.03
CA LEU H 18 68.98 30.86 -69.68
C LEU H 18 67.84 30.84 -68.67
N LYS H 19 66.64 31.11 -69.18
CA LYS H 19 65.44 31.28 -68.36
C LYS H 19 64.63 29.99 -68.33
N LEU H 20 64.22 29.56 -67.15
CA LEU H 20 63.41 28.36 -66.99
C LEU H 20 62.07 28.74 -66.36
N SER H 21 60.97 28.31 -66.99
CA SER H 21 59.63 28.59 -66.47
C SER H 21 58.78 27.33 -66.70
N CYS H 22 58.56 26.56 -65.63
CA CYS H 22 57.64 25.43 -65.66
C CYS H 22 56.29 25.89 -65.13
N ALA H 23 55.59 26.66 -65.95
CA ALA H 23 54.26 27.12 -65.58
C ALA H 23 53.28 25.95 -65.65
N ALA H 24 52.17 26.10 -64.93
CA ALA H 24 51.15 25.04 -64.90
C ALA H 24 49.86 25.61 -64.33
N SER H 25 48.81 24.79 -64.41
CA SER H 25 47.51 25.10 -63.84
C SER H 25 46.76 23.78 -63.66
N GLY H 26 45.96 23.71 -62.60
CA GLY H 26 45.19 22.51 -62.34
C GLY H 26 45.11 22.15 -60.87
N PHE H 27 46.06 22.60 -60.07
CA PHE H 27 46.03 22.40 -58.64
C PHE H 27 46.71 23.57 -57.96
N THR H 28 46.38 23.77 -56.68
CA THR H 28 46.89 24.92 -55.94
C THR H 28 48.41 24.83 -55.79
N PHE H 29 49.08 25.96 -55.98
CA PHE H 29 50.53 26.05 -55.87
C PHE H 29 50.97 26.68 -54.55
N SER H 30 50.04 26.98 -53.65
CA SER H 30 50.35 27.65 -52.40
C SER H 30 50.91 26.72 -51.33
N SER H 31 50.79 25.40 -51.50
CA SER H 31 51.28 24.46 -50.51
C SER H 31 52.09 23.32 -51.09
N TYR H 32 52.30 23.28 -52.41
CA TYR H 32 53.01 22.20 -53.08
C TYR H 32 54.44 22.66 -53.36
N THR H 33 55.40 22.07 -52.65
CA THR H 33 56.79 22.44 -52.87
C THR H 33 57.28 21.89 -54.21
N MET H 34 57.85 22.77 -55.04
CA MET H 34 58.18 22.47 -56.42
C MET H 34 59.70 22.37 -56.55
N SER H 35 60.16 21.77 -57.65
CA SER H 35 61.58 21.49 -57.77
C SER H 35 61.98 21.30 -59.23
N TRP H 36 63.26 21.52 -59.51
CA TRP H 36 63.87 21.39 -60.83
C TRP H 36 64.95 20.33 -60.77
N VAL H 37 64.94 19.43 -61.76
CA VAL H 37 65.87 18.31 -61.88
C VAL H 37 66.46 18.33 -63.28
N ARG H 38 67.70 17.85 -63.41
CA ARG H 38 68.39 17.76 -64.68
C ARG H 38 68.83 16.32 -64.96
N GLN H 39 68.83 15.97 -66.24
CA GLN H 39 69.30 14.66 -66.69
C GLN H 39 70.27 14.86 -67.85
N SER H 40 71.51 14.44 -67.66
CA SER H 40 72.49 14.48 -68.72
C SER H 40 72.33 13.27 -69.64
N PRO H 41 72.81 13.35 -70.89
CA PRO H 41 72.70 12.19 -71.78
C PRO H 41 73.46 10.97 -71.28
N GLU H 42 72.73 9.94 -70.89
CA GLU H 42 73.30 8.69 -70.38
C GLU H 42 74.21 8.95 -69.18
N LYS H 43 73.63 9.52 -68.13
CA LYS H 43 74.34 9.73 -66.89
C LYS H 43 73.31 9.77 -65.77
N ARG H 44 73.78 9.52 -64.54
CA ARG H 44 72.88 9.44 -63.39
C ARG H 44 72.09 10.73 -63.23
N LEU H 45 70.79 10.58 -62.95
CA LEU H 45 69.91 11.72 -62.77
C LEU H 45 70.36 12.56 -61.58
N GLU H 46 70.45 13.88 -61.79
CA GLU H 46 70.94 14.78 -60.76
C GLU H 46 69.82 15.72 -60.34
N TRP H 47 69.54 15.76 -59.04
CA TRP H 47 68.55 16.67 -58.49
C TRP H 47 69.17 18.04 -58.28
N VAL H 48 68.57 19.07 -58.86
CA VAL H 48 69.22 20.37 -58.92
C VAL H 48 68.78 21.29 -57.78
N ALA H 49 67.50 21.66 -57.74
CA ALA H 49 67.14 22.68 -56.76
C ALA H 49 65.64 22.77 -56.60
N GLU H 50 65.19 22.90 -55.36
CA GLU H 50 63.77 22.91 -55.05
C GLU H 50 63.39 24.24 -54.41
N ILE H 51 62.08 24.49 -54.38
CA ILE H 51 61.51 25.71 -53.82
C ILE H 51 60.44 25.30 -52.81
N SER H 52 60.29 26.11 -51.76
CA SER H 52 59.28 25.87 -50.73
C SER H 52 58.13 26.84 -50.95
N SER H 53 56.97 26.30 -51.34
CA SER H 53 55.80 27.13 -51.64
C SER H 53 55.09 27.62 -50.38
N GLY H 54 55.33 26.99 -49.23
CA GLY H 54 54.68 27.43 -48.00
C GLY H 54 55.07 28.85 -47.62
N GLY H 55 56.35 29.18 -47.77
CA GLY H 55 56.82 30.53 -47.51
C GLY H 55 57.76 31.01 -48.59
N THR H 56 57.80 30.28 -49.71
CA THR H 56 58.69 30.58 -50.82
C THR H 56 60.14 30.66 -50.35
N TYR H 57 60.64 29.53 -49.86
CA TYR H 57 61.99 29.42 -49.33
C TYR H 57 62.89 28.71 -50.32
N THR H 58 64.05 29.32 -50.61
CA THR H 58 64.96 28.83 -51.63
C THR H 58 66.13 28.11 -50.97
N ASN H 59 66.35 26.86 -51.37
CA ASN H 59 67.49 26.08 -50.91
C ASN H 59 67.80 25.01 -51.95
N TYR H 60 69.02 24.49 -51.89
CA TYR H 60 69.52 23.54 -52.86
C TYR H 60 70.82 22.94 -52.33
N PRO H 61 71.28 21.82 -52.88
CA PRO H 61 72.54 21.22 -52.43
C PRO H 61 73.73 22.13 -52.71
N ASP H 62 74.88 21.68 -52.23
CA ASP H 62 76.12 22.47 -52.27
C ASP H 62 76.97 22.20 -53.50
N THR H 63 76.44 21.49 -54.50
CA THR H 63 77.19 21.24 -55.72
C THR H 63 77.53 22.55 -56.43
N ALA H 64 76.56 23.46 -56.52
CA ALA H 64 76.76 24.79 -57.11
C ALA H 64 75.95 25.77 -56.29
N THR H 65 76.60 26.37 -55.27
CA THR H 65 75.89 27.21 -54.32
C THR H 65 75.53 28.58 -54.91
N GLY H 66 76.44 29.19 -55.66
CA GLY H 66 76.28 30.58 -56.07
C GLY H 66 75.82 30.81 -57.49
N ARG H 67 75.24 29.83 -58.16
CA ARG H 67 74.80 30.01 -59.55
C ARG H 67 73.40 29.47 -59.80
N PHE H 68 72.63 29.16 -58.76
CA PHE H 68 71.25 28.71 -58.90
C PHE H 68 70.34 29.72 -58.22
N THR H 69 69.38 30.27 -58.98
CA THR H 69 68.42 31.20 -58.41
C THR H 69 67.00 30.78 -58.80
N ILE H 70 66.11 30.69 -57.80
CA ILE H 70 64.73 30.26 -57.98
C ILE H 70 63.81 31.36 -57.46
N SER H 71 62.80 31.69 -58.26
CA SER H 71 61.76 32.63 -57.88
C SER H 71 60.40 32.02 -58.15
N ARG H 72 59.39 32.44 -57.40
CA ARG H 72 58.05 31.89 -57.53
C ARG H 72 57.04 33.00 -57.80
N ASP H 73 55.96 32.65 -58.50
CA ASP H 73 54.86 33.57 -58.78
C ASP H 73 53.59 32.74 -58.70
N ASN H 74 52.97 32.72 -57.52
CA ASN H 74 51.72 32.00 -57.33
C ASN H 74 50.53 32.71 -57.96
N ALA H 75 50.66 34.01 -58.23
CA ALA H 75 49.55 34.75 -58.84
C ALA H 75 49.31 34.26 -60.27
N LYS H 76 50.33 34.39 -61.12
CA LYS H 76 50.25 33.93 -62.50
C LYS H 76 50.73 32.48 -62.64
N ASN H 77 51.27 31.90 -61.57
CA ASN H 77 51.57 30.47 -61.46
C ASN H 77 52.73 30.06 -62.37
N THR H 78 53.90 30.64 -62.09
CA THR H 78 55.13 30.33 -62.82
C THR H 78 56.32 30.44 -61.88
N LEU H 79 57.28 29.53 -62.03
CA LEU H 79 58.50 29.56 -61.23
C LEU H 79 59.67 29.81 -62.16
N TYR H 80 60.41 30.88 -61.87
CA TYR H 80 61.57 31.25 -62.67
C TYR H 80 62.82 30.56 -62.11
N LEU H 81 63.65 30.03 -62.99
CA LEU H 81 64.93 29.48 -62.57
C LEU H 81 66.01 30.02 -63.49
N GLU H 82 67.13 30.44 -62.87
CA GLU H 82 68.26 31.00 -63.58
C GLU H 82 69.54 30.32 -63.12
N MET H 83 70.40 30.01 -64.09
CA MET H 83 71.76 29.58 -63.85
C MET H 83 72.71 30.64 -64.37
N SER H 84 73.63 31.09 -63.51
CA SER H 84 74.50 32.21 -63.83
C SER H 84 75.84 31.69 -64.34
N SER H 85 76.26 32.23 -65.50
CA SER H 85 77.52 31.87 -66.13
C SER H 85 77.59 30.37 -66.42
N LEU H 86 76.68 29.92 -67.27
CA LEU H 86 76.67 28.52 -67.68
C LEU H 86 77.85 28.24 -68.61
N ARG H 87 78.44 27.06 -68.45
CA ARG H 87 79.63 26.67 -69.22
C ARG H 87 79.24 25.65 -70.29
N SER H 88 80.24 25.24 -71.07
CA SER H 88 80.04 24.25 -72.11
C SER H 88 79.83 22.85 -71.57
N GLU H 89 80.10 22.62 -70.29
CA GLU H 89 79.91 21.31 -69.66
C GLU H 89 78.55 21.16 -69.00
N ASP H 90 77.67 22.16 -69.13
CA ASP H 90 76.36 22.14 -68.48
C ASP H 90 75.26 21.73 -69.43
N THR H 91 75.53 20.82 -70.36
CA THR H 91 74.50 20.32 -71.26
C THR H 91 73.72 19.19 -70.59
N ALA H 92 72.40 19.29 -70.65
CA ALA H 92 71.50 18.32 -70.04
C ALA H 92 70.09 18.59 -70.57
N MET H 93 69.10 17.95 -69.96
CA MET H 93 67.71 18.20 -70.27
C MET H 93 66.95 18.39 -68.96
N TYR H 94 65.86 19.16 -69.02
CA TYR H 94 65.24 19.75 -67.84
C TYR H 94 63.92 19.06 -67.53
N TYR H 95 63.72 18.75 -66.24
CA TYR H 95 62.45 18.28 -65.72
C TYR H 95 62.03 19.15 -64.55
N CYS H 96 60.73 19.36 -64.40
CA CYS H 96 60.16 20.04 -63.24
C CYS H 96 59.22 19.07 -62.52
N ALA H 97 59.47 18.86 -61.23
CA ALA H 97 58.72 17.88 -60.44
C ALA H 97 58.40 18.51 -59.09
N ASN H 98 57.85 17.72 -58.17
CA ASN H 98 57.47 18.22 -56.85
C ASN H 98 57.92 17.26 -55.76
N PHE H 99 58.77 17.75 -54.86
CA PHE H 99 59.26 16.98 -53.72
C PHE H 99 58.93 17.71 -52.43
N GLY H 100 58.68 16.95 -51.37
CA GLY H 100 58.29 17.50 -50.09
C GLY H 100 56.79 17.60 -49.88
N ASN H 101 56.00 17.45 -50.94
CA ASN H 101 54.55 17.56 -50.89
C ASN H 101 53.92 16.27 -50.36
N TYR H 102 52.61 16.13 -50.58
CA TYR H 102 51.85 14.92 -50.23
C TYR H 102 52.58 13.66 -50.67
N GLU H 103 52.36 12.55 -49.95
CA GLU H 103 53.16 11.34 -50.11
C GLU H 103 53.16 10.85 -51.56
N GLU H 104 52.08 11.11 -52.30
CA GLU H 104 51.99 10.67 -53.69
C GLU H 104 52.88 11.52 -54.58
N ILE H 105 54.16 11.17 -54.67
CA ILE H 105 55.10 11.94 -55.47
C ILE H 105 54.95 11.52 -56.93
N ALA H 106 54.54 12.47 -57.78
CA ALA H 106 54.26 12.13 -59.17
C ALA H 106 54.33 13.42 -60.01
N TYR H 107 53.80 13.34 -61.23
CA TYR H 107 53.61 14.51 -62.10
C TYR H 107 54.94 15.16 -62.51
N TRP H 108 55.72 14.41 -63.29
CA TRP H 108 56.80 15.00 -64.05
C TRP H 108 56.28 15.68 -65.31
N GLY H 109 56.81 16.87 -65.60
CA GLY H 109 56.50 17.54 -66.84
C GLY H 109 57.19 16.87 -68.02
N GLN H 110 56.88 17.39 -69.21
CA GLN H 110 57.40 16.79 -70.44
C GLN H 110 58.91 16.88 -70.55
N GLY H 111 59.54 17.83 -69.87
CA GLY H 111 60.98 18.01 -69.96
C GLY H 111 61.39 18.68 -71.24
N THR H 112 62.42 19.52 -71.21
CA THR H 112 62.86 20.24 -72.40
C THR H 112 64.35 20.02 -72.63
N LEU H 113 64.72 19.90 -73.90
CA LEU H 113 66.12 19.75 -74.29
C LEU H 113 66.76 21.13 -74.30
N VAL H 114 67.58 21.42 -73.30
CA VAL H 114 68.26 22.70 -73.17
C VAL H 114 69.76 22.40 -73.12
N THR H 115 70.43 22.53 -74.27
CA THR H 115 71.84 22.21 -74.40
C THR H 115 72.64 23.45 -74.73
N VAL H 116 73.94 23.37 -74.52
CA VAL H 116 74.86 24.45 -74.83
C VAL H 116 75.48 24.19 -76.19
N SER H 117 76.02 25.25 -76.80
CA SER H 117 76.65 25.13 -78.11
C SER H 117 77.73 26.19 -78.24
N ALA H 118 78.66 25.95 -79.16
CA ALA H 118 79.76 26.86 -79.42
C ALA H 118 79.81 27.32 -80.87
N ALA H 119 78.77 27.08 -81.64
CA ALA H 119 78.73 27.47 -83.04
C ALA H 119 77.39 28.10 -83.40
N GLN I 1 77.63 14.50 -48.41
CA GLN I 1 76.35 13.84 -48.65
C GLN I 1 76.53 12.34 -48.76
N ILE I 2 75.44 11.64 -49.08
CA ILE I 2 75.44 10.19 -49.24
C ILE I 2 74.98 9.86 -50.65
N VAL I 3 75.77 9.08 -51.37
CA VAL I 3 75.48 8.69 -52.74
C VAL I 3 74.84 7.31 -52.73
N LEU I 4 73.85 7.12 -53.60
CA LEU I 4 73.16 5.84 -53.73
C LEU I 4 73.85 4.98 -54.76
N THR I 5 74.20 3.75 -54.37
CA THR I 5 74.95 2.84 -55.22
C THR I 5 74.09 1.62 -55.55
N GLN I 6 74.08 1.24 -56.82
CA GLN I 6 73.39 0.04 -57.29
C GLN I 6 74.41 -1.06 -57.48
N SER I 7 74.18 -2.21 -56.83
CA SER I 7 75.11 -3.33 -56.95
C SER I 7 75.26 -3.82 -58.38
N PRO I 8 74.20 -4.05 -59.15
CA PRO I 8 74.39 -4.43 -60.56
C PRO I 8 74.39 -3.24 -61.49
N ALA I 9 75.28 -3.27 -62.48
CA ALA I 9 75.34 -2.23 -63.49
C ALA I 9 74.36 -2.47 -64.63
N ILE I 10 74.27 -3.71 -65.10
CA ILE I 10 73.33 -4.09 -66.16
C ILE I 10 72.86 -5.51 -65.90
N MET I 11 71.59 -5.77 -66.18
CA MET I 11 70.98 -7.08 -65.96
C MET I 11 70.39 -7.57 -67.28
N SER I 12 71.18 -8.33 -68.03
CA SER I 12 70.69 -8.97 -69.26
C SER I 12 70.17 -10.35 -68.87
N VAL I 13 68.97 -10.37 -68.30
CA VAL I 13 68.37 -11.57 -67.74
C VAL I 13 67.45 -12.19 -68.77
N SER I 14 67.53 -13.52 -68.91
CA SER I 14 66.68 -14.24 -69.84
C SER I 14 65.24 -14.26 -69.33
N LEU I 15 64.37 -14.91 -70.09
CA LEU I 15 62.94 -14.90 -69.82
C LEU I 15 62.53 -16.13 -69.02
N GLY I 16 61.82 -15.91 -67.91
CA GLY I 16 61.20 -16.98 -67.13
C GLY I 16 61.61 -17.01 -65.67
N GLU I 17 62.84 -16.61 -65.37
CA GLU I 17 63.40 -16.79 -64.04
C GLU I 17 62.90 -15.69 -63.10
N ARG I 18 63.53 -15.60 -61.92
CA ARG I 18 63.18 -14.60 -60.91
C ARG I 18 64.46 -14.15 -60.23
N VAL I 19 64.74 -12.85 -60.27
CA VAL I 19 65.97 -12.29 -59.74
C VAL I 19 65.64 -11.14 -58.78
N THR I 20 66.68 -10.62 -58.14
CA THR I 20 66.57 -9.51 -57.20
C THR I 20 67.66 -8.49 -57.48
N MET I 21 67.40 -7.25 -57.06
CA MET I 21 68.32 -6.14 -57.26
C MET I 21 68.44 -5.36 -55.96
N THR I 22 69.53 -4.62 -55.80
CA THR I 22 69.86 -4.01 -54.52
C THR I 22 70.25 -2.55 -54.68
N CYS I 23 69.73 -1.71 -53.79
CA CYS I 23 70.19 -0.34 -53.62
C CYS I 23 70.99 -0.24 -52.33
N THR I 24 72.22 0.27 -52.43
CA THR I 24 73.12 0.38 -51.29
C THR I 24 73.56 1.82 -51.11
N ALA I 25 73.60 2.26 -49.86
CA ALA I 25 74.06 3.59 -49.49
C ALA I 25 75.13 3.45 -48.41
N SER I 26 75.72 4.58 -48.03
CA SER I 26 76.80 4.59 -47.04
C SER I 26 76.28 4.48 -45.61
N SER I 27 74.99 4.69 -45.39
CA SER I 27 74.43 4.64 -44.04
C SER I 27 72.95 4.35 -44.12
N SER I 28 72.38 3.96 -42.97
CA SER I 28 70.95 3.73 -42.90
C SER I 28 70.20 5.04 -43.16
N VAL I 29 69.18 4.95 -44.01
CA VAL I 29 68.45 6.13 -44.49
C VAL I 29 67.13 6.34 -43.72
N SER I 30 66.25 5.34 -43.74
CA SER I 30 64.94 5.45 -43.09
C SER I 30 64.20 4.14 -43.27
N SER I 31 63.03 4.06 -42.66
CA SER I 31 62.13 2.92 -42.87
C SER I 31 61.31 3.10 -44.14
N SER I 32 60.48 4.15 -44.18
CA SER I 32 59.62 4.43 -45.33
C SER I 32 59.82 5.87 -45.78
N TYR I 33 60.90 6.10 -46.54
CA TYR I 33 61.13 7.33 -47.29
C TYR I 33 61.54 7.08 -48.73
N LEU I 34 62.03 5.88 -49.06
CA LEU I 34 62.57 5.63 -50.39
C LEU I 34 61.48 5.17 -51.35
N HIS I 35 61.84 5.14 -52.62
CA HIS I 35 60.92 4.97 -53.75
C HIS I 35 61.75 4.91 -55.02
N TRP I 36 61.14 4.39 -56.08
CA TRP I 36 61.85 4.08 -57.31
C TRP I 36 61.21 4.74 -58.51
N TYR I 37 62.02 5.42 -59.30
CA TYR I 37 61.61 6.09 -60.53
C TYR I 37 62.20 5.39 -61.74
N GLN I 38 61.37 5.23 -62.77
CA GLN I 38 61.72 4.44 -63.95
C GLN I 38 61.69 5.33 -65.18
N GLN I 39 62.86 5.83 -65.58
CA GLN I 39 62.97 6.71 -66.73
C GLN I 39 62.68 5.90 -67.99
N LYS I 40 61.49 6.09 -68.55
CA LYS I 40 61.14 5.43 -69.79
C LYS I 40 61.93 6.05 -70.95
N PRO I 41 62.20 5.27 -71.99
CA PRO I 41 62.95 5.81 -73.14
C PRO I 41 62.18 6.92 -73.84
N GLY I 42 62.77 8.11 -73.86
CA GLY I 42 62.13 9.26 -74.48
C GLY I 42 60.85 9.68 -73.79
N SER I 43 60.83 9.65 -72.46
CA SER I 43 59.65 10.01 -71.68
C SER I 43 60.10 10.42 -70.28
N SER I 44 59.13 10.50 -69.36
CA SER I 44 59.41 10.90 -67.99
C SER I 44 59.34 9.69 -67.06
N PRO I 45 60.10 9.69 -65.97
CA PRO I 45 60.04 8.57 -65.03
C PRO I 45 58.69 8.48 -64.34
N LYS I 46 58.33 7.26 -63.95
CA LYS I 46 57.04 7.01 -63.33
C LYS I 46 57.24 6.21 -62.05
N LEU I 47 56.41 6.52 -61.05
CA LEU I 47 56.46 5.88 -59.75
C LEU I 47 55.41 4.78 -59.65
N TRP I 48 55.83 3.59 -59.22
CA TRP I 48 54.90 2.53 -58.86
C TRP I 48 55.12 1.97 -57.48
N ILE I 49 56.33 2.09 -56.92
CA ILE I 49 56.62 1.64 -55.57
C ILE I 49 57.10 2.83 -54.75
N TYR I 50 56.32 3.22 -53.75
CA TYR I 50 56.66 4.31 -52.85
C TYR I 50 56.60 3.80 -51.41
N SER I 51 57.15 4.59 -50.49
CA SER I 51 57.24 4.27 -49.07
C SER I 51 58.03 3.00 -48.80
N THR I 52 58.72 2.47 -49.81
CA THR I 52 59.63 1.33 -49.73
C THR I 52 58.86 0.03 -49.51
N SER I 53 57.58 0.13 -49.22
CA SER I 53 56.71 -1.04 -49.08
C SER I 53 55.43 -0.92 -49.89
N ASN I 54 54.86 0.27 -49.99
CA ASN I 54 53.57 0.46 -50.64
C ASN I 54 53.73 0.48 -52.16
N LEU I 55 52.61 0.33 -52.85
CA LEU I 55 52.57 0.30 -54.31
C LEU I 55 51.64 1.39 -54.81
N ALA I 56 52.09 2.11 -55.84
CA ALA I 56 51.34 3.23 -56.39
C ALA I 56 50.29 2.72 -57.37
N SER I 57 49.68 3.63 -58.13
CA SER I 57 48.66 3.25 -59.09
C SER I 57 49.30 2.63 -60.33
N GLY I 58 48.52 1.78 -61.01
CA GLY I 58 48.94 1.16 -62.24
C GLY I 58 49.76 -0.10 -62.09
N VAL I 59 50.09 -0.51 -60.88
CA VAL I 59 50.91 -1.70 -60.67
C VAL I 59 50.04 -2.93 -60.91
N PRO I 60 50.54 -3.94 -61.62
CA PRO I 60 49.78 -5.20 -61.75
C PRO I 60 49.99 -6.12 -60.56
N ALA I 61 50.47 -5.56 -59.45
CA ALA I 61 50.80 -6.30 -58.22
C ALA I 61 51.87 -7.34 -58.45
N ARG I 62 52.69 -7.16 -59.49
CA ARG I 62 53.77 -8.09 -59.80
C ARG I 62 55.11 -7.64 -59.24
N PHE I 63 55.37 -6.33 -59.20
CA PHE I 63 56.61 -5.79 -58.67
C PHE I 63 56.51 -5.64 -57.17
N SER I 64 57.57 -6.02 -56.46
CA SER I 64 57.62 -5.92 -55.01
C SER I 64 59.06 -5.65 -54.58
N GLY I 65 59.33 -5.79 -53.30
CA GLY I 65 60.65 -5.56 -52.74
C GLY I 65 60.56 -4.94 -51.36
N SER I 66 61.53 -5.26 -50.51
CA SER I 66 61.55 -4.75 -49.15
C SER I 66 62.99 -4.69 -48.66
N GLY I 67 63.21 -3.88 -47.65
CA GLY I 67 64.53 -3.73 -47.07
C GLY I 67 64.53 -2.65 -46.01
N SER I 68 65.66 -2.59 -45.29
CA SER I 68 65.85 -1.59 -44.26
C SER I 68 67.34 -1.45 -43.99
N GLY I 69 67.69 -0.34 -43.33
CA GLY I 69 69.08 -0.10 -42.97
C GLY I 69 69.85 0.53 -44.11
N THR I 70 71.09 0.10 -44.30
CA THR I 70 71.96 0.63 -45.34
C THR I 70 71.73 -0.01 -46.70
N SER I 71 70.95 -1.07 -46.78
CA SER I 71 70.75 -1.80 -48.01
C SER I 71 69.27 -2.15 -48.17
N TYR I 72 68.77 -2.03 -49.40
CA TYR I 72 67.39 -2.36 -49.71
C TYR I 72 67.34 -3.28 -50.92
N SER I 73 66.39 -4.21 -50.90
CA SER I 73 66.26 -5.23 -51.92
C SER I 73 64.91 -5.09 -52.64
N LEU I 74 64.96 -5.15 -53.96
CA LEU I 74 63.78 -5.11 -54.81
C LEU I 74 63.69 -6.44 -55.55
N THR I 75 62.54 -7.11 -55.42
CA THR I 75 62.35 -8.44 -55.98
C THR I 75 61.26 -8.42 -57.03
N ILE I 76 61.33 -9.41 -57.93
CA ILE I 76 60.36 -9.59 -58.99
C ILE I 76 59.78 -11.00 -58.90
N SER I 77 58.86 -11.31 -59.80
CA SER I 77 58.27 -12.64 -59.88
C SER I 77 58.64 -13.35 -61.17
N SER I 78 58.37 -12.74 -62.32
CA SER I 78 58.72 -13.32 -63.61
C SER I 78 58.68 -12.20 -64.65
N MET I 79 59.84 -11.89 -65.24
CA MET I 79 59.91 -10.79 -66.18
C MET I 79 59.20 -11.12 -67.49
N GLU I 80 58.89 -10.08 -68.24
CA GLU I 80 58.21 -10.20 -69.53
C GLU I 80 58.75 -9.11 -70.45
N ALA I 81 58.04 -8.90 -71.57
CA ALA I 81 58.54 -8.01 -72.61
C ALA I 81 58.56 -6.54 -72.20
N GLU I 82 57.73 -6.15 -71.23
CA GLU I 82 57.61 -4.74 -70.86
C GLU I 82 58.56 -4.33 -69.74
N ASP I 83 59.41 -5.22 -69.25
CA ASP I 83 60.32 -4.91 -68.16
C ASP I 83 61.64 -4.32 -68.63
N ALA I 84 61.83 -4.14 -69.94
CA ALA I 84 63.06 -3.54 -70.47
C ALA I 84 63.00 -2.04 -70.21
N ALA I 85 63.34 -1.66 -68.99
CA ALA I 85 63.32 -0.27 -68.57
C ALA I 85 64.51 -0.02 -67.65
N THR I 86 64.51 1.14 -66.98
CA THR I 86 65.58 1.54 -66.09
C THR I 86 65.01 1.76 -64.69
N TYR I 87 65.84 1.48 -63.69
CA TYR I 87 65.47 1.66 -62.29
C TYR I 87 66.41 2.63 -61.62
N TYR I 88 65.85 3.61 -60.92
CA TYR I 88 66.64 4.63 -60.22
C TYR I 88 66.26 4.63 -58.75
N CYS I 89 67.25 4.46 -57.89
CA CYS I 89 67.04 4.50 -56.45
C CYS I 89 67.04 5.95 -55.97
N HIS I 90 66.19 6.24 -54.99
CA HIS I 90 66.02 7.58 -54.47
C HIS I 90 66.17 7.60 -52.96
N GLN I 91 66.71 8.71 -52.45
CA GLN I 91 66.82 8.95 -51.02
C GLN I 91 66.31 10.35 -50.72
N TYR I 92 65.69 10.51 -49.54
CA TYR I 92 65.06 11.76 -49.15
C TYR I 92 65.40 12.21 -47.74
N HIS I 93 66.06 11.37 -46.95
CA HIS I 93 66.25 11.66 -45.53
C HIS I 93 67.04 12.96 -45.34
N ARG I 94 68.28 12.99 -45.81
CA ARG I 94 69.10 14.19 -45.68
C ARG I 94 68.59 15.28 -46.62
N SER I 95 69.01 16.52 -46.32
CA SER I 95 68.65 17.64 -47.18
C SER I 95 69.12 17.46 -48.62
N PRO I 96 70.36 17.03 -48.89
CA PRO I 96 70.72 16.73 -50.29
C PRO I 96 70.12 15.42 -50.74
N TYR I 97 69.34 15.46 -51.81
CA TYR I 97 68.69 14.28 -52.37
C TYR I 97 69.53 13.76 -53.52
N THR I 98 69.96 12.50 -53.42
CA THR I 98 70.74 11.86 -54.46
C THR I 98 69.92 10.74 -55.10
N PHE I 99 70.46 10.19 -56.18
CA PHE I 99 69.78 9.16 -56.95
C PHE I 99 70.69 7.94 -57.11
N GLY I 100 70.07 6.79 -57.34
CA GLY I 100 70.82 5.59 -57.62
C GLY I 100 71.47 5.63 -58.98
N GLY I 101 72.52 4.83 -59.13
CA GLY I 101 73.28 4.82 -60.38
C GLY I 101 72.45 4.41 -61.57
N GLY I 102 71.52 3.49 -61.39
CA GLY I 102 70.66 3.06 -62.47
C GLY I 102 71.01 1.69 -62.98
N THR I 103 69.98 0.93 -63.36
CA THR I 103 70.15 -0.41 -63.90
C THR I 103 69.46 -0.48 -65.26
N LYS I 104 70.22 -0.84 -66.28
CA LYS I 104 69.69 -0.97 -67.64
C LYS I 104 69.18 -2.40 -67.82
N LEU I 105 67.99 -2.65 -67.29
CA LEU I 105 67.38 -3.96 -67.40
C LEU I 105 67.13 -4.32 -68.85
N GLU I 106 67.55 -5.52 -69.24
CA GLU I 106 67.43 -5.98 -70.63
C GLU I 106 66.97 -7.42 -70.63
N ILE I 107 66.21 -7.78 -71.66
CA ILE I 107 65.71 -9.15 -71.84
C ILE I 107 66.63 -9.87 -72.81
N LYS I 108 66.84 -11.16 -72.55
CA LYS I 108 67.68 -12.00 -73.39
C LYS I 108 66.82 -13.07 -74.03
N ARG I 109 66.95 -13.23 -75.35
CA ARG I 109 66.15 -14.19 -76.09
C ARG I 109 66.84 -15.55 -76.15
#